data_4YLH
#
_entry.id   4YLH
#
_cell.length_a   139.135
_cell.length_b   170.941
_cell.length_c   156.003
_cell.angle_alpha   90.00
_cell.angle_beta   90.02
_cell.angle_gamma   90.00
#
_symmetry.space_group_name_H-M   'P 1 21 1'
#
loop_
_entity.id
_entity.type
_entity.pdbx_description
1 polymer DpgC
2 non-polymer XENON
3 non-polymer '[(2R,3S,4R,5R)-5-(6-AMINO-9H-PURIN-9-YL)-4-HYDROXY-3-(PHOSPHONOOXY)TETRAHYDROFURAN-2-YL]METHYL (3R)-4-({3-[(2-{[(3,5-DIHYDROXYPHENYL)ACETYL]AMINO}ETHYL)AMINO]-3-OXOPROPYL}AMINO)-3-HYDROXY-2,2-DIMETHYL-4-OXOBUTYL DIHYDROGEN DIPHOSPHATE'
4 water water
#
_entity_poly.entity_id   1
_entity_poly.type   'polypeptide(L)'
_entity_poly.pdbx_seq_one_letter_code
;AMGTTVLPPLEDTDGLWAALTEAAASVEKLLATLPEHGARSSAERAEIAAAHDAARALRVRFLDTHADAVYDRLTDHRRV
HLRLAELVEAAATAFPGLVPTQQQLAVERSLPQAAKEGHEIDQGIFLRAVLRSPLAGPHLLDAMLRPTPRALELLPEFVR
TGEVEMEAVHLERRDGVARLTMCRDDRLNAEDGQQVDDMETAVDLALLDPGVRVGLLRGGVMSHPRYRGKRVFSAGINLK
YLSQGGISLVDFLMRRELGYIHKLVRGVLTNDDRPGWWHSPRIEKPWVAAVDGFAIGGGAQLLLVFDRVLASSDAYFSLP
AAKEGIIPGAANLRLGRFAGPRVSRQVILEGRRIWAKEPEARLLVDEVVEPDELDAAIERSLTRLDGDAVLANRRMLNLA
DESPDGFRAYMAEFALMQALRLYGHDVIDKVGRFGGRPPA
;
_entity_poly.pdbx_strand_id   A,B,C,D,E,F,G,H,I,J,K,L
#
# COMPACT_ATOMS: atom_id res chain seq x y z
N ASP A 14 -59.48 -8.72 -29.98
CA ASP A 14 -58.88 -9.93 -30.68
C ASP A 14 -59.13 -11.32 -29.99
N GLY A 15 -59.34 -11.26 -28.69
CA GLY A 15 -59.80 -12.40 -27.90
C GLY A 15 -58.71 -13.18 -27.15
N LEU A 16 -57.44 -12.95 -27.50
CA LEU A 16 -56.33 -13.81 -27.02
C LEU A 16 -55.99 -13.56 -25.56
N TRP A 17 -55.98 -12.30 -25.16
CA TRP A 17 -55.72 -11.98 -23.76
C TRP A 17 -56.76 -12.61 -22.84
N ALA A 18 -58.03 -12.48 -23.23
CA ALA A 18 -59.14 -13.07 -22.46
C ALA A 18 -59.05 -14.58 -22.42
N ALA A 19 -58.78 -15.20 -23.55
CA ALA A 19 -58.64 -16.66 -23.59
C ALA A 19 -57.47 -17.14 -22.71
N LEU A 20 -56.36 -16.42 -22.78
CA LEU A 20 -55.20 -16.72 -21.92
C LEU A 20 -55.54 -16.60 -20.43
N THR A 21 -56.14 -15.47 -20.07
CA THR A 21 -56.59 -15.23 -18.69
C THR A 21 -57.49 -16.39 -18.19
N GLU A 22 -58.44 -16.78 -19.03
CA GLU A 22 -59.27 -17.97 -18.79
C GLU A 22 -58.47 -19.27 -18.59
N ALA A 23 -57.57 -19.58 -19.51
CA ALA A 23 -56.76 -20.81 -19.36
C ALA A 23 -55.85 -20.80 -18.12
N ALA A 24 -55.29 -19.64 -17.80
CA ALA A 24 -54.47 -19.52 -16.59
C ALA A 24 -55.30 -19.75 -15.32
N ALA A 25 -56.56 -19.31 -15.33
CA ALA A 25 -57.45 -19.48 -14.18
C ALA A 25 -57.80 -20.97 -13.98
N SER A 26 -58.10 -21.70 -15.07
CA SER A 26 -58.28 -23.15 -14.96
C SER A 26 -57.06 -23.81 -14.36
N VAL A 27 -55.87 -23.33 -14.71
CA VAL A 27 -54.64 -23.89 -14.15
C VAL A 27 -54.61 -23.65 -12.65
N GLU A 28 -54.80 -22.40 -12.22
CA GLU A 28 -54.80 -22.04 -10.77
C GLU A 28 -55.85 -22.81 -9.98
N LYS A 29 -57.05 -22.99 -10.57
CA LYS A 29 -58.13 -23.75 -9.92
C LYS A 29 -57.69 -25.21 -9.72
N LEU A 30 -57.13 -25.83 -10.76
CA LEU A 30 -56.64 -27.21 -10.63
C LEU A 30 -55.50 -27.33 -9.60
N LEU A 31 -54.57 -26.39 -9.61
CA LEU A 31 -53.44 -26.46 -8.67
C LEU A 31 -53.89 -26.28 -7.24
N ALA A 32 -54.85 -25.37 -7.04
CA ALA A 32 -55.45 -25.16 -5.71
C ALA A 32 -56.22 -26.40 -5.19
N THR A 33 -56.91 -27.11 -6.09
CA THR A 33 -57.78 -28.23 -5.70
C THR A 33 -57.12 -29.60 -5.74
N LEU A 34 -56.17 -29.82 -6.64
CA LEU A 34 -55.61 -31.17 -6.74
C LEU A 34 -54.58 -31.39 -5.65
N PRO A 35 -54.24 -32.67 -5.38
CA PRO A 35 -53.15 -32.95 -4.43
C PRO A 35 -51.79 -32.46 -4.94
N GLU A 36 -50.82 -32.43 -4.03
CA GLU A 36 -49.43 -32.09 -4.33
C GLU A 36 -48.83 -33.02 -5.39
N HIS A 37 -47.79 -32.52 -6.05
CA HIS A 37 -47.14 -33.20 -7.18
C HIS A 37 -46.52 -34.48 -6.59
N GLY A 38 -46.79 -35.65 -7.18
CA GLY A 38 -46.27 -36.92 -6.62
C GLY A 38 -47.28 -37.68 -5.75
N ALA A 39 -48.37 -37.01 -5.37
CA ALA A 39 -49.55 -37.68 -4.78
C ALA A 39 -50.70 -37.73 -5.79
N ARG A 40 -50.49 -37.15 -6.98
CA ARG A 40 -51.54 -37.10 -8.00
C ARG A 40 -51.67 -38.42 -8.70
N SER A 41 -52.92 -38.78 -9.01
CA SER A 41 -53.23 -39.95 -9.84
C SER A 41 -52.92 -39.64 -11.31
N SER A 42 -53.00 -40.66 -12.17
CA SER A 42 -52.69 -40.58 -13.61
C SER A 42 -53.72 -39.64 -14.31
N ALA A 43 -55.01 -39.83 -14.02
CA ALA A 43 -56.11 -38.95 -14.47
C ALA A 43 -55.89 -37.49 -14.10
N GLU A 44 -55.48 -37.27 -12.85
CA GLU A 44 -55.14 -35.92 -12.32
C GLU A 44 -53.89 -35.32 -12.99
N ARG A 45 -52.82 -36.12 -13.07
CA ARG A 45 -51.59 -35.76 -13.81
C ARG A 45 -51.87 -35.35 -15.29
N ALA A 46 -52.74 -36.11 -15.96
CA ALA A 46 -53.13 -35.83 -17.35
C ALA A 46 -53.97 -34.54 -17.49
N GLU A 47 -54.80 -34.28 -16.48
CA GLU A 47 -55.71 -33.13 -16.48
C GLU A 47 -54.94 -31.80 -16.31
N ILE A 48 -54.04 -31.78 -15.33
CA ILE A 48 -53.18 -30.61 -15.14
C ILE A 48 -52.20 -30.39 -16.31
N ALA A 49 -51.66 -31.48 -16.86
CA ALA A 49 -50.76 -31.39 -18.04
C ALA A 49 -51.50 -30.76 -19.22
N ALA A 50 -52.73 -31.20 -19.44
CA ALA A 50 -53.57 -30.65 -20.49
C ALA A 50 -53.89 -29.15 -20.24
N ALA A 51 -54.07 -28.78 -18.97
CA ALA A 51 -54.40 -27.37 -18.65
C ALA A 51 -53.20 -26.45 -18.92
N HIS A 52 -52.03 -26.90 -18.45
CA HIS A 52 -50.74 -26.24 -18.72
C HIS A 52 -50.52 -26.07 -20.19
N ASP A 53 -50.77 -27.13 -20.93
CA ASP A 53 -50.60 -27.11 -22.39
C ASP A 53 -51.48 -26.08 -23.10
N ALA A 54 -52.75 -26.03 -22.72
CA ALA A 54 -53.65 -25.02 -23.32
C ALA A 54 -53.19 -23.59 -23.00
N ALA A 55 -52.80 -23.38 -21.75
CA ALA A 55 -52.36 -22.04 -21.30
C ALA A 55 -51.08 -21.62 -22.01
N ARG A 56 -50.11 -22.52 -22.05
CA ARG A 56 -48.84 -22.21 -22.71
C ARG A 56 -49.03 -21.94 -24.17
N ALA A 57 -49.86 -22.75 -24.81
CA ALA A 57 -50.22 -22.52 -26.24
C ALA A 57 -50.74 -21.11 -26.45
N LEU A 58 -51.56 -20.63 -25.51
CA LEU A 58 -52.14 -19.28 -25.65
C LEU A 58 -51.12 -18.17 -25.32
N ARG A 59 -50.23 -18.43 -24.38
CA ARG A 59 -49.09 -17.49 -24.19
C ARG A 59 -48.35 -17.28 -25.50
N VAL A 60 -48.10 -18.38 -26.23
CA VAL A 60 -47.39 -18.29 -27.52
C VAL A 60 -48.18 -17.50 -28.51
N ARG A 61 -49.45 -17.88 -28.72
CA ARG A 61 -50.33 -17.16 -29.69
C ARG A 61 -50.54 -15.70 -29.32
N PHE A 62 -50.74 -15.43 -28.03
CA PHE A 62 -50.87 -14.05 -27.57
C PHE A 62 -49.66 -13.22 -27.98
N LEU A 63 -48.47 -13.75 -27.66
CA LEU A 63 -47.21 -13.03 -27.93
C LEU A 63 -46.80 -12.99 -29.40
N ASP A 64 -47.21 -13.97 -30.19
CA ASP A 64 -46.94 -13.92 -31.65
C ASP A 64 -47.43 -12.65 -32.25
N THR A 65 -48.57 -12.13 -31.77
CA THR A 65 -49.14 -10.88 -32.31
C THR A 65 -48.85 -9.68 -31.41
N HIS A 66 -48.73 -9.88 -30.10
CA HIS A 66 -48.66 -8.74 -29.15
C HIS A 66 -47.32 -8.44 -28.45
N ALA A 67 -46.27 -9.19 -28.79
CA ALA A 67 -45.01 -9.11 -28.06
C ALA A 67 -44.45 -7.66 -28.02
N ASP A 68 -44.40 -7.00 -29.18
CA ASP A 68 -43.87 -5.65 -29.26
C ASP A 68 -44.66 -4.68 -28.39
N ALA A 69 -45.98 -4.77 -28.44
CA ALA A 69 -46.80 -3.89 -27.63
C ALA A 69 -46.56 -4.17 -26.15
N VAL A 70 -46.46 -5.44 -25.80
CA VAL A 70 -46.16 -5.82 -24.41
C VAL A 70 -44.80 -5.26 -23.96
N TYR A 71 -43.79 -5.40 -24.82
CA TYR A 71 -42.42 -4.98 -24.47
C TYR A 71 -42.37 -3.45 -24.36
N ASP A 72 -43.03 -2.79 -25.31
CA ASP A 72 -43.20 -1.33 -25.23
C ASP A 72 -43.88 -0.84 -23.93
N ARG A 73 -44.91 -1.54 -23.45
CA ARG A 73 -45.46 -1.14 -22.17
C ARG A 73 -44.38 -1.20 -21.08
N LEU A 74 -43.62 -2.29 -21.02
CA LEU A 74 -42.70 -2.48 -19.89
C LEU A 74 -41.47 -1.57 -19.87
N THR A 75 -41.05 -1.12 -21.05
CA THR A 75 -39.83 -0.35 -21.27
C THR A 75 -40.03 1.08 -21.75
N ASP A 76 -41.29 1.51 -21.75
CA ASP A 76 -41.67 2.86 -22.17
C ASP A 76 -41.24 3.11 -23.62
N HIS A 77 -41.77 2.27 -24.50
CA HIS A 77 -41.38 2.28 -25.94
C HIS A 77 -39.86 2.27 -26.11
N ARG A 78 -39.19 1.32 -25.44
CA ARG A 78 -37.73 1.04 -25.67
C ARG A 78 -36.84 2.23 -25.31
N ARG A 79 -37.24 2.97 -24.26
CA ARG A 79 -36.44 4.11 -23.75
C ARG A 79 -35.91 3.82 -22.35
N VAL A 80 -36.32 2.72 -21.75
CA VAL A 80 -35.71 2.25 -20.50
C VAL A 80 -35.15 0.84 -20.73
N HIS A 81 -33.86 0.66 -20.46
CA HIS A 81 -33.21 -0.65 -20.58
C HIS A 81 -33.52 -1.45 -19.32
N LEU A 82 -34.19 -2.57 -19.47
CA LEU A 82 -34.35 -3.47 -18.34
C LEU A 82 -33.58 -4.76 -18.62
N ARG A 83 -32.81 -5.20 -17.64
CA ARG A 83 -32.25 -6.54 -17.59
C ARG A 83 -33.34 -7.63 -17.43
N LEU A 84 -32.95 -8.88 -17.65
CA LEU A 84 -33.89 -10.00 -17.73
C LEU A 84 -34.76 -10.10 -16.50
N ALA A 85 -34.12 -10.05 -15.35
CA ALA A 85 -34.80 -10.36 -14.09
C ALA A 85 -35.89 -9.30 -13.87
N GLU A 86 -35.53 -8.05 -14.07
CA GLU A 86 -36.46 -6.90 -13.96
C GLU A 86 -37.55 -6.99 -15.01
N LEU A 87 -37.17 -7.34 -16.23
CA LEU A 87 -38.16 -7.47 -17.30
C LEU A 87 -39.22 -8.49 -17.02
N VAL A 88 -38.84 -9.68 -16.57
CA VAL A 88 -39.83 -10.74 -16.36
C VAL A 88 -40.71 -10.50 -15.10
N GLU A 89 -40.13 -9.90 -14.07
CA GLU A 89 -40.86 -9.44 -12.91
C GLU A 89 -41.91 -8.34 -13.27
N ALA A 90 -41.51 -7.33 -13.99
CA ALA A 90 -42.42 -6.29 -14.45
C ALA A 90 -43.47 -6.82 -15.40
N ALA A 91 -43.12 -7.80 -16.22
CA ALA A 91 -44.12 -8.44 -17.10
C ALA A 91 -45.18 -9.18 -16.31
N ALA A 92 -44.76 -9.79 -15.20
CA ALA A 92 -45.68 -10.57 -14.36
C ALA A 92 -46.75 -9.69 -13.69
N THR A 93 -46.33 -8.53 -13.18
CA THR A 93 -47.21 -7.59 -12.52
C THR A 93 -48.11 -6.84 -13.54
N ALA A 94 -47.59 -6.47 -14.70
CA ALA A 94 -48.38 -5.79 -15.74
C ALA A 94 -49.24 -6.71 -16.58
N PHE A 95 -48.89 -8.00 -16.62
CA PHE A 95 -49.66 -8.95 -17.43
C PHE A 95 -49.93 -10.23 -16.66
N PRO A 96 -50.81 -10.17 -15.66
CA PRO A 96 -50.96 -11.35 -14.79
C PRO A 96 -51.36 -12.59 -15.60
N GLY A 97 -50.73 -13.71 -15.27
CA GLY A 97 -50.85 -14.96 -16.00
C GLY A 97 -49.99 -15.17 -17.24
N LEU A 98 -49.35 -14.13 -17.74
CA LEU A 98 -48.42 -14.26 -18.89
C LEU A 98 -47.13 -14.98 -18.49
N VAL A 99 -46.56 -14.54 -17.36
CA VAL A 99 -45.35 -15.11 -16.76
C VAL A 99 -45.53 -15.11 -15.26
N PRO A 100 -44.83 -15.99 -14.52
CA PRO A 100 -45.08 -16.04 -13.09
C PRO A 100 -44.56 -14.85 -12.25
N THR A 101 -45.28 -14.60 -11.18
CA THR A 101 -44.98 -13.63 -10.13
C THR A 101 -43.80 -14.12 -9.31
N GLN A 102 -43.18 -13.19 -8.58
CA GLN A 102 -42.07 -13.51 -7.70
C GLN A 102 -42.47 -14.57 -6.67
N GLN A 103 -43.68 -14.43 -6.16
CA GLN A 103 -44.26 -15.35 -5.22
C GLN A 103 -44.42 -16.77 -5.77
N GLN A 104 -45.05 -16.89 -6.94
CA GLN A 104 -45.21 -18.18 -7.60
C GLN A 104 -43.86 -18.87 -7.85
N LEU A 105 -42.86 -18.07 -8.21
CA LEU A 105 -41.50 -18.58 -8.37
C LEU A 105 -40.87 -19.04 -7.07
N ALA A 106 -41.14 -18.34 -5.97
CA ALA A 106 -40.56 -18.73 -4.65
C ALA A 106 -41.10 -20.09 -4.21
N VAL A 107 -42.38 -20.36 -4.51
CA VAL A 107 -42.97 -21.69 -4.24
C VAL A 107 -42.22 -22.74 -5.07
N GLU A 108 -42.04 -22.45 -6.36
CA GLU A 108 -41.32 -23.34 -7.28
C GLU A 108 -39.89 -23.57 -6.78
N ARG A 109 -39.18 -22.50 -6.44
CA ARG A 109 -37.74 -22.59 -6.00
C ARG A 109 -37.60 -23.45 -4.74
N SER A 110 -38.64 -23.45 -3.89
CA SER A 110 -38.68 -24.22 -2.62
C SER A 110 -38.91 -25.75 -2.88
N LEU A 111 -39.32 -26.12 -4.09
CA LEU A 111 -39.46 -27.54 -4.50
C LEU A 111 -38.22 -28.10 -5.22
N PRO A 112 -38.02 -29.44 -5.18
CA PRO A 112 -37.03 -30.06 -6.08
C PRO A 112 -37.58 -30.10 -7.50
N GLN A 113 -36.70 -30.07 -8.52
CA GLN A 113 -37.12 -30.02 -9.94
C GLN A 113 -38.28 -30.96 -10.21
N ALA A 114 -38.17 -32.17 -9.72
CA ALA A 114 -39.12 -33.26 -10.04
C ALA A 114 -40.57 -32.91 -9.70
N ALA A 115 -40.72 -32.10 -8.66
CA ALA A 115 -42.04 -31.70 -8.16
C ALA A 115 -42.61 -30.42 -8.77
N LYS A 116 -41.78 -29.67 -9.48
CA LYS A 116 -42.20 -28.34 -10.01
C LYS A 116 -43.27 -28.44 -11.09
N GLU A 117 -44.09 -27.41 -11.17
CA GLU A 117 -45.07 -27.27 -12.27
C GLU A 117 -44.51 -26.80 -13.61
N GLY A 118 -43.32 -26.21 -13.55
CA GLY A 118 -42.66 -25.73 -14.76
C GLY A 118 -43.10 -24.34 -15.16
N HIS A 119 -43.37 -23.48 -14.19
CA HIS A 119 -43.73 -22.10 -14.50
C HIS A 119 -42.66 -21.34 -15.28
N GLU A 120 -41.38 -21.68 -15.08
CA GLU A 120 -40.28 -21.03 -15.82
C GLU A 120 -40.46 -21.17 -17.32
N ILE A 121 -41.11 -22.25 -17.74
CA ILE A 121 -41.43 -22.43 -19.16
C ILE A 121 -42.18 -21.25 -19.76
N ASP A 122 -43.08 -20.68 -18.98
CA ASP A 122 -43.77 -19.47 -19.40
C ASP A 122 -42.76 -18.32 -19.66
N GLN A 123 -41.74 -18.21 -18.81
CA GLN A 123 -40.70 -17.19 -18.99
C GLN A 123 -39.90 -17.45 -20.27
N GLY A 124 -39.68 -18.73 -20.57
CA GLY A 124 -39.09 -19.11 -21.83
C GLY A 124 -39.93 -18.68 -23.02
N ILE A 125 -41.22 -18.90 -22.92
CA ILE A 125 -42.15 -18.44 -23.99
C ILE A 125 -42.06 -16.90 -24.23
N PHE A 126 -42.07 -16.17 -23.12
CA PHE A 126 -41.97 -14.73 -23.12
C PHE A 126 -40.67 -14.28 -23.81
N LEU A 127 -39.54 -14.75 -23.27
CA LEU A 127 -38.22 -14.33 -23.76
C LEU A 127 -37.97 -14.70 -25.20
N ARG A 128 -38.45 -15.84 -25.59
CA ARG A 128 -38.43 -16.23 -26.99
C ARG A 128 -39.09 -15.14 -27.81
N ALA A 129 -40.31 -14.78 -27.42
CA ALA A 129 -41.10 -13.82 -28.23
C ALA A 129 -40.41 -12.43 -28.26
N VAL A 130 -39.85 -12.01 -27.14
CA VAL A 130 -39.14 -10.75 -27.07
C VAL A 130 -37.91 -10.74 -27.96
N LEU A 131 -37.07 -11.78 -27.81
CA LEU A 131 -35.85 -11.87 -28.61
C LEU A 131 -36.13 -12.03 -30.09
N ARG A 132 -37.23 -12.69 -30.45
CA ARG A 132 -37.63 -12.83 -31.89
C ARG A 132 -37.97 -11.51 -32.58
N SER A 133 -38.34 -10.50 -31.79
CA SER A 133 -38.69 -9.19 -32.34
C SER A 133 -37.44 -8.40 -32.76
N PRO A 134 -37.42 -7.94 -34.04
CA PRO A 134 -36.29 -7.09 -34.52
C PRO A 134 -36.16 -5.74 -33.82
N LEU A 135 -37.20 -5.35 -33.08
CA LEU A 135 -37.17 -4.13 -32.28
C LEU A 135 -36.88 -4.36 -30.81
N ALA A 136 -37.64 -5.25 -30.19
CA ALA A 136 -37.48 -5.57 -28.77
C ALA A 136 -36.17 -6.38 -28.47
N GLY A 137 -35.91 -7.37 -29.32
CA GLY A 137 -34.74 -8.24 -29.25
C GLY A 137 -33.42 -7.51 -29.05
N PRO A 138 -33.00 -6.71 -30.05
CA PRO A 138 -31.75 -5.98 -29.89
C PRO A 138 -31.71 -5.08 -28.67
N HIS A 139 -32.87 -4.54 -28.31
CA HIS A 139 -32.94 -3.62 -27.20
C HIS A 139 -32.66 -4.34 -25.87
N LEU A 140 -33.30 -5.49 -25.68
CA LEU A 140 -33.00 -6.35 -24.50
C LEU A 140 -31.54 -6.83 -24.43
N LEU A 141 -30.98 -7.17 -25.60
CA LEU A 141 -29.59 -7.58 -25.65
C LEU A 141 -28.64 -6.43 -25.26
N ASP A 142 -28.96 -5.23 -25.71
CA ASP A 142 -28.23 -4.05 -25.23
C ASP A 142 -28.38 -3.83 -23.72
N ALA A 143 -29.58 -4.01 -23.18
CA ALA A 143 -29.76 -3.89 -21.72
C ALA A 143 -28.84 -4.81 -20.94
N MET A 144 -28.71 -6.04 -21.43
CA MET A 144 -27.85 -7.04 -20.76
C MET A 144 -26.35 -6.77 -20.94
N LEU A 145 -25.96 -5.98 -21.93
CA LEU A 145 -24.56 -5.56 -22.08
C LEU A 145 -24.17 -4.36 -21.26
N ARG A 146 -25.12 -3.71 -20.64
CA ARG A 146 -24.79 -2.60 -19.72
C ARG A 146 -24.12 -3.12 -18.44
N PRO A 147 -23.30 -2.29 -17.81
CA PRO A 147 -22.71 -2.71 -16.57
C PRO A 147 -23.75 -3.00 -15.49
N THR A 148 -23.51 -4.03 -14.70
CA THR A 148 -24.33 -4.34 -13.57
C THR A 148 -24.12 -3.29 -12.47
N PRO A 149 -25.15 -3.00 -11.68
CA PRO A 149 -25.00 -2.10 -10.51
C PRO A 149 -23.92 -2.53 -9.56
N ARG A 150 -23.89 -3.83 -9.28
CA ARG A 150 -22.88 -4.37 -8.36
C ARG A 150 -21.46 -3.99 -8.81
N ALA A 151 -21.23 -3.98 -10.11
CA ALA A 151 -19.90 -3.67 -10.64
C ALA A 151 -19.62 -2.19 -10.55
N LEU A 152 -20.63 -1.38 -10.85
CA LEU A 152 -20.47 0.09 -10.67
C LEU A 152 -20.13 0.49 -9.25
N GLU A 153 -20.74 -0.21 -8.31
CA GLU A 153 -20.55 0.05 -6.88
C GLU A 153 -19.14 -0.38 -6.41
N LEU A 154 -18.65 -1.53 -6.88
CA LEU A 154 -17.28 -2.00 -6.55
C LEU A 154 -16.14 -1.40 -7.36
N LEU A 155 -16.48 -0.73 -8.45
CA LEU A 155 -15.43 -0.16 -9.33
C LEU A 155 -14.36 0.76 -8.68
N PRO A 156 -14.76 1.77 -7.91
CA PRO A 156 -13.70 2.57 -7.24
C PRO A 156 -12.75 1.80 -6.28
N GLU A 157 -13.28 0.93 -5.42
CA GLU A 157 -12.42 0.15 -4.55
C GLU A 157 -11.47 -0.70 -5.42
N PHE A 158 -11.98 -1.21 -6.54
CA PHE A 158 -11.20 -2.06 -7.39
C PHE A 158 -10.06 -1.27 -8.02
N VAL A 159 -10.37 -0.11 -8.52
CA VAL A 159 -9.38 0.75 -9.10
C VAL A 159 -8.32 1.08 -8.07
N ARG A 160 -8.74 1.31 -6.84
CA ARG A 160 -7.80 1.71 -5.78
C ARG A 160 -6.93 0.53 -5.35
N THR A 161 -7.54 -0.63 -5.17
CA THR A 161 -6.90 -1.81 -4.54
C THR A 161 -6.31 -2.80 -5.53
N GLY A 162 -6.90 -2.88 -6.72
CA GLY A 162 -6.51 -3.88 -7.69
C GLY A 162 -6.97 -5.28 -7.32
N GLU A 163 -7.97 -5.38 -6.47
CA GLU A 163 -8.34 -6.65 -5.89
C GLU A 163 -9.79 -6.70 -5.38
N VAL A 164 -10.46 -7.80 -5.62
CA VAL A 164 -11.79 -8.08 -5.11
C VAL A 164 -11.91 -9.56 -4.93
N GLU A 165 -12.39 -9.94 -3.76
CA GLU A 165 -12.63 -11.34 -3.46
C GLU A 165 -14.11 -11.51 -3.49
N MET A 166 -14.57 -12.46 -4.28
CA MET A 166 -15.99 -12.79 -4.30
C MET A 166 -16.17 -14.26 -3.98
N GLU A 167 -17.42 -14.68 -3.79
CA GLU A 167 -17.67 -16.05 -3.34
C GLU A 167 -17.07 -17.08 -4.29
N ALA A 168 -17.22 -16.86 -5.60
CA ALA A 168 -16.82 -17.84 -6.61
C ALA A 168 -15.69 -17.43 -7.50
N VAL A 169 -15.26 -16.18 -7.37
CA VAL A 169 -14.27 -15.61 -8.30
C VAL A 169 -13.39 -14.68 -7.51
N HIS A 170 -12.11 -14.79 -7.73
CA HIS A 170 -11.12 -13.86 -7.19
C HIS A 170 -10.55 -13.07 -8.35
N LEU A 171 -10.57 -11.76 -8.22
CA LEU A 171 -10.19 -10.87 -9.31
C LEU A 171 -9.05 -10.04 -8.86
N GLU A 172 -8.02 -9.95 -9.69
CA GLU A 172 -6.86 -9.18 -9.39
C GLU A 172 -6.31 -8.49 -10.64
N ARG A 173 -6.08 -7.18 -10.54
CA ARG A 173 -5.40 -6.45 -11.59
C ARG A 173 -3.90 -6.58 -11.32
N ARG A 174 -3.14 -6.95 -12.34
CA ARG A 174 -1.70 -7.06 -12.25
C ARG A 174 -1.07 -6.97 -13.63
N ASP A 175 -0.10 -6.10 -13.76
CA ASP A 175 0.56 -5.81 -15.02
C ASP A 175 -0.39 -5.61 -16.17
N GLY A 176 -1.45 -4.89 -15.92
CA GLY A 176 -2.41 -4.57 -16.98
C GLY A 176 -3.36 -5.66 -17.37
N VAL A 177 -3.41 -6.69 -16.55
CA VAL A 177 -4.21 -7.87 -16.82
C VAL A 177 -5.21 -8.07 -15.70
N ALA A 178 -6.44 -8.32 -16.08
CA ALA A 178 -7.46 -8.66 -15.14
C ALA A 178 -7.43 -10.14 -15.01
N ARG A 179 -6.94 -10.61 -13.86
CA ARG A 179 -6.85 -12.05 -13.58
C ARG A 179 -8.03 -12.54 -12.85
N LEU A 180 -8.93 -13.21 -13.57
CA LEU A 180 -10.06 -13.86 -12.97
C LEU A 180 -9.70 -15.24 -12.62
N THR A 181 -9.72 -15.57 -11.34
CA THR A 181 -9.52 -16.94 -10.90
C THR A 181 -10.81 -17.52 -10.35
N MET A 182 -11.31 -18.57 -10.96
CA MET A 182 -12.54 -19.25 -10.50
C MET A 182 -12.14 -20.17 -9.34
N CYS A 183 -12.66 -19.90 -8.14
CA CYS A 183 -12.03 -20.43 -6.89
C CYS A 183 -13.02 -21.18 -6.00
N ARG A 184 -13.92 -21.98 -6.60
CA ARG A 184 -14.81 -22.88 -5.80
C ARG A 184 -14.13 -24.23 -5.60
N ASP A 185 -13.16 -24.19 -4.68
CA ASP A 185 -12.15 -25.24 -4.44
C ASP A 185 -12.71 -26.60 -3.95
N ASP A 186 -13.94 -26.61 -3.42
CA ASP A 186 -14.61 -27.80 -2.90
C ASP A 186 -15.42 -28.60 -3.95
N ARG A 187 -15.68 -28.00 -5.12
CA ARG A 187 -16.60 -28.61 -6.10
C ARG A 187 -16.20 -28.41 -7.59
N LEU A 188 -14.90 -28.29 -7.85
CA LEU A 188 -14.38 -28.22 -9.22
C LEU A 188 -14.99 -27.08 -10.07
N ASN A 189 -15.21 -25.94 -9.42
CA ASN A 189 -15.78 -24.75 -10.07
C ASN A 189 -17.13 -24.97 -10.72
N ALA A 190 -17.85 -25.94 -10.18
CA ALA A 190 -19.19 -26.19 -10.57
C ALA A 190 -19.98 -24.87 -10.48
N GLU A 191 -20.76 -24.62 -11.51
CA GLU A 191 -21.46 -23.35 -11.69
C GLU A 191 -22.87 -23.30 -11.06
N ASP A 192 -23.21 -22.13 -10.53
CA ASP A 192 -24.55 -21.81 -10.01
C ASP A 192 -24.84 -20.30 -10.20
N GLY A 193 -25.96 -19.81 -9.68
CA GLY A 193 -26.40 -18.44 -9.92
C GLY A 193 -25.46 -17.41 -9.37
N GLN A 194 -24.85 -17.74 -8.24
CA GLN A 194 -23.92 -16.83 -7.56
C GLN A 194 -22.64 -16.71 -8.37
N GLN A 195 -22.16 -17.84 -8.93
CA GLN A 195 -20.99 -17.80 -9.81
C GLN A 195 -21.24 -16.91 -11.00
N VAL A 196 -22.42 -17.00 -11.57
CA VAL A 196 -22.75 -16.11 -12.73
C VAL A 196 -22.69 -14.64 -12.34
N ASP A 197 -23.26 -14.32 -11.18
CA ASP A 197 -23.29 -12.93 -10.71
C ASP A 197 -21.87 -12.44 -10.48
N ASP A 198 -21.06 -13.28 -9.83
CA ASP A 198 -19.65 -12.98 -9.63
C ASP A 198 -18.85 -12.82 -10.95
N MET A 199 -19.10 -13.72 -11.89
CA MET A 199 -18.43 -13.68 -13.19
C MET A 199 -18.76 -12.41 -13.90
N GLU A 200 -20.03 -12.07 -13.95
CA GLU A 200 -20.44 -10.86 -14.68
C GLU A 200 -19.84 -9.64 -14.02
N THR A 201 -19.81 -9.69 -12.69
CA THR A 201 -19.34 -8.57 -11.92
C THR A 201 -17.90 -8.35 -12.22
N ALA A 202 -17.16 -9.45 -12.18
CA ALA A 202 -15.74 -9.43 -12.49
C ALA A 202 -15.45 -9.01 -13.92
N VAL A 203 -16.21 -9.57 -14.85
CA VAL A 203 -16.04 -9.16 -16.28
C VAL A 203 -16.30 -7.66 -16.47
N ASP A 204 -17.39 -7.16 -15.91
CA ASP A 204 -17.69 -5.67 -15.90
C ASP A 204 -16.54 -4.88 -15.30
N LEU A 205 -16.00 -5.29 -14.14
CA LEU A 205 -14.88 -4.52 -13.55
C LEU A 205 -13.68 -4.48 -14.44
N ALA A 206 -13.31 -5.64 -15.00
CA ALA A 206 -12.18 -5.70 -15.95
C ALA A 206 -12.34 -4.76 -17.12
N LEU A 207 -13.53 -4.74 -17.69
CA LEU A 207 -13.80 -3.89 -18.85
C LEU A 207 -13.80 -2.38 -18.51
N LEU A 208 -14.32 -2.03 -17.37
CA LEU A 208 -14.43 -0.62 -16.98
C LEU A 208 -13.14 -0.04 -16.43
N ASP A 209 -12.30 -0.89 -15.86
CA ASP A 209 -11.10 -0.44 -15.25
C ASP A 209 -10.07 -0.01 -16.28
N PRO A 210 -9.62 1.26 -16.27
CA PRO A 210 -8.73 1.72 -17.36
C PRO A 210 -7.31 1.26 -17.22
N GLY A 211 -6.94 0.72 -16.07
CA GLY A 211 -5.67 0.06 -15.92
C GLY A 211 -5.61 -1.42 -16.32
N VAL A 212 -6.70 -1.94 -16.88
CA VAL A 212 -6.78 -3.27 -17.45
C VAL A 212 -6.81 -3.21 -18.99
N ARG A 213 -5.91 -3.97 -19.60
CA ARG A 213 -5.78 -4.00 -21.07
C ARG A 213 -6.17 -5.32 -21.65
N VAL A 214 -5.95 -6.39 -20.88
CA VAL A 214 -6.31 -7.75 -21.24
C VAL A 214 -6.89 -8.56 -20.09
N GLY A 215 -7.73 -9.52 -20.41
CA GLY A 215 -8.34 -10.41 -19.39
C GLY A 215 -7.78 -11.80 -19.44
N LEU A 216 -7.75 -12.43 -18.27
CA LEU A 216 -7.31 -13.82 -18.11
C LEU A 216 -8.30 -14.59 -17.27
N LEU A 217 -8.80 -15.70 -17.78
CA LEU A 217 -9.67 -16.57 -16.97
C LEU A 217 -8.93 -17.85 -16.73
N ARG A 218 -8.91 -18.26 -15.47
CA ARG A 218 -8.24 -19.48 -15.07
C ARG A 218 -8.87 -20.09 -13.86
N GLY A 219 -8.80 -21.42 -13.80
CA GLY A 219 -9.28 -22.12 -12.62
C GLY A 219 -8.25 -22.09 -11.48
N GLY A 220 -8.74 -21.94 -10.25
CA GLY A 220 -7.84 -21.87 -9.07
C GLY A 220 -7.49 -23.24 -8.52
N VAL A 221 -6.56 -23.24 -7.57
CA VAL A 221 -6.16 -24.47 -6.88
C VAL A 221 -7.34 -25.09 -6.13
N MET A 222 -7.56 -26.39 -6.35
CA MET A 222 -8.67 -27.11 -5.70
C MET A 222 -8.26 -27.67 -4.30
N SER A 223 -9.26 -27.91 -3.46
CA SER A 223 -9.05 -28.41 -2.10
C SER A 223 -9.75 -29.77 -1.82
N HIS A 224 -10.78 -30.12 -2.59
CA HIS A 224 -11.36 -31.48 -2.55
C HIS A 224 -10.24 -32.57 -2.66
N PRO A 225 -10.31 -33.64 -1.80
CA PRO A 225 -9.23 -34.66 -1.72
C PRO A 225 -8.76 -35.33 -3.04
N ARG A 226 -9.68 -35.59 -3.96
CA ARG A 226 -9.35 -36.17 -5.28
C ARG A 226 -8.53 -35.17 -6.20
N TYR A 227 -8.53 -33.87 -5.88
CA TYR A 227 -7.84 -32.84 -6.67
C TYR A 227 -6.93 -31.94 -5.85
N ARG A 228 -6.65 -32.30 -4.60
CA ARG A 228 -5.91 -31.38 -3.69
C ARG A 228 -4.57 -30.87 -4.27
N GLY A 229 -4.41 -29.55 -4.26
CA GLY A 229 -3.22 -28.88 -4.84
C GLY A 229 -3.17 -28.71 -6.38
N LYS A 230 -4.19 -29.23 -7.08
CA LYS A 230 -4.26 -29.14 -8.55
C LYS A 230 -5.28 -28.07 -9.00
N ARG A 231 -4.92 -27.29 -10.01
CA ARG A 231 -5.90 -26.36 -10.63
C ARG A 231 -6.93 -27.07 -11.50
N VAL A 232 -8.16 -26.62 -11.46
CA VAL A 232 -9.22 -27.16 -12.31
C VAL A 232 -10.11 -26.03 -12.88
N PHE A 233 -10.32 -26.05 -14.18
CA PHE A 233 -11.03 -24.94 -14.87
C PHE A 233 -12.51 -24.96 -14.58
N SER A 234 -13.22 -26.00 -15.02
CA SER A 234 -14.65 -26.11 -14.73
C SER A 234 -15.19 -27.50 -14.94
N ALA A 235 -16.05 -27.92 -14.02
CA ALA A 235 -16.83 -29.17 -14.11
C ALA A 235 -18.27 -28.87 -14.53
N GLY A 236 -18.51 -27.67 -15.03
CA GLY A 236 -19.80 -27.33 -15.57
C GLY A 236 -20.86 -27.11 -14.52
N ILE A 237 -22.11 -27.17 -14.96
CA ILE A 237 -23.22 -26.77 -14.10
C ILE A 237 -23.29 -27.62 -12.84
N ASN A 238 -23.64 -26.98 -11.73
CA ASN A 238 -23.91 -27.69 -10.47
C ASN A 238 -25.14 -28.61 -10.57
N LEU A 239 -24.88 -29.90 -10.78
CA LEU A 239 -25.92 -30.90 -11.00
C LEU A 239 -26.77 -31.19 -9.75
N LYS A 240 -26.16 -31.08 -8.57
CA LYS A 240 -26.85 -31.22 -7.32
C LYS A 240 -27.91 -30.15 -7.22
N TYR A 241 -27.49 -28.91 -7.39
CA TYR A 241 -28.39 -27.77 -7.29
C TYR A 241 -29.50 -27.87 -8.35
N LEU A 242 -29.13 -28.29 -9.54
CA LEU A 242 -30.11 -28.46 -10.63
C LEU A 242 -31.23 -29.42 -10.18
N SER A 243 -30.86 -30.54 -9.54
CA SER A 243 -31.82 -31.56 -9.01
C SER A 243 -32.71 -31.07 -7.90
N GLN A 244 -32.09 -30.33 -7.00
CA GLN A 244 -32.72 -29.64 -5.85
C GLN A 244 -33.56 -28.41 -6.21
N GLY A 245 -33.55 -28.00 -7.48
CA GLY A 245 -34.42 -26.93 -7.97
C GLY A 245 -33.81 -25.55 -7.99
N GLY A 246 -32.50 -25.47 -7.73
CA GLY A 246 -31.81 -24.18 -7.54
C GLY A 246 -31.12 -23.58 -8.76
N ILE A 247 -31.34 -24.15 -9.96
CA ILE A 247 -30.83 -23.55 -11.20
C ILE A 247 -31.96 -22.81 -11.90
N SER A 248 -31.80 -21.50 -11.99
CA SER A 248 -32.77 -20.61 -12.57
C SER A 248 -32.56 -20.50 -14.08
N LEU A 249 -33.65 -20.72 -14.80
CA LEU A 249 -33.68 -20.47 -16.24
C LEU A 249 -33.20 -19.07 -16.57
N VAL A 250 -33.77 -18.09 -15.90
CA VAL A 250 -33.47 -16.70 -16.20
C VAL A 250 -32.21 -16.21 -15.59
N ASP A 251 -32.03 -16.45 -14.31
CA ASP A 251 -30.93 -15.85 -13.52
C ASP A 251 -29.63 -16.61 -13.65
N PHE A 252 -29.70 -17.84 -14.18
CA PHE A 252 -28.50 -18.62 -14.49
C PHE A 252 -28.33 -18.86 -16.01
N LEU A 253 -29.25 -19.61 -16.63
CA LEU A 253 -29.03 -20.08 -17.99
C LEU A 253 -29.09 -18.99 -19.04
N MET A 254 -30.05 -18.06 -18.94
CA MET A 254 -30.09 -16.94 -19.89
C MET A 254 -29.14 -15.82 -19.48
N ARG A 255 -29.03 -15.57 -18.19
CA ARG A 255 -28.22 -14.46 -17.71
C ARG A 255 -26.79 -14.60 -18.22
N ARG A 256 -26.24 -15.81 -18.06
CA ARG A 256 -24.83 -16.01 -18.43
C ARG A 256 -24.62 -15.81 -19.90
N GLU A 257 -25.57 -16.26 -20.70
CA GLU A 257 -25.40 -16.17 -22.15
C GLU A 257 -25.49 -14.76 -22.64
N LEU A 258 -26.44 -13.99 -22.10
CA LEU A 258 -26.68 -12.62 -22.54
C LEU A 258 -25.89 -11.58 -21.84
N GLY A 259 -25.30 -11.97 -20.73
CA GLY A 259 -24.49 -11.09 -19.89
C GLY A 259 -22.99 -11.31 -20.07
N TYR A 260 -22.36 -12.00 -19.14
CA TYR A 260 -20.89 -11.97 -19.12
C TYR A 260 -20.28 -12.60 -20.36
N ILE A 261 -20.87 -13.67 -20.84
CA ILE A 261 -20.39 -14.35 -22.00
C ILE A 261 -20.49 -13.51 -23.24
N HIS A 262 -21.58 -12.79 -23.35
CA HIS A 262 -21.78 -11.89 -24.49
C HIS A 262 -20.88 -10.70 -24.34
N LYS A 263 -20.58 -10.34 -23.09
CA LYS A 263 -19.70 -9.18 -22.85
C LYS A 263 -18.27 -9.51 -23.21
N LEU A 264 -17.89 -10.76 -23.03
CA LEU A 264 -16.55 -11.17 -23.47
C LEU A 264 -16.41 -10.92 -24.97
N VAL A 265 -17.48 -11.20 -25.71
CA VAL A 265 -17.49 -11.04 -27.12
C VAL A 265 -17.60 -9.55 -27.46
N ARG A 266 -18.65 -8.88 -27.00
CA ARG A 266 -18.99 -7.53 -27.47
C ARG A 266 -18.66 -6.35 -26.59
N GLY A 267 -18.20 -6.62 -25.38
CA GLY A 267 -17.87 -5.57 -24.43
C GLY A 267 -19.08 -5.04 -23.69
N VAL A 268 -18.87 -4.03 -22.86
CA VAL A 268 -19.93 -3.39 -22.06
C VAL A 268 -20.39 -2.17 -22.76
N LEU A 269 -21.70 -2.08 -22.91
CA LEU A 269 -22.36 -0.88 -23.39
C LEU A 269 -22.32 0.19 -22.28
N THR A 270 -21.66 1.32 -22.55
CA THR A 270 -21.63 2.43 -21.59
C THR A 270 -22.60 3.53 -22.01
N ASN A 271 -22.83 4.48 -21.12
CA ASN A 271 -23.51 5.73 -21.51
C ASN A 271 -22.55 6.64 -22.27
N ASP A 272 -23.12 7.54 -23.08
CA ASP A 272 -22.35 8.59 -23.80
C ASP A 272 -21.54 9.51 -22.87
N ASP A 273 -20.47 9.03 -22.25
CA ASP A 273 -19.78 9.73 -21.16
C ASP A 273 -18.26 9.87 -21.36
N ARG A 274 -17.82 9.79 -22.61
CA ARG A 274 -16.40 9.80 -22.90
C ARG A 274 -16.16 10.14 -24.36
N PRO A 275 -14.96 10.61 -24.71
CA PRO A 275 -14.64 10.81 -26.12
C PRO A 275 -14.69 9.47 -26.91
N GLY A 276 -15.00 9.51 -28.20
CA GLY A 276 -14.97 8.31 -29.03
C GLY A 276 -16.18 7.42 -28.89
N TRP A 277 -17.11 7.76 -27.99
CA TRP A 277 -18.30 6.93 -27.78
C TRP A 277 -19.07 6.77 -29.08
N TRP A 278 -19.06 7.81 -29.91
CA TRP A 278 -19.74 7.80 -31.20
C TRP A 278 -19.20 6.74 -32.20
N HIS A 279 -17.93 6.36 -32.06
CA HIS A 279 -17.42 5.18 -32.79
C HIS A 279 -17.32 3.84 -31.95
N SER A 280 -17.30 3.92 -30.61
CA SER A 280 -17.14 2.78 -29.75
C SER A 280 -18.00 2.90 -28.51
N PRO A 281 -19.29 2.68 -28.70
CA PRO A 281 -20.22 2.70 -27.57
C PRO A 281 -19.97 1.61 -26.54
N ARG A 282 -19.22 0.58 -26.94
CA ARG A 282 -18.92 -0.52 -26.06
C ARG A 282 -17.49 -0.53 -25.78
N ILE A 283 -17.15 -0.83 -24.56
CA ILE A 283 -15.73 -1.08 -24.21
C ILE A 283 -15.48 -2.55 -24.23
N GLU A 284 -14.67 -2.97 -25.18
CA GLU A 284 -14.30 -4.37 -25.30
C GLU A 284 -12.85 -4.52 -25.07
N LYS A 285 -12.46 -5.69 -24.53
CA LYS A 285 -11.02 -6.08 -24.42
C LYS A 285 -10.80 -7.57 -24.78
N PRO A 286 -9.56 -7.94 -25.16
CA PRO A 286 -9.24 -9.31 -25.46
C PRO A 286 -9.07 -10.17 -24.22
N TRP A 287 -9.36 -11.47 -24.37
CA TRP A 287 -9.43 -12.43 -23.27
C TRP A 287 -8.70 -13.68 -23.57
N VAL A 288 -7.93 -14.10 -22.59
CA VAL A 288 -7.14 -15.34 -22.62
C VAL A 288 -7.71 -16.29 -21.61
N ALA A 289 -7.91 -17.53 -22.01
CA ALA A 289 -8.34 -18.60 -21.06
C ALA A 289 -7.23 -19.62 -20.96
N ALA A 290 -6.97 -20.11 -19.75
CA ALA A 290 -6.00 -21.18 -19.51
C ALA A 290 -6.71 -22.32 -18.83
N VAL A 291 -6.65 -23.48 -19.45
CA VAL A 291 -7.41 -24.63 -18.99
C VAL A 291 -6.50 -25.67 -18.31
N ASP A 292 -6.69 -25.82 -16.99
CA ASP A 292 -6.05 -26.86 -16.17
C ASP A 292 -7.07 -27.97 -15.83
N GLY A 293 -6.62 -29.20 -15.87
CA GLY A 293 -7.42 -30.36 -15.57
C GLY A 293 -8.44 -30.69 -16.67
N PHE A 294 -9.50 -29.93 -16.71
CA PHE A 294 -10.48 -30.10 -17.72
C PHE A 294 -11.48 -28.95 -17.78
N ALA A 295 -12.14 -28.87 -18.91
CA ALA A 295 -13.22 -27.93 -19.09
C ALA A 295 -14.40 -28.74 -19.51
N ILE A 296 -15.41 -28.81 -18.64
CA ILE A 296 -16.64 -29.58 -18.89
C ILE A 296 -17.89 -28.68 -18.97
N GLY A 297 -18.75 -28.98 -19.94
CA GLY A 297 -20.06 -28.34 -19.98
C GLY A 297 -19.92 -26.84 -20.13
N GLY A 298 -20.48 -26.10 -19.18
CA GLY A 298 -20.51 -24.65 -19.25
C GLY A 298 -19.11 -24.08 -19.33
N GLY A 299 -18.15 -24.73 -18.70
CA GLY A 299 -16.77 -24.33 -18.82
C GLY A 299 -16.14 -24.53 -20.18
N ALA A 300 -16.47 -25.65 -20.83
CA ALA A 300 -16.08 -25.85 -22.25
C ALA A 300 -16.75 -24.82 -23.21
N GLN A 301 -18.00 -24.51 -22.95
CA GLN A 301 -18.75 -23.49 -23.72
C GLN A 301 -18.07 -22.14 -23.68
N LEU A 302 -17.47 -21.81 -22.54
CA LEU A 302 -16.78 -20.52 -22.45
C LEU A 302 -15.62 -20.37 -23.41
N LEU A 303 -14.93 -21.48 -23.73
CA LEU A 303 -13.74 -21.43 -24.58
C LEU A 303 -14.02 -20.97 -25.98
N LEU A 304 -15.26 -21.06 -26.42
CA LEU A 304 -15.66 -20.63 -27.79
C LEU A 304 -15.76 -19.10 -28.05
N VAL A 305 -15.35 -18.36 -27.06
CA VAL A 305 -15.48 -16.92 -26.99
C VAL A 305 -14.17 -16.18 -26.70
N PHE A 306 -13.09 -16.91 -26.43
CA PHE A 306 -11.85 -16.29 -26.04
C PHE A 306 -10.98 -15.93 -27.23
N ASP A 307 -10.08 -14.94 -27.06
CA ASP A 307 -9.16 -14.56 -28.13
C ASP A 307 -7.98 -15.48 -28.23
N ARG A 308 -7.67 -16.13 -27.12
CA ARG A 308 -6.59 -17.07 -27.05
C ARG A 308 -6.91 -18.10 -25.99
N VAL A 309 -6.55 -19.36 -26.23
CA VAL A 309 -6.86 -20.44 -25.33
C VAL A 309 -5.65 -21.32 -25.17
N LEU A 310 -5.26 -21.53 -23.91
CA LEU A 310 -4.12 -22.36 -23.57
C LEU A 310 -4.58 -23.50 -22.69
N ALA A 311 -3.96 -24.64 -22.85
CA ALA A 311 -4.36 -25.79 -22.05
C ALA A 311 -3.17 -26.61 -21.66
N SER A 312 -3.27 -27.21 -20.50
CA SER A 312 -2.25 -28.14 -20.00
C SER A 312 -2.35 -29.40 -20.82
N SER A 313 -1.20 -30.01 -21.03
CA SER A 313 -1.11 -31.28 -21.81
C SER A 313 -2.08 -32.36 -21.41
N ASP A 314 -2.44 -32.40 -20.13
CA ASP A 314 -3.25 -33.48 -19.55
C ASP A 314 -4.78 -33.17 -19.55
N ALA A 315 -5.18 -32.04 -20.13
CA ALA A 315 -6.55 -31.58 -20.04
C ALA A 315 -7.38 -32.21 -21.10
N TYR A 316 -8.69 -32.17 -20.85
CA TYR A 316 -9.65 -32.50 -21.83
C TYR A 316 -10.83 -31.55 -21.85
N PHE A 317 -11.57 -31.59 -22.94
N PHE A 317 -11.55 -31.57 -22.98
CA PHE A 317 -12.70 -30.71 -23.18
CA PHE A 317 -12.69 -30.71 -23.28
C PHE A 317 -13.91 -31.59 -23.50
C PHE A 317 -13.89 -31.60 -23.49
N SER A 318 -15.00 -31.39 -22.78
CA SER A 318 -16.24 -32.13 -23.10
C SER A 318 -17.50 -31.40 -22.84
N LEU A 319 -18.53 -31.81 -23.57
CA LEU A 319 -19.95 -31.40 -23.37
C LEU A 319 -20.68 -32.74 -23.26
N PRO A 320 -20.68 -33.33 -22.06
CA PRO A 320 -20.93 -34.77 -21.87
C PRO A 320 -22.36 -35.25 -21.88
N ALA A 321 -23.33 -34.39 -21.61
CA ALA A 321 -24.70 -34.86 -21.34
C ALA A 321 -25.49 -35.03 -22.66
N ALA A 322 -24.99 -35.96 -23.44
CA ALA A 322 -25.50 -36.17 -24.76
C ALA A 322 -26.84 -36.91 -24.78
N LYS A 323 -26.99 -37.85 -23.86
CA LYS A 323 -28.16 -38.69 -23.80
C LYS A 323 -29.31 -38.04 -23.03
N GLU A 324 -29.00 -37.37 -21.91
CA GLU A 324 -30.05 -36.91 -20.98
C GLU A 324 -29.81 -35.53 -20.36
N GLY A 325 -29.10 -34.68 -21.09
CA GLY A 325 -28.78 -33.35 -20.59
C GLY A 325 -29.58 -32.24 -21.18
N ILE A 326 -29.33 -31.08 -20.64
CA ILE A 326 -29.80 -29.83 -21.18
C ILE A 326 -28.95 -29.39 -22.36
N ILE A 327 -29.39 -28.34 -23.05
CA ILE A 327 -28.64 -27.83 -24.21
C ILE A 327 -27.41 -27.12 -23.65
N PRO A 328 -26.24 -27.33 -24.24
CA PRO A 328 -25.02 -26.76 -23.69
C PRO A 328 -24.86 -25.35 -24.19
N GLY A 329 -25.70 -24.50 -23.65
CA GLY A 329 -25.65 -23.11 -23.91
C GLY A 329 -25.60 -22.81 -25.39
N ALA A 330 -24.65 -21.97 -25.72
CA ALA A 330 -24.47 -21.53 -27.09
C ALA A 330 -23.46 -22.38 -27.82
N ALA A 331 -23.01 -23.48 -27.23
CA ALA A 331 -22.08 -24.32 -27.93
C ALA A 331 -22.75 -24.76 -29.25
N ASN A 332 -24.05 -25.00 -29.23
CA ASN A 332 -24.68 -25.45 -30.51
C ASN A 332 -24.61 -24.36 -31.61
N LEU A 333 -24.53 -23.13 -31.16
CA LEU A 333 -24.42 -21.98 -32.05
C LEU A 333 -22.99 -21.84 -32.56
N ARG A 334 -22.01 -22.00 -31.66
CA ARG A 334 -20.62 -21.61 -31.90
C ARG A 334 -19.68 -22.76 -32.33
N LEU A 335 -19.95 -23.97 -31.87
CA LEU A 335 -19.07 -25.02 -32.04
C LEU A 335 -18.79 -25.33 -33.48
N GLY A 336 -19.81 -25.26 -34.30
CA GLY A 336 -19.71 -25.64 -35.71
C GLY A 336 -18.70 -24.83 -36.48
N ARG A 337 -18.62 -23.59 -36.13
CA ARG A 337 -17.68 -22.64 -36.73
C ARG A 337 -16.22 -23.04 -36.34
N PHE A 338 -16.04 -23.67 -35.16
CA PHE A 338 -14.73 -24.07 -34.69
C PHE A 338 -14.32 -25.44 -35.24
N ALA A 339 -15.26 -26.36 -35.32
CA ALA A 339 -14.97 -27.73 -35.59
C ALA A 339 -15.68 -28.37 -36.77
N GLY A 340 -16.59 -27.64 -37.41
CA GLY A 340 -17.40 -28.18 -38.48
C GLY A 340 -18.55 -29.02 -37.92
N PRO A 341 -19.49 -29.42 -38.77
CA PRO A 341 -20.70 -30.10 -38.34
C PRO A 341 -20.54 -31.54 -37.94
N ARG A 342 -19.53 -32.21 -38.48
CA ARG A 342 -19.29 -33.59 -38.07
C ARG A 342 -18.78 -33.65 -36.65
N VAL A 343 -17.71 -32.94 -36.37
CA VAL A 343 -17.11 -33.00 -34.98
C VAL A 343 -18.03 -32.37 -33.97
N SER A 344 -18.70 -31.31 -34.38
CA SER A 344 -19.69 -30.57 -33.51
C SER A 344 -20.74 -31.58 -33.05
N ARG A 345 -21.18 -32.44 -33.96
CA ARG A 345 -22.16 -33.45 -33.58
C ARG A 345 -21.57 -34.55 -32.79
N GLN A 346 -20.32 -34.90 -33.09
CA GLN A 346 -19.71 -35.97 -32.31
C GLN A 346 -19.65 -35.54 -30.84
N VAL A 347 -19.35 -34.28 -30.65
CA VAL A 347 -19.11 -33.75 -29.28
C VAL A 347 -20.44 -33.57 -28.59
N ILE A 348 -21.42 -32.97 -29.28
CA ILE A 348 -22.66 -32.61 -28.64
C ILE A 348 -23.70 -33.73 -28.67
N LEU A 349 -23.95 -34.31 -29.83
CA LEU A 349 -24.92 -35.40 -29.92
C LEU A 349 -24.47 -36.71 -29.33
N GLU A 350 -23.19 -37.00 -29.38
CA GLU A 350 -22.66 -38.28 -28.86
C GLU A 350 -21.68 -38.22 -27.70
N GLY A 351 -21.34 -37.04 -27.22
CA GLY A 351 -20.57 -36.89 -25.99
C GLY A 351 -19.12 -37.24 -26.18
N ARG A 352 -18.61 -37.02 -27.36
CA ARG A 352 -17.21 -37.21 -27.55
C ARG A 352 -16.40 -36.18 -26.77
N ARG A 353 -15.44 -36.72 -26.07
CA ARG A 353 -14.54 -35.94 -25.28
C ARG A 353 -13.23 -35.75 -26.03
N ILE A 354 -12.67 -34.56 -25.97
CA ILE A 354 -11.51 -34.20 -26.77
C ILE A 354 -10.35 -33.85 -25.88
N TRP A 355 -9.21 -34.51 -26.15
CA TRP A 355 -8.04 -34.38 -25.27
C TRP A 355 -7.07 -33.37 -25.81
N ALA A 356 -6.40 -32.68 -24.90
CA ALA A 356 -5.55 -31.53 -25.28
C ALA A 356 -4.52 -31.91 -26.29
N LYS A 357 -4.05 -33.15 -26.18
CA LYS A 357 -2.96 -33.63 -27.03
C LYS A 357 -3.35 -34.24 -28.34
N GLU A 358 -4.64 -34.40 -28.60
CA GLU A 358 -5.02 -34.96 -29.91
C GLU A 358 -5.00 -33.83 -30.94
N PRO A 359 -4.73 -34.14 -32.22
CA PRO A 359 -4.76 -33.07 -33.26
C PRO A 359 -6.01 -32.20 -33.27
N GLU A 360 -7.21 -32.78 -33.06
CA GLU A 360 -8.44 -32.00 -33.08
C GLU A 360 -8.60 -31.03 -31.93
N ALA A 361 -7.76 -31.12 -30.90
CA ALA A 361 -7.72 -30.08 -29.86
C ALA A 361 -7.37 -28.71 -30.43
N ARG A 362 -6.59 -28.72 -31.49
CA ARG A 362 -6.18 -27.46 -32.13
C ARG A 362 -7.35 -26.71 -32.79
N LEU A 363 -8.52 -27.35 -32.91
CA LEU A 363 -9.75 -26.68 -33.30
C LEU A 363 -10.32 -25.75 -32.24
N LEU A 364 -10.02 -26.04 -30.98
CA LEU A 364 -10.48 -25.32 -29.81
C LEU A 364 -9.40 -24.58 -28.97
N VAL A 365 -8.15 -24.99 -29.11
CA VAL A 365 -7.10 -24.58 -28.25
C VAL A 365 -5.92 -24.13 -29.09
N ASP A 366 -5.34 -22.99 -28.74
CA ASP A 366 -4.21 -22.42 -29.53
C ASP A 366 -2.87 -22.99 -29.15
N GLU A 367 -2.67 -23.27 -27.88
CA GLU A 367 -1.41 -23.75 -27.34
C GLU A 367 -1.63 -24.81 -26.26
N VAL A 368 -0.90 -25.93 -26.39
CA VAL A 368 -0.98 -26.98 -25.45
C VAL A 368 0.43 -27.14 -24.89
N VAL A 369 0.55 -27.12 -23.58
CA VAL A 369 1.87 -26.92 -22.98
C VAL A 369 1.94 -27.79 -21.73
N GLU A 370 3.14 -28.31 -21.46
CA GLU A 370 3.38 -29.19 -20.30
C GLU A 370 3.11 -28.37 -19.04
N PRO A 371 2.48 -28.99 -18.02
CA PRO A 371 2.20 -28.33 -16.71
C PRO A 371 3.29 -27.39 -16.16
N ASP A 372 4.55 -27.78 -16.26
CA ASP A 372 5.68 -26.95 -15.77
C ASP A 372 6.05 -25.77 -16.66
N GLU A 373 5.53 -25.73 -17.90
CA GLU A 373 5.79 -24.63 -18.86
C GLU A 373 4.59 -23.66 -18.98
N LEU A 374 3.50 -24.00 -18.32
CA LEU A 374 2.21 -23.38 -18.55
C LEU A 374 2.08 -21.98 -18.03
N ASP A 375 2.51 -21.75 -16.81
CA ASP A 375 2.48 -20.38 -16.19
C ASP A 375 3.16 -19.38 -17.08
N ALA A 376 4.32 -19.77 -17.59
CA ALA A 376 5.16 -18.82 -18.36
C ALA A 376 4.57 -18.58 -19.72
N ALA A 377 3.97 -19.60 -20.31
CA ALA A 377 3.27 -19.48 -21.61
C ALA A 377 2.01 -18.58 -21.51
N ILE A 378 1.25 -18.73 -20.44
CA ILE A 378 0.19 -17.83 -20.13
C ILE A 378 0.71 -16.39 -20.08
N GLU A 379 1.76 -16.16 -19.32
CA GLU A 379 2.31 -14.78 -19.21
C GLU A 379 2.71 -14.21 -20.55
N ARG A 380 3.41 -14.99 -21.37
CA ARG A 380 3.75 -14.53 -22.74
C ARG A 380 2.54 -14.19 -23.58
N SER A 381 1.52 -15.04 -23.52
CA SER A 381 0.30 -14.82 -24.33
C SER A 381 -0.40 -13.51 -23.99
N LEU A 382 -0.33 -13.13 -22.74
CA LEU A 382 -0.93 -11.86 -22.24
C LEU A 382 -0.26 -10.59 -22.77
N THR A 383 1.06 -10.65 -22.94
CA THR A 383 1.78 -9.54 -23.56
C THR A 383 1.45 -9.41 -25.09
N ARG A 384 0.97 -10.45 -25.77
CA ARG A 384 0.84 -10.38 -27.22
C ARG A 384 -0.46 -9.71 -27.69
N LEU A 385 -1.33 -9.35 -26.78
CA LEU A 385 -2.66 -8.90 -27.08
C LEU A 385 -3.04 -7.46 -26.65
N ASP A 386 -2.03 -6.62 -26.50
CA ASP A 386 -2.10 -5.31 -25.84
C ASP A 386 -2.65 -4.21 -26.65
N GLY A 387 -2.29 -4.14 -27.90
CA GLY A 387 -2.58 -2.80 -28.54
C GLY A 387 -4.02 -2.41 -28.93
N ASP A 388 -4.12 -1.30 -29.65
CA ASP A 388 -5.34 -0.87 -30.35
C ASP A 388 -5.62 -1.65 -31.68
N ALA A 389 -4.60 -2.19 -32.30
CA ALA A 389 -4.78 -2.97 -33.49
C ALA A 389 -5.59 -4.22 -33.13
N VAL A 390 -5.24 -4.85 -32.05
CA VAL A 390 -5.94 -6.05 -31.60
C VAL A 390 -7.38 -5.74 -31.34
N LEU A 391 -7.65 -4.65 -30.60
CA LEU A 391 -9.04 -4.27 -30.31
C LEU A 391 -9.85 -4.12 -31.58
N ALA A 392 -9.31 -3.38 -32.54
CA ALA A 392 -10.04 -3.14 -33.76
C ALA A 392 -10.24 -4.49 -34.48
N ASN A 393 -9.18 -5.25 -34.61
CA ASN A 393 -9.25 -6.49 -35.35
C ASN A 393 -10.17 -7.49 -34.69
N ARG A 394 -10.17 -7.59 -33.35
CA ARG A 394 -11.05 -8.57 -32.73
C ARG A 394 -12.51 -8.16 -32.88
N ARG A 395 -12.78 -6.86 -32.87
CA ARG A 395 -14.12 -6.40 -33.10
C ARG A 395 -14.66 -6.80 -34.50
N MET A 396 -13.83 -6.60 -35.53
CA MET A 396 -14.18 -6.94 -36.89
C MET A 396 -14.33 -8.44 -37.04
N LEU A 397 -13.39 -9.19 -36.46
CA LEU A 397 -13.50 -10.63 -36.47
C LEU A 397 -14.80 -11.15 -35.84
N ASN A 398 -15.15 -10.64 -34.69
CA ASN A 398 -16.35 -11.10 -33.94
C ASN A 398 -17.66 -10.77 -34.66
N LEU A 399 -17.67 -9.61 -35.27
CA LEU A 399 -18.75 -9.19 -36.15
C LEU A 399 -18.95 -10.13 -37.35
N ALA A 400 -17.88 -10.55 -37.99
CA ALA A 400 -17.96 -11.51 -39.06
C ALA A 400 -18.34 -12.93 -38.57
N ASP A 401 -17.75 -13.35 -37.47
CA ASP A 401 -17.97 -14.70 -36.93
C ASP A 401 -19.42 -14.91 -36.49
N GLU A 402 -20.02 -13.89 -35.88
CA GLU A 402 -21.29 -14.07 -35.23
C GLU A 402 -22.09 -12.83 -35.36
N SER A 403 -23.05 -12.85 -36.25
CA SER A 403 -23.85 -11.63 -36.54
C SER A 403 -24.82 -11.39 -35.38
N PRO A 404 -25.24 -10.13 -35.21
CA PRO A 404 -26.17 -9.88 -34.09
C PRO A 404 -27.44 -10.65 -34.32
N ASP A 405 -27.91 -10.71 -35.57
CA ASP A 405 -29.11 -11.45 -35.89
C ASP A 405 -28.95 -12.91 -35.60
N GLY A 406 -27.78 -13.44 -35.93
CA GLY A 406 -27.52 -14.90 -35.72
C GLY A 406 -27.65 -15.25 -34.25
N PHE A 407 -27.04 -14.43 -33.45
CA PHE A 407 -26.98 -14.64 -32.02
C PHE A 407 -28.36 -14.52 -31.43
N ARG A 408 -29.06 -13.48 -31.86
CA ARG A 408 -30.40 -13.18 -31.36
C ARG A 408 -31.42 -14.26 -31.73
N ALA A 409 -31.41 -14.66 -32.98
CA ALA A 409 -32.27 -15.72 -33.40
C ALA A 409 -32.07 -16.97 -32.57
N TYR A 410 -30.80 -17.32 -32.31
CA TYR A 410 -30.46 -18.58 -31.65
C TYR A 410 -30.96 -18.44 -30.22
N MET A 411 -30.58 -17.36 -29.56
CA MET A 411 -30.97 -17.17 -28.17
C MET A 411 -32.51 -17.15 -28.02
N ALA A 412 -33.22 -16.60 -28.99
CA ALA A 412 -34.68 -16.67 -28.98
C ALA A 412 -35.24 -18.11 -28.90
N GLU A 413 -34.85 -18.98 -29.82
CA GLU A 413 -35.25 -20.37 -29.74
C GLU A 413 -34.70 -21.06 -28.47
N PHE A 414 -33.47 -20.77 -28.11
CA PHE A 414 -32.84 -21.40 -26.93
C PHE A 414 -33.66 -21.15 -25.66
N ALA A 415 -34.16 -19.93 -25.53
CA ALA A 415 -34.91 -19.50 -24.34
C ALA A 415 -36.04 -20.50 -24.05
N LEU A 416 -36.76 -20.91 -25.09
CA LEU A 416 -37.83 -21.89 -24.91
C LEU A 416 -37.40 -23.33 -24.95
N MET A 417 -36.53 -23.67 -25.89
CA MET A 417 -35.98 -25.05 -25.94
C MET A 417 -35.32 -25.47 -24.63
N GLN A 418 -34.54 -24.57 -24.06
CA GLN A 418 -33.83 -24.90 -22.85
C GLN A 418 -34.79 -25.00 -21.63
N ALA A 419 -35.76 -24.11 -21.59
CA ALA A 419 -36.81 -24.12 -20.57
C ALA A 419 -37.48 -25.48 -20.55
N LEU A 420 -37.84 -25.98 -21.72
CA LEU A 420 -38.41 -27.32 -21.82
C LEU A 420 -37.49 -28.45 -21.36
N ARG A 421 -36.20 -28.32 -21.65
CA ARG A 421 -35.23 -29.36 -21.27
C ARG A 421 -35.00 -29.32 -19.78
N LEU A 422 -35.09 -28.13 -19.23
CA LEU A 422 -34.90 -27.94 -17.80
C LEU A 422 -35.94 -28.70 -16.98
N TYR A 423 -37.06 -29.05 -17.60
CA TYR A 423 -38.18 -29.79 -16.98
C TYR A 423 -38.45 -31.12 -17.64
N GLY A 424 -37.52 -31.61 -18.46
CA GLY A 424 -37.71 -32.90 -19.12
C GLY A 424 -37.49 -34.02 -18.11
N HIS A 425 -38.28 -35.08 -18.23
CA HIS A 425 -38.24 -36.18 -17.24
C HIS A 425 -36.87 -36.88 -17.25
N ASP A 426 -36.28 -37.00 -18.44
CA ASP A 426 -34.95 -37.62 -18.62
C ASP A 426 -33.85 -36.86 -17.86
N VAL A 427 -33.92 -35.54 -17.91
CA VAL A 427 -32.95 -34.66 -17.28
C VAL A 427 -33.04 -34.77 -15.78
N ILE A 428 -34.28 -34.66 -15.29
CA ILE A 428 -34.57 -34.70 -13.86
C ILE A 428 -34.08 -36.03 -13.24
N ASP A 429 -34.29 -37.12 -13.98
CA ASP A 429 -33.79 -38.47 -13.58
C ASP A 429 -32.24 -38.54 -13.54
N LYS A 430 -31.54 -38.16 -14.63
CA LYS A 430 -30.04 -38.18 -14.71
C LYS A 430 -29.45 -37.37 -13.55
N VAL A 431 -29.93 -36.14 -13.44
CA VAL A 431 -29.46 -35.18 -12.43
C VAL A 431 -29.61 -35.64 -10.95
N GLY A 432 -30.72 -36.33 -10.68
CA GLY A 432 -31.01 -36.88 -9.35
C GLY A 432 -30.06 -37.99 -8.94
N ARG A 433 -29.45 -38.67 -9.92
CA ARG A 433 -28.47 -39.75 -9.68
C ARG A 433 -27.04 -39.26 -9.42
N PHE A 434 -26.75 -37.97 -9.52
CA PHE A 434 -25.37 -37.53 -9.47
C PHE A 434 -24.86 -37.61 -8.03
N THR B 13 -51.71 -3.12 -65.96
CA THR B 13 -51.55 -2.23 -64.75
C THR B 13 -50.42 -1.10 -65.03
N ASP B 14 -49.19 -1.57 -65.21
CA ASP B 14 -47.94 -0.84 -65.49
C ASP B 14 -47.29 -1.34 -66.80
N GLY B 15 -48.00 -2.19 -67.55
CA GLY B 15 -47.61 -2.51 -68.91
C GLY B 15 -46.89 -3.86 -69.08
N LEU B 16 -46.42 -4.45 -67.98
CA LEU B 16 -45.60 -5.65 -68.00
C LEU B 16 -46.37 -6.92 -68.36
N TRP B 17 -47.57 -7.07 -67.81
CA TRP B 17 -48.37 -8.27 -68.15
C TRP B 17 -48.65 -8.29 -69.65
N ALA B 18 -49.04 -7.15 -70.17
CA ALA B 18 -49.37 -7.06 -71.58
C ALA B 18 -48.15 -7.36 -72.39
N ALA B 19 -47.02 -6.76 -71.99
CA ALA B 19 -45.80 -6.90 -72.81
C ALA B 19 -45.34 -8.40 -72.81
N LEU B 20 -45.49 -9.03 -71.66
CA LEU B 20 -45.25 -10.45 -71.58
C LEU B 20 -46.15 -11.27 -72.44
N THR B 21 -47.46 -11.02 -72.32
CA THR B 21 -48.49 -11.69 -73.17
C THR B 21 -48.09 -11.57 -74.67
N GLU B 22 -47.71 -10.37 -75.06
CA GLU B 22 -47.22 -10.09 -76.43
C GLU B 22 -45.97 -10.92 -76.78
N ALA B 23 -44.95 -10.94 -75.92
CA ALA B 23 -43.71 -11.73 -76.18
C ALA B 23 -43.92 -13.26 -76.18
N ALA B 24 -44.81 -13.74 -75.35
CA ALA B 24 -45.21 -15.15 -75.40
C ALA B 24 -45.90 -15.49 -76.70
N ALA B 25 -46.71 -14.54 -77.23
CA ALA B 25 -47.44 -14.82 -78.49
C ALA B 25 -46.45 -14.89 -79.68
N SER B 26 -45.48 -13.95 -79.76
CA SER B 26 -44.47 -14.04 -80.80
C SER B 26 -43.72 -15.40 -80.70
N VAL B 27 -43.56 -15.92 -79.48
CA VAL B 27 -42.93 -17.23 -79.34
C VAL B 27 -43.77 -18.30 -79.95
N GLU B 28 -45.02 -18.34 -79.55
CA GLU B 28 -45.97 -19.36 -80.11
C GLU B 28 -46.07 -19.28 -81.64
N LYS B 29 -46.02 -18.05 -82.19
CA LYS B 29 -46.21 -17.85 -83.66
C LYS B 29 -45.00 -18.42 -84.35
N LEU B 30 -43.82 -18.14 -83.81
CA LEU B 30 -42.58 -18.74 -84.34
C LEU B 30 -42.53 -20.27 -84.20
N LEU B 31 -42.94 -20.80 -83.07
CA LEU B 31 -42.93 -22.27 -82.88
C LEU B 31 -43.92 -22.95 -83.81
N ALA B 32 -45.09 -22.34 -83.99
CA ALA B 32 -46.11 -22.88 -84.92
C ALA B 32 -45.65 -22.85 -86.41
N THR B 33 -44.89 -21.83 -86.79
CA THR B 33 -44.51 -21.64 -88.18
C THR B 33 -43.16 -22.15 -88.56
N LEU B 34 -42.18 -22.14 -87.65
CA LEU B 34 -40.84 -22.58 -88.06
C LEU B 34 -40.81 -24.13 -88.13
N PRO B 35 -39.80 -24.69 -88.84
CA PRO B 35 -39.57 -26.12 -88.74
C PRO B 35 -39.24 -26.64 -87.34
N GLU B 36 -39.33 -27.94 -87.20
CA GLU B 36 -38.97 -28.65 -85.96
C GLU B 36 -37.49 -28.40 -85.58
N HIS B 37 -37.19 -28.62 -84.30
CA HIS B 37 -35.88 -28.31 -83.70
C HIS B 37 -34.61 -28.58 -84.45
N GLY B 38 -34.39 -29.78 -84.96
CA GLY B 38 -33.16 -30.10 -85.70
C GLY B 38 -33.15 -29.86 -87.18
N ALA B 39 -34.19 -29.21 -87.67
CA ALA B 39 -34.32 -28.83 -89.08
C ALA B 39 -34.23 -27.32 -89.28
N ARG B 40 -34.07 -26.55 -88.20
CA ARG B 40 -34.01 -25.10 -88.32
C ARG B 40 -32.66 -24.62 -88.84
N SER B 41 -32.69 -23.58 -89.65
CA SER B 41 -31.49 -22.86 -90.09
C SER B 41 -30.96 -21.99 -88.99
N SER B 42 -29.81 -21.37 -89.22
CA SER B 42 -29.13 -20.52 -88.21
C SER B 42 -29.96 -19.26 -87.93
N ALA B 43 -30.41 -18.61 -89.00
CA ALA B 43 -31.30 -17.40 -88.96
C ALA B 43 -32.57 -17.70 -88.14
N GLU B 44 -33.17 -18.89 -88.39
CA GLU B 44 -34.33 -19.36 -87.66
C GLU B 44 -34.01 -19.66 -86.20
N ARG B 45 -32.93 -20.39 -85.99
CA ARG B 45 -32.44 -20.66 -84.61
C ARG B 45 -32.23 -19.34 -83.76
N ALA B 46 -31.64 -18.36 -84.39
CA ALA B 46 -31.30 -17.15 -83.75
C ALA B 46 -32.57 -16.32 -83.44
N GLU B 47 -33.57 -16.45 -84.33
CA GLU B 47 -34.84 -15.74 -84.20
C GLU B 47 -35.65 -16.27 -83.00
N ILE B 48 -35.81 -17.57 -82.95
CA ILE B 48 -36.56 -18.20 -81.85
C ILE B 48 -35.78 -18.02 -80.50
N ALA B 49 -34.43 -18.07 -80.54
CA ALA B 49 -33.63 -17.84 -79.33
C ALA B 49 -33.86 -16.41 -78.80
N ALA B 50 -33.91 -15.47 -79.72
CA ALA B 50 -34.17 -14.06 -79.37
C ALA B 50 -35.57 -13.89 -78.82
N ALA B 51 -36.51 -14.67 -79.34
CA ALA B 51 -37.93 -14.54 -78.90
C ALA B 51 -38.14 -15.06 -77.50
N HIS B 52 -37.60 -16.26 -77.27
CA HIS B 52 -37.49 -16.87 -75.92
C HIS B 52 -36.85 -15.93 -74.93
N ASP B 53 -35.76 -15.30 -75.36
CA ASP B 53 -35.03 -14.39 -74.49
C ASP B 53 -35.85 -13.17 -74.08
N ALA B 54 -36.54 -12.57 -75.03
CA ALA B 54 -37.40 -11.41 -74.70
C ALA B 54 -38.53 -11.81 -73.76
N ALA B 55 -39.13 -12.97 -74.01
CA ALA B 55 -40.23 -13.43 -73.17
C ALA B 55 -39.79 -13.76 -71.76
N ARG B 56 -38.69 -14.52 -71.66
CA ARG B 56 -38.12 -14.82 -70.34
C ARG B 56 -37.71 -13.60 -69.55
N ALA B 57 -37.06 -12.67 -70.21
CA ALA B 57 -36.74 -11.37 -69.58
C ALA B 57 -37.97 -10.72 -68.99
N LEU B 58 -39.10 -10.78 -69.72
CA LEU B 58 -40.31 -10.14 -69.24
C LEU B 58 -40.97 -10.93 -68.11
N ARG B 59 -40.91 -12.25 -68.18
CA ARG B 59 -41.30 -13.04 -67.01
C ARG B 59 -40.57 -12.55 -65.74
N VAL B 60 -39.26 -12.32 -65.86
CA VAL B 60 -38.47 -11.85 -64.69
C VAL B 60 -38.92 -10.51 -64.24
N ARG B 61 -39.01 -9.55 -65.16
CA ARG B 61 -39.44 -8.17 -64.80
C ARG B 61 -40.84 -8.14 -64.22
N PHE B 62 -41.72 -8.92 -64.81
CA PHE B 62 -43.12 -8.96 -64.37
C PHE B 62 -43.11 -9.36 -62.92
N LEU B 63 -42.44 -10.47 -62.65
CA LEU B 63 -42.42 -11.05 -61.29
C LEU B 63 -41.58 -10.27 -60.27
N ASP B 64 -40.57 -9.53 -60.72
CA ASP B 64 -39.84 -8.64 -59.79
C ASP B 64 -40.80 -7.72 -59.04
N THR B 65 -41.86 -7.24 -59.72
CA THR B 65 -42.82 -6.32 -59.07
C THR B 65 -44.11 -7.03 -58.61
N HIS B 66 -44.52 -8.10 -59.28
CA HIS B 66 -45.82 -8.70 -59.03
C HIS B 66 -45.87 -10.08 -58.35
N ALA B 67 -44.73 -10.64 -57.95
CA ALA B 67 -44.65 -12.03 -57.48
C ALA B 67 -45.55 -12.31 -56.29
N ASP B 68 -45.53 -11.42 -55.32
CA ASP B 68 -46.43 -11.52 -54.14
C ASP B 68 -47.90 -11.51 -54.50
N ALA B 69 -48.29 -10.61 -55.39
CA ALA B 69 -49.72 -10.53 -55.80
C ALA B 69 -50.08 -11.80 -56.54
N VAL B 70 -49.19 -12.26 -57.41
CA VAL B 70 -49.44 -13.51 -58.10
C VAL B 70 -49.61 -14.67 -57.11
N TYR B 71 -48.72 -14.76 -56.13
CA TYR B 71 -48.70 -15.89 -55.21
C TYR B 71 -49.93 -15.83 -54.31
N ASP B 72 -50.25 -14.64 -53.85
CA ASP B 72 -51.52 -14.41 -53.17
C ASP B 72 -52.76 -14.85 -53.95
N ARG B 73 -52.82 -14.56 -55.24
CA ARG B 73 -53.95 -15.09 -56.00
C ARG B 73 -53.99 -16.60 -55.86
N LEU B 74 -52.88 -17.28 -56.07
CA LEU B 74 -52.91 -18.79 -56.17
C LEU B 74 -53.19 -19.54 -54.87
N THR B 75 -52.81 -18.90 -53.75
CA THR B 75 -52.86 -19.48 -52.41
C THR B 75 -53.84 -18.76 -51.44
N ASP B 76 -54.66 -17.86 -51.98
CA ASP B 76 -55.70 -17.19 -51.24
C ASP B 76 -55.07 -16.39 -50.10
N HIS B 77 -54.20 -15.47 -50.49
CA HIS B 77 -53.38 -14.70 -49.55
C HIS B 77 -52.73 -15.62 -48.49
N ARG B 78 -52.03 -16.66 -48.95
CA ARG B 78 -51.16 -17.48 -48.08
C ARG B 78 -51.93 -18.22 -47.00
N ARG B 79 -53.12 -18.65 -47.36
CA ARG B 79 -53.98 -19.45 -46.45
C ARG B 79 -54.20 -20.86 -46.91
N VAL B 80 -53.78 -21.15 -48.12
CA VAL B 80 -53.75 -22.50 -48.62
C VAL B 80 -52.29 -22.84 -48.97
N HIS B 81 -51.78 -23.92 -48.39
CA HIS B 81 -50.47 -24.44 -48.72
C HIS B 81 -50.56 -25.22 -49.99
N LEU B 82 -49.86 -24.78 -51.03
CA LEU B 82 -49.70 -25.60 -52.24
C LEU B 82 -48.24 -26.05 -52.43
N ARG B 83 -48.05 -27.33 -52.68
CA ARG B 83 -46.78 -27.92 -53.11
C ARG B 83 -46.40 -27.44 -54.49
N LEU B 84 -45.16 -27.71 -54.87
CA LEU B 84 -44.56 -27.14 -56.08
C LEU B 84 -45.36 -27.47 -57.34
N ALA B 85 -45.76 -28.74 -57.48
CA ALA B 85 -46.38 -29.24 -58.72
C ALA B 85 -47.75 -28.54 -58.91
N GLU B 86 -48.52 -28.47 -57.81
CA GLU B 86 -49.82 -27.80 -57.78
C GLU B 86 -49.65 -26.31 -58.02
N LEU B 87 -48.68 -25.72 -57.36
CA LEU B 87 -48.44 -24.29 -57.52
C LEU B 87 -48.15 -23.91 -58.96
N VAL B 88 -47.29 -24.65 -59.64
CA VAL B 88 -46.91 -24.25 -60.99
C VAL B 88 -48.02 -24.54 -62.05
N GLU B 89 -48.76 -25.62 -61.83
CA GLU B 89 -49.97 -25.90 -62.58
C GLU B 89 -51.01 -24.79 -62.43
N ALA B 90 -51.33 -24.43 -61.21
CA ALA B 90 -52.34 -23.38 -60.96
C ALA B 90 -51.86 -22.04 -61.49
N ALA B 91 -50.56 -21.77 -61.44
CA ALA B 91 -50.01 -20.51 -62.01
C ALA B 91 -50.18 -20.48 -63.50
N ALA B 92 -50.05 -21.62 -64.15
CA ALA B 92 -50.15 -21.69 -65.60
C ALA B 92 -51.58 -21.34 -66.08
N THR B 93 -52.58 -21.82 -65.38
CA THR B 93 -53.93 -21.57 -65.76
C THR B 93 -54.39 -20.19 -65.40
N ALA B 94 -53.95 -19.69 -64.25
CA ALA B 94 -54.34 -18.34 -63.82
C ALA B 94 -53.55 -17.25 -64.47
N PHE B 95 -52.37 -17.60 -64.97
CA PHE B 95 -51.51 -16.62 -65.64
C PHE B 95 -50.97 -17.20 -66.94
N PRO B 96 -51.85 -17.39 -67.95
CA PRO B 96 -51.35 -17.96 -69.20
C PRO B 96 -50.12 -17.20 -69.77
N GLY B 97 -49.15 -17.99 -70.22
CA GLY B 97 -47.85 -17.47 -70.69
C GLY B 97 -46.73 -17.24 -69.64
N LEU B 98 -47.08 -17.24 -68.35
CA LEU B 98 -46.09 -17.00 -67.29
C LEU B 98 -45.23 -18.23 -67.10
N VAL B 99 -45.90 -19.37 -67.03
CA VAL B 99 -45.29 -20.67 -66.89
C VAL B 99 -46.07 -21.64 -67.78
N PRO B 100 -45.44 -22.73 -68.25
CA PRO B 100 -46.16 -23.63 -69.12
C PRO B 100 -47.32 -24.45 -68.51
N THR B 101 -48.29 -24.69 -69.36
CA THR B 101 -49.44 -25.57 -69.14
C THR B 101 -48.99 -27.01 -69.09
N GLN B 102 -49.84 -27.85 -68.50
CA GLN B 102 -49.61 -29.29 -68.45
C GLN B 102 -49.39 -29.89 -69.87
N GLN B 103 -50.20 -29.42 -70.83
CA GLN B 103 -50.15 -29.79 -72.27
C GLN B 103 -48.79 -29.46 -72.86
N GLN B 104 -48.36 -28.21 -72.71
CA GLN B 104 -47.04 -27.75 -73.23
C GLN B 104 -45.88 -28.58 -72.65
N LEU B 105 -45.97 -28.91 -71.36
CA LEU B 105 -45.00 -29.78 -70.71
C LEU B 105 -44.97 -31.19 -71.25
N ALA B 106 -46.15 -31.73 -71.55
CA ALA B 106 -46.25 -33.12 -72.09
C ALA B 106 -45.57 -33.20 -73.42
N VAL B 107 -45.68 -32.13 -74.23
CA VAL B 107 -44.97 -32.08 -75.55
C VAL B 107 -43.47 -32.09 -75.30
N GLU B 108 -43.05 -31.26 -74.37
CA GLU B 108 -41.64 -31.18 -73.95
C GLU B 108 -41.15 -32.52 -73.42
N ARG B 109 -41.91 -33.14 -72.52
CA ARG B 109 -41.50 -34.45 -71.94
C ARG B 109 -41.34 -35.55 -72.95
N SER B 110 -42.10 -35.47 -74.04
CA SER B 110 -42.04 -36.46 -75.12
C SER B 110 -40.80 -36.30 -76.01
N LEU B 111 -40.11 -35.18 -75.90
CA LEU B 111 -38.87 -34.93 -76.64
C LEU B 111 -37.63 -35.28 -75.82
N PRO B 112 -36.51 -35.58 -76.50
CA PRO B 112 -35.23 -35.69 -75.77
C PRO B 112 -34.72 -34.29 -75.44
N GLN B 113 -33.93 -34.14 -74.35
CA GLN B 113 -33.47 -32.83 -73.86
C GLN B 113 -32.98 -31.95 -74.97
N ALA B 114 -32.17 -32.52 -75.85
CA ALA B 114 -31.55 -31.75 -76.96
C ALA B 114 -32.57 -30.98 -77.86
N ALA B 115 -33.77 -31.54 -78.00
CA ALA B 115 -34.81 -30.97 -78.90
C ALA B 115 -35.79 -30.01 -78.19
N LYS B 116 -35.75 -29.97 -76.86
CA LYS B 116 -36.71 -29.17 -76.09
C LYS B 116 -36.50 -27.66 -76.30
N GLU B 117 -37.59 -26.90 -76.21
CA GLU B 117 -37.55 -25.44 -76.22
C GLU B 117 -37.12 -24.79 -74.87
N GLY B 118 -37.23 -25.54 -73.79
CA GLY B 118 -36.76 -25.08 -72.48
C GLY B 118 -37.86 -24.36 -71.72
N HIS B 119 -39.09 -24.81 -71.86
CA HIS B 119 -40.19 -24.21 -71.13
C HIS B 119 -40.03 -24.27 -69.60
N GLU B 120 -39.36 -25.31 -69.10
CA GLU B 120 -39.11 -25.44 -67.64
C GLU B 120 -38.34 -24.26 -67.07
N ILE B 121 -37.54 -23.65 -67.91
CA ILE B 121 -36.85 -22.43 -67.51
C ILE B 121 -37.83 -21.40 -66.94
N ASP B 122 -38.98 -21.29 -67.57
CA ASP B 122 -40.01 -20.33 -67.13
C ASP B 122 -40.47 -20.68 -65.71
N GLN B 123 -40.56 -21.97 -65.42
CA GLN B 123 -40.86 -22.42 -64.05
C GLN B 123 -39.75 -22.05 -63.05
N GLY B 124 -38.50 -22.11 -63.51
CA GLY B 124 -37.36 -21.65 -62.75
C GLY B 124 -37.48 -20.16 -62.45
N ILE B 125 -37.86 -19.38 -63.45
CA ILE B 125 -38.04 -17.95 -63.22
C ILE B 125 -39.10 -17.68 -62.13
N PHE B 126 -40.19 -18.44 -62.24
CA PHE B 126 -41.35 -18.32 -61.34
C PHE B 126 -40.92 -18.65 -59.93
N LEU B 127 -40.38 -19.85 -59.75
CA LEU B 127 -39.95 -20.32 -58.40
C LEU B 127 -38.88 -19.46 -57.78
N ARG B 128 -37.92 -19.00 -58.58
CA ARG B 128 -36.96 -18.00 -58.08
C ARG B 128 -37.70 -16.85 -57.47
N ALA B 129 -38.61 -16.25 -58.24
CA ALA B 129 -39.34 -15.03 -57.74
C ALA B 129 -40.17 -15.31 -56.46
N VAL B 130 -40.88 -16.42 -56.43
CA VAL B 130 -41.62 -16.82 -55.26
C VAL B 130 -40.71 -16.99 -54.05
N LEU B 131 -39.63 -17.76 -54.19
CA LEU B 131 -38.71 -18.05 -53.08
C LEU B 131 -37.96 -16.81 -52.62
N ARG B 132 -37.71 -15.85 -53.51
CA ARG B 132 -37.09 -14.56 -53.11
C ARG B 132 -37.95 -13.71 -52.22
N SER B 133 -39.27 -13.92 -52.25
CA SER B 133 -40.19 -13.12 -51.43
C SER B 133 -40.18 -13.54 -49.96
N PRO B 134 -40.01 -12.57 -49.06
CA PRO B 134 -39.99 -12.91 -47.62
C PRO B 134 -41.31 -13.39 -47.09
N LEU B 135 -42.36 -13.19 -47.87
CA LEU B 135 -43.69 -13.63 -47.50
C LEU B 135 -44.04 -14.96 -48.17
N ALA B 136 -43.90 -14.99 -49.49
CA ALA B 136 -44.30 -16.17 -50.28
C ALA B 136 -43.31 -17.31 -50.04
N GLY B 137 -42.03 -16.94 -49.99
CA GLY B 137 -40.94 -17.90 -49.84
C GLY B 137 -41.13 -18.86 -48.67
N PRO B 138 -41.16 -18.36 -47.45
CA PRO B 138 -41.32 -19.22 -46.29
C PRO B 138 -42.57 -20.03 -46.33
N HIS B 139 -43.62 -19.45 -46.91
CA HIS B 139 -44.92 -20.13 -47.01
C HIS B 139 -44.88 -21.33 -47.94
N LEU B 140 -44.30 -21.17 -49.11
CA LEU B 140 -44.00 -22.34 -49.99
C LEU B 140 -43.11 -23.40 -49.37
N LEU B 141 -42.09 -22.97 -48.66
CA LEU B 141 -41.19 -23.94 -47.98
C LEU B 141 -41.93 -24.73 -46.91
N ASP B 142 -42.78 -24.05 -46.16
CA ASP B 142 -43.68 -24.73 -45.24
C ASP B 142 -44.62 -25.73 -45.93
N ALA B 143 -45.19 -25.36 -47.09
CA ALA B 143 -46.04 -26.29 -47.85
C ALA B 143 -45.32 -27.56 -48.17
N MET B 144 -44.07 -27.43 -48.60
CA MET B 144 -43.26 -28.60 -48.97
C MET B 144 -42.81 -29.41 -47.78
N LEU B 145 -42.85 -28.85 -46.58
CA LEU B 145 -42.56 -29.66 -45.33
C LEU B 145 -43.74 -30.43 -44.78
N ARG B 146 -44.93 -30.17 -45.31
CA ARG B 146 -46.11 -30.93 -44.89
C ARG B 146 -46.04 -32.33 -45.40
N PRO B 147 -46.71 -33.27 -44.71
CA PRO B 147 -46.70 -34.66 -45.18
C PRO B 147 -47.41 -34.80 -46.51
N THR B 148 -46.87 -35.66 -47.35
CA THR B 148 -47.44 -35.94 -48.64
C THR B 148 -48.71 -36.78 -48.45
N PRO B 149 -49.73 -36.61 -49.33
CA PRO B 149 -50.96 -37.44 -49.25
C PRO B 149 -50.67 -38.93 -49.32
N ARG B 150 -49.75 -39.30 -50.21
CA ARG B 150 -49.36 -40.69 -50.29
C ARG B 150 -48.88 -41.30 -48.95
N ALA B 151 -48.16 -40.51 -48.17
CA ALA B 151 -47.69 -40.97 -46.86
C ALA B 151 -48.82 -41.05 -45.84
N LEU B 152 -49.71 -40.06 -45.83
CA LEU B 152 -50.89 -40.08 -44.92
C LEU B 152 -51.78 -41.31 -45.16
N GLU B 153 -51.89 -41.67 -46.44
CA GLU B 153 -52.68 -42.81 -46.86
C GLU B 153 -52.01 -44.13 -46.42
N LEU B 154 -50.69 -44.24 -46.54
CA LEU B 154 -49.98 -45.47 -46.14
C LEU B 154 -49.67 -45.60 -44.65
N LEU B 155 -49.81 -44.52 -43.92
CA LEU B 155 -49.42 -44.51 -42.54
C LEU B 155 -50.05 -45.58 -41.63
N PRO B 156 -51.40 -45.79 -41.66
CA PRO B 156 -51.97 -46.85 -40.80
C PRO B 156 -51.47 -48.24 -41.10
N GLU B 157 -51.38 -48.62 -42.38
CA GLU B 157 -50.80 -49.94 -42.72
C GLU B 157 -49.35 -50.04 -42.20
N PHE B 158 -48.61 -48.93 -42.29
CA PHE B 158 -47.21 -48.92 -41.90
C PHE B 158 -47.06 -49.06 -40.39
N VAL B 159 -47.87 -48.32 -39.65
CA VAL B 159 -47.96 -48.48 -38.21
C VAL B 159 -48.33 -49.93 -37.80
N ARG B 160 -49.26 -50.56 -38.52
CA ARG B 160 -49.69 -51.91 -38.21
C ARG B 160 -48.62 -52.92 -38.58
N THR B 161 -48.06 -52.83 -39.79
CA THR B 161 -47.17 -53.93 -40.34
C THR B 161 -45.68 -53.69 -40.03
N GLY B 162 -45.26 -52.43 -39.88
CA GLY B 162 -43.84 -52.08 -39.82
C GLY B 162 -43.08 -52.21 -41.14
N GLU B 163 -43.80 -52.17 -42.26
CA GLU B 163 -43.20 -52.53 -43.55
C GLU B 163 -43.96 -51.95 -44.76
N VAL B 164 -43.21 -51.41 -45.72
CA VAL B 164 -43.74 -50.91 -47.00
C VAL B 164 -42.70 -51.16 -48.06
N GLU B 165 -43.11 -51.79 -49.15
CA GLU B 165 -42.25 -52.00 -50.28
C GLU B 165 -42.66 -50.98 -51.33
N MET B 166 -41.71 -50.18 -51.80
CA MET B 166 -41.97 -49.24 -52.90
C MET B 166 -41.01 -49.52 -54.03
N GLU B 167 -41.23 -48.88 -55.16
CA GLU B 167 -40.45 -49.21 -56.33
C GLU B 167 -38.94 -49.06 -56.06
N ALA B 168 -38.54 -47.96 -55.41
CA ALA B 168 -37.11 -47.59 -55.28
C ALA B 168 -36.59 -47.59 -53.86
N VAL B 169 -37.49 -47.79 -52.91
CA VAL B 169 -37.14 -47.76 -51.51
C VAL B 169 -37.95 -48.87 -50.78
N HIS B 170 -37.26 -49.65 -49.93
CA HIS B 170 -37.88 -50.55 -48.99
C HIS B 170 -37.76 -49.95 -47.60
N LEU B 171 -38.88 -49.83 -46.90
CA LEU B 171 -38.94 -49.21 -45.60
C LEU B 171 -39.42 -50.20 -44.55
N GLU B 172 -38.70 -50.29 -43.42
CA GLU B 172 -38.98 -51.28 -42.36
C GLU B 172 -38.74 -50.67 -40.99
N ARG B 173 -39.76 -50.70 -40.12
CA ARG B 173 -39.57 -50.30 -38.74
C ARG B 173 -39.03 -51.49 -37.96
N ARG B 174 -37.96 -51.29 -37.22
CA ARG B 174 -37.36 -52.36 -36.43
C ARG B 174 -36.53 -51.80 -35.30
N ASP B 175 -36.77 -52.30 -34.08
CA ASP B 175 -36.13 -51.83 -32.81
C ASP B 175 -36.18 -50.25 -32.72
N GLY B 176 -37.29 -49.62 -33.14
CA GLY B 176 -37.41 -48.15 -33.09
C GLY B 176 -36.71 -47.34 -34.20
N VAL B 177 -36.28 -48.03 -35.24
CA VAL B 177 -35.52 -47.46 -36.30
C VAL B 177 -36.29 -47.60 -37.58
N ALA B 178 -36.39 -46.51 -38.33
CA ALA B 178 -36.91 -46.57 -39.66
C ALA B 178 -35.74 -46.86 -40.58
N ARG B 179 -35.70 -48.09 -41.11
CA ARG B 179 -34.66 -48.52 -42.03
C ARG B 179 -35.09 -48.31 -43.46
N LEU B 180 -34.55 -47.25 -44.07
CA LEU B 180 -34.77 -47.00 -45.47
C LEU B 180 -33.67 -47.68 -46.24
N THR B 181 -34.03 -48.61 -47.12
CA THR B 181 -33.07 -49.22 -47.99
C THR B 181 -33.36 -48.81 -49.39
N MET B 182 -32.39 -48.21 -50.04
CA MET B 182 -32.55 -47.82 -51.46
C MET B 182 -32.23 -49.03 -52.31
N CYS B 183 -33.20 -49.50 -53.10
CA CYS B 183 -33.14 -50.88 -53.65
C CYS B 183 -33.37 -50.92 -55.16
N ARG B 184 -32.80 -49.99 -55.91
CA ARG B 184 -32.77 -50.08 -57.38
C ARG B 184 -31.50 -50.85 -57.83
N ASP B 185 -31.61 -52.16 -57.66
CA ASP B 185 -30.52 -53.13 -57.77
C ASP B 185 -29.88 -53.27 -59.17
N ASP B 186 -30.60 -52.87 -60.22
CA ASP B 186 -30.11 -52.94 -61.60
C ASP B 186 -29.25 -51.71 -62.05
N ARG B 187 -29.25 -50.63 -61.27
CA ARG B 187 -28.73 -49.33 -61.61
C ARG B 187 -27.93 -48.51 -60.67
N LEU B 188 -27.46 -49.15 -59.64
CA LEU B 188 -26.68 -48.48 -58.60
C LEU B 188 -27.44 -47.32 -57.92
N ASN B 189 -28.73 -47.54 -57.70
CA ASN B 189 -29.61 -46.55 -57.05
C ASN B 189 -29.66 -45.18 -57.73
N ALA B 190 -29.43 -45.21 -59.03
CA ALA B 190 -29.55 -44.03 -59.86
C ALA B 190 -30.94 -43.41 -59.67
N GLU B 191 -30.95 -42.09 -59.50
CA GLU B 191 -32.12 -41.37 -59.06
C GLU B 191 -32.99 -40.85 -60.23
N ASP B 192 -34.30 -40.86 -60.00
CA ASP B 192 -35.33 -40.33 -60.91
C ASP B 192 -36.52 -39.82 -60.12
N GLY B 193 -37.57 -39.38 -60.81
CA GLY B 193 -38.74 -38.77 -60.16
C GLY B 193 -39.51 -39.71 -59.21
N GLN B 194 -39.52 -41.00 -59.54
CA GLN B 194 -40.19 -41.99 -58.75
C GLN B 194 -39.41 -42.23 -57.46
N GLN B 195 -38.07 -42.27 -57.55
CA GLN B 195 -37.23 -42.43 -56.36
C GLN B 195 -37.48 -41.30 -55.39
N VAL B 196 -37.62 -40.11 -55.92
CA VAL B 196 -37.88 -38.96 -55.03
C VAL B 196 -39.20 -39.10 -54.31
N ASP B 197 -40.21 -39.49 -55.04
CA ASP B 197 -41.53 -39.68 -54.47
C ASP B 197 -41.49 -40.73 -53.39
N ASP B 198 -40.80 -41.82 -53.68
CA ASP B 198 -40.66 -42.90 -52.69
C ASP B 198 -39.89 -42.45 -51.48
N MET B 199 -38.81 -41.71 -51.71
CA MET B 199 -37.95 -41.23 -50.63
C MET B 199 -38.73 -40.31 -49.74
N GLU B 200 -39.44 -39.38 -50.32
CA GLU B 200 -40.24 -38.42 -49.51
C GLU B 200 -41.35 -39.16 -48.73
N THR B 201 -41.94 -40.15 -49.37
CA THR B 201 -43.01 -40.91 -48.78
C THR B 201 -42.47 -41.68 -47.58
N ALA B 202 -41.35 -42.35 -47.78
CA ALA B 202 -40.69 -43.08 -46.67
C ALA B 202 -40.23 -42.14 -45.54
N VAL B 203 -39.62 -41.00 -45.90
CA VAL B 203 -39.22 -40.08 -44.88
C VAL B 203 -40.39 -39.58 -44.07
N ASP B 204 -41.45 -39.15 -44.75
CA ASP B 204 -42.72 -38.84 -44.08
C ASP B 204 -43.21 -39.95 -43.11
N LEU B 205 -43.22 -41.20 -43.58
CA LEU B 205 -43.71 -42.28 -42.70
C LEU B 205 -42.86 -42.39 -41.47
N ALA B 206 -41.53 -42.40 -41.65
CA ALA B 206 -40.61 -42.49 -40.53
C ALA B 206 -40.85 -41.39 -39.49
N LEU B 207 -41.08 -40.18 -39.97
CA LEU B 207 -41.31 -39.08 -39.06
C LEU B 207 -42.64 -39.11 -38.34
N LEU B 208 -43.69 -39.49 -39.05
CA LEU B 208 -45.06 -39.56 -38.46
C LEU B 208 -45.30 -40.78 -37.55
N ASP B 209 -44.58 -41.85 -37.81
CA ASP B 209 -44.75 -43.05 -37.03
C ASP B 209 -44.19 -42.89 -35.61
N PRO B 210 -45.03 -42.99 -34.58
CA PRO B 210 -44.53 -42.78 -33.20
C PRO B 210 -43.66 -43.90 -32.67
N GLY B 211 -43.68 -45.08 -33.30
CA GLY B 211 -42.76 -46.14 -32.91
C GLY B 211 -41.35 -46.05 -33.53
N VAL B 212 -41.10 -44.98 -34.31
CA VAL B 212 -39.79 -44.70 -34.90
C VAL B 212 -39.15 -43.58 -34.11
N ARG B 213 -37.92 -43.84 -33.67
CA ARG B 213 -37.14 -42.85 -32.92
C ARG B 213 -35.99 -42.28 -33.74
N VAL B 214 -35.45 -43.10 -34.64
CA VAL B 214 -34.30 -42.78 -35.43
C VAL B 214 -34.44 -43.33 -36.81
N GLY B 215 -33.84 -42.64 -37.78
CA GLY B 215 -33.81 -43.12 -39.15
C GLY B 215 -32.47 -43.67 -39.57
N LEU B 216 -32.50 -44.54 -40.56
CA LEU B 216 -31.31 -45.10 -41.16
C LEU B 216 -31.50 -45.12 -42.66
N LEU B 217 -30.54 -44.57 -43.40
CA LEU B 217 -30.55 -44.65 -44.87
C LEU B 217 -29.38 -45.45 -45.32
N ARG B 218 -29.63 -46.45 -46.13
CA ARG B 218 -28.60 -47.36 -46.61
C ARG B 218 -28.94 -47.95 -47.97
N GLY B 219 -27.90 -48.17 -48.77
CA GLY B 219 -28.06 -48.75 -50.08
C GLY B 219 -28.21 -50.26 -49.97
N GLY B 220 -29.08 -50.83 -50.81
CA GLY B 220 -29.36 -52.28 -50.75
C GLY B 220 -28.42 -53.07 -51.62
N VAL B 221 -28.52 -54.39 -51.50
CA VAL B 221 -27.70 -55.30 -52.32
C VAL B 221 -28.01 -55.15 -53.82
N MET B 222 -26.97 -55.01 -54.63
CA MET B 222 -27.12 -54.80 -56.06
C MET B 222 -27.18 -56.14 -56.80
N SER B 223 -27.74 -56.10 -58.01
CA SER B 223 -27.89 -57.28 -58.85
C SER B 223 -27.20 -57.18 -60.22
N HIS B 224 -26.97 -55.97 -60.72
CA HIS B 224 -26.14 -55.78 -61.91
C HIS B 224 -24.82 -56.59 -61.79
N PRO B 225 -24.39 -57.26 -62.89
CA PRO B 225 -23.19 -58.15 -62.86
C PRO B 225 -21.87 -57.58 -62.30
N ARG B 226 -21.58 -56.31 -62.60
CA ARG B 226 -20.36 -55.63 -62.04
C ARG B 226 -20.39 -55.39 -60.50
N TYR B 227 -21.58 -55.49 -59.90
CA TYR B 227 -21.77 -55.26 -58.45
C TYR B 227 -22.53 -56.38 -57.73
N ARG B 228 -22.71 -57.54 -58.39
CA ARG B 228 -23.60 -58.58 -57.83
C ARG B 228 -23.22 -58.97 -56.39
N GLY B 229 -24.21 -58.92 -55.49
CA GLY B 229 -24.02 -59.25 -54.05
C GLY B 229 -23.44 -58.13 -53.16
N LYS B 230 -23.08 -56.99 -53.78
CA LYS B 230 -22.45 -55.85 -53.06
C LYS B 230 -23.44 -54.71 -52.87
N ARG B 231 -23.45 -54.11 -51.67
CA ARG B 231 -24.30 -52.95 -51.45
C ARG B 231 -23.71 -51.73 -52.11
N VAL B 232 -24.58 -50.87 -52.63
CA VAL B 232 -24.18 -49.57 -53.18
C VAL B 232 -25.14 -48.49 -52.71
N PHE B 233 -24.58 -47.39 -52.21
CA PHE B 233 -25.38 -46.27 -51.72
C PHE B 233 -26.07 -45.49 -52.87
N SER B 234 -25.30 -44.77 -53.71
CA SER B 234 -25.88 -44.02 -54.83
C SER B 234 -24.87 -43.69 -55.89
N ALA B 235 -25.30 -43.83 -57.15
CA ALA B 235 -24.58 -43.36 -58.32
C ALA B 235 -25.15 -42.05 -58.85
N GLY B 236 -26.00 -41.42 -58.06
CA GLY B 236 -26.51 -40.10 -58.42
C GLY B 236 -27.56 -40.13 -59.51
N ILE B 237 -27.77 -38.99 -60.15
CA ILE B 237 -28.91 -38.81 -61.03
C ILE B 237 -28.86 -39.75 -62.22
N ASN B 238 -30.04 -40.26 -62.63
CA ASN B 238 -30.17 -41.10 -63.84
C ASN B 238 -29.83 -40.27 -65.08
N LEU B 239 -28.60 -40.40 -65.57
CA LEU B 239 -28.13 -39.67 -66.72
C LEU B 239 -28.85 -40.06 -68.04
N LYS B 240 -29.23 -41.33 -68.18
CA LYS B 240 -29.93 -41.83 -69.36
C LYS B 240 -31.27 -41.10 -69.45
N TYR B 241 -32.00 -41.12 -68.34
CA TYR B 241 -33.29 -40.40 -68.27
C TYR B 241 -33.13 -38.90 -68.52
N LEU B 242 -32.12 -38.30 -67.93
CA LEU B 242 -31.83 -36.90 -68.13
C LEU B 242 -31.70 -36.58 -69.65
N SER B 243 -30.97 -37.42 -70.38
CA SER B 243 -30.73 -37.28 -71.85
C SER B 243 -32.01 -37.41 -72.69
N GLN B 244 -32.80 -38.40 -72.31
CA GLN B 244 -34.10 -38.74 -72.87
C GLN B 244 -35.23 -37.76 -72.51
N GLY B 245 -34.96 -36.81 -71.62
CA GLY B 245 -35.92 -35.75 -71.32
C GLY B 245 -36.79 -35.99 -70.12
N GLY B 246 -36.47 -37.06 -69.36
CA GLY B 246 -37.33 -37.49 -68.22
C GLY B 246 -36.97 -37.00 -66.82
N ILE B 247 -36.02 -36.06 -66.68
CA ILE B 247 -35.72 -35.46 -65.36
C ILE B 247 -36.39 -34.11 -65.27
N SER B 248 -37.33 -34.02 -64.35
CA SER B 248 -38.14 -32.85 -64.17
C SER B 248 -37.46 -31.85 -63.24
N LEU B 249 -37.37 -30.60 -63.72
CA LEU B 249 -36.90 -29.52 -62.90
C LEU B 249 -37.67 -29.47 -61.60
N VAL B 250 -38.97 -29.43 -61.73
CA VAL B 250 -39.83 -29.23 -60.54
C VAL B 250 -40.00 -30.52 -59.73
N ASP B 251 -40.33 -31.61 -60.42
CA ASP B 251 -40.77 -32.84 -59.73
C ASP B 251 -39.62 -33.72 -59.27
N PHE B 252 -38.42 -33.43 -59.76
CA PHE B 252 -37.20 -34.08 -59.32
C PHE B 252 -36.20 -33.11 -58.60
N LEU B 253 -35.70 -32.11 -59.30
CA LEU B 253 -34.62 -31.30 -58.80
C LEU B 253 -35.01 -30.38 -57.68
N MET B 254 -36.13 -29.69 -57.79
CA MET B 254 -36.61 -28.85 -56.67
C MET B 254 -37.33 -29.68 -55.60
N ARG B 255 -38.08 -30.68 -56.02
CA ARG B 255 -38.88 -31.44 -55.10
C ARG B 255 -38.02 -32.08 -54.03
N ARG B 256 -36.93 -32.72 -54.45
CA ARG B 256 -36.06 -33.41 -53.49
C ARG B 256 -35.40 -32.43 -52.53
N GLU B 257 -35.00 -31.24 -53.01
CA GLU B 257 -34.36 -30.28 -52.13
C GLU B 257 -35.29 -29.70 -51.11
N LEU B 258 -36.51 -29.38 -51.54
CA LEU B 258 -37.49 -28.70 -50.65
C LEU B 258 -38.34 -29.65 -49.87
N GLY B 259 -38.34 -30.92 -50.29
CA GLY B 259 -39.15 -31.97 -49.66
C GLY B 259 -38.38 -32.87 -48.72
N TYR B 260 -38.02 -34.06 -49.19
CA TYR B 260 -37.47 -35.03 -48.25
C TYR B 260 -36.17 -34.55 -47.62
N ILE B 261 -35.34 -33.91 -48.40
CA ILE B 261 -34.02 -33.54 -47.93
C ILE B 261 -34.16 -32.47 -46.86
N HIS B 262 -35.07 -31.56 -47.09
CA HIS B 262 -35.34 -30.50 -46.13
C HIS B 262 -36.05 -31.05 -44.92
N LYS B 263 -36.82 -32.11 -45.12
CA LYS B 263 -37.47 -32.77 -44.00
C LYS B 263 -36.51 -33.53 -43.12
N LEU B 264 -35.45 -34.10 -43.72
CA LEU B 264 -34.36 -34.70 -42.91
C LEU B 264 -33.78 -33.66 -41.94
N VAL B 265 -33.69 -32.42 -42.40
CA VAL B 265 -33.18 -31.38 -41.60
C VAL B 265 -34.21 -30.88 -40.60
N ARG B 266 -35.31 -30.38 -41.12
CA ARG B 266 -36.31 -29.66 -40.28
C ARG B 266 -37.53 -30.44 -39.77
N GLY B 267 -37.72 -31.66 -40.22
CA GLY B 267 -38.88 -32.42 -39.91
C GLY B 267 -40.11 -32.11 -40.75
N VAL B 268 -41.22 -32.78 -40.44
CA VAL B 268 -42.50 -32.56 -41.12
C VAL B 268 -43.36 -31.59 -40.36
N LEU B 269 -43.84 -30.59 -41.09
CA LEU B 269 -44.82 -29.65 -40.55
C LEU B 269 -46.20 -30.33 -40.42
N THR B 270 -46.72 -30.42 -39.20
CA THR B 270 -48.03 -31.04 -38.96
C THR B 270 -49.06 -29.98 -38.72
N ASN B 271 -50.32 -30.39 -38.70
CA ASN B 271 -51.39 -29.51 -38.22
C ASN B 271 -51.37 -29.50 -36.70
N ASP B 272 -51.90 -28.42 -36.14
CA ASP B 272 -52.08 -28.27 -34.70
C ASP B 272 -52.97 -29.36 -34.05
N ASP B 273 -52.48 -30.59 -33.95
CA ASP B 273 -53.34 -31.74 -33.61
C ASP B 273 -52.76 -32.60 -32.47
N ARG B 274 -51.91 -32.01 -31.63
CA ARG B 274 -51.22 -32.76 -30.59
C ARG B 274 -50.68 -31.81 -29.52
N PRO B 275 -50.43 -32.32 -28.28
CA PRO B 275 -49.79 -31.46 -27.28
C PRO B 275 -48.39 -31.03 -27.73
N GLY B 276 -47.95 -29.86 -27.28
CA GLY B 276 -46.58 -29.43 -27.59
C GLY B 276 -46.38 -28.82 -28.99
N TRP B 277 -47.43 -28.79 -29.81
CA TRP B 277 -47.35 -28.23 -31.15
C TRP B 277 -46.88 -26.79 -31.12
N TRP B 278 -47.29 -26.08 -30.10
CA TRP B 278 -46.90 -24.66 -29.92
C TRP B 278 -45.39 -24.42 -29.76
N HIS B 279 -44.66 -25.42 -29.27
CA HIS B 279 -43.18 -25.37 -29.23
C HIS B 279 -42.53 -26.17 -30.35
N SER B 280 -43.25 -27.13 -30.95
CA SER B 280 -42.70 -28.04 -31.94
C SER B 280 -43.70 -28.37 -33.01
N PRO B 281 -43.88 -27.42 -33.92
CA PRO B 281 -44.84 -27.59 -34.99
C PRO B 281 -44.39 -28.66 -35.94
N ARG B 282 -43.09 -28.97 -35.88
CA ARG B 282 -42.51 -29.95 -36.81
C ARG B 282 -42.06 -31.12 -36.05
N ILE B 283 -42.27 -32.28 -36.62
CA ILE B 283 -41.74 -33.47 -36.03
C ILE B 283 -40.45 -33.79 -36.74
N GLU B 284 -39.37 -33.70 -35.99
CA GLU B 284 -38.05 -34.04 -36.53
C GLU B 284 -37.48 -35.21 -35.78
N LYS B 285 -36.67 -35.99 -36.48
CA LYS B 285 -35.87 -37.07 -35.86
C LYS B 285 -34.42 -37.13 -36.41
N PRO B 286 -33.50 -37.78 -35.68
CA PRO B 286 -32.17 -37.95 -36.15
C PRO B 286 -32.05 -39.03 -37.15
N TRP B 287 -31.07 -38.86 -38.01
CA TRP B 287 -30.82 -39.77 -39.10
C TRP B 287 -29.37 -40.20 -39.20
N VAL B 288 -29.20 -41.47 -39.51
CA VAL B 288 -27.92 -42.08 -39.78
C VAL B 288 -27.87 -42.52 -41.21
N ALA B 289 -26.74 -42.25 -41.88
CA ALA B 289 -26.51 -42.78 -43.22
C ALA B 289 -25.30 -43.71 -43.17
N ALA B 290 -25.38 -44.80 -43.92
CA ALA B 290 -24.29 -45.78 -44.03
C ALA B 290 -23.97 -45.94 -45.49
N VAL B 291 -22.72 -45.68 -45.84
CA VAL B 291 -22.31 -45.64 -47.21
C VAL B 291 -21.48 -46.86 -47.60
N ASP B 292 -22.03 -47.68 -48.46
CA ASP B 292 -21.35 -48.81 -49.09
C ASP B 292 -21.00 -48.45 -50.53
N GLY B 293 -19.80 -48.86 -50.96
CA GLY B 293 -19.36 -48.73 -52.34
C GLY B 293 -18.98 -47.30 -52.64
N PHE B 294 -20.02 -46.48 -52.83
CA PHE B 294 -19.79 -45.07 -53.07
C PHE B 294 -21.03 -44.24 -52.98
N ALA B 295 -20.83 -42.96 -52.79
CA ALA B 295 -21.90 -41.98 -52.83
C ALA B 295 -21.51 -40.95 -53.85
N ILE B 296 -22.23 -40.92 -54.97
CA ILE B 296 -21.94 -40.02 -56.09
C ILE B 296 -23.08 -39.05 -56.35
N GLY B 297 -22.73 -37.80 -56.62
CA GLY B 297 -23.68 -36.81 -57.02
C GLY B 297 -24.77 -36.62 -55.98
N GLY B 298 -26.01 -36.85 -56.37
CA GLY B 298 -27.18 -36.62 -55.47
C GLY B 298 -27.06 -37.44 -54.21
N GLY B 299 -26.47 -38.61 -54.31
CA GLY B 299 -26.21 -39.40 -53.10
C GLY B 299 -25.21 -38.78 -52.15
N ALA B 300 -24.17 -38.21 -52.71
CA ALA B 300 -23.13 -37.52 -51.87
C ALA B 300 -23.74 -36.29 -51.22
N GLN B 301 -24.60 -35.62 -51.95
CA GLN B 301 -25.30 -34.44 -51.42
C GLN B 301 -26.05 -34.78 -50.18
N LEU B 302 -26.65 -35.97 -50.17
CA LEU B 302 -27.50 -36.35 -49.05
C LEU B 302 -26.73 -36.40 -47.74
N LEU B 303 -25.45 -36.77 -47.79
CA LEU B 303 -24.64 -36.91 -46.59
C LEU B 303 -24.46 -35.65 -45.80
N LEU B 304 -24.62 -34.50 -46.46
CA LEU B 304 -24.46 -33.18 -45.80
C LEU B 304 -25.57 -32.78 -44.83
N VAL B 305 -26.51 -33.68 -44.64
CA VAL B 305 -27.71 -33.42 -43.79
C VAL B 305 -27.97 -34.49 -42.71
N PHE B 306 -27.15 -35.54 -42.61
CA PHE B 306 -27.35 -36.55 -41.61
C PHE B 306 -26.72 -36.20 -40.29
N ASP B 307 -27.25 -36.79 -39.22
CA ASP B 307 -26.68 -36.61 -37.85
C ASP B 307 -25.45 -37.47 -37.58
N ARG B 308 -25.37 -38.57 -38.27
CA ARG B 308 -24.22 -39.45 -38.22
C ARG B 308 -24.04 -40.10 -39.58
N VAL B 309 -22.79 -40.28 -40.01
CA VAL B 309 -22.45 -40.89 -41.30
C VAL B 309 -21.38 -41.92 -41.10
N LEU B 310 -21.65 -43.13 -41.59
CA LEU B 310 -20.72 -44.24 -41.54
C LEU B 310 -20.41 -44.69 -42.94
N ALA B 311 -19.17 -45.06 -43.17
CA ALA B 311 -18.79 -45.51 -44.48
C ALA B 311 -17.89 -46.71 -44.40
N SER B 312 -18.01 -47.52 -45.41
CA SER B 312 -17.13 -48.63 -45.57
C SER B 312 -15.73 -48.14 -45.94
N SER B 313 -14.71 -48.83 -45.44
CA SER B 313 -13.31 -48.53 -45.81
C SER B 313 -12.98 -48.32 -47.30
N ASP B 314 -13.71 -48.99 -48.17
CA ASP B 314 -13.47 -48.97 -49.62
C ASP B 314 -14.31 -47.95 -50.40
N ALA B 315 -15.12 -47.17 -49.67
CA ALA B 315 -16.02 -46.23 -50.31
C ALA B 315 -15.30 -44.95 -50.71
N TYR B 316 -15.92 -44.26 -51.65
CA TYR B 316 -15.54 -42.91 -51.97
C TYR B 316 -16.76 -41.98 -52.13
N PHE B 317 -16.49 -40.68 -52.09
N PHE B 317 -16.50 -40.66 -52.05
CA PHE B 317 -17.51 -39.65 -52.16
CA PHE B 317 -17.49 -39.55 -52.10
C PHE B 317 -17.11 -38.71 -53.29
C PHE B 317 -17.10 -38.72 -53.29
N SER B 318 -18.01 -38.50 -54.24
CA SER B 318 -17.74 -37.55 -55.34
C SER B 318 -18.93 -36.81 -55.86
N LEU B 319 -18.64 -35.63 -56.40
CA LEU B 319 -19.59 -34.76 -57.11
C LEU B 319 -18.87 -34.49 -58.42
N PRO B 320 -19.05 -35.39 -59.38
CA PRO B 320 -18.03 -35.54 -60.44
C PRO B 320 -18.17 -34.64 -61.63
N ALA B 321 -19.37 -34.12 -61.88
CA ALA B 321 -19.65 -33.43 -63.17
C ALA B 321 -19.18 -31.96 -63.16
N ALA B 322 -17.88 -31.81 -63.02
CA ALA B 322 -17.31 -30.50 -62.74
C ALA B 322 -17.25 -29.65 -64.01
N LYS B 323 -16.99 -30.32 -65.12
CA LYS B 323 -16.79 -29.65 -66.37
C LYS B 323 -18.10 -29.37 -67.09
N GLU B 324 -19.01 -30.34 -67.08
CA GLU B 324 -20.20 -30.30 -67.95
C GLU B 324 -21.50 -30.74 -67.31
N GLY B 325 -21.58 -30.62 -66.00
CA GLY B 325 -22.72 -31.08 -65.27
C GLY B 325 -23.65 -29.97 -64.82
N ILE B 326 -24.74 -30.43 -64.20
CA ILE B 326 -25.63 -29.57 -63.49
C ILE B 326 -25.11 -29.23 -62.12
N ILE B 327 -25.76 -28.29 -61.45
CA ILE B 327 -25.37 -27.91 -60.14
C ILE B 327 -25.70 -29.15 -59.25
N PRO B 328 -24.77 -29.57 -58.36
CA PRO B 328 -25.05 -30.66 -57.42
C PRO B 328 -25.89 -30.17 -56.25
N GLY B 329 -27.14 -29.91 -56.54
CA GLY B 329 -28.13 -29.61 -55.53
C GLY B 329 -27.70 -28.50 -54.58
N ALA B 330 -27.85 -28.81 -53.30
CA ALA B 330 -27.47 -27.92 -52.23
C ALA B 330 -26.08 -28.24 -51.68
N ALA B 331 -25.32 -29.09 -52.34
CA ALA B 331 -23.88 -29.21 -51.97
C ALA B 331 -23.19 -27.86 -52.03
N ASN B 332 -23.52 -27.01 -53.01
CA ASN B 332 -22.80 -25.67 -53.07
C ASN B 332 -23.12 -24.82 -51.83
N LEU B 333 -24.30 -25.07 -51.26
CA LEU B 333 -24.75 -24.37 -50.10
C LEU B 333 -24.05 -24.92 -48.84
N ARG B 334 -23.97 -26.23 -48.76
CA ARG B 334 -23.62 -26.92 -47.51
C ARG B 334 -22.16 -27.38 -47.37
N LEU B 335 -21.55 -27.72 -48.50
CA LEU B 335 -20.26 -28.36 -48.47
C LEU B 335 -19.19 -27.50 -47.78
N GLY B 336 -19.22 -26.20 -48.06
CA GLY B 336 -18.25 -25.26 -47.46
C GLY B 336 -18.17 -25.28 -45.96
N ARG B 337 -19.30 -25.44 -45.35
CA ARG B 337 -19.40 -25.49 -43.89
C ARG B 337 -18.70 -26.81 -43.36
N PHE B 338 -18.72 -27.87 -44.16
CA PHE B 338 -18.12 -29.14 -43.80
C PHE B 338 -16.64 -29.17 -44.10
N ALA B 339 -16.23 -28.56 -45.22
CA ALA B 339 -14.87 -28.75 -45.73
C ALA B 339 -14.09 -27.49 -45.96
N GLY B 340 -14.72 -26.32 -45.78
CA GLY B 340 -14.10 -25.02 -46.06
C GLY B 340 -14.12 -24.75 -47.57
N PRO B 341 -13.77 -23.55 -47.99
CA PRO B 341 -13.91 -23.12 -49.36
C PRO B 341 -12.91 -23.74 -50.33
N ARG B 342 -11.77 -24.18 -49.83
CA ARG B 342 -10.75 -24.72 -50.74
C ARG B 342 -11.14 -26.10 -51.15
N VAL B 343 -11.39 -26.94 -50.18
CA VAL B 343 -11.79 -28.31 -50.50
C VAL B 343 -13.13 -28.37 -51.22
N SER B 344 -14.02 -27.50 -50.82
CA SER B 344 -15.34 -27.47 -51.43
C SER B 344 -15.20 -27.15 -52.89
N ARG B 345 -14.30 -26.24 -53.24
CA ARG B 345 -14.06 -25.99 -54.66
C ARG B 345 -13.32 -27.10 -55.33
N GLN B 346 -12.40 -27.75 -54.63
CA GLN B 346 -11.69 -28.84 -55.24
C GLN B 346 -12.71 -29.92 -55.66
N VAL B 347 -13.70 -30.13 -54.82
CA VAL B 347 -14.66 -31.21 -55.02
C VAL B 347 -15.65 -30.83 -56.11
N ILE B 348 -16.17 -29.62 -56.05
CA ILE B 348 -17.21 -29.20 -56.94
C ILE B 348 -16.70 -28.59 -58.24
N LEU B 349 -15.82 -27.59 -58.15
CA LEU B 349 -15.24 -26.97 -59.36
C LEU B 349 -14.30 -27.88 -60.16
N GLU B 350 -13.61 -28.80 -59.50
CA GLU B 350 -12.60 -29.67 -60.18
C GLU B 350 -12.82 -31.15 -60.07
N GLY B 351 -13.86 -31.60 -59.36
CA GLY B 351 -14.30 -32.98 -59.41
C GLY B 351 -13.43 -33.89 -58.57
N ARG B 352 -12.84 -33.34 -57.53
CA ARG B 352 -11.98 -34.17 -56.70
C ARG B 352 -12.83 -35.19 -55.97
N ARG B 353 -12.38 -36.42 -56.05
CA ARG B 353 -13.05 -37.49 -55.41
C ARG B 353 -12.35 -37.74 -54.06
N ILE B 354 -13.12 -38.02 -53.00
CA ILE B 354 -12.61 -38.21 -51.69
C ILE B 354 -12.87 -39.60 -51.15
N TRP B 355 -11.81 -40.26 -50.67
CA TRP B 355 -11.86 -41.67 -50.31
C TRP B 355 -12.05 -41.82 -48.85
N ALA B 356 -12.78 -42.85 -48.47
CA ALA B 356 -13.17 -43.05 -47.07
C ALA B 356 -11.98 -43.09 -46.13
N LYS B 357 -10.86 -43.60 -46.60
CA LYS B 357 -9.70 -43.74 -45.77
C LYS B 357 -8.77 -42.54 -45.69
N GLU B 358 -8.98 -41.49 -46.53
CA GLU B 358 -8.06 -40.37 -46.48
C GLU B 358 -8.46 -39.51 -45.29
N PRO B 359 -7.51 -38.80 -44.67
CA PRO B 359 -7.88 -37.91 -43.59
C PRO B 359 -9.05 -36.97 -43.82
N GLU B 360 -9.12 -36.37 -45.00
CA GLU B 360 -10.20 -35.44 -45.33
C GLU B 360 -11.60 -36.07 -45.42
N ALA B 361 -11.68 -37.40 -45.44
CA ALA B 361 -12.98 -38.09 -45.29
C ALA B 361 -13.65 -37.78 -43.98
N ARG B 362 -12.86 -37.51 -42.96
CA ARG B 362 -13.39 -37.15 -41.66
C ARG B 362 -14.14 -35.83 -41.61
N LEU B 363 -14.01 -35.02 -42.66
CA LEU B 363 -14.84 -33.82 -42.85
C LEU B 363 -16.29 -34.11 -43.19
N LEU B 364 -16.54 -35.26 -43.82
CA LEU B 364 -17.81 -35.73 -44.26
C LEU B 364 -18.40 -36.96 -43.55
N VAL B 365 -17.53 -37.74 -42.92
CA VAL B 365 -17.85 -39.04 -42.43
C VAL B 365 -17.39 -39.14 -40.99
N ASP B 366 -18.21 -39.69 -40.12
CA ASP B 366 -17.91 -39.80 -38.72
C ASP B 366 -17.10 -41.08 -38.40
N GLU B 367 -17.36 -42.17 -39.09
CA GLU B 367 -16.79 -43.48 -38.80
C GLU B 367 -16.56 -44.23 -40.08
N VAL B 368 -15.35 -44.79 -40.21
CA VAL B 368 -14.96 -45.55 -41.38
C VAL B 368 -14.52 -46.90 -40.88
N VAL B 369 -15.06 -47.93 -41.46
CA VAL B 369 -15.06 -49.20 -40.83
C VAL B 369 -14.86 -50.22 -41.91
N GLU B 370 -14.19 -51.31 -41.57
CA GLU B 370 -13.98 -52.44 -42.52
C GLU B 370 -15.30 -53.11 -42.82
N PRO B 371 -15.54 -53.52 -44.08
CA PRO B 371 -16.78 -54.17 -44.52
C PRO B 371 -17.38 -55.21 -43.54
N ASP B 372 -16.53 -56.03 -42.93
CA ASP B 372 -16.99 -57.05 -41.95
C ASP B 372 -17.35 -56.50 -40.55
N GLU B 373 -17.03 -55.25 -40.25
CA GLU B 373 -17.36 -54.61 -38.96
C GLU B 373 -18.54 -53.61 -39.06
N LEU B 374 -19.00 -53.39 -40.28
CA LEU B 374 -19.86 -52.26 -40.62
C LEU B 374 -21.27 -52.41 -40.12
N ASP B 375 -21.87 -53.58 -40.32
CA ASP B 375 -23.26 -53.85 -39.84
C ASP B 375 -23.38 -53.58 -38.36
N ALA B 376 -22.41 -54.07 -37.60
CA ALA B 376 -22.45 -53.93 -36.15
C ALA B 376 -22.22 -52.47 -35.70
N ALA B 377 -21.36 -51.75 -36.43
CA ALA B 377 -21.10 -50.29 -36.15
C ALA B 377 -22.31 -49.41 -36.44
N ILE B 378 -22.98 -49.72 -37.55
CA ILE B 378 -24.30 -49.11 -37.83
C ILE B 378 -25.29 -49.35 -36.66
N GLU B 379 -25.42 -50.60 -36.21
CA GLU B 379 -26.36 -50.91 -35.10
C GLU B 379 -26.02 -50.14 -33.83
N ARG B 380 -24.75 -50.11 -33.45
CA ARG B 380 -24.34 -49.29 -32.28
C ARG B 380 -24.68 -47.81 -32.45
N SER B 381 -24.43 -47.27 -33.63
CA SER B 381 -24.69 -45.82 -33.88
C SER B 381 -26.15 -45.44 -33.68
N LEU B 382 -27.02 -46.39 -34.00
CA LEU B 382 -28.50 -46.18 -33.90
C LEU B 382 -29.00 -46.08 -32.46
N THR B 383 -28.37 -46.84 -31.58
CA THR B 383 -28.68 -46.76 -30.16
C THR B 383 -28.16 -45.48 -29.52
N ARG B 384 -27.18 -44.80 -30.10
CA ARG B 384 -26.64 -43.60 -29.44
C ARG B 384 -27.45 -42.31 -29.65
N LEU B 385 -28.48 -42.33 -30.48
CA LEU B 385 -29.19 -41.11 -30.91
C LEU B 385 -30.64 -40.99 -30.46
N ASP B 386 -31.00 -41.73 -29.42
CA ASP B 386 -32.40 -42.00 -29.01
C ASP B 386 -33.09 -40.88 -28.30
N GLY B 387 -32.42 -40.19 -27.41
CA GLY B 387 -33.26 -39.38 -26.47
C GLY B 387 -33.90 -38.07 -26.95
N ASP B 388 -34.47 -37.36 -25.98
CA ASP B 388 -35.00 -35.99 -26.18
C ASP B 388 -33.89 -34.92 -26.14
N ALA B 389 -32.75 -35.23 -25.50
CA ALA B 389 -31.62 -34.31 -25.53
C ALA B 389 -31.11 -34.20 -26.96
N VAL B 390 -31.01 -35.33 -27.65
CA VAL B 390 -30.55 -35.34 -29.03
C VAL B 390 -31.47 -34.52 -29.91
N LEU B 391 -32.78 -34.71 -29.78
CA LEU B 391 -33.74 -33.90 -30.57
C LEU B 391 -33.57 -32.42 -30.37
N ALA B 392 -33.44 -32.00 -29.12
CA ALA B 392 -33.32 -30.57 -28.84
C ALA B 392 -31.99 -30.06 -29.37
N ASN B 393 -30.94 -30.81 -29.12
CA ASN B 393 -29.62 -30.40 -29.59
C ASN B 393 -29.52 -30.37 -31.09
N ARG B 394 -30.08 -31.33 -31.79
CA ARG B 394 -29.91 -31.30 -33.26
C ARG B 394 -30.71 -30.16 -33.86
N ARG B 395 -31.81 -29.84 -33.24
CA ARG B 395 -32.60 -28.72 -33.70
C ARG B 395 -31.83 -27.39 -33.61
N MET B 396 -31.20 -27.18 -32.45
CA MET B 396 -30.42 -25.97 -32.19
C MET B 396 -29.18 -25.96 -33.11
N LEU B 397 -28.54 -27.13 -33.28
CA LEU B 397 -27.46 -27.20 -34.21
C LEU B 397 -27.84 -26.82 -35.66
N ASN B 398 -28.93 -27.37 -36.14
CA ASN B 398 -29.38 -27.14 -37.54
C ASN B 398 -29.77 -25.71 -37.79
N LEU B 399 -30.39 -25.13 -36.78
CA LEU B 399 -30.73 -23.72 -36.79
C LEU B 399 -29.49 -22.78 -36.88
N ALA B 400 -28.45 -23.09 -36.14
CA ALA B 400 -27.19 -22.39 -36.26
C ALA B 400 -26.48 -22.66 -37.60
N ASP B 401 -26.44 -23.91 -38.04
CA ASP B 401 -25.68 -24.29 -39.24
C ASP B 401 -26.30 -23.67 -40.50
N GLU B 402 -27.63 -23.60 -40.58
CA GLU B 402 -28.34 -23.23 -41.85
C GLU B 402 -29.55 -22.44 -41.58
N SER B 403 -29.47 -21.13 -41.75
CA SER B 403 -30.61 -20.29 -41.35
C SER B 403 -31.73 -20.48 -42.39
N PRO B 404 -32.96 -20.32 -42.00
CA PRO B 404 -34.06 -20.36 -43.00
C PRO B 404 -33.89 -19.37 -44.13
N ASP B 405 -33.49 -18.14 -43.84
CA ASP B 405 -33.14 -17.20 -44.92
C ASP B 405 -32.05 -17.69 -45.84
N GLY B 406 -31.02 -18.29 -45.26
CA GLY B 406 -29.85 -18.74 -46.06
C GLY B 406 -30.36 -19.76 -47.08
N PHE B 407 -31.13 -20.74 -46.57
CA PHE B 407 -31.59 -21.86 -47.33
C PHE B 407 -32.50 -21.37 -48.44
N ARG B 408 -33.37 -20.45 -48.09
CA ARG B 408 -34.31 -19.89 -49.01
C ARG B 408 -33.64 -19.09 -50.10
N ALA B 409 -32.70 -18.23 -49.72
CA ALA B 409 -31.99 -17.35 -50.68
C ALA B 409 -31.28 -18.20 -51.69
N TYR B 410 -30.70 -19.29 -51.20
CA TYR B 410 -29.92 -20.15 -52.08
C TYR B 410 -30.92 -20.85 -53.00
N MET B 411 -31.94 -21.50 -52.43
CA MET B 411 -32.88 -22.27 -53.28
C MET B 411 -33.55 -21.35 -54.34
N ALA B 412 -33.79 -20.11 -53.99
CA ALA B 412 -34.31 -19.12 -54.95
C ALA B 412 -33.39 -18.99 -56.19
N GLU B 413 -32.11 -18.67 -55.99
CA GLU B 413 -31.16 -18.61 -57.12
C GLU B 413 -30.98 -19.97 -57.83
N PHE B 414 -30.96 -21.03 -57.06
CA PHE B 414 -30.81 -22.38 -57.62
C PHE B 414 -31.91 -22.73 -58.62
N ALA B 415 -33.13 -22.36 -58.28
CA ALA B 415 -34.29 -22.67 -59.11
C ALA B 415 -34.14 -22.23 -60.54
N LEU B 416 -33.61 -21.04 -60.70
CA LEU B 416 -33.27 -20.57 -62.04
C LEU B 416 -31.90 -21.02 -62.60
N MET B 417 -30.84 -20.97 -61.79
CA MET B 417 -29.52 -21.41 -62.24
C MET B 417 -29.54 -22.85 -62.71
N GLN B 418 -30.23 -23.72 -61.96
CA GLN B 418 -30.29 -25.12 -62.31
C GLN B 418 -31.12 -25.34 -63.59
N ALA B 419 -32.20 -24.57 -63.72
CA ALA B 419 -33.09 -24.68 -64.90
C ALA B 419 -32.28 -24.39 -66.11
N LEU B 420 -31.47 -23.33 -66.05
CA LEU B 420 -30.57 -23.02 -67.16
C LEU B 420 -29.58 -24.14 -67.49
N ARG B 421 -29.04 -24.77 -66.46
CA ARG B 421 -28.01 -25.81 -66.65
C ARG B 421 -28.64 -27.05 -67.17
N LEU B 422 -29.87 -27.27 -66.75
CA LEU B 422 -30.65 -28.40 -67.30
C LEU B 422 -30.81 -28.37 -68.83
N TYR B 423 -30.66 -27.19 -69.44
CA TYR B 423 -30.79 -26.99 -70.89
C TYR B 423 -29.54 -26.42 -71.50
N GLY B 424 -28.42 -26.49 -70.78
CA GLY B 424 -27.16 -26.05 -71.36
C GLY B 424 -26.67 -27.04 -72.39
N HIS B 425 -26.08 -26.53 -73.46
CA HIS B 425 -25.62 -27.41 -74.56
C HIS B 425 -24.58 -28.42 -74.09
N ASP B 426 -23.70 -27.96 -73.18
CA ASP B 426 -22.60 -28.79 -72.65
C ASP B 426 -23.14 -30.01 -71.92
N VAL B 427 -24.18 -29.78 -71.15
CA VAL B 427 -24.79 -30.80 -70.32
C VAL B 427 -25.45 -31.84 -71.17
N ILE B 428 -26.21 -31.35 -72.14
CA ILE B 428 -26.97 -32.21 -73.06
C ILE B 428 -26.04 -33.13 -73.87
N ASP B 429 -24.92 -32.58 -74.31
CA ASP B 429 -23.88 -33.38 -74.93
C ASP B 429 -23.27 -34.45 -74.00
N LYS B 430 -22.77 -34.07 -72.79
CA LYS B 430 -22.11 -35.05 -71.81
C LYS B 430 -23.08 -36.19 -71.55
N VAL B 431 -24.29 -35.81 -71.19
CA VAL B 431 -25.37 -36.75 -70.82
C VAL B 431 -25.77 -37.76 -71.94
N GLY B 432 -25.77 -37.29 -73.19
CA GLY B 432 -26.06 -38.11 -74.36
C GLY B 432 -25.01 -39.16 -74.65
N ARG B 433 -23.77 -38.94 -74.18
CA ARG B 433 -22.66 -39.89 -74.34
C ARG B 433 -22.60 -40.99 -73.28
N PHE B 434 -23.47 -40.89 -72.26
CA PHE B 434 -23.42 -41.83 -71.15
C PHE B 434 -23.89 -43.23 -71.61
N ASP C 14 -35.69 17.51 -35.59
CA ASP C 14 -34.43 17.88 -36.29
C ASP C 14 -33.45 18.77 -35.40
N GLY C 15 -32.83 19.84 -35.93
CA GLY C 15 -31.81 20.63 -35.19
C GLY C 15 -30.39 20.15 -35.48
N LEU C 16 -30.27 18.96 -36.08
CA LEU C 16 -28.98 18.27 -36.19
C LEU C 16 -28.09 18.87 -37.28
N TRP C 17 -28.69 19.24 -38.41
CA TRP C 17 -27.91 19.89 -39.48
C TRP C 17 -27.29 21.23 -39.00
N ALA C 18 -28.11 22.01 -38.31
CA ALA C 18 -27.63 23.28 -37.76
C ALA C 18 -26.55 23.06 -36.73
N ALA C 19 -26.77 22.10 -35.83
CA ALA C 19 -25.76 21.84 -34.77
C ALA C 19 -24.42 21.35 -35.37
N LEU C 20 -24.52 20.49 -36.38
CA LEU C 20 -23.35 20.06 -37.12
C LEU C 20 -22.62 21.25 -37.78
N THR C 21 -23.39 22.08 -38.50
CA THR C 21 -22.85 23.27 -39.18
C THR C 21 -22.10 24.16 -38.19
N GLU C 22 -22.74 24.39 -37.05
CA GLU C 22 -22.09 25.08 -35.91
C GLU C 22 -20.77 24.40 -35.47
N ALA C 23 -20.80 23.09 -35.21
CA ALA C 23 -19.56 22.39 -34.74
C ALA C 23 -18.44 22.36 -35.77
N ALA C 24 -18.80 22.22 -37.04
CA ALA C 24 -17.81 22.34 -38.14
C ALA C 24 -17.18 23.75 -38.24
N ALA C 25 -17.97 24.79 -37.98
CA ALA C 25 -17.46 26.17 -37.99
C ALA C 25 -16.48 26.42 -36.83
N SER C 26 -16.81 25.95 -35.62
CA SER C 26 -15.80 26.00 -34.51
C SER C 26 -14.50 25.30 -34.91
N VAL C 27 -14.60 24.20 -35.64
CA VAL C 27 -13.40 23.48 -36.07
C VAL C 27 -12.60 24.36 -37.02
N GLU C 28 -13.26 24.90 -38.07
CA GLU C 28 -12.58 25.77 -39.05
C GLU C 28 -11.98 27.05 -38.39
N LYS C 29 -12.69 27.63 -37.42
CA LYS C 29 -12.15 28.83 -36.67
C LYS C 29 -10.87 28.42 -35.89
N LEU C 30 -10.89 27.29 -35.17
CA LEU C 30 -9.69 26.81 -34.43
C LEU C 30 -8.53 26.47 -35.37
N LEU C 31 -8.82 25.83 -36.49
CA LEU C 31 -7.76 25.53 -37.43
C LEU C 31 -7.15 26.78 -38.07
N ALA C 32 -8.00 27.76 -38.39
CA ALA C 32 -7.53 29.04 -38.96
C ALA C 32 -6.68 29.85 -37.97
N THR C 33 -7.04 29.79 -36.68
CA THR C 33 -6.36 30.60 -35.64
C THR C 33 -5.22 29.91 -34.92
N LEU C 34 -5.25 28.59 -34.75
CA LEU C 34 -4.17 27.94 -33.97
C LEU C 34 -2.94 27.75 -34.83
N PRO C 35 -1.79 27.51 -34.18
CA PRO C 35 -0.60 27.18 -34.96
C PRO C 35 -0.71 25.84 -35.70
N GLU C 36 0.23 25.61 -36.62
CA GLU C 36 0.36 24.38 -37.39
C GLU C 36 0.56 23.18 -36.45
N HIS C 37 0.23 21.99 -36.97
CA HIS C 37 0.23 20.73 -36.20
C HIS C 37 1.69 20.51 -35.83
N GLY C 38 1.99 20.25 -34.57
CA GLY C 38 3.41 20.04 -34.16
C GLY C 38 4.05 21.29 -33.56
N ALA C 39 3.42 22.44 -33.75
CA ALA C 39 3.77 23.65 -33.00
C ALA C 39 2.71 23.95 -31.93
N ARG C 40 1.66 23.14 -31.86
CA ARG C 40 0.59 23.35 -30.90
C ARG C 40 0.99 22.91 -29.51
N SER C 41 0.55 23.69 -28.52
CA SER C 41 0.67 23.33 -27.10
C SER C 41 -0.35 22.25 -26.74
N SER C 42 -0.26 21.71 -25.53
CA SER C 42 -1.13 20.62 -25.08
C SER C 42 -2.56 21.11 -24.96
N ALA C 43 -2.72 22.29 -24.36
CA ALA C 43 -4.03 22.95 -24.22
C ALA C 43 -4.70 23.12 -25.59
N GLU C 44 -3.90 23.56 -26.57
CA GLU C 44 -4.34 23.76 -27.97
C GLU C 44 -4.66 22.42 -28.67
N ARG C 45 -3.77 21.45 -28.54
CA ARG C 45 -4.01 20.06 -28.99
C ARG C 45 -5.34 19.44 -28.43
N ALA C 46 -5.58 19.65 -27.14
CA ALA C 46 -6.80 19.16 -26.46
C ALA C 46 -8.05 19.87 -26.95
N GLU C 47 -7.91 21.17 -27.27
CA GLU C 47 -9.03 22.01 -27.70
C GLU C 47 -9.54 21.60 -29.08
N ILE C 48 -8.60 21.48 -30.01
CA ILE C 48 -8.91 21.03 -31.36
C ILE C 48 -9.41 19.57 -31.40
N ALA C 49 -8.83 18.71 -30.57
CA ALA C 49 -9.30 17.32 -30.47
C ALA C 49 -10.76 17.30 -30.01
N ALA C 50 -11.07 18.11 -29.01
CA ALA C 50 -12.43 18.19 -28.47
C ALA C 50 -13.40 18.74 -29.52
N ALA C 51 -12.93 19.66 -30.35
CA ALA C 51 -13.80 20.26 -31.39
C ALA C 51 -14.13 19.23 -32.48
N HIS C 52 -13.09 18.54 -32.95
CA HIS C 52 -13.20 17.41 -33.90
C HIS C 52 -14.14 16.37 -33.38
N ASP C 53 -14.00 16.02 -32.10
CA ASP C 53 -14.88 15.02 -31.48
C ASP C 53 -16.36 15.43 -31.46
N ALA C 54 -16.64 16.67 -31.10
CA ALA C 54 -18.04 17.15 -31.12
C ALA C 54 -18.62 17.12 -32.53
N ALA C 55 -17.81 17.56 -33.49
CA ALA C 55 -18.29 17.61 -34.88
C ALA C 55 -18.54 16.22 -35.44
N ARG C 56 -17.57 15.33 -35.24
CA ARG C 56 -17.70 13.94 -35.72
C ARG C 56 -18.88 13.24 -35.08
N ALA C 57 -19.05 13.45 -33.77
CA ALA C 57 -20.26 12.95 -33.10
C ALA C 57 -21.54 13.39 -33.79
N LEU C 58 -21.60 14.66 -34.18
CA LEU C 58 -22.80 15.18 -34.84
C LEU C 58 -22.94 14.66 -36.27
N ARG C 59 -21.84 14.43 -36.96
CA ARG C 59 -21.93 13.75 -38.27
C ARG C 59 -22.60 12.40 -38.14
N VAL C 60 -22.22 11.65 -37.10
CA VAL C 60 -22.87 10.35 -36.84
C VAL C 60 -24.32 10.49 -36.54
N ARG C 61 -24.65 11.34 -35.59
CA ARG C 61 -26.09 11.54 -35.21
C ARG C 61 -26.95 12.08 -36.36
N PHE C 62 -26.40 13.03 -37.10
CA PHE C 62 -27.10 13.54 -38.27
C PHE C 62 -27.45 12.40 -39.23
N LEU C 63 -26.43 11.58 -39.56
CA LEU C 63 -26.60 10.52 -40.53
C LEU C 63 -27.40 9.34 -40.02
N ASP C 64 -27.39 9.10 -38.71
CA ASP C 64 -28.23 8.02 -38.16
C ASP C 64 -29.69 8.19 -38.59
N THR C 65 -30.15 9.43 -38.69
CA THR C 65 -31.55 9.68 -39.06
C THR C 65 -31.68 10.10 -40.53
N HIS C 66 -30.67 10.76 -41.11
CA HIS C 66 -30.84 11.38 -42.41
C HIS C 66 -30.08 10.77 -43.58
N ALA C 67 -29.39 9.66 -43.36
CA ALA C 67 -28.50 9.08 -44.39
C ALA C 67 -29.21 8.79 -45.69
N ASP C 68 -30.37 8.15 -45.61
CA ASP C 68 -31.17 7.84 -46.82
C ASP C 68 -31.59 9.08 -47.59
N ALA C 69 -32.02 10.10 -46.87
CA ALA C 69 -32.43 11.36 -47.55
C ALA C 69 -31.23 12.01 -48.20
N VAL C 70 -30.09 12.01 -47.50
CA VAL C 70 -28.85 12.56 -48.05
C VAL C 70 -28.44 11.80 -49.31
N TYR C 71 -28.48 10.48 -49.25
CA TYR C 71 -28.03 9.65 -50.38
C TYR C 71 -29.01 9.85 -51.57
N ASP C 72 -30.31 9.86 -51.26
CA ASP C 72 -31.32 10.18 -52.28
C ASP C 72 -31.07 11.54 -52.97
N ARG C 73 -30.65 12.55 -52.22
CA ARG C 73 -30.34 13.77 -52.90
C ARG C 73 -29.25 13.55 -53.91
N LEU C 74 -28.18 12.88 -53.51
CA LEU C 74 -26.98 12.81 -54.36
C LEU C 74 -27.10 11.96 -55.59
N THR C 75 -27.99 10.98 -55.51
CA THR C 75 -28.20 9.94 -56.55
C THR C 75 -29.56 9.96 -57.21
N ASP C 76 -30.35 11.01 -56.93
CA ASP C 76 -31.66 11.22 -57.53
C ASP C 76 -32.61 10.06 -57.18
N HIS C 77 -32.81 9.86 -55.89
CA HIS C 77 -33.53 8.71 -55.37
C HIS C 77 -33.03 7.38 -56.02
N ARG C 78 -31.72 7.15 -55.98
CA ARG C 78 -31.13 5.82 -56.35
C ARG C 78 -31.38 5.44 -57.80
N ARG C 79 -31.35 6.44 -58.68
CA ARG C 79 -31.49 6.25 -60.12
C ARG C 79 -30.21 6.57 -60.86
N VAL C 80 -29.24 7.16 -60.18
CA VAL C 80 -27.91 7.37 -60.75
C VAL C 80 -26.93 6.61 -59.86
N HIS C 81 -26.17 5.71 -60.46
CA HIS C 81 -25.07 5.03 -59.77
C HIS C 81 -23.84 5.95 -59.70
N LEU C 82 -23.43 6.33 -58.49
CA LEU C 82 -22.18 7.04 -58.30
C LEU C 82 -21.17 6.13 -57.55
N ARG C 83 -19.97 6.02 -58.09
CA ARG C 83 -18.82 5.44 -57.42
C ARG C 83 -18.41 6.27 -56.20
N LEU C 84 -17.53 5.71 -55.38
CA LEU C 84 -17.18 6.29 -54.09
C LEU C 84 -16.64 7.68 -54.20
N ALA C 85 -15.70 7.86 -55.12
CA ALA C 85 -14.98 9.13 -55.23
C ALA C 85 -15.97 10.27 -55.62
N GLU C 86 -16.83 9.99 -56.61
CA GLU C 86 -17.89 10.90 -57.05
C GLU C 86 -18.90 11.14 -55.95
N LEU C 87 -19.31 10.06 -55.28
CA LEU C 87 -20.26 10.20 -54.17
C LEU C 87 -19.78 11.11 -53.04
N VAL C 88 -18.54 10.95 -52.60
CA VAL C 88 -18.08 11.77 -51.47
C VAL C 88 -17.84 13.27 -51.87
N GLU C 89 -17.35 13.48 -53.09
CA GLU C 89 -17.20 14.81 -53.67
C GLU C 89 -18.55 15.53 -53.77
N ALA C 90 -19.53 14.86 -54.35
CA ALA C 90 -20.86 15.41 -54.46
C ALA C 90 -21.47 15.65 -53.09
N ALA C 91 -21.19 14.79 -52.11
CA ALA C 91 -21.71 14.98 -50.75
C ALA C 91 -21.11 16.20 -50.12
N ALA C 92 -19.85 16.45 -50.40
CA ALA C 92 -19.15 17.61 -49.82
C ALA C 92 -19.72 18.97 -50.29
N THR C 93 -20.04 19.06 -51.59
CA THR C 93 -20.56 20.27 -52.20
C THR C 93 -22.04 20.45 -51.84
N ALA C 94 -22.82 19.37 -51.77
CA ALA C 94 -24.24 19.48 -51.36
C ALA C 94 -24.48 19.59 -49.86
N PHE C 95 -23.52 19.15 -49.05
CA PHE C 95 -23.68 19.16 -47.60
C PHE C 95 -22.41 19.67 -46.97
N PRO C 96 -22.11 20.98 -47.16
CA PRO C 96 -20.85 21.50 -46.60
C PRO C 96 -20.71 21.16 -45.11
N GLY C 97 -19.50 20.73 -44.75
CA GLY C 97 -19.18 20.29 -43.39
C GLY C 97 -19.44 18.82 -43.04
N LEU C 98 -20.20 18.11 -43.85
CA LEU C 98 -20.50 16.70 -43.61
C LEU C 98 -19.27 15.83 -43.88
N VAL C 99 -18.67 16.10 -45.03
CA VAL C 99 -17.46 15.42 -45.47
C VAL C 99 -16.58 16.48 -46.14
N PRO C 100 -15.26 16.26 -46.19
CA PRO C 100 -14.41 17.31 -46.74
C PRO C 100 -14.45 17.52 -48.30
N THR C 101 -14.25 18.77 -48.67
CA THR C 101 -14.12 19.25 -50.05
C THR C 101 -12.84 18.75 -50.63
N GLN C 102 -12.79 18.81 -51.95
CA GLN C 102 -11.59 18.44 -52.69
C GLN C 102 -10.36 19.28 -52.23
N GLN C 103 -10.61 20.57 -52.02
CA GLN C 103 -9.62 21.57 -51.52
C GLN C 103 -9.07 21.13 -50.14
N GLN C 104 -9.97 20.88 -49.19
CA GLN C 104 -9.59 20.46 -47.84
C GLN C 104 -8.76 19.16 -47.83
N LEU C 105 -9.13 18.23 -48.72
CA LEU C 105 -8.37 17.03 -48.93
C LEU C 105 -6.97 17.27 -49.50
N ALA C 106 -6.84 18.20 -50.43
CA ALA C 106 -5.53 18.49 -51.06
C ALA C 106 -4.57 19.02 -50.04
N VAL C 107 -5.06 19.82 -49.11
CA VAL C 107 -4.22 20.31 -47.98
C VAL C 107 -3.77 19.14 -47.12
N GLU C 108 -4.72 18.26 -46.77
CA GLU C 108 -4.39 17.02 -46.05
C GLU C 108 -3.37 16.16 -46.79
N ARG C 109 -3.59 15.90 -48.08
CA ARG C 109 -2.70 15.04 -48.88
C ARG C 109 -1.28 15.56 -48.95
N SER C 110 -1.14 16.88 -48.87
CA SER C 110 0.15 17.53 -48.87
C SER C 110 0.96 17.36 -47.58
N LEU C 111 0.30 16.96 -46.51
CA LEU C 111 0.91 16.72 -45.24
C LEU C 111 1.30 15.24 -45.07
N PRO C 112 2.30 14.97 -44.22
CA PRO C 112 2.51 13.58 -43.77
C PRO C 112 1.43 13.17 -42.79
N GLN C 113 1.10 11.87 -42.72
CA GLN C 113 0.01 11.35 -41.84
C GLN C 113 0.03 11.99 -40.47
N ALA C 114 1.23 12.04 -39.87
CA ALA C 114 1.39 12.51 -38.47
C ALA C 114 0.81 13.90 -38.23
N ALA C 115 0.87 14.75 -39.26
CA ALA C 115 0.43 16.13 -39.18
C ALA C 115 -1.04 16.36 -39.61
N LYS C 116 -1.69 15.37 -40.22
CA LYS C 116 -3.06 15.52 -40.68
C LYS C 116 -4.09 15.73 -39.55
N GLU C 117 -5.15 16.47 -39.86
CA GLU C 117 -6.30 16.64 -38.97
C GLU C 117 -7.26 15.41 -38.93
N GLY C 118 -7.18 14.54 -39.93
CA GLY C 118 -8.00 13.37 -39.98
C GLY C 118 -9.36 13.60 -40.62
N HIS C 119 -9.42 14.46 -41.63
CA HIS C 119 -10.69 14.73 -42.30
C HIS C 119 -11.29 13.52 -42.98
N GLU C 120 -10.46 12.58 -43.42
CA GLU C 120 -10.93 11.34 -44.02
C GLU C 120 -11.88 10.58 -43.05
N ILE C 121 -11.67 10.72 -41.75
CA ILE C 121 -12.54 10.09 -40.78
C ILE C 121 -14.00 10.45 -41.00
N ASP C 122 -14.23 11.70 -41.36
CA ASP C 122 -15.61 12.17 -41.72
C ASP C 122 -16.17 11.37 -42.92
N GLN C 123 -15.31 11.07 -43.90
CA GLN C 123 -15.72 10.22 -45.01
C GLN C 123 -16.06 8.78 -44.56
N GLY C 124 -15.31 8.28 -43.58
CA GLY C 124 -15.60 7.01 -42.97
C GLY C 124 -16.96 7.02 -42.30
N ILE C 125 -17.24 8.09 -41.56
CA ILE C 125 -18.59 8.25 -40.95
C ILE C 125 -19.70 8.19 -41.99
N PHE C 126 -19.48 8.89 -43.09
CA PHE C 126 -20.42 9.00 -44.18
C PHE C 126 -20.67 7.62 -44.80
N LEU C 127 -19.61 7.01 -45.27
CA LEU C 127 -19.71 5.72 -45.91
C LEU C 127 -20.29 4.61 -45.01
N ARG C 128 -19.93 4.61 -43.74
CA ARG C 128 -20.53 3.72 -42.77
C ARG C 128 -22.04 3.88 -42.83
N ALA C 129 -22.49 5.11 -42.69
CA ALA C 129 -23.96 5.37 -42.66
C ALA C 129 -24.68 4.97 -43.96
N VAL C 130 -24.07 5.26 -45.09
CA VAL C 130 -24.59 4.84 -46.37
C VAL C 130 -24.64 3.33 -46.49
N LEU C 131 -23.50 2.65 -46.23
CA LEU C 131 -23.47 1.16 -46.34
C LEU C 131 -24.40 0.46 -45.36
N ARG C 132 -24.67 1.08 -44.22
CA ARG C 132 -25.64 0.50 -43.22
C ARG C 132 -27.06 0.48 -43.70
N SER C 133 -27.37 1.33 -44.66
CA SER C 133 -28.74 1.46 -45.14
C SER C 133 -29.10 0.34 -46.10
N PRO C 134 -30.25 -0.34 -45.83
CA PRO C 134 -30.67 -1.44 -46.71
C PRO C 134 -31.05 -0.99 -48.08
N LEU C 135 -31.20 0.32 -48.26
CA LEU C 135 -31.54 0.89 -49.56
C LEU C 135 -30.35 1.49 -50.27
N ALA C 136 -29.65 2.36 -49.55
CA ALA C 136 -28.48 3.03 -50.11
C ALA C 136 -27.28 2.07 -50.30
N GLY C 137 -27.06 1.22 -49.30
CA GLY C 137 -25.94 0.29 -49.25
C GLY C 137 -25.81 -0.56 -50.49
N PRO C 138 -26.80 -1.39 -50.78
CA PRO C 138 -26.75 -2.23 -51.97
C PRO C 138 -26.58 -1.47 -53.24
N HIS C 139 -27.16 -0.28 -53.28
CA HIS C 139 -27.08 0.56 -54.45
C HIS C 139 -25.64 1.05 -54.71
N LEU C 140 -24.98 1.54 -53.66
CA LEU C 140 -23.58 1.94 -53.77
C LEU C 140 -22.67 0.77 -54.12
N LEU C 141 -22.97 -0.40 -53.56
CA LEU C 141 -22.21 -1.59 -53.92
C LEU C 141 -22.37 -1.93 -55.39
N ASP C 142 -23.59 -1.81 -55.89
CA ASP C 142 -23.81 -2.01 -57.33
C ASP C 142 -23.07 -1.01 -58.20
N ALA C 143 -23.06 0.25 -57.80
CA ALA C 143 -22.29 1.29 -58.54
C ALA C 143 -20.83 0.90 -58.66
N MET C 144 -20.26 0.37 -57.56
CA MET C 144 -18.84 -0.01 -57.55
C MET C 144 -18.57 -1.30 -58.31
N LEU C 145 -19.59 -2.11 -58.60
CA LEU C 145 -19.42 -3.28 -59.50
C LEU C 145 -19.55 -2.95 -60.96
N ARG C 146 -19.95 -1.72 -61.28
CA ARG C 146 -20.01 -1.34 -62.72
C ARG C 146 -18.63 -1.19 -63.30
N PRO C 147 -18.49 -1.36 -64.60
CA PRO C 147 -17.18 -1.12 -65.18
C PRO C 147 -16.69 0.32 -65.04
N THR C 148 -15.38 0.46 -64.82
CA THR C 148 -14.73 1.77 -64.74
C THR C 148 -14.69 2.39 -66.16
N PRO C 149 -14.87 3.73 -66.27
CA PRO C 149 -14.71 4.40 -67.58
C PRO C 149 -13.37 4.08 -68.26
N ARG C 150 -12.30 4.05 -67.48
CA ARG C 150 -10.99 3.75 -68.04
C ARG C 150 -11.00 2.42 -68.76
N ALA C 151 -11.74 1.46 -68.23
CA ALA C 151 -11.77 0.11 -68.81
C ALA C 151 -12.62 0.08 -70.04
N LEU C 152 -13.77 0.74 -69.99
CA LEU C 152 -14.61 0.90 -71.24
C LEU C 152 -13.84 1.57 -72.42
N GLU C 153 -13.01 2.55 -72.09
CA GLU C 153 -12.19 3.26 -73.05
C GLU C 153 -11.08 2.37 -73.65
N LEU C 154 -10.43 1.55 -72.83
CA LEU C 154 -9.37 0.62 -73.32
C LEU C 154 -9.85 -0.68 -73.89
N LEU C 155 -11.12 -1.00 -73.70
CA LEU C 155 -11.63 -2.31 -74.15
C LEU C 155 -11.45 -2.67 -75.61
N PRO C 156 -11.80 -1.77 -76.57
CA PRO C 156 -11.56 -2.11 -78.02
C PRO C 156 -10.12 -2.34 -78.42
N GLU C 157 -9.20 -1.51 -77.96
CA GLU C 157 -7.75 -1.81 -78.19
C GLU C 157 -7.35 -3.17 -77.58
N PHE C 158 -7.89 -3.47 -76.39
CA PHE C 158 -7.54 -4.69 -75.70
C PHE C 158 -8.09 -5.91 -76.41
N VAL C 159 -9.34 -5.82 -76.87
CA VAL C 159 -9.93 -6.87 -77.78
C VAL C 159 -9.13 -7.06 -79.05
N ARG C 160 -8.63 -5.97 -79.63
CA ARG C 160 -7.86 -6.07 -80.86
C ARG C 160 -6.45 -6.64 -80.63
N THR C 161 -5.76 -6.12 -79.62
CA THR C 161 -4.33 -6.37 -79.38
C THR C 161 -4.02 -7.54 -78.44
N GLY C 162 -4.92 -7.82 -77.50
CA GLY C 162 -4.69 -8.82 -76.46
C GLY C 162 -3.68 -8.37 -75.40
N GLU C 163 -3.48 -7.07 -75.27
CA GLU C 163 -2.37 -6.56 -74.49
C GLU C 163 -2.58 -5.11 -74.03
N VAL C 164 -2.30 -4.85 -72.76
CA VAL C 164 -2.27 -3.50 -72.19
C VAL C 164 -1.17 -3.43 -71.15
N GLU C 165 -0.33 -2.41 -71.24
CA GLU C 165 0.73 -2.18 -70.29
C GLU C 165 0.28 -1.03 -69.43
N MET C 166 0.20 -1.23 -68.12
CA MET C 166 -0.14 -0.15 -67.20
C MET C 166 1.00 0.01 -66.21
N GLU C 167 0.94 1.06 -65.42
CA GLU C 167 2.07 1.37 -64.52
C GLU C 167 2.40 0.18 -63.57
N ALA C 168 1.37 -0.46 -63.00
CA ALA C 168 1.56 -1.48 -61.96
C ALA C 168 1.15 -2.86 -62.34
N VAL C 169 0.55 -2.99 -63.51
CA VAL C 169 -0.05 -4.25 -63.95
C VAL C 169 0.14 -4.37 -65.45
N HIS C 170 0.59 -5.54 -65.89
CA HIS C 170 0.66 -5.90 -67.29
C HIS C 170 -0.43 -6.90 -67.51
N LEU C 171 -1.30 -6.65 -68.49
CA LEU C 171 -2.39 -7.57 -68.82
C LEU C 171 -2.26 -8.12 -70.24
N GLU C 172 -2.39 -9.43 -70.40
CA GLU C 172 -2.25 -10.09 -71.65
C GLU C 172 -3.33 -11.16 -71.78
N ARG C 173 -4.14 -11.11 -72.86
CA ARG C 173 -4.99 -12.25 -73.20
C ARG C 173 -4.16 -13.33 -73.97
N ARG C 174 -4.25 -14.56 -73.53
CA ARG C 174 -3.57 -15.65 -74.18
C ARG C 174 -4.27 -16.97 -73.88
N ASP C 175 -4.55 -17.75 -74.91
CA ASP C 175 -5.26 -19.03 -74.81
C ASP C 175 -6.52 -18.96 -73.99
N GLY C 176 -7.26 -17.88 -74.11
CA GLY C 176 -8.48 -17.69 -73.32
C GLY C 176 -8.35 -17.25 -71.87
N VAL C 177 -7.17 -16.78 -71.52
CA VAL C 177 -6.82 -16.47 -70.15
C VAL C 177 -6.40 -15.04 -70.11
N ALA C 178 -6.93 -14.33 -69.13
CA ALA C 178 -6.47 -13.01 -68.86
C ALA C 178 -5.36 -13.15 -67.85
N ARG C 179 -4.15 -12.89 -68.29
CA ARG C 179 -2.95 -12.95 -67.42
C ARG C 179 -2.65 -11.59 -66.88
N LEU C 180 -3.01 -11.37 -65.62
CA LEU C 180 -2.58 -10.17 -64.91
C LEU C 180 -1.26 -10.43 -64.24
N THR C 181 -0.25 -9.65 -64.59
CA THR C 181 1.02 -9.74 -63.94
C THR C 181 1.24 -8.46 -63.19
N MET C 182 1.40 -8.57 -61.88
CA MET C 182 1.72 -7.37 -61.05
C MET C 182 3.24 -7.09 -61.15
N CYS C 183 3.62 -5.92 -61.65
CA CYS C 183 4.99 -5.72 -62.19
C CYS C 183 5.67 -4.49 -61.62
N ARG C 184 5.51 -4.22 -60.32
CA ARG C 184 6.25 -3.13 -59.66
C ARG C 184 7.54 -3.73 -59.10
N ASP C 185 8.45 -3.93 -60.03
CA ASP C 185 9.68 -4.69 -59.85
C ASP C 185 10.69 -4.12 -58.81
N ASP C 186 10.57 -2.83 -58.49
CA ASP C 186 11.50 -2.12 -57.58
C ASP C 186 11.08 -2.18 -56.11
N ARG C 187 9.85 -2.61 -55.82
CA ARG C 187 9.26 -2.52 -54.47
C ARG C 187 8.33 -3.69 -54.09
N LEU C 188 8.56 -4.86 -54.68
CA LEU C 188 7.86 -6.10 -54.29
C LEU C 188 6.34 -6.00 -54.39
N ASN C 189 5.89 -5.33 -55.44
CA ASN C 189 4.46 -5.11 -55.74
C ASN C 189 3.69 -4.43 -54.65
N ALA C 190 4.42 -3.65 -53.87
CA ALA C 190 3.82 -2.87 -52.81
C ALA C 190 2.68 -2.05 -53.44
N GLU C 191 1.55 -2.02 -52.72
CA GLU C 191 0.34 -1.43 -53.22
C GLU C 191 0.16 0.08 -52.90
N ASP C 192 -0.45 0.76 -53.87
CA ASP C 192 -0.83 2.19 -53.74
C ASP C 192 -2.08 2.47 -54.58
N GLY C 193 -2.49 3.73 -54.66
CA GLY C 193 -3.73 4.11 -55.33
C GLY C 193 -3.73 3.82 -56.80
N GLN C 194 -2.54 3.95 -57.40
CA GLN C 194 -2.38 3.70 -58.84
C GLN C 194 -2.53 2.23 -59.15
N GLN C 195 -1.94 1.40 -58.30
CA GLN C 195 -2.05 -0.06 -58.46
C GLN C 195 -3.52 -0.47 -58.40
N VAL C 196 -4.28 0.12 -57.49
CA VAL C 196 -5.68 -0.24 -57.40
C VAL C 196 -6.43 0.12 -58.67
N ASP C 197 -6.16 1.31 -59.20
CA ASP C 197 -6.77 1.76 -60.44
C ASP C 197 -6.43 0.83 -61.58
N ASP C 198 -5.16 0.45 -61.65
CA ASP C 198 -4.72 -0.53 -62.67
C ASP C 198 -5.37 -1.84 -62.50
N MET C 199 -5.41 -2.32 -61.25
CA MET C 199 -5.96 -3.66 -60.97
C MET C 199 -7.43 -3.70 -61.36
N GLU C 200 -8.18 -2.69 -60.95
CA GLU C 200 -9.62 -2.67 -61.29
C GLU C 200 -9.85 -2.58 -62.79
N THR C 201 -8.99 -1.81 -63.43
CA THR C 201 -9.08 -1.63 -64.86
C THR C 201 -8.86 -2.96 -65.53
N ALA C 202 -7.79 -3.64 -65.11
CA ALA C 202 -7.43 -4.94 -65.71
C ALA C 202 -8.53 -5.97 -65.43
N VAL C 203 -9.07 -5.95 -64.22
CA VAL C 203 -10.10 -6.93 -63.87
C VAL C 203 -11.31 -6.69 -64.71
N ASP C 204 -11.72 -5.44 -64.82
CA ASP C 204 -12.80 -5.02 -65.76
C ASP C 204 -12.56 -5.50 -67.20
N LEU C 205 -11.39 -5.25 -67.74
CA LEU C 205 -11.11 -5.73 -69.11
C LEU C 205 -11.28 -7.23 -69.25
N ALA C 206 -10.66 -7.98 -68.34
CA ALA C 206 -10.76 -9.43 -68.35
C ALA C 206 -12.20 -9.92 -68.35
N LEU C 207 -13.01 -9.30 -67.51
CA LEU C 207 -14.43 -9.71 -67.44
C LEU C 207 -15.25 -9.35 -68.68
N LEU C 208 -14.99 -8.18 -69.26
CA LEU C 208 -15.74 -7.71 -70.42
C LEU C 208 -15.30 -8.31 -71.71
N ASP C 209 -14.05 -8.71 -71.78
CA ASP C 209 -13.53 -9.30 -72.99
C ASP C 209 -14.14 -10.70 -73.21
N PRO C 210 -14.95 -10.88 -74.26
CA PRO C 210 -15.49 -12.22 -74.53
C PRO C 210 -14.50 -13.30 -74.94
N GLY C 211 -13.29 -12.95 -75.37
CA GLY C 211 -12.23 -13.99 -75.62
C GLY C 211 -11.47 -14.47 -74.35
N VAL C 212 -11.85 -13.95 -73.17
CA VAL C 212 -11.33 -14.37 -71.92
C VAL C 212 -12.35 -15.30 -71.27
N ARG C 213 -11.88 -16.47 -70.87
CA ARG C 213 -12.69 -17.43 -70.12
C ARG C 213 -12.31 -17.58 -68.65
N VAL C 214 -11.02 -17.37 -68.34
CA VAL C 214 -10.45 -17.50 -67.00
C VAL C 214 -9.43 -16.41 -66.74
N GLY C 215 -9.32 -15.99 -65.50
CA GLY C 215 -8.27 -15.03 -65.09
C GLY C 215 -7.08 -15.72 -64.37
N LEU C 216 -5.94 -15.07 -64.42
CA LEU C 216 -4.76 -15.46 -63.71
C LEU C 216 -4.07 -14.28 -63.12
N LEU C 217 -3.76 -14.34 -61.82
CA LEU C 217 -3.08 -13.24 -61.17
C LEU C 217 -1.79 -13.78 -60.65
N ARG C 218 -0.70 -13.07 -60.95
CA ARG C 218 0.64 -13.51 -60.63
C ARG C 218 1.61 -12.38 -60.55
N GLY C 219 2.58 -12.51 -59.65
CA GLY C 219 3.59 -11.48 -59.46
C GLY C 219 4.66 -11.62 -60.51
N GLY C 220 5.15 -10.49 -60.99
CA GLY C 220 6.14 -10.50 -62.07
C GLY C 220 7.56 -10.56 -61.51
N VAL C 221 8.50 -10.71 -62.43
CA VAL C 221 9.92 -10.77 -62.07
C VAL C 221 10.35 -9.47 -61.43
N MET C 222 11.06 -9.58 -60.31
CA MET C 222 11.53 -8.39 -59.58
C MET C 222 12.90 -7.95 -60.06
N SER C 223 13.22 -6.69 -59.77
CA SER C 223 14.49 -6.09 -60.17
C SER C 223 15.33 -5.49 -59.03
N HIS C 224 14.69 -5.14 -57.92
CA HIS C 224 15.43 -4.86 -56.67
C HIS C 224 16.53 -5.95 -56.37
N PRO C 225 17.77 -5.52 -55.98
CA PRO C 225 18.92 -6.44 -55.78
C PRO C 225 18.70 -7.67 -54.90
N ARG C 226 17.94 -7.52 -53.81
CA ARG C 226 17.66 -8.62 -52.91
C ARG C 226 16.72 -9.72 -53.53
N TYR C 227 16.04 -9.38 -54.64
CA TYR C 227 15.11 -10.29 -55.32
C TYR C 227 15.35 -10.41 -56.84
N ARG C 228 16.49 -9.90 -57.33
CA ARG C 228 16.72 -9.86 -58.81
C ARG C 228 16.52 -11.22 -59.52
N GLY C 229 15.65 -11.22 -60.55
CA GLY C 229 15.29 -12.44 -61.31
C GLY C 229 14.24 -13.35 -60.71
N LYS C 230 13.75 -13.02 -59.53
CA LYS C 230 12.75 -13.84 -58.81
C LYS C 230 11.37 -13.19 -58.88
N ARG C 231 10.32 -14.00 -59.08
CA ARG C 231 8.98 -13.48 -58.94
C ARG C 231 8.55 -13.26 -57.49
N VAL C 232 7.77 -12.21 -57.27
CA VAL C 232 7.18 -11.94 -55.96
C VAL C 232 5.73 -11.48 -56.11
N PHE C 233 4.83 -12.08 -55.32
CA PHE C 233 3.38 -11.79 -55.44
C PHE C 233 3.00 -10.44 -54.87
N SER C 234 3.09 -10.27 -53.56
CA SER C 234 2.80 -8.94 -52.93
C SER C 234 3.39 -8.77 -51.54
N ALA C 235 3.96 -7.59 -51.30
CA ALA C 235 4.48 -7.17 -49.99
C ALA C 235 3.50 -6.22 -49.33
N GLY C 236 2.30 -6.18 -49.86
CA GLY C 236 1.23 -5.47 -49.24
C GLY C 236 1.37 -3.99 -49.36
N ILE C 237 0.70 -3.28 -48.49
CA ILE C 237 0.52 -1.84 -48.70
C ILE C 237 1.85 -1.13 -48.69
N ASN C 238 1.98 -0.12 -49.55
CA ASN C 238 3.13 0.78 -49.51
C ASN C 238 3.23 1.60 -48.22
N LEU C 239 4.09 1.16 -47.31
CA LEU C 239 4.20 1.74 -45.96
C LEU C 239 4.87 3.08 -45.95
N LYS C 240 5.78 3.29 -46.89
CA LYS C 240 6.40 4.62 -47.09
C LYS C 240 5.32 5.64 -47.42
N TYR C 241 4.53 5.32 -48.44
CA TYR C 241 3.45 6.23 -48.90
C TYR C 241 2.44 6.46 -47.80
N LEU C 242 2.07 5.40 -47.10
CA LEU C 242 1.17 5.52 -45.95
C LEU C 242 1.68 6.55 -44.91
N SER C 243 2.97 6.50 -44.59
CA SER C 243 3.63 7.49 -43.68
C SER C 243 3.63 8.93 -44.17
N GLN C 244 3.94 9.04 -45.46
CA GLN C 244 3.98 10.31 -46.20
C GLN C 244 2.62 10.94 -46.52
N GLY C 245 1.54 10.22 -46.22
CA GLY C 245 0.20 10.73 -46.37
C GLY C 245 -0.51 10.36 -47.64
N GLY C 246 0.11 9.50 -48.44
CA GLY C 246 -0.40 9.19 -49.80
C GLY C 246 -1.31 7.99 -49.95
N ILE C 247 -1.77 7.40 -48.84
CA ILE C 247 -2.76 6.27 -48.90
C ILE C 247 -4.14 6.79 -48.54
N SER C 248 -5.01 6.74 -49.53
CA SER C 248 -6.33 7.28 -49.44
C SER C 248 -7.28 6.25 -48.86
N LEU C 249 -8.01 6.66 -47.87
CA LEU C 249 -9.08 5.86 -47.30
C LEU C 249 -10.04 5.45 -48.38
N VAL C 250 -10.51 6.43 -49.13
CA VAL C 250 -11.56 6.17 -50.14
C VAL C 250 -11.01 5.58 -51.41
N ASP C 251 -9.96 6.19 -51.94
CA ASP C 251 -9.45 5.84 -53.29
C ASP C 251 -8.51 4.65 -53.31
N PHE C 252 -8.05 4.23 -52.13
CA PHE C 252 -7.29 3.03 -51.96
C PHE C 252 -8.07 1.97 -51.12
N LEU C 253 -8.30 2.26 -49.85
CA LEU C 253 -8.71 1.21 -48.94
C LEU C 253 -10.13 0.75 -49.22
N MET C 254 -11.04 1.65 -49.54
CA MET C 254 -12.42 1.23 -49.80
C MET C 254 -12.59 0.87 -51.22
N ARG C 255 -11.89 1.58 -52.08
CA ARG C 255 -12.01 1.32 -53.53
C ARG C 255 -11.65 -0.10 -53.89
N ARG C 256 -10.53 -0.60 -53.35
CA ARG C 256 -10.11 -1.97 -53.67
C ARG C 256 -11.10 -2.99 -53.18
N GLU C 257 -11.67 -2.76 -51.98
CA GLU C 257 -12.59 -3.78 -51.40
C GLU C 257 -13.87 -3.85 -52.13
N LEU C 258 -14.37 -2.70 -52.52
CA LEU C 258 -15.72 -2.61 -53.15
C LEU C 258 -15.67 -2.68 -54.65
N GLY C 259 -14.46 -2.51 -55.20
CA GLY C 259 -14.24 -2.58 -56.63
C GLY C 259 -13.64 -3.92 -57.11
N TYR C 260 -12.34 -3.93 -57.42
CA TYR C 260 -11.80 -5.07 -58.11
C TYR C 260 -11.94 -6.39 -57.31
N ILE C 261 -11.75 -6.32 -56.01
CA ILE C 261 -11.81 -7.50 -55.19
C ILE C 261 -13.23 -8.06 -55.17
N HIS C 262 -14.20 -7.17 -55.06
CA HIS C 262 -15.61 -7.58 -55.08
C HIS C 262 -15.99 -8.05 -56.43
N LYS C 263 -15.33 -7.52 -57.45
CA LYS C 263 -15.59 -7.98 -58.83
C LYS C 263 -15.03 -9.37 -59.11
N LEU C 264 -13.93 -9.70 -58.45
CA LEU C 264 -13.43 -11.06 -58.55
C LEU C 264 -14.48 -12.05 -58.05
N VAL C 265 -15.18 -11.66 -56.99
CA VAL C 265 -16.19 -12.52 -56.39
C VAL C 265 -17.46 -12.48 -57.22
N ARG C 266 -18.04 -11.31 -57.41
CA ARG C 266 -19.38 -11.18 -58.02
C ARG C 266 -19.49 -10.83 -59.54
N GLY C 267 -18.38 -10.48 -60.15
CA GLY C 267 -18.34 -10.01 -61.54
C GLY C 267 -18.68 -8.54 -61.71
N VAL C 268 -18.69 -8.10 -62.97
CA VAL C 268 -19.06 -6.70 -63.30
C VAL C 268 -20.55 -6.63 -63.60
N LEU C 269 -21.22 -5.67 -62.95
CA LEU C 269 -22.55 -5.29 -63.29
C LEU C 269 -22.59 -4.52 -64.61
N THR C 270 -23.28 -5.08 -65.61
CA THR C 270 -23.42 -4.42 -66.94
C THR C 270 -24.79 -3.79 -67.08
N ASN C 271 -24.95 -2.99 -68.11
CA ASN C 271 -26.31 -2.55 -68.50
C ASN C 271 -27.02 -3.72 -69.17
N ASP C 272 -28.35 -3.66 -69.14
CA ASP C 272 -29.22 -4.56 -69.94
C ASP C 272 -29.03 -4.56 -71.48
N ASP C 273 -27.94 -5.12 -71.99
CA ASP C 273 -27.51 -4.85 -73.40
C ASP C 273 -27.12 -6.11 -74.10
N ARG C 274 -27.61 -7.24 -73.58
CA ARG C 274 -27.24 -8.54 -74.15
C ARG C 274 -28.27 -9.57 -73.79
N PRO C 275 -28.33 -10.66 -74.53
CA PRO C 275 -29.21 -11.76 -74.11
C PRO C 275 -28.81 -12.27 -72.74
N GLY C 276 -29.75 -12.80 -72.00
CA GLY C 276 -29.37 -13.52 -70.74
C GLY C 276 -29.12 -12.60 -69.54
N TRP C 277 -29.17 -11.30 -69.78
CA TRP C 277 -29.00 -10.34 -68.71
C TRP C 277 -29.97 -10.55 -67.58
N TRP C 278 -31.20 -10.94 -67.93
CA TRP C 278 -32.23 -11.19 -66.91
C TRP C 278 -31.84 -12.24 -65.87
N HIS C 279 -31.00 -13.20 -66.26
CA HIS C 279 -30.52 -14.23 -65.34
C HIS C 279 -29.10 -13.93 -64.86
N SER C 280 -28.32 -13.12 -65.59
CA SER C 280 -26.94 -12.84 -65.28
C SER C 280 -26.62 -11.42 -65.59
N PRO C 281 -27.09 -10.52 -64.72
CA PRO C 281 -26.77 -9.12 -64.89
C PRO C 281 -25.30 -8.80 -64.75
N ARG C 282 -24.58 -9.74 -64.10
CA ARG C 282 -23.14 -9.57 -63.83
C ARG C 282 -22.39 -10.55 -64.65
N ILE C 283 -21.29 -10.11 -65.24
CA ILE C 283 -20.42 -11.03 -65.89
C ILE C 283 -19.33 -11.42 -64.89
N GLU C 284 -19.35 -12.67 -64.47
CA GLU C 284 -18.34 -13.22 -63.61
C GLU C 284 -17.52 -14.30 -64.30
N LYS C 285 -16.26 -14.41 -63.91
CA LYS C 285 -15.41 -15.50 -64.38
C LYS C 285 -14.56 -16.08 -63.23
N PRO C 286 -14.08 -17.31 -63.40
CA PRO C 286 -13.14 -17.87 -62.42
C PRO C 286 -11.75 -17.31 -62.49
N TRP C 287 -11.10 -17.30 -61.34
CA TRP C 287 -9.76 -16.73 -61.18
C TRP C 287 -8.79 -17.68 -60.46
N VAL C 288 -7.59 -17.78 -61.01
CA VAL C 288 -6.52 -18.50 -60.44
C VAL C 288 -5.46 -17.51 -59.97
N ALA C 289 -4.95 -17.71 -58.76
CA ALA C 289 -3.77 -16.92 -58.25
C ALA C 289 -2.59 -17.85 -58.04
N ALA C 290 -1.43 -17.39 -58.43
CA ALA C 290 -0.18 -18.15 -58.27
C ALA C 290 0.76 -17.31 -57.43
N VAL C 291 1.16 -17.85 -56.30
CA VAL C 291 1.98 -17.09 -55.33
C VAL C 291 3.45 -17.48 -55.33
N ASP C 292 4.29 -16.57 -55.79
CA ASP C 292 5.76 -16.72 -55.74
C ASP C 292 6.31 -15.83 -54.64
N GLY C 293 7.30 -16.37 -53.91
CA GLY C 293 7.98 -15.66 -52.84
C GLY C 293 7.11 -15.53 -51.59
N PHE C 294 6.15 -14.60 -51.63
CA PHE C 294 5.26 -14.44 -50.53
C PHE C 294 4.08 -13.55 -50.85
N ALA C 295 3.05 -13.70 -50.04
CA ALA C 295 1.89 -12.87 -50.11
C ALA C 295 1.70 -12.27 -48.76
N ILE C 296 1.88 -10.95 -48.67
CA ILE C 296 1.81 -10.24 -47.40
C ILE C 296 0.70 -9.21 -47.43
N GLY C 297 -0.05 -9.13 -46.33
CA GLY C 297 -1.01 -8.04 -46.13
C GLY C 297 -2.07 -8.05 -47.18
N GLY C 298 -2.14 -6.97 -47.93
CA GLY C 298 -3.19 -6.82 -48.96
C GLY C 298 -3.09 -7.93 -49.99
N GLY C 299 -1.88 -8.37 -50.27
CA GLY C 299 -1.70 -9.50 -51.19
C GLY C 299 -2.26 -10.81 -50.63
N ALA C 300 -2.05 -11.05 -49.34
CA ALA C 300 -2.59 -12.26 -48.72
C ALA C 300 -4.11 -12.20 -48.70
N GLN C 301 -4.62 -11.02 -48.40
CA GLN C 301 -6.06 -10.80 -48.43
C GLN C 301 -6.69 -11.25 -49.75
N LEU C 302 -5.99 -10.99 -50.85
CA LEU C 302 -6.55 -11.31 -52.17
C LEU C 302 -6.84 -12.77 -52.30
N LEU C 303 -6.07 -13.60 -51.64
CA LEU C 303 -6.17 -15.08 -51.87
C LEU C 303 -7.48 -15.64 -51.41
N LEU C 304 -8.16 -14.91 -50.54
CA LEU C 304 -9.42 -15.37 -49.98
C LEU C 304 -10.64 -15.32 -50.91
N VAL C 305 -10.38 -14.97 -52.16
CA VAL C 305 -11.39 -14.65 -53.19
C VAL C 305 -11.18 -15.38 -54.49
N PHE C 306 -10.11 -16.15 -54.62
CA PHE C 306 -9.84 -16.86 -55.82
C PHE C 306 -10.50 -18.24 -55.86
N ASP C 307 -10.70 -18.76 -57.06
CA ASP C 307 -11.25 -20.09 -57.21
C ASP C 307 -10.24 -21.18 -57.05
N ARG C 308 -9.00 -20.85 -57.38
CA ARG C 308 -7.90 -21.77 -57.26
C ARG C 308 -6.66 -20.95 -56.86
N VAL C 309 -5.84 -21.49 -55.93
CA VAL C 309 -4.63 -20.84 -55.48
C VAL C 309 -3.48 -21.81 -55.47
N LEU C 310 -2.42 -21.40 -56.14
CA LEU C 310 -1.21 -22.18 -56.25
C LEU C 310 -0.11 -21.43 -55.57
N ALA C 311 0.80 -22.16 -54.94
CA ALA C 311 1.97 -21.49 -54.36
C ALA C 311 3.23 -22.27 -54.55
N SER C 312 4.33 -21.55 -54.63
CA SER C 312 5.68 -22.15 -54.71
C SER C 312 6.01 -22.69 -53.31
N SER C 313 6.70 -23.81 -53.32
CA SER C 313 7.12 -24.47 -52.04
C SER C 313 7.71 -23.57 -50.95
N ASP C 314 8.31 -22.48 -51.38
CA ASP C 314 9.07 -21.61 -50.48
C ASP C 314 8.32 -20.44 -49.96
N ALA C 315 7.06 -20.36 -50.33
CA ALA C 315 6.30 -19.15 -50.13
C ALA C 315 5.71 -19.19 -48.76
N TYR C 316 5.35 -18.00 -48.29
CA TYR C 316 4.60 -17.88 -47.08
C TYR C 316 3.49 -16.83 -47.22
N PHE C 317 2.53 -16.92 -46.31
N PHE C 317 2.50 -16.93 -46.32
CA PHE C 317 1.35 -16.05 -46.29
CA PHE C 317 1.24 -16.10 -46.25
C PHE C 317 1.27 -15.38 -44.93
C PHE C 317 1.29 -15.38 -44.94
N SER C 318 1.22 -14.06 -44.92
CA SER C 318 1.08 -13.33 -43.60
C SER C 318 0.31 -12.06 -43.64
N LEU C 319 -0.28 -11.75 -42.57
CA LEU C 319 -0.97 -10.46 -42.30
C LEU C 319 -0.26 -9.95 -41.03
N PRO C 320 0.88 -9.30 -41.19
CA PRO C 320 1.88 -9.15 -40.13
C PRO C 320 1.67 -8.06 -39.09
N ALA C 321 0.87 -7.04 -39.40
CA ALA C 321 0.84 -5.84 -38.55
C ALA C 321 -0.17 -6.02 -37.39
N ALA C 322 0.16 -6.98 -36.56
CA ALA C 322 -0.72 -7.39 -35.51
C ALA C 322 -0.75 -6.40 -34.33
N LYS C 323 0.42 -5.84 -34.03
CA LYS C 323 0.55 -4.91 -32.92
C LYS C 323 0.17 -3.47 -33.23
N GLU C 324 0.74 -2.93 -34.31
CA GLU C 324 0.45 -1.54 -34.67
C GLU C 324 0.01 -1.31 -36.12
N GLY C 325 -0.80 -2.21 -36.68
CA GLY C 325 -1.25 -2.02 -38.02
C GLY C 325 -2.71 -1.68 -38.18
N ILE C 326 -3.05 -1.43 -39.44
CA ILE C 326 -4.38 -1.19 -39.82
C ILE C 326 -5.13 -2.52 -39.96
N ILE C 327 -6.44 -2.47 -40.15
CA ILE C 327 -7.21 -3.70 -40.31
C ILE C 327 -6.82 -4.26 -41.70
N PRO C 328 -6.56 -5.58 -41.79
CA PRO C 328 -6.20 -6.19 -43.10
C PRO C 328 -7.40 -6.42 -43.96
N GLY C 329 -7.99 -5.32 -44.43
CA GLY C 329 -9.11 -5.39 -45.35
C GLY C 329 -10.27 -6.21 -44.87
N ALA C 330 -10.72 -7.07 -45.78
CA ALA C 330 -11.74 -8.04 -45.52
C ALA C 330 -11.20 -9.42 -45.10
N ALA C 331 -9.92 -9.53 -44.78
CA ALA C 331 -9.46 -10.76 -44.14
C ALA C 331 -10.22 -11.06 -42.84
N ASN C 332 -10.53 -10.05 -42.05
CA ASN C 332 -11.30 -10.33 -40.81
C ASN C 332 -12.72 -10.92 -41.12
N LEU C 333 -13.22 -10.62 -42.30
CA LEU C 333 -14.51 -11.11 -42.75
C LEU C 333 -14.40 -12.53 -43.26
N ARG C 334 -13.37 -12.79 -44.03
CA ARG C 334 -13.26 -13.98 -44.84
C ARG C 334 -12.40 -15.11 -44.28
N LEU C 335 -11.39 -14.74 -43.54
CA LEU C 335 -10.43 -15.72 -43.08
C LEU C 335 -11.00 -16.84 -42.25
N GLY C 336 -11.94 -16.51 -41.39
CA GLY C 336 -12.57 -17.48 -40.48
C GLY C 336 -13.24 -18.64 -41.16
N ARG C 337 -13.78 -18.38 -42.32
CA ARG C 337 -14.49 -19.39 -43.15
C ARG C 337 -13.46 -20.33 -43.76
N PHE C 338 -12.26 -19.83 -43.99
CA PHE C 338 -11.17 -20.66 -44.50
C PHE C 338 -10.42 -21.46 -43.42
N ALA C 339 -10.22 -20.86 -42.26
CA ALA C 339 -9.30 -21.42 -41.24
C ALA C 339 -9.89 -21.66 -39.87
N GLY C 340 -11.14 -21.23 -39.66
CA GLY C 340 -11.79 -21.26 -38.36
C GLY C 340 -11.30 -20.12 -37.49
N PRO C 341 -11.91 -19.94 -36.33
CA PRO C 341 -11.65 -18.80 -35.50
C PRO C 341 -10.35 -18.82 -34.76
N ARG C 342 -9.83 -20.00 -34.51
CA ARG C 342 -8.60 -20.09 -33.72
C ARG C 342 -7.46 -19.68 -34.63
N VAL C 343 -7.33 -20.32 -35.78
CA VAL C 343 -6.23 -19.96 -36.68
C VAL C 343 -6.35 -18.50 -37.22
N SER C 344 -7.57 -18.11 -37.53
CA SER C 344 -7.85 -16.77 -37.99
C SER C 344 -7.31 -15.74 -36.96
N ARG C 345 -7.48 -15.99 -35.67
CA ARG C 345 -6.94 -15.12 -34.64
C ARG C 345 -5.47 -15.25 -34.48
N GLN C 346 -4.95 -16.45 -34.67
CA GLN C 346 -3.49 -16.60 -34.63
C GLN C 346 -2.81 -15.77 -35.70
N VAL C 347 -3.43 -15.75 -36.89
CA VAL C 347 -2.87 -15.03 -38.02
C VAL C 347 -3.04 -13.51 -37.85
N ILE C 348 -4.25 -13.08 -37.45
CA ILE C 348 -4.56 -11.66 -37.47
C ILE C 348 -4.25 -10.97 -36.13
N LEU C 349 -4.70 -11.55 -35.01
CA LEU C 349 -4.40 -11.00 -33.73
C LEU C 349 -2.94 -11.13 -33.30
N GLU C 350 -2.26 -12.20 -33.70
CA GLU C 350 -0.88 -12.47 -33.24
C GLU C 350 0.15 -12.60 -34.32
N GLY C 351 -0.23 -12.45 -35.58
CA GLY C 351 0.75 -12.26 -36.62
C GLY C 351 1.41 -13.56 -36.99
N ARG C 352 0.72 -14.65 -36.83
CA ARG C 352 1.29 -15.88 -37.25
C ARG C 352 1.39 -15.94 -38.74
N ARG C 353 2.55 -16.30 -39.15
CA ARG C 353 2.85 -16.45 -40.56
C ARG C 353 2.75 -17.91 -40.94
N ILE C 354 2.17 -18.19 -42.10
CA ILE C 354 1.85 -19.56 -42.57
C ILE C 354 2.58 -19.94 -43.82
N TRP C 355 3.31 -21.04 -43.75
CA TRP C 355 4.25 -21.40 -44.80
C TRP C 355 3.57 -22.31 -45.74
N ALA C 356 3.94 -22.21 -47.01
CA ALA C 356 3.32 -23.06 -48.05
C ALA C 356 3.35 -24.54 -47.73
N LYS C 357 4.43 -24.99 -47.10
CA LYS C 357 4.63 -26.42 -46.90
C LYS C 357 4.05 -26.98 -45.62
N GLU C 358 3.54 -26.12 -44.71
CA GLU C 358 2.96 -26.66 -43.50
C GLU C 358 1.54 -27.17 -43.82
N PRO C 359 1.06 -28.22 -43.10
CA PRO C 359 -0.34 -28.69 -43.35
C PRO C 359 -1.41 -27.62 -43.37
N GLU C 360 -1.35 -26.65 -42.48
CA GLU C 360 -2.36 -25.56 -42.46
C GLU C 360 -2.37 -24.61 -43.70
N ALA C 361 -1.34 -24.65 -44.53
CA ALA C 361 -1.38 -23.94 -45.79
C ALA C 361 -2.54 -24.43 -46.66
N ARG C 362 -2.90 -25.68 -46.53
CA ARG C 362 -3.98 -26.27 -47.35
C ARG C 362 -5.34 -25.66 -47.04
N LEU C 363 -5.45 -24.91 -45.95
CA LEU C 363 -6.61 -24.08 -45.67
C LEU C 363 -6.77 -22.90 -46.61
N LEU C 364 -5.67 -22.43 -47.16
CA LEU C 364 -5.59 -21.24 -48.05
C LEU C 364 -5.16 -21.50 -49.48
N VAL C 365 -4.53 -22.64 -49.71
CA VAL C 365 -3.81 -22.93 -50.92
C VAL C 365 -4.19 -24.28 -51.39
N ASP C 366 -4.48 -24.41 -52.69
CA ASP C 366 -4.91 -25.67 -53.23
C ASP C 366 -3.75 -26.57 -53.58
N GLU C 367 -2.67 -26.00 -54.04
CA GLU C 367 -1.55 -26.75 -54.61
C GLU C 367 -0.28 -26.05 -54.32
N VAL C 368 0.68 -26.84 -53.85
CA VAL C 368 1.99 -26.31 -53.48
C VAL C 368 2.99 -27.11 -54.28
N VAL C 369 3.85 -26.40 -55.01
CA VAL C 369 4.61 -27.03 -56.06
C VAL C 369 5.99 -26.46 -55.99
N GLU C 370 6.97 -27.28 -56.34
CA GLU C 370 8.37 -26.83 -56.42
C GLU C 370 8.52 -25.80 -57.50
N PRO C 371 9.33 -24.73 -57.27
CA PRO C 371 9.58 -23.67 -58.26
C PRO C 371 9.70 -24.11 -59.74
N ASP C 372 10.41 -25.22 -60.00
CA ASP C 372 10.59 -25.72 -61.40
C ASP C 372 9.39 -26.48 -61.98
N GLU C 373 8.39 -26.78 -61.18
CA GLU C 373 7.16 -27.46 -61.62
C GLU C 373 5.94 -26.50 -61.71
N LEU C 374 6.14 -25.28 -61.27
CA LEU C 374 5.07 -24.34 -60.99
C LEU C 374 4.39 -23.77 -62.24
N ASP C 375 5.18 -23.35 -63.24
CA ASP C 375 4.66 -22.79 -64.50
C ASP C 375 3.70 -23.76 -65.10
N ALA C 376 4.10 -25.02 -65.12
CA ALA C 376 3.28 -26.03 -65.78
C ALA C 376 2.02 -26.32 -64.99
N ALA C 377 2.14 -26.29 -63.67
CA ALA C 377 0.97 -26.54 -62.80
C ALA C 377 -0.09 -25.41 -62.90
N ILE C 378 0.40 -24.18 -62.98
CA ILE C 378 -0.44 -23.04 -63.27
C ILE C 378 -1.18 -23.27 -64.62
N GLU C 379 -0.44 -23.64 -65.67
CA GLU C 379 -1.08 -23.87 -67.00
C GLU C 379 -2.19 -24.92 -66.92
N ARG C 380 -1.93 -26.03 -66.27
CA ARG C 380 -2.94 -27.10 -66.11
C ARG C 380 -4.17 -26.61 -65.37
N SER C 381 -3.95 -25.85 -64.30
CA SER C 381 -5.10 -25.34 -63.49
C SER C 381 -6.03 -24.46 -64.29
N LEU C 382 -5.47 -23.72 -65.22
CA LEU C 382 -6.24 -22.83 -66.08
C LEU C 382 -7.19 -23.55 -67.03
N THR C 383 -6.74 -24.70 -67.55
CA THR C 383 -7.57 -25.51 -68.42
C THR C 383 -8.67 -26.20 -67.62
N ARG C 384 -8.56 -26.35 -66.31
CA ARG C 384 -9.62 -27.08 -65.57
C ARG C 384 -10.86 -26.21 -65.20
N LEU C 385 -10.85 -24.92 -65.45
CA LEU C 385 -11.86 -24.02 -64.99
C LEU C 385 -12.75 -23.35 -66.06
N ASP C 386 -12.78 -23.95 -67.24
CA ASP C 386 -13.30 -23.35 -68.50
C ASP C 386 -14.81 -23.30 -68.65
N GLY C 387 -15.50 -24.34 -68.25
CA GLY C 387 -16.89 -24.39 -68.75
C GLY C 387 -17.95 -23.45 -68.16
N ASP C 388 -19.17 -23.71 -68.57
CA ASP C 388 -20.35 -23.11 -67.97
C ASP C 388 -20.74 -23.74 -66.64
N ALA C 389 -20.37 -25.00 -66.43
CA ALA C 389 -20.66 -25.67 -65.16
C ALA C 389 -19.90 -25.01 -64.02
N VAL C 390 -18.65 -24.71 -64.29
CA VAL C 390 -17.85 -23.93 -63.35
C VAL C 390 -18.46 -22.55 -63.03
N LEU C 391 -18.86 -21.80 -64.06
CA LEU C 391 -19.50 -20.49 -63.80
C LEU C 391 -20.71 -20.62 -62.86
N ALA C 392 -21.58 -21.60 -63.13
CA ALA C 392 -22.78 -21.69 -62.38
C ALA C 392 -22.41 -22.10 -60.95
N ASN C 393 -21.54 -23.08 -60.84
CA ASN C 393 -21.17 -23.60 -59.55
C ASN C 393 -20.44 -22.57 -58.72
N ARG C 394 -19.59 -21.75 -59.33
CA ARG C 394 -18.84 -20.78 -58.50
C ARG C 394 -19.75 -19.68 -58.04
N ARG C 395 -20.74 -19.37 -58.84
CA ARG C 395 -21.73 -18.38 -58.43
C ARG C 395 -22.52 -18.83 -57.21
N MET C 396 -22.96 -20.07 -57.24
CA MET C 396 -23.74 -20.66 -56.14
C MET C 396 -22.85 -20.79 -54.91
N LEU C 397 -21.60 -21.22 -55.11
CA LEU C 397 -20.64 -21.27 -54.00
C LEU C 397 -20.38 -19.94 -53.32
N ASN C 398 -20.24 -18.88 -54.12
CA ASN C 398 -19.97 -17.55 -53.58
C ASN C 398 -21.11 -16.95 -52.84
N LEU C 399 -22.29 -17.23 -53.37
CA LEU C 399 -23.54 -16.84 -52.73
C LEU C 399 -23.74 -17.47 -51.33
N ALA C 400 -23.43 -18.73 -51.21
CA ALA C 400 -23.48 -19.42 -49.93
C ALA C 400 -22.39 -18.96 -48.98
N ASP C 401 -21.17 -18.78 -49.51
CA ASP C 401 -19.99 -18.44 -48.70
C ASP C 401 -20.14 -17.04 -48.09
N GLU C 402 -20.71 -16.10 -48.84
CA GLU C 402 -20.69 -14.69 -48.41
C GLU C 402 -21.95 -14.03 -48.87
N SER C 403 -22.85 -13.77 -47.94
CA SER C 403 -24.12 -13.11 -48.32
C SER C 403 -23.92 -11.65 -48.60
N PRO C 404 -24.79 -11.08 -49.40
CA PRO C 404 -24.65 -9.62 -49.69
C PRO C 404 -24.80 -8.77 -48.46
N ASP C 405 -25.73 -9.13 -47.60
CA ASP C 405 -25.83 -8.47 -46.29
C ASP C 405 -24.58 -8.59 -45.44
N GLY C 406 -23.96 -9.78 -45.46
CA GLY C 406 -22.80 -10.05 -44.60
C GLY C 406 -21.70 -9.11 -45.03
N PHE C 407 -21.50 -9.05 -46.35
CA PHE C 407 -20.42 -8.22 -46.92
C PHE C 407 -20.64 -6.76 -46.62
N ARG C 408 -21.88 -6.36 -46.78
CA ARG C 408 -22.26 -4.96 -46.61
C ARG C 408 -22.14 -4.50 -45.20
N ALA C 409 -22.67 -5.31 -44.30
CA ALA C 409 -22.58 -4.99 -42.85
C ALA C 409 -21.13 -4.80 -42.42
N TYR C 410 -20.28 -5.70 -42.90
CA TYR C 410 -18.87 -5.66 -42.54
C TYR C 410 -18.21 -4.40 -43.13
N MET C 411 -18.39 -4.19 -44.42
CA MET C 411 -17.78 -2.99 -45.07
C MET C 411 -18.27 -1.69 -44.45
N ALA C 412 -19.51 -1.66 -44.03
CA ALA C 412 -20.03 -0.49 -43.28
C ALA C 412 -19.21 -0.19 -42.02
N GLU C 413 -19.06 -1.16 -41.13
CA GLU C 413 -18.25 -0.95 -39.93
C GLU C 413 -16.75 -0.72 -40.28
N PHE C 414 -16.27 -1.44 -41.26
CA PHE C 414 -14.89 -1.26 -41.68
C PHE C 414 -14.58 0.19 -42.07
N ALA C 415 -15.51 0.78 -42.81
CA ALA C 415 -15.30 2.12 -43.36
C ALA C 415 -14.85 3.07 -42.26
N LEU C 416 -15.50 2.99 -41.10
CA LEU C 416 -15.15 3.88 -39.99
C LEU C 416 -14.04 3.36 -39.14
N MET C 417 -14.07 2.07 -38.82
CA MET C 417 -12.98 1.43 -38.04
C MET C 417 -11.63 1.63 -38.71
N GLN C 418 -11.57 1.44 -40.02
CA GLN C 418 -10.32 1.59 -40.74
C GLN C 418 -9.84 3.05 -40.82
N ALA C 419 -10.80 3.95 -41.00
CA ALA C 419 -10.53 5.38 -41.00
C ALA C 419 -9.84 5.76 -39.71
N LEU C 420 -10.39 5.30 -38.57
CA LEU C 420 -9.78 5.56 -37.27
C LEU C 420 -8.39 4.99 -37.08
N ARG C 421 -8.17 3.79 -37.62
CA ARG C 421 -6.86 3.17 -37.55
C ARG C 421 -5.87 3.92 -38.43
N LEU C 422 -6.37 4.45 -39.55
CA LEU C 422 -5.51 5.13 -40.51
C LEU C 422 -4.85 6.36 -39.85
N TYR C 423 -5.42 6.84 -38.76
CA TYR C 423 -4.95 8.01 -38.03
C TYR C 423 -4.54 7.70 -36.62
N GLY C 424 -4.36 6.43 -36.29
CA GLY C 424 -4.03 6.06 -34.94
C GLY C 424 -2.58 6.35 -34.69
N HIS C 425 -2.26 6.79 -33.47
CA HIS C 425 -0.88 7.22 -33.21
C HIS C 425 0.10 6.06 -33.39
N ASP C 426 -0.35 4.88 -33.00
CA ASP C 426 0.47 3.64 -33.01
C ASP C 426 0.87 3.28 -34.45
N VAL C 427 -0.08 3.45 -35.37
CA VAL C 427 0.11 3.13 -36.78
C VAL C 427 1.06 4.09 -37.43
N ILE C 428 0.83 5.38 -37.18
CA ILE C 428 1.67 6.47 -37.71
C ILE C 428 3.13 6.29 -37.28
N ASP C 429 3.33 5.93 -36.02
CA ASP C 429 4.67 5.63 -35.53
C ASP C 429 5.33 4.44 -36.22
N LYS C 430 4.66 3.28 -36.23
CA LYS C 430 5.16 2.01 -36.85
C LYS C 430 5.61 2.30 -38.30
N VAL C 431 4.67 2.84 -39.05
CA VAL C 431 4.82 3.20 -40.46
C VAL C 431 6.02 4.20 -40.78
N GLY C 432 6.24 5.17 -39.89
CA GLY C 432 7.34 6.12 -39.97
C GLY C 432 8.70 5.49 -39.85
N ARG C 433 8.76 4.33 -39.20
CA ARG C 433 10.03 3.59 -38.99
C ARG C 433 10.40 2.65 -40.13
N PHE C 434 9.57 2.50 -41.15
CA PHE C 434 9.84 1.48 -42.17
C PHE C 434 10.94 1.93 -43.15
N THR D 13 47.11 4.80 4.15
CA THR D 13 45.97 4.04 3.54
C THR D 13 45.20 4.92 2.46
N ASP D 14 44.63 6.04 2.93
CA ASP D 14 43.87 7.05 2.15
C ASP D 14 44.58 8.42 2.19
N GLY D 15 45.77 8.48 2.79
CA GLY D 15 46.63 9.63 2.67
C GLY D 15 46.60 10.58 3.86
N LEU D 16 45.61 10.43 4.73
CA LEU D 16 45.33 11.46 5.76
C LEU D 16 46.32 11.43 6.89
N TRP D 17 46.69 10.23 7.35
CA TRP D 17 47.70 10.16 8.39
C TRP D 17 49.01 10.82 7.95
N ALA D 18 49.43 10.48 6.75
CA ALA D 18 50.69 11.06 6.18
C ALA D 18 50.57 12.59 6.03
N ALA D 19 49.45 13.06 5.52
CA ALA D 19 49.24 14.51 5.34
C ALA D 19 49.24 15.27 6.71
N LEU D 20 48.60 14.66 7.70
CA LEU D 20 48.64 15.16 9.06
C LEU D 20 50.07 15.22 9.61
N THR D 21 50.78 14.10 9.49
CA THR D 21 52.19 13.99 9.96
C THR D 21 53.04 15.10 9.32
N GLU D 22 52.88 15.27 8.02
CA GLU D 22 53.46 16.38 7.33
C GLU D 22 53.09 17.76 7.92
N ALA D 23 51.79 18.03 8.11
CA ALA D 23 51.35 19.37 8.61
C ALA D 23 51.81 19.63 10.04
N ALA D 24 51.86 18.58 10.85
CA ALA D 24 52.43 18.71 12.19
C ALA D 24 53.92 19.05 12.17
N ALA D 25 54.65 18.49 11.20
CA ALA D 25 56.09 18.75 11.07
C ALA D 25 56.36 20.19 10.65
N SER D 26 55.61 20.71 9.69
CA SER D 26 55.71 22.17 9.41
C SER D 26 55.46 23.03 10.67
N VAL D 27 54.53 22.60 11.52
CA VAL D 27 54.23 23.37 12.75
C VAL D 27 55.44 23.34 13.65
N GLU D 28 55.99 22.14 13.90
CA GLU D 28 57.20 21.99 14.73
C GLU D 28 58.41 22.79 14.18
N LYS D 29 58.59 22.79 12.84
CA LYS D 29 59.69 23.50 12.20
C LYS D 29 59.51 25.03 12.44
N LEU D 30 58.29 25.55 12.24
CA LEU D 30 58.02 26.97 12.53
C LEU D 30 58.19 27.30 14.01
N LEU D 31 57.73 26.44 14.89
CA LEU D 31 57.88 26.73 16.33
C LEU D 31 59.34 26.74 16.75
N ALA D 32 60.13 25.82 16.20
CA ALA D 32 61.57 25.73 16.49
C ALA D 32 62.35 26.94 15.93
N THR D 33 61.93 27.47 14.78
CA THR D 33 62.64 28.55 14.12
C THR D 33 62.13 29.96 14.43
N LEU D 34 60.86 30.14 14.73
CA LEU D 34 60.38 31.49 14.97
C LEU D 34 60.65 31.90 16.41
N PRO D 35 60.58 33.23 16.68
CA PRO D 35 60.77 33.69 18.05
C PRO D 35 59.65 33.21 18.95
N GLU D 36 59.87 33.36 20.24
CA GLU D 36 58.84 33.10 21.25
C GLU D 36 57.56 33.94 21.05
N HIS D 37 56.44 33.44 21.61
CA HIS D 37 55.11 34.01 21.43
C HIS D 37 55.18 35.39 22.11
N GLY D 38 54.81 36.44 21.41
CA GLY D 38 54.90 37.82 22.03
C GLY D 38 56.14 38.58 21.61
N ALA D 39 57.10 37.89 21.01
CA ALA D 39 58.18 38.55 20.24
C ALA D 39 57.98 38.37 18.72
N ARG D 40 56.92 37.68 18.32
CA ARG D 40 56.67 37.46 16.90
C ARG D 40 56.07 38.69 16.24
N SER D 41 56.50 38.92 15.00
CA SER D 41 55.87 39.93 14.12
C SER D 41 54.51 39.44 13.62
N SER D 42 53.76 40.34 12.96
CA SER D 42 52.42 40.01 12.42
C SER D 42 52.54 38.94 11.34
N ALA D 43 53.49 39.12 10.43
CA ALA D 43 53.76 38.15 9.33
C ALA D 43 54.02 36.76 9.92
N GLU D 44 54.81 36.74 10.98
CA GLU D 44 55.19 35.51 11.69
C GLU D 44 53.99 34.89 12.46
N ARG D 45 53.29 35.71 13.21
CA ARG D 45 51.97 35.33 13.81
C ARG D 45 50.96 34.72 12.79
N ALA D 46 50.84 35.34 11.63
CA ALA D 46 49.95 34.85 10.58
C ALA D 46 50.42 33.51 9.96
N GLU D 47 51.74 33.32 9.87
CA GLU D 47 52.34 32.10 9.26
C GLU D 47 52.13 30.88 10.15
N ILE D 48 52.41 31.07 11.44
CA ILE D 48 52.15 29.99 12.41
C ILE D 48 50.63 29.68 12.57
N ALA D 49 49.79 30.72 12.57
CA ALA D 49 48.32 30.54 12.65
C ALA D 49 47.79 29.75 11.47
N ALA D 50 48.29 30.06 10.29
CA ALA D 50 47.99 29.27 9.09
C ALA D 50 48.51 27.82 9.16
N ALA D 51 49.66 27.61 9.77
CA ALA D 51 50.18 26.23 9.90
C ALA D 51 49.31 25.38 10.86
N HIS D 52 49.04 25.98 12.01
CA HIS D 52 48.14 25.39 13.04
C HIS D 52 46.79 25.03 12.42
N ASP D 53 46.26 25.96 11.61
CA ASP D 53 44.98 25.73 10.96
C ASP D 53 45.00 24.54 10.02
N ALA D 54 46.04 24.42 9.21
CA ALA D 54 46.13 23.28 8.26
C ALA D 54 46.25 21.95 9.00
N ALA D 55 47.05 21.95 10.06
CA ALA D 55 47.21 20.75 10.87
C ALA D 55 45.90 20.36 11.57
N ARG D 56 45.26 21.35 12.22
CA ARG D 56 44.01 21.08 12.96
C ARG D 56 42.90 20.59 12.05
N ALA D 57 42.83 21.19 10.88
CA ALA D 57 41.91 20.70 9.79
C ALA D 57 42.14 19.23 9.42
N LEU D 58 43.40 18.82 9.35
CA LEU D 58 43.70 17.43 9.05
C LEU D 58 43.44 16.50 10.24
N ARG D 59 43.68 16.98 11.44
CA ARG D 59 43.27 16.17 12.63
C ARG D 59 41.77 15.83 12.53
N VAL D 60 40.97 16.83 12.17
CA VAL D 60 39.53 16.62 12.07
C VAL D 60 39.21 15.62 10.97
N ARG D 61 39.73 15.86 9.77
CA ARG D 61 39.49 14.93 8.63
C ARG D 61 39.99 13.54 8.90
N PHE D 62 41.17 13.44 9.50
CA PHE D 62 41.72 12.11 9.89
C PHE D 62 40.74 11.34 10.77
N LEU D 63 40.34 12.00 11.85
CA LEU D 63 39.43 11.40 12.82
C LEU D 63 37.97 11.20 12.34
N ASP D 64 37.49 12.02 11.40
CA ASP D 64 36.15 11.77 10.80
C ASP D 64 36.04 10.40 10.26
N THR D 65 37.11 9.87 9.68
CA THR D 65 37.09 8.49 9.14
C THR D 65 37.75 7.45 10.06
N HIS D 66 38.74 7.84 10.88
CA HIS D 66 39.54 6.87 11.64
C HIS D 66 39.38 6.84 13.17
N ALA D 67 38.45 7.61 13.71
CA ALA D 67 38.31 7.74 15.16
C ALA D 67 38.09 6.39 15.87
N ASP D 68 37.15 5.58 15.38
CA ASP D 68 36.90 4.24 15.97
C ASP D 68 38.12 3.34 15.95
N ALA D 69 38.83 3.31 14.83
CA ALA D 69 40.07 2.47 14.74
C ALA D 69 41.14 2.99 15.71
N VAL D 70 41.27 4.33 15.80
CA VAL D 70 42.18 4.93 16.77
C VAL D 70 41.80 4.59 18.22
N TYR D 71 40.52 4.73 18.55
CA TYR D 71 40.06 4.45 19.90
C TYR D 71 40.24 2.95 20.22
N ASP D 72 39.89 2.12 19.27
CA ASP D 72 40.13 0.65 19.41
C ASP D 72 41.60 0.28 19.67
N ARG D 73 42.54 0.95 19.00
CA ARG D 73 43.92 0.69 19.33
C ARG D 73 44.16 1.00 20.80
N LEU D 74 43.69 2.14 21.29
CA LEU D 74 44.08 2.61 22.66
C LEU D 74 43.45 1.85 23.82
N THR D 75 42.28 1.29 23.56
CA THR D 75 41.45 0.58 24.56
C THR D 75 41.26 -0.92 24.30
N ASP D 76 42.01 -1.47 23.33
CA ASP D 76 42.00 -2.89 23.01
C ASP D 76 40.59 -3.32 22.58
N HIS D 77 40.10 -2.70 21.51
CA HIS D 77 38.72 -2.84 21.06
C HIS D 77 37.71 -2.71 22.22
N ARG D 78 37.80 -1.63 22.98
CA ARG D 78 36.79 -1.27 23.99
C ARG D 78 36.65 -2.29 25.11
N ARG D 79 37.78 -2.87 25.50
CA ARG D 79 37.84 -3.82 26.63
C ARG D 79 38.60 -3.30 27.81
N VAL D 80 39.29 -2.18 27.64
CA VAL D 80 39.90 -1.48 28.72
C VAL D 80 39.28 -0.07 28.82
N HIS D 81 38.74 0.27 30.00
CA HIS D 81 38.21 1.59 30.26
C HIS D 81 39.35 2.52 30.60
N LEU D 82 39.57 3.55 29.78
CA LEU D 82 40.54 4.59 30.12
C LEU D 82 39.81 5.91 30.36
N ARG D 83 40.12 6.54 31.49
CA ARG D 83 39.73 7.93 31.76
C ARG D 83 40.37 8.89 30.83
N LEU D 84 39.90 10.10 30.87
CA LEU D 84 40.29 11.11 29.86
C LEU D 84 41.78 11.36 29.82
N ALA D 85 42.36 11.54 31.00
CA ALA D 85 43.79 11.94 31.11
C ALA D 85 44.70 10.82 30.50
N GLU D 86 44.41 9.59 30.89
CA GLU D 86 45.08 8.39 30.36
C GLU D 86 44.84 8.22 28.85
N LEU D 87 43.60 8.40 28.42
CA LEU D 87 43.28 8.26 27.00
C LEU D 87 44.09 9.24 26.14
N VAL D 88 44.15 10.49 26.51
CA VAL D 88 44.81 11.47 25.65
C VAL D 88 46.36 11.34 25.66
N GLU D 89 46.93 10.98 26.81
CA GLU D 89 48.31 10.59 26.93
C GLU D 89 48.67 9.37 26.04
N ALA D 90 47.91 8.31 26.13
CA ALA D 90 48.14 7.12 25.32
C ALA D 90 47.94 7.41 23.87
N ALA D 91 47.00 8.31 23.54
CA ALA D 91 46.83 8.70 22.13
C ALA D 91 48.07 9.41 21.61
N ALA D 92 48.69 10.20 22.46
CA ALA D 92 49.84 11.07 22.05
C ALA D 92 51.08 10.23 21.71
N THR D 93 51.31 9.19 22.50
CA THR D 93 52.38 8.25 22.29
C THR D 93 52.13 7.27 21.12
N ALA D 94 50.90 6.81 20.94
CA ALA D 94 50.55 5.91 19.81
C ALA D 94 50.28 6.61 18.51
N PHE D 95 49.96 7.90 18.56
CA PHE D 95 49.68 8.65 17.32
C PHE D 95 50.36 10.00 17.31
N PRO D 96 51.69 10.00 17.15
CA PRO D 96 52.40 11.28 17.36
C PRO D 96 51.84 12.31 16.40
N GLY D 97 51.65 13.52 16.93
CA GLY D 97 51.09 14.64 16.17
C GLY D 97 49.60 14.77 16.15
N LEU D 98 48.90 13.75 16.60
CA LEU D 98 47.43 13.80 16.68
C LEU D 98 46.99 14.71 17.84
N VAL D 99 47.62 14.49 18.99
CA VAL D 99 47.37 15.23 20.23
C VAL D 99 48.69 15.43 20.93
N PRO D 100 48.82 16.43 21.79
CA PRO D 100 50.11 16.67 22.39
C PRO D 100 50.56 15.67 23.47
N THR D 101 51.87 15.51 23.53
CA THR D 101 52.62 14.74 24.54
C THR D 101 52.57 15.45 25.87
N GLN D 102 52.88 14.70 26.91
CA GLN D 102 52.93 15.22 28.26
C GLN D 102 53.91 16.37 28.39
N GLN D 103 55.03 16.19 27.73
CA GLN D 103 56.06 17.21 27.66
C GLN D 103 55.60 18.49 27.01
N GLN D 104 55.01 18.38 25.81
CA GLN D 104 54.49 19.56 25.08
C GLN D 104 53.46 20.32 25.92
N LEU D 105 52.63 19.58 26.66
CA LEU D 105 51.71 20.15 27.58
C LEU D 105 52.34 20.86 28.78
N ALA D 106 53.44 20.31 29.28
CA ALA D 106 54.17 20.96 30.42
C ALA D 106 54.77 22.29 30.04
N VAL D 107 55.24 22.40 28.80
CA VAL D 107 55.70 23.69 28.25
C VAL D 107 54.54 24.69 28.19
N GLU D 108 53.41 24.21 27.63
CA GLU D 108 52.18 25.03 27.56
C GLU D 108 51.75 25.48 28.98
N ARG D 109 51.69 24.54 29.91
CA ARG D 109 51.18 24.80 31.29
C ARG D 109 52.07 25.83 32.03
N SER D 110 53.34 25.89 31.64
CA SER D 110 54.29 26.89 32.21
C SER D 110 54.10 28.30 31.69
N LEU D 111 53.34 28.46 30.60
CA LEU D 111 53.05 29.78 29.97
C LEU D 111 51.74 30.33 30.47
N PRO D 112 51.59 31.67 30.44
CA PRO D 112 50.24 32.23 30.63
C PRO D 112 49.39 31.99 29.37
N GLN D 113 48.04 31.92 29.50
CA GLN D 113 47.13 31.62 28.38
C GLN D 113 47.51 32.39 27.14
N ALA D 114 47.78 33.69 27.33
CA ALA D 114 47.99 34.61 26.18
C ALA D 114 49.10 34.10 25.24
N ALA D 115 50.11 33.46 25.84
CA ALA D 115 51.33 33.07 25.15
C ALA D 115 51.28 31.65 24.57
N LYS D 116 50.28 30.87 24.95
CA LYS D 116 50.18 29.48 24.51
C LYS D 116 49.96 29.34 23.04
N GLU D 117 50.46 28.22 22.47
CA GLU D 117 50.14 27.80 21.08
C GLU D 117 48.69 27.20 20.85
N GLY D 118 48.10 26.72 21.93
CA GLY D 118 46.74 26.18 21.87
C GLY D 118 46.73 24.71 21.54
N HIS D 119 47.74 23.98 22.02
CA HIS D 119 47.79 22.55 21.76
C HIS D 119 46.63 21.78 22.31
N GLU D 120 46.03 22.25 23.41
CA GLU D 120 44.80 21.64 23.97
C GLU D 120 43.67 21.57 22.93
N ILE D 121 43.63 22.50 21.98
CA ILE D 121 42.63 22.46 20.90
C ILE D 121 42.65 21.13 20.17
N ASP D 122 43.85 20.59 19.97
CA ASP D 122 43.99 19.27 19.35
C ASP D 122 43.27 18.22 20.21
N GLN D 123 43.40 18.33 21.53
CA GLN D 123 42.72 17.38 22.42
C GLN D 123 41.20 17.53 22.28
N GLY D 124 40.75 18.76 22.08
CA GLY D 124 39.34 19.03 21.82
C GLY D 124 38.87 18.33 20.55
N ILE D 125 39.67 18.43 19.53
CA ILE D 125 39.38 17.75 18.26
C ILE D 125 39.23 16.22 18.45
N PHE D 126 40.18 15.67 19.19
CA PHE D 126 40.25 14.25 19.52
C PHE D 126 39.01 13.82 20.27
N LEU D 127 38.77 14.45 21.41
CA LEU D 127 37.61 14.09 22.24
C LEU D 127 36.27 14.28 21.55
N ARG D 128 36.14 15.33 20.76
CA ARG D 128 34.95 15.50 19.92
C ARG D 128 34.71 14.28 19.06
N ALA D 129 35.75 13.88 18.32
CA ALA D 129 35.65 12.69 17.44
C ALA D 129 35.31 11.39 18.21
N VAL D 130 35.91 11.22 19.36
CA VAL D 130 35.65 10.05 20.17
C VAL D 130 34.23 10.04 20.69
N LEU D 131 33.82 11.15 21.31
CA LEU D 131 32.45 11.23 21.84
C LEU D 131 31.37 11.13 20.73
N ARG D 132 31.66 11.60 19.51
CA ARG D 132 30.71 11.50 18.40
C ARG D 132 30.43 10.08 17.97
N SER D 133 31.35 9.16 18.28
CA SER D 133 31.18 7.78 17.87
C SER D 133 30.19 7.04 18.77
N PRO D 134 29.22 6.37 18.15
CA PRO D 134 28.24 5.61 18.95
C PRO D 134 28.84 4.46 19.72
N LEU D 135 30.03 4.06 19.32
CA LEU D 135 30.72 2.96 19.97
C LEU D 135 31.71 3.46 21.01
N ALA D 136 32.58 4.36 20.60
CA ALA D 136 33.65 4.86 21.45
C ALA D 136 33.09 5.80 22.51
N GLY D 137 32.18 6.66 22.08
CA GLY D 137 31.53 7.64 22.95
C GLY D 137 30.96 7.11 24.26
N PRO D 138 29.96 6.21 24.17
CA PRO D 138 29.44 5.59 25.39
C PRO D 138 30.50 4.92 26.27
N HIS D 139 31.50 4.32 25.62
CA HIS D 139 32.50 3.56 26.34
C HIS D 139 33.37 4.46 27.17
N LEU D 140 33.83 5.55 26.57
CA LEU D 140 34.57 6.62 27.33
C LEU D 140 33.73 7.22 28.45
N LEU D 141 32.45 7.43 28.18
CA LEU D 141 31.57 7.97 29.25
C LEU D 141 31.43 7.00 30.43
N ASP D 142 31.37 5.73 30.12
CA ASP D 142 31.41 4.70 31.15
C ASP D 142 32.70 4.73 31.95
N ALA D 143 33.81 4.91 31.26
CA ALA D 143 35.12 4.93 31.96
C ALA D 143 35.11 6.00 32.96
N MET D 144 34.53 7.13 32.60
CA MET D 144 34.52 8.32 33.50
C MET D 144 33.55 8.20 34.63
N LEU D 145 32.60 7.28 34.53
CA LEU D 145 31.71 6.97 35.67
C LEU D 145 32.26 6.02 36.67
N ARG D 146 33.38 5.41 36.36
CA ARG D 146 33.99 4.42 37.33
C ARG D 146 34.57 5.16 38.48
N PRO D 147 34.68 4.52 39.66
CA PRO D 147 35.34 5.15 40.80
C PRO D 147 36.81 5.45 40.56
N THR D 148 37.22 6.62 41.02
CA THR D 148 38.58 7.05 40.85
C THR D 148 39.42 6.19 41.80
N PRO D 149 40.68 5.90 41.44
CA PRO D 149 41.63 5.22 42.38
C PRO D 149 41.76 5.93 43.71
N ARG D 150 41.89 7.24 43.67
CA ARG D 150 42.00 7.98 44.92
C ARG D 150 40.83 7.64 45.90
N ALA D 151 39.62 7.48 45.37
CA ALA D 151 38.44 7.25 46.19
C ALA D 151 38.44 5.83 46.71
N LEU D 152 38.81 4.89 45.84
CA LEU D 152 38.99 3.49 46.30
C LEU D 152 39.98 3.37 47.46
N GLU D 153 41.02 4.14 47.39
CA GLU D 153 42.10 4.08 48.39
C GLU D 153 41.61 4.68 49.70
N LEU D 154 40.85 5.78 49.64
CA LEU D 154 40.36 6.45 50.88
C LEU D 154 39.08 5.85 51.43
N LEU D 155 38.47 4.99 50.68
CA LEU D 155 37.20 4.42 51.14
C LEU D 155 37.16 3.72 52.51
N PRO D 156 38.06 2.78 52.77
CA PRO D 156 38.07 2.19 54.14
C PRO D 156 38.23 3.18 55.29
N GLU D 157 39.14 4.16 55.19
CA GLU D 157 39.31 5.11 56.29
C GLU D 157 37.99 5.89 56.44
N PHE D 158 37.33 6.17 55.31
CA PHE D 158 36.17 6.96 55.32
C PHE D 158 35.05 6.21 55.97
N VAL D 159 34.86 4.98 55.57
CA VAL D 159 33.90 4.09 56.26
C VAL D 159 34.17 4.00 57.74
N ARG D 160 35.44 3.90 58.15
CA ARG D 160 35.80 3.78 59.61
C ARG D 160 35.57 5.08 60.37
N THR D 161 36.03 6.19 59.79
CA THR D 161 36.04 7.50 60.42
C THR D 161 34.78 8.40 60.20
N GLY D 162 34.14 8.23 59.05
CA GLY D 162 33.05 9.14 58.65
C GLY D 162 33.52 10.53 58.21
N GLU D 163 34.79 10.66 57.86
CA GLU D 163 35.40 11.98 57.75
C GLU D 163 36.67 11.99 56.89
N VAL D 164 36.77 12.96 56.00
CA VAL D 164 37.93 13.19 55.13
C VAL D 164 38.06 14.67 54.92
N GLU D 165 39.25 15.20 55.17
CA GLU D 165 39.56 16.56 54.93
C GLU D 165 40.38 16.61 53.66
N MET D 166 39.91 17.34 52.64
CA MET D 166 40.68 17.55 51.40
C MET D 166 40.91 19.04 51.18
N GLU D 167 41.78 19.37 50.25
CA GLU D 167 42.21 20.73 50.10
C GLU D 167 41.00 21.66 49.87
N ALA D 168 40.05 21.25 49.01
CA ALA D 168 38.90 22.10 48.62
C ALA D 168 37.55 21.67 49.12
N VAL D 169 37.50 20.49 49.72
CA VAL D 169 36.25 19.86 50.13
C VAL D 169 36.47 19.17 51.43
N HIS D 170 35.56 19.39 52.38
CA HIS D 170 35.46 18.62 53.62
C HIS D 170 34.24 17.69 53.48
N LEU D 171 34.43 16.42 53.73
CA LEU D 171 33.39 15.43 53.61
C LEU D 171 33.16 14.75 54.93
N GLU D 172 31.90 14.66 55.33
CA GLU D 172 31.50 14.04 56.60
C GLU D 172 30.25 13.21 56.46
N ARG D 173 30.29 11.96 56.90
CA ARG D 173 29.08 11.14 56.99
C ARG D 173 28.42 11.40 58.31
N ARG D 174 27.13 11.67 58.28
CA ARG D 174 26.35 11.98 59.50
C ARG D 174 24.87 11.75 59.27
N ASP D 175 24.25 10.98 60.13
CA ASP D 175 22.86 10.56 60.00
C ASP D 175 22.49 10.07 58.59
N GLY D 176 23.38 9.32 57.97
CA GLY D 176 23.12 8.75 56.65
C GLY D 176 23.31 9.67 55.48
N VAL D 177 23.91 10.80 55.74
CA VAL D 177 24.03 11.85 54.73
C VAL D 177 25.51 12.13 54.51
N ALA D 178 25.90 12.21 53.25
CA ALA D 178 27.21 12.61 52.93
C ALA D 178 27.15 14.08 52.81
N ARG D 179 27.77 14.76 53.76
CA ARG D 179 27.86 16.21 53.73
C ARG D 179 29.15 16.64 53.06
N LEU D 180 29.04 17.10 51.83
CA LEU D 180 30.15 17.79 51.18
C LEU D 180 30.12 19.28 51.41
N THR D 181 31.15 19.80 52.06
CA THR D 181 31.26 21.25 52.31
C THR D 181 32.42 21.78 51.50
N MET D 182 32.15 22.69 50.60
CA MET D 182 33.17 23.27 49.75
C MET D 182 33.82 24.38 50.55
N CYS D 183 35.11 24.26 50.82
CA CYS D 183 35.77 25.01 51.95
C CYS D 183 37.02 25.76 51.51
N ARG D 184 36.97 26.40 50.33
CA ARG D 184 38.02 27.37 49.97
C ARG D 184 37.67 28.76 50.40
N ASP D 185 37.88 28.95 51.68
CA ASP D 185 37.42 30.11 52.44
C ASP D 185 38.05 31.46 52.03
N ASP D 186 39.18 31.43 51.33
CA ASP D 186 39.92 32.65 50.93
C ASP D 186 39.50 33.22 49.57
N ARG D 187 38.74 32.45 48.80
CA ARG D 187 38.44 32.81 47.38
C ARG D 187 37.00 32.40 46.90
N LEU D 188 36.06 32.33 47.84
CA LEU D 188 34.64 32.10 47.51
C LEU D 188 34.39 30.80 46.70
N ASN D 189 35.12 29.76 47.08
CA ASN D 189 35.03 28.45 46.48
C ASN D 189 35.29 28.43 44.98
N ALA D 190 36.07 29.41 44.54
CA ALA D 190 36.49 29.46 43.18
C ALA D 190 37.12 28.13 42.80
N GLU D 191 36.74 27.66 41.63
CA GLU D 191 37.09 26.33 41.17
C GLU D 191 38.41 26.25 40.38
N ASP D 192 39.10 25.12 40.57
CA ASP D 192 40.32 24.75 39.82
C ASP D 192 40.45 23.22 39.74
N GLY D 193 41.56 22.73 39.19
CA GLY D 193 41.75 21.31 38.92
C GLY D 193 41.73 20.44 40.16
N GLN D 194 42.26 21.00 41.24
CA GLN D 194 42.34 20.28 42.50
C GLN D 194 40.93 20.14 43.07
N GLN D 195 40.12 21.19 42.99
CA GLN D 195 38.72 21.16 43.50
C GLN D 195 37.98 20.08 42.77
N VAL D 196 38.21 19.97 41.47
CA VAL D 196 37.49 18.94 40.71
C VAL D 196 37.88 17.58 41.21
N ASP D 197 39.18 17.37 41.41
CA ASP D 197 39.69 16.09 41.90
C ASP D 197 39.08 15.76 43.26
N ASP D 198 39.05 16.76 44.12
CA ASP D 198 38.42 16.58 45.42
C ASP D 198 36.93 16.33 45.39
N MET D 199 36.21 17.10 44.53
CA MET D 199 34.81 16.91 44.38
C MET D 199 34.50 15.48 43.91
N GLU D 200 35.19 15.04 42.88
CA GLU D 200 34.93 13.68 42.30
C GLU D 200 35.25 12.62 43.32
N THR D 201 36.32 12.87 44.06
CA THR D 201 36.74 11.93 45.10
C THR D 201 35.66 11.81 46.16
N ALA D 202 35.19 12.96 46.64
CA ALA D 202 34.12 13.00 47.63
C ALA D 202 32.83 12.37 47.11
N VAL D 203 32.47 12.69 45.85
CA VAL D 203 31.24 12.16 45.31
C VAL D 203 31.33 10.66 45.22
N ASP D 204 32.44 10.16 44.67
CA ASP D 204 32.74 8.69 44.71
C ASP D 204 32.60 8.08 46.11
N LEU D 205 33.19 8.71 47.13
CA LEU D 205 33.10 8.11 48.49
C LEU D 205 31.67 8.02 48.95
N ALA D 206 30.92 9.12 48.77
CA ALA D 206 29.52 9.15 49.14
C ALA D 206 28.71 8.03 48.49
N LEU D 207 28.95 7.82 47.22
CA LEU D 207 28.22 6.78 46.50
C LEU D 207 28.59 5.36 46.92
N LEU D 208 29.88 5.13 47.15
CA LEU D 208 30.38 3.78 47.52
C LEU D 208 30.15 3.41 48.98
N ASP D 209 30.06 4.42 49.83
CA ASP D 209 29.80 4.16 51.23
C ASP D 209 28.41 3.68 51.53
N PRO D 210 28.27 2.47 52.06
CA PRO D 210 26.90 1.95 52.29
C PRO D 210 26.17 2.56 53.48
N GLY D 211 26.86 3.29 54.33
CA GLY D 211 26.14 4.07 55.36
C GLY D 211 25.66 5.47 54.93
N VAL D 212 25.84 5.81 53.64
CA VAL D 212 25.34 7.04 53.03
C VAL D 212 24.12 6.73 52.16
N ARG D 213 23.03 7.43 52.44
CA ARG D 213 21.75 7.25 51.71
C ARG D 213 21.46 8.45 50.81
N VAL D 214 21.89 9.66 51.22
CA VAL D 214 21.68 10.91 50.55
C VAL D 214 22.89 11.85 50.63
N GLY D 215 23.05 12.69 49.60
CA GLY D 215 24.16 13.62 49.54
C GLY D 215 23.72 15.04 49.69
N LEU D 216 24.64 15.85 50.22
CA LEU D 216 24.37 17.25 50.52
C LEU D 216 25.58 18.05 50.09
N LEU D 217 25.38 19.04 49.22
CA LEU D 217 26.45 19.93 48.84
C LEU D 217 26.14 21.29 49.33
N ARG D 218 27.11 21.87 50.02
CA ARG D 218 26.96 23.16 50.59
C ARG D 218 28.27 23.90 50.69
N GLY D 219 28.20 25.22 50.61
CA GLY D 219 29.39 26.06 50.76
C GLY D 219 29.71 26.29 52.21
N GLY D 220 31.00 26.29 52.53
CA GLY D 220 31.43 26.47 53.91
C GLY D 220 31.53 27.95 54.29
N VAL D 221 31.77 28.18 55.58
CA VAL D 221 32.06 29.50 56.09
C VAL D 221 33.33 30.14 55.47
N MET D 222 33.21 31.37 54.99
CA MET D 222 34.31 32.06 54.31
C MET D 222 35.17 32.81 55.35
N SER D 223 36.41 33.10 54.94
CA SER D 223 37.38 33.82 55.78
C SER D 223 37.93 35.14 55.17
N HIS D 224 37.87 35.28 53.85
CA HIS D 224 38.10 36.58 53.20
C HIS D 224 37.30 37.72 53.89
N PRO D 225 37.94 38.88 54.15
CA PRO D 225 37.31 39.99 54.89
C PRO D 225 35.91 40.45 54.43
N ARG D 226 35.69 40.50 53.10
CA ARG D 226 34.40 40.96 52.52
C ARG D 226 33.25 39.92 52.80
N TYR D 227 33.61 38.70 53.22
CA TYR D 227 32.62 37.62 53.53
C TYR D 227 32.83 36.95 54.88
N ARG D 228 33.69 37.51 55.75
CA ARG D 228 34.07 36.80 57.00
C ARG D 228 32.85 36.33 57.81
N GLY D 229 32.84 35.03 58.14
CA GLY D 229 31.73 34.42 58.92
C GLY D 229 30.46 34.03 58.12
N LYS D 230 30.42 34.36 56.83
CA LYS D 230 29.27 34.06 55.95
C LYS D 230 29.58 32.84 55.04
N ARG D 231 28.60 31.95 54.85
CA ARG D 231 28.75 30.86 53.88
C ARG D 231 28.56 31.35 52.46
N VAL D 232 29.31 30.78 51.54
CA VAL D 232 29.18 31.06 50.12
C VAL D 232 29.30 29.78 49.33
N PHE D 233 28.37 29.58 48.41
CA PHE D 233 28.32 28.34 47.59
C PHE D 233 29.45 28.31 46.58
N SER D 234 29.43 29.23 45.59
CA SER D 234 30.46 29.24 44.55
C SER D 234 30.50 30.51 43.81
N ALA D 235 31.72 30.96 43.52
CA ALA D 235 32.02 32.08 42.65
C ALA D 235 32.58 31.59 41.31
N GLY D 236 32.38 30.32 41.03
CA GLY D 236 32.68 29.81 39.67
C GLY D 236 34.17 29.62 39.41
N ILE D 237 34.52 29.50 38.16
CA ILE D 237 35.89 29.18 37.81
C ILE D 237 36.91 30.19 38.28
N ASN D 238 38.07 29.68 38.72
CA ASN D 238 39.20 30.55 39.14
C ASN D 238 39.75 31.31 37.93
N LEU D 239 39.36 32.56 37.82
CA LEU D 239 39.74 33.41 36.70
C LEU D 239 41.24 33.75 36.68
N LYS D 240 41.81 33.88 37.86
CA LYS D 240 43.22 34.21 38.00
C LYS D 240 44.01 33.06 37.37
N TYR D 241 43.68 31.85 37.80
CA TYR D 241 44.35 30.65 37.30
C TYR D 241 44.14 30.48 35.79
N LEU D 242 42.91 30.73 35.34
CA LEU D 242 42.59 30.68 33.93
C LEU D 242 43.52 31.61 33.09
N SER D 243 43.74 32.84 33.56
CA SER D 243 44.69 33.83 32.94
C SER D 243 46.14 33.40 32.93
N GLN D 244 46.54 32.85 34.06
CA GLN D 244 47.91 32.28 34.32
C GLN D 244 48.21 30.93 33.62
N GLY D 245 47.20 30.34 32.98
CA GLY D 245 47.38 29.15 32.19
C GLY D 245 47.12 27.87 32.91
N GLY D 246 46.57 27.95 34.12
CA GLY D 246 46.41 26.76 34.98
C GLY D 246 45.05 26.05 34.93
N ILE D 247 44.16 26.42 34.00
CA ILE D 247 42.86 25.72 33.82
C ILE D 247 42.97 24.78 32.62
N SER D 248 42.91 23.49 32.93
CA SER D 248 43.08 22.43 31.98
C SER D 248 41.77 22.05 31.30
N LEU D 249 41.77 22.09 29.97
CA LEU D 249 40.65 21.69 29.16
C LEU D 249 40.22 20.30 29.57
N VAL D 250 41.15 19.38 29.57
CA VAL D 250 40.85 17.96 29.88
C VAL D 250 40.68 17.64 31.38
N ASP D 251 41.58 18.12 32.21
CA ASP D 251 41.59 17.78 33.63
C ASP D 251 40.71 18.66 34.50
N PHE D 252 40.24 19.77 33.95
CA PHE D 252 39.23 20.61 34.62
C PHE D 252 37.90 20.62 33.87
N LEU D 253 37.88 21.16 32.66
CA LEU D 253 36.62 21.44 32.00
C LEU D 253 35.85 20.19 31.54
N MET D 254 36.54 19.20 30.98
CA MET D 254 35.89 17.99 30.60
C MET D 254 35.76 17.04 31.78
N ARG D 255 36.74 17.02 32.66
CA ARG D 255 36.73 16.06 33.75
C ARG D 255 35.55 16.27 34.63
N ARG D 256 35.27 17.52 34.98
CA ARG D 256 34.10 17.78 35.87
C ARG D 256 32.80 17.39 35.23
N GLU D 257 32.66 17.66 33.93
CA GLU D 257 31.37 17.37 33.27
C GLU D 257 31.14 15.86 33.15
N LEU D 258 32.19 15.11 32.78
CA LEU D 258 32.08 13.68 32.51
C LEU D 258 32.29 12.81 33.73
N GLY D 259 32.79 13.42 34.80
CA GLY D 259 33.03 12.77 36.07
C GLY D 259 32.01 13.09 37.13
N TYR D 260 32.35 13.97 38.07
CA TYR D 260 31.54 14.07 39.25
C TYR D 260 30.10 14.57 38.94
N ILE D 261 29.97 15.48 37.98
CA ILE D 261 28.71 16.04 37.68
C ILE D 261 27.82 15.02 37.01
N HIS D 262 28.40 14.24 36.14
CA HIS D 262 27.70 13.10 35.53
C HIS D 262 27.41 12.00 36.53
N LYS D 263 28.26 11.83 37.52
CA LYS D 263 28.01 10.84 38.58
C LYS D 263 26.86 11.24 39.49
N LEU D 264 26.71 12.54 39.72
CA LEU D 264 25.55 12.99 40.50
C LEU D 264 24.27 12.52 39.80
N VAL D 265 24.27 12.59 38.49
CA VAL D 265 23.11 12.23 37.69
C VAL D 265 22.98 10.71 37.62
N ARG D 266 24.00 10.01 37.10
CA ARG D 266 23.93 8.60 36.81
C ARG D 266 24.60 7.59 37.78
N GLY D 267 25.29 8.06 38.82
CA GLY D 267 25.94 7.26 39.78
C GLY D 267 27.31 6.78 39.30
N VAL D 268 27.94 5.94 40.11
CA VAL D 268 29.23 5.30 39.78
C VAL D 268 29.05 3.95 39.24
N LEU D 269 29.69 3.74 38.09
CA LEU D 269 29.74 2.42 37.48
C LEU D 269 30.71 1.49 38.28
N THR D 270 30.20 0.41 38.83
CA THR D 270 31.01 -0.53 39.57
C THR D 270 31.31 -1.76 38.70
N ASN D 271 32.22 -2.60 39.19
CA ASN D 271 32.37 -3.96 38.61
C ASN D 271 31.24 -4.86 39.10
N ASP D 272 30.97 -5.93 38.31
CA ASP D 272 29.99 -7.01 38.72
C ASP D 272 30.36 -7.75 40.04
N ASP D 273 30.23 -7.08 41.19
CA ASP D 273 30.80 -7.60 42.46
C ASP D 273 29.79 -7.65 43.63
N ARG D 274 28.50 -7.68 43.29
CA ARG D 274 27.47 -7.56 44.27
C ARG D 274 26.16 -8.07 43.71
N PRO D 275 25.20 -8.45 44.60
CA PRO D 275 23.86 -8.82 44.10
C PRO D 275 23.17 -7.64 43.42
N GLY D 276 22.31 -7.91 42.46
CA GLY D 276 21.55 -6.82 41.82
C GLY D 276 22.30 -6.03 40.76
N TRP D 277 23.59 -6.31 40.54
CA TRP D 277 24.40 -5.59 39.55
C TRP D 277 23.78 -5.71 38.15
N TRP D 278 23.17 -6.84 37.87
CA TRP D 278 22.47 -7.06 36.58
C TRP D 278 21.31 -6.05 36.29
N HIS D 279 20.69 -5.53 37.35
CA HIS D 279 19.67 -4.49 37.17
C HIS D 279 20.18 -3.08 37.53
N SER D 280 21.25 -2.98 38.31
CA SER D 280 21.77 -1.71 38.74
C SER D 280 23.30 -1.75 38.74
N PRO D 281 23.88 -1.66 37.55
CA PRO D 281 25.36 -1.58 37.44
C PRO D 281 25.97 -0.33 38.04
N ARG D 282 25.13 0.68 38.28
CA ARG D 282 25.59 1.93 38.81
C ARG D 282 24.98 2.14 40.13
N ILE D 283 25.73 2.70 41.02
CA ILE D 283 25.17 3.06 42.30
C ILE D 283 24.91 4.54 42.27
N GLU D 284 23.65 4.88 42.34
CA GLU D 284 23.23 6.26 42.34
C GLU D 284 22.55 6.58 43.63
N LYS D 285 22.69 7.83 44.06
CA LYS D 285 21.92 8.33 45.19
C LYS D 285 21.38 9.77 44.93
N PRO D 286 20.38 10.19 45.70
CA PRO D 286 19.89 11.54 45.56
C PRO D 286 20.78 12.53 46.21
N TRP D 287 20.73 13.73 45.68
CA TRP D 287 21.50 14.84 46.14
C TRP D 287 20.68 16.14 46.41
N VAL D 288 21.01 16.80 47.50
CA VAL D 288 20.46 18.08 47.88
C VAL D 288 21.58 19.10 47.82
N ALA D 289 21.29 20.25 47.25
CA ALA D 289 22.22 21.39 47.30
C ALA D 289 21.55 22.53 48.08
N ALA D 290 22.34 23.23 48.90
CA ALA D 290 21.90 24.38 49.67
C ALA D 290 22.79 25.57 49.28
N VAL D 291 22.18 26.64 48.78
CA VAL D 291 22.92 27.76 48.25
C VAL D 291 22.90 28.97 49.19
N ASP D 292 24.07 29.30 49.75
CA ASP D 292 24.31 30.48 50.59
C ASP D 292 25.07 31.53 49.79
N GLY D 293 24.64 32.79 49.90
CA GLY D 293 25.28 33.92 49.24
C GLY D 293 24.95 33.94 47.77
N PHE D 294 25.56 33.04 47.01
CA PHE D 294 25.33 32.99 45.59
C PHE D 294 25.95 31.80 44.93
N ALA D 295 25.43 31.50 43.74
CA ALA D 295 25.95 30.44 42.92
C ALA D 295 26.24 31.02 41.58
N ILE D 296 27.51 31.15 41.25
CA ILE D 296 27.96 31.80 40.01
C ILE D 296 28.70 30.79 39.09
N GLY D 297 28.43 30.87 37.80
CA GLY D 297 29.17 30.13 36.82
C GLY D 297 29.10 28.63 37.00
N GLY D 298 30.26 28.00 37.20
CA GLY D 298 30.32 26.56 37.45
C GLY D 298 29.48 26.10 38.64
N GLY D 299 29.38 26.94 39.66
CA GLY D 299 28.50 26.64 40.77
C GLY D 299 27.03 26.66 40.42
N ALA D 300 26.61 27.62 39.63
CA ALA D 300 25.20 27.67 39.17
C ALA D 300 24.90 26.46 38.31
N GLN D 301 25.86 26.08 37.47
CA GLN D 301 25.72 24.93 36.60
C GLN D 301 25.38 23.67 37.41
N LEU D 302 25.96 23.54 38.57
CA LEU D 302 25.77 22.36 39.35
C LEU D 302 24.34 22.17 39.76
N LEU D 303 23.61 23.27 39.96
CA LEU D 303 22.24 23.21 40.48
C LEU D 303 21.32 22.53 39.53
N LEU D 304 21.70 22.44 38.26
CA LEU D 304 20.84 21.78 37.22
C LEU D 304 20.81 20.26 37.26
N VAL D 305 21.45 19.70 38.28
CA VAL D 305 21.66 18.22 38.43
C VAL D 305 21.18 17.67 39.73
N PHE D 306 20.70 18.53 40.65
CA PHE D 306 20.32 18.07 42.00
C PHE D 306 18.88 17.64 42.09
N ASP D 307 18.56 16.77 43.08
CA ASP D 307 17.19 16.31 43.29
C ASP D 307 16.36 17.27 44.09
N ARG D 308 17.03 18.08 44.87
CA ARG D 308 16.42 19.13 45.62
C ARG D 308 17.40 20.28 45.77
N VAL D 309 16.91 21.51 45.72
CA VAL D 309 17.75 22.71 45.82
C VAL D 309 17.06 23.66 46.78
N LEU D 310 17.82 24.04 47.80
CA LEU D 310 17.43 25.05 48.74
C LEU D 310 18.33 26.29 48.65
N ALA D 311 17.77 27.46 48.92
CA ALA D 311 18.56 28.66 48.85
C ALA D 311 18.13 29.62 49.86
N SER D 312 19.09 30.38 50.27
CA SER D 312 18.83 31.43 51.19
C SER D 312 18.07 32.53 50.49
N SER D 313 17.21 33.20 51.24
CA SER D 313 16.49 34.40 50.70
C SER D 313 17.33 35.42 49.96
N ASP D 314 18.57 35.60 50.37
CA ASP D 314 19.44 36.68 49.88
C ASP D 314 20.38 36.25 48.74
N ALA D 315 20.22 34.99 48.30
CA ALA D 315 21.07 34.44 47.29
C ALA D 315 20.62 34.81 45.89
N TYR D 316 21.59 34.70 44.97
CA TYR D 316 21.32 34.86 43.59
C TYR D 316 22.05 33.80 42.76
N PHE D 317 21.58 33.61 41.54
N PHE D 317 21.55 33.58 41.54
CA PHE D 317 22.12 32.61 40.62
CA PHE D 317 22.04 32.59 40.54
C PHE D 317 22.50 33.35 39.34
C PHE D 317 22.50 33.37 39.35
N SER D 318 23.73 33.19 38.89
CA SER D 318 24.16 33.78 37.59
C SER D 318 25.17 33.00 36.83
N LEU D 319 25.14 33.20 35.52
CA LEU D 319 26.12 32.68 34.55
C LEU D 319 26.52 33.95 33.81
N PRO D 320 27.47 34.69 34.38
CA PRO D 320 27.66 36.09 34.06
C PRO D 320 28.46 36.43 32.82
N ALA D 321 29.31 35.52 32.31
CA ALA D 321 30.32 35.91 31.26
C ALA D 321 29.74 35.89 29.85
N ALA D 322 28.79 36.75 29.66
CA ALA D 322 27.91 36.65 28.50
C ALA D 322 28.61 37.21 27.28
N LYS D 323 29.39 38.24 27.52
CA LYS D 323 30.08 38.92 26.47
C LYS D 323 31.42 38.31 26.06
N GLU D 324 32.22 37.90 27.05
CA GLU D 324 33.61 37.50 26.81
C GLU D 324 34.04 36.27 27.60
N GLY D 325 33.09 35.41 27.92
CA GLY D 325 33.39 34.20 28.65
C GLY D 325 33.41 32.93 27.85
N ILE D 326 33.74 31.89 28.58
CA ILE D 326 33.70 30.54 28.04
C ILE D 326 32.29 30.01 28.12
N ILE D 327 32.06 28.86 27.51
CA ILE D 327 30.74 28.26 27.57
C ILE D 327 30.56 27.79 29.04
N PRO D 328 29.42 28.09 29.67
CA PRO D 328 29.16 27.66 31.04
C PRO D 328 28.76 26.16 31.10
N GLY D 329 29.75 25.30 30.87
CA GLY D 329 29.60 23.89 30.95
C GLY D 329 28.41 23.37 30.19
N ALA D 330 27.62 22.58 30.91
CA ALA D 330 26.43 21.97 30.35
C ALA D 330 25.18 22.78 30.69
N ALA D 331 25.33 23.97 31.25
CA ALA D 331 24.17 24.83 31.39
C ALA D 331 23.46 25.03 30.00
N ASN D 332 24.20 25.11 28.91
CA ASN D 332 23.52 25.32 27.63
C ASN D 332 22.65 24.11 27.30
N LEU D 333 23.01 22.98 27.86
CA LEU D 333 22.33 21.72 27.57
C LEU D 333 21.11 21.66 28.42
N ARG D 334 21.26 22.04 29.66
CA ARG D 334 20.29 21.68 30.71
C ARG D 334 19.33 22.86 31.08
N LEU D 335 19.79 24.09 30.95
CA LEU D 335 19.05 25.22 31.42
C LEU D 335 17.67 25.40 30.75
N GLY D 336 17.61 25.11 29.48
CA GLY D 336 16.39 25.22 28.73
C GLY D 336 15.24 24.37 29.24
N ARG D 337 15.56 23.18 29.67
CA ARG D 337 14.57 22.22 30.21
C ARG D 337 14.03 22.80 31.55
N PHE D 338 14.83 23.57 32.25
CA PHE D 338 14.38 24.17 33.50
C PHE D 338 13.58 25.45 33.31
N ALA D 339 14.02 26.27 32.37
CA ALA D 339 13.57 27.66 32.28
C ALA D 339 12.98 28.07 30.92
N GLY D 340 13.05 27.19 29.94
CA GLY D 340 12.58 27.48 28.58
C GLY D 340 13.61 28.34 27.85
N PRO D 341 13.43 28.57 26.56
CA PRO D 341 14.47 29.13 25.69
C PRO D 341 14.60 30.59 25.82
N ARG D 342 13.59 31.25 26.31
CA ARG D 342 13.66 32.70 26.51
C ARG D 342 14.49 33.03 27.68
N VAL D 343 14.12 32.49 28.81
CA VAL D 343 14.91 32.74 30.03
C VAL D 343 16.32 32.19 29.94
N SER D 344 16.46 31.03 29.34
CA SER D 344 17.78 30.41 29.16
C SER D 344 18.67 31.40 28.46
N ARG D 345 18.13 32.03 27.41
CA ARG D 345 18.95 33.02 26.63
C ARG D 345 19.15 34.29 27.37
N GLN D 346 18.18 34.69 28.17
CA GLN D 346 18.39 35.86 28.94
C GLN D 346 19.59 35.64 29.91
N VAL D 347 19.68 34.41 30.46
CA VAL D 347 20.65 34.14 31.47
C VAL D 347 22.02 33.98 30.83
N ILE D 348 22.09 33.18 29.76
CA ILE D 348 23.38 32.79 29.19
C ILE D 348 23.86 33.75 28.14
N LEU D 349 23.02 34.10 27.19
CA LEU D 349 23.42 35.14 26.19
C LEU D 349 23.60 36.54 26.73
N GLU D 350 22.79 36.95 27.70
CA GLU D 350 22.78 38.40 28.19
C GLU D 350 23.11 38.56 29.65
N GLY D 351 23.38 37.48 30.37
CA GLY D 351 23.96 37.59 31.71
C GLY D 351 22.95 38.02 32.74
N ARG D 352 21.71 37.68 32.52
CA ARG D 352 20.71 37.97 33.50
C ARG D 352 20.98 37.18 34.75
N ARG D 353 20.99 37.91 35.82
CA ARG D 353 21.13 37.32 37.10
C ARG D 353 19.74 37.08 37.75
N ILE D 354 19.54 35.97 38.44
CA ILE D 354 18.28 35.61 39.02
C ILE D 354 18.35 35.53 40.52
N TRP D 355 17.43 36.21 41.20
CA TRP D 355 17.44 36.33 42.65
C TRP D 355 16.51 35.34 43.30
N ALA D 356 16.92 34.86 44.45
CA ALA D 356 16.22 33.76 45.11
C ALA D 356 14.78 34.07 45.35
N LYS D 357 14.51 35.34 45.66
CA LYS D 357 13.16 35.78 45.97
C LYS D 357 12.26 36.19 44.78
N GLU D 358 12.79 36.26 43.57
CA GLU D 358 11.90 36.49 42.45
C GLU D 358 11.13 35.21 42.04
N PRO D 359 9.94 35.36 41.42
CA PRO D 359 9.18 34.15 41.02
C PRO D 359 9.96 33.17 40.16
N GLU D 360 10.76 33.67 39.22
CA GLU D 360 11.52 32.79 38.31
C GLU D 360 12.62 31.98 38.97
N ALA D 361 12.97 32.30 40.22
CA ALA D 361 13.88 31.42 41.00
C ALA D 361 13.29 30.03 41.21
N ARG D 362 11.96 29.94 41.26
CA ARG D 362 11.29 28.64 41.40
C ARG D 362 11.54 27.70 40.24
N LEU D 363 12.08 28.22 39.12
CA LEU D 363 12.48 27.39 38.01
C LEU D 363 13.73 26.59 38.28
N LEU D 364 14.55 27.09 39.19
CA LEU D 364 15.84 26.52 39.57
C LEU D 364 15.96 26.00 41.04
N VAL D 365 15.08 26.47 41.91
CA VAL D 365 15.19 26.32 43.32
C VAL D 365 13.85 25.84 43.88
N ASP D 366 13.87 24.86 44.75
CA ASP D 366 12.67 24.26 45.30
C ASP D 366 12.17 24.98 46.51
N GLU D 367 13.07 25.46 47.33
CA GLU D 367 12.73 26.13 48.60
C GLU D 367 13.65 27.30 48.87
N VAL D 368 13.07 28.44 49.25
CA VAL D 368 13.81 29.63 49.52
C VAL D 368 13.42 29.99 50.92
N VAL D 369 14.43 30.18 51.75
CA VAL D 369 14.21 30.20 53.20
C VAL D 369 15.07 31.26 53.81
N GLU D 370 14.54 31.92 54.83
CA GLU D 370 15.30 32.98 55.51
C GLU D 370 16.57 32.36 56.14
N PRO D 371 17.72 33.07 56.12
CA PRO D 371 19.00 32.61 56.73
C PRO D 371 18.89 31.87 58.05
N ASP D 372 18.04 32.33 58.94
CA ASP D 372 17.88 31.63 60.23
C ASP D 372 17.01 30.39 60.27
N GLU D 373 16.30 30.12 59.17
CA GLU D 373 15.43 28.94 59.04
C GLU D 373 16.07 27.88 58.13
N LEU D 374 17.20 28.24 57.52
CA LEU D 374 17.81 27.46 56.48
C LEU D 374 18.43 26.16 56.90
N ASP D 375 19.18 26.15 58.02
CA ASP D 375 19.79 24.88 58.54
C ASP D 375 18.74 23.82 58.74
N ALA D 376 17.65 24.23 59.37
CA ALA D 376 16.60 23.27 59.78
C ALA D 376 15.82 22.78 58.54
N ALA D 377 15.64 23.66 57.54
CA ALA D 377 15.00 23.26 56.28
C ALA D 377 15.85 22.27 55.45
N ILE D 378 17.15 22.53 55.39
CA ILE D 378 18.08 21.56 54.84
C ILE D 378 17.92 20.19 55.53
N GLU D 379 17.91 20.17 56.88
CA GLU D 379 17.82 18.87 57.63
C GLU D 379 16.53 18.15 57.33
N ARG D 380 15.41 18.86 57.29
CA ARG D 380 14.13 18.25 56.83
C ARG D 380 14.13 17.71 55.41
N SER D 381 14.70 18.46 54.47
CA SER D 381 14.82 17.95 53.07
C SER D 381 15.58 16.65 52.92
N LEU D 382 16.58 16.46 53.77
CA LEU D 382 17.41 15.25 53.72
C LEU D 382 16.66 14.00 54.15
N THR D 383 15.77 14.15 55.11
CA THR D 383 14.96 13.03 55.55
C THR D 383 13.89 12.66 54.51
N ARG D 384 13.54 13.55 53.58
CA ARG D 384 12.44 13.24 52.62
C ARG D 384 12.89 12.42 51.41
N LEU D 385 14.18 12.16 51.24
CA LEU D 385 14.72 11.51 50.05
C LEU D 385 15.33 10.11 50.19
N ASP D 386 14.98 9.43 51.26
CA ASP D 386 15.64 8.23 51.77
C ASP D 386 15.37 6.95 51.03
N GLY D 387 14.18 6.75 50.61
CA GLY D 387 13.90 5.31 50.27
C GLY D 387 14.45 4.72 48.96
N ASP D 388 13.97 3.52 48.66
CA ASP D 388 14.13 2.89 47.34
C ASP D 388 13.19 3.44 46.23
N ALA D 389 12.03 3.96 46.61
CA ALA D 389 11.11 4.52 45.66
C ALA D 389 11.79 5.74 45.02
N VAL D 390 12.38 6.59 45.85
CA VAL D 390 13.11 7.75 45.37
C VAL D 390 14.22 7.35 44.37
N LEU D 391 15.05 6.37 44.74
CA LEU D 391 16.09 5.87 43.81
C LEU D 391 15.53 5.46 42.47
N ALA D 392 14.48 4.65 42.47
CA ALA D 392 13.93 4.17 41.20
C ALA D 392 13.37 5.35 40.42
N ASN D 393 12.63 6.21 41.11
CA ASN D 393 12.01 7.30 40.43
C ASN D 393 13.04 8.26 39.88
N ARG D 394 14.10 8.54 40.61
CA ARG D 394 15.01 9.57 40.12
C ARG D 394 15.78 9.03 38.91
N ARG D 395 16.03 7.73 38.92
CA ARG D 395 16.66 7.09 37.77
C ARG D 395 15.83 7.20 36.51
N MET D 396 14.52 6.94 36.64
CA MET D 396 13.58 7.06 35.50
C MET D 396 13.48 8.53 35.06
N LEU D 397 13.37 9.43 36.04
CA LEU D 397 13.28 10.85 35.73
C LEU D 397 14.50 11.35 34.95
N ASN D 398 15.67 10.96 35.37
CA ASN D 398 16.90 11.42 34.75
C ASN D 398 17.10 10.88 33.37
N LEU D 399 16.74 9.64 33.19
CA LEU D 399 16.70 9.03 31.92
C LEU D 399 15.76 9.80 30.91
N ALA D 400 14.58 10.22 31.35
CA ALA D 400 13.66 10.94 30.50
C ALA D 400 14.15 12.34 30.26
N ASP D 401 14.64 13.00 31.31
CA ASP D 401 15.12 14.39 31.22
C ASP D 401 16.32 14.53 30.24
N GLU D 402 17.24 13.59 30.26
CA GLU D 402 18.49 13.74 29.55
C GLU D 402 18.91 12.40 29.02
N SER D 403 18.73 12.19 27.75
CA SER D 403 19.11 10.89 27.18
C SER D 403 20.66 10.75 27.10
N PRO D 404 21.17 9.51 27.15
CA PRO D 404 22.60 9.32 26.97
C PRO D 404 23.08 9.92 25.66
N ASP D 405 22.33 9.74 24.58
CA ASP D 405 22.71 10.34 23.30
C ASP D 405 22.77 11.82 23.40
N GLY D 406 21.78 12.41 24.07
CA GLY D 406 21.64 13.88 24.12
C GLY D 406 22.88 14.46 24.81
N PHE D 407 23.24 13.85 25.90
CA PHE D 407 24.40 14.27 26.71
C PHE D 407 25.66 14.11 25.92
N ARG D 408 25.78 12.96 25.25
CA ARG D 408 27.00 12.59 24.52
C ARG D 408 27.19 13.53 23.34
N ALA D 409 26.12 13.76 22.60
CA ALA D 409 26.18 14.65 21.41
C ALA D 409 26.63 16.02 21.81
N TYR D 410 26.12 16.49 22.95
CA TYR D 410 26.41 17.83 23.39
C TYR D 410 27.87 17.89 23.85
N MET D 411 28.25 16.96 24.72
CA MET D 411 29.65 16.94 25.21
C MET D 411 30.67 16.78 24.06
N ALA D 412 30.28 16.07 23.00
CA ALA D 412 31.12 15.99 21.79
C ALA D 412 31.41 17.35 21.16
N GLU D 413 30.37 18.11 20.83
CA GLU D 413 30.57 19.47 20.33
C GLU D 413 31.24 20.38 21.38
N PHE D 414 30.84 20.25 22.63
CA PHE D 414 31.42 21.08 23.69
C PHE D 414 32.95 20.98 23.79
N ALA D 415 33.43 19.74 23.61
CA ALA D 415 34.87 19.45 23.74
C ALA D 415 35.70 20.35 22.85
N LEU D 416 35.24 20.55 21.63
CA LEU D 416 35.95 21.43 20.71
C LEU D 416 35.56 22.85 20.83
N MET D 417 34.27 23.14 20.96
CA MET D 417 33.83 24.55 21.13
C MET D 417 34.50 25.20 22.31
N GLN D 418 34.57 24.48 23.42
CA GLN D 418 35.10 25.05 24.64
C GLN D 418 36.63 25.23 24.57
N ALA D 419 37.28 24.28 23.88
CA ALA D 419 38.68 24.36 23.60
C ALA D 419 39.01 25.64 22.86
N LEU D 420 38.21 25.95 21.85
CA LEU D 420 38.38 27.19 21.10
C LEU D 420 38.16 28.44 21.90
N ARG D 421 37.16 28.40 22.79
CA ARG D 421 36.85 29.55 23.64
C ARG D 421 37.94 29.73 24.65
N LEU D 422 38.51 28.63 25.09
CA LEU D 422 39.60 28.67 26.10
C LEU D 422 40.82 29.47 25.59
N TYR D 423 40.95 29.61 24.28
CA TYR D 423 42.05 30.30 23.62
C TYR D 423 41.57 31.51 22.80
N GLY D 424 40.35 31.94 23.02
CA GLY D 424 39.84 33.11 22.29
C GLY D 424 40.44 34.38 22.85
N HIS D 425 40.73 35.32 21.98
CA HIS D 425 41.43 36.55 22.39
C HIS D 425 40.58 37.36 23.36
N ASP D 426 39.28 37.36 23.13
CA ASP D 426 38.31 38.07 24.00
C ASP D 426 38.35 37.56 25.45
N VAL D 427 38.44 36.24 25.58
CA VAL D 427 38.42 35.56 26.89
C VAL D 427 39.72 35.87 27.64
N ILE D 428 40.84 35.72 26.93
CA ILE D 428 42.15 35.94 27.49
C ILE D 428 42.29 37.40 28.02
N ASP D 429 41.77 38.35 27.25
CA ASP D 429 41.72 39.79 27.65
C ASP D 429 40.86 39.99 28.93
N LYS D 430 39.61 39.49 28.94
CA LYS D 430 38.69 39.64 30.09
C LYS D 430 39.32 39.10 31.37
N VAL D 431 39.74 37.87 31.27
CA VAL D 431 40.32 37.12 32.36
C VAL D 431 41.59 37.76 32.98
N GLY D 432 42.41 38.38 32.12
CA GLY D 432 43.62 39.08 32.55
C GLY D 432 43.36 40.32 33.36
N ARG D 433 42.18 40.91 33.20
CA ARG D 433 41.75 42.09 33.97
C ARG D 433 41.13 41.77 35.35
N PHE D 434 40.97 40.49 35.69
CA PHE D 434 40.35 40.14 36.98
C PHE D 434 41.34 40.18 38.18
N GLY D 435 40.99 40.85 39.30
CA GLY D 435 41.88 41.04 40.46
C GLY D 435 41.12 41.48 41.70
N ASP E 14 11.71 -5.72 -8.04
CA ASP E 14 10.74 -6.14 -7.01
C ASP E 14 9.29 -5.74 -7.40
N GLY E 15 9.10 -5.10 -8.56
CA GLY E 15 7.75 -4.91 -9.12
C GLY E 15 7.14 -3.51 -8.87
N LEU E 16 7.75 -2.71 -7.97
CA LEU E 16 7.14 -1.46 -7.47
C LEU E 16 7.19 -0.32 -8.47
N TRP E 17 8.31 -0.17 -9.15
CA TRP E 17 8.37 0.86 -10.19
C TRP E 17 7.33 0.61 -11.29
N ALA E 18 7.24 -0.62 -11.74
CA ALA E 18 6.30 -0.98 -12.79
C ALA E 18 4.89 -0.72 -12.31
N ALA E 19 4.59 -1.13 -11.09
CA ALA E 19 3.22 -1.01 -10.57
C ALA E 19 2.85 0.50 -10.47
N LEU E 20 3.79 1.29 -10.00
CA LEU E 20 3.62 2.73 -9.93
C LEU E 20 3.39 3.32 -11.30
N THR E 21 4.26 2.96 -12.25
CA THR E 21 4.12 3.43 -13.64
C THR E 21 2.65 3.11 -14.14
N GLU E 22 2.20 1.89 -13.86
CA GLU E 22 0.86 1.42 -14.20
C GLU E 22 -0.20 2.31 -13.59
N ALA E 23 -0.11 2.54 -12.28
CA ALA E 23 -1.10 3.32 -11.59
C ALA E 23 -1.11 4.81 -12.03
N ALA E 24 0.06 5.36 -12.33
CA ALA E 24 0.12 6.70 -12.87
C ALA E 24 -0.57 6.80 -14.24
N ALA E 25 -0.44 5.76 -15.05
CA ALA E 25 -1.04 5.74 -16.40
C ALA E 25 -2.58 5.68 -16.29
N SER E 26 -3.12 4.84 -15.41
CA SER E 26 -4.58 4.86 -15.14
C SER E 26 -5.06 6.25 -14.70
N VAL E 27 -4.23 6.95 -13.92
CA VAL E 27 -4.55 8.33 -13.54
C VAL E 27 -4.62 9.26 -14.79
N GLU E 28 -3.58 9.24 -15.62
CA GLU E 28 -3.53 10.07 -16.82
C GLU E 28 -4.69 9.74 -17.80
N LYS E 29 -5.05 8.44 -17.94
CA LYS E 29 -6.16 8.00 -18.85
C LYS E 29 -7.48 8.54 -18.33
N LEU E 30 -7.71 8.43 -17.02
CA LEU E 30 -8.91 9.06 -16.42
C LEU E 30 -8.97 10.60 -16.50
N LEU E 31 -7.85 11.27 -16.24
CA LEU E 31 -7.82 12.72 -16.38
C LEU E 31 -8.07 13.17 -17.85
N ALA E 32 -7.51 12.45 -18.80
CA ALA E 32 -7.68 12.75 -20.22
C ALA E 32 -9.13 12.54 -20.68
N THR E 33 -9.80 11.54 -20.13
CA THR E 33 -11.14 11.16 -20.59
C THR E 33 -12.26 11.74 -19.81
N LEU E 34 -12.08 11.99 -18.51
CA LEU E 34 -13.23 12.46 -17.72
C LEU E 34 -13.41 13.94 -17.94
N PRO E 35 -14.59 14.47 -17.57
CA PRO E 35 -14.78 15.92 -17.59
C PRO E 35 -13.91 16.67 -16.58
N GLU E 36 -13.81 17.98 -16.79
CA GLU E 36 -13.11 18.89 -15.91
C GLU E 36 -13.67 18.85 -14.49
N HIS E 37 -12.85 19.29 -13.55
CA HIS E 37 -13.09 19.12 -12.10
C HIS E 37 -14.47 19.35 -11.49
N GLY E 38 -15.10 20.48 -11.76
CA GLY E 38 -16.44 20.77 -11.26
C GLY E 38 -17.62 20.30 -12.10
N ALA E 39 -17.33 19.52 -13.12
CA ALA E 39 -18.36 18.94 -13.99
C ALA E 39 -18.47 17.42 -13.82
N ARG E 40 -17.65 16.85 -12.95
CA ARG E 40 -17.64 15.40 -12.73
C ARG E 40 -18.77 14.97 -11.87
N SER E 41 -19.30 13.80 -12.18
CA SER E 41 -20.34 13.16 -11.37
C SER E 41 -19.69 12.50 -10.16
N SER E 42 -20.51 11.97 -9.23
CA SER E 42 -20.00 11.39 -7.98
C SER E 42 -19.23 10.13 -8.28
N ALA E 43 -19.78 9.31 -9.15
CA ALA E 43 -19.12 8.06 -9.62
C ALA E 43 -17.75 8.38 -10.20
N GLU E 44 -17.71 9.43 -11.02
CA GLU E 44 -16.46 9.89 -11.67
C GLU E 44 -15.48 10.44 -10.63
N ARG E 45 -15.99 11.28 -9.74
CA ARG E 45 -15.19 11.83 -8.64
C ARG E 45 -14.55 10.70 -7.76
N ALA E 46 -15.35 9.67 -7.46
CA ALA E 46 -14.89 8.56 -6.69
C ALA E 46 -13.82 7.71 -7.42
N GLU E 47 -13.97 7.59 -8.75
CA GLU E 47 -13.09 6.80 -9.60
C GLU E 47 -11.71 7.42 -9.71
N ILE E 48 -11.68 8.73 -9.98
CA ILE E 48 -10.42 9.45 -10.01
C ILE E 48 -9.73 9.54 -8.61
N ALA E 49 -10.51 9.75 -7.56
CA ALA E 49 -9.99 9.73 -6.21
C ALA E 49 -9.30 8.37 -5.90
N ALA E 50 -9.96 7.31 -6.28
CA ALA E 50 -9.43 5.97 -6.03
C ALA E 50 -8.17 5.75 -6.83
N ALA E 51 -8.10 6.32 -8.01
CA ALA E 51 -6.90 6.14 -8.87
C ALA E 51 -5.71 6.87 -8.34
N HIS E 52 -5.95 8.13 -7.98
CA HIS E 52 -4.96 8.95 -7.21
C HIS E 52 -4.44 8.23 -5.95
N ASP E 53 -5.37 7.67 -5.18
CA ASP E 53 -5.01 6.97 -3.98
C ASP E 53 -4.10 5.74 -4.25
N ALA E 54 -4.44 4.93 -5.23
CA ALA E 54 -3.58 3.80 -5.55
C ALA E 54 -2.20 4.25 -5.93
N ALA E 55 -2.13 5.29 -6.75
CA ALA E 55 -0.83 5.76 -7.26
C ALA E 55 0.00 6.30 -6.10
N ARG E 56 -0.61 7.13 -5.27
CA ARG E 56 0.09 7.75 -4.17
C ARG E 56 0.58 6.73 -3.16
N ALA E 57 -0.24 5.75 -2.89
CA ALA E 57 0.19 4.59 -2.11
C ALA E 57 1.43 3.95 -2.68
N LEU E 58 1.51 3.81 -3.98
CA LEU E 58 2.66 3.12 -4.56
C LEU E 58 3.88 4.05 -4.52
N ARG E 59 3.66 5.34 -4.69
CA ARG E 59 4.79 6.27 -4.56
C ARG E 59 5.43 6.06 -3.18
N VAL E 60 4.58 5.92 -2.16
CA VAL E 60 5.08 5.69 -0.80
C VAL E 60 5.85 4.38 -0.71
N ARG E 61 5.25 3.30 -1.15
CA ARG E 61 5.91 1.98 -1.08
C ARG E 61 7.20 1.97 -1.88
N PHE E 62 7.16 2.57 -3.06
CA PHE E 62 8.32 2.54 -3.93
C PHE E 62 9.45 3.17 -3.18
N LEU E 63 9.19 4.37 -2.68
CA LEU E 63 10.23 5.16 -1.96
C LEU E 63 10.62 4.59 -0.59
N ASP E 64 9.73 3.87 0.08
CA ASP E 64 10.14 3.19 1.32
C ASP E 64 11.39 2.36 1.13
N THR E 65 11.52 1.72 -0.04
CA THR E 65 12.66 0.84 -0.29
C THR E 65 13.70 1.50 -1.16
N HIS E 66 13.29 2.43 -2.03
CA HIS E 66 14.20 2.93 -3.06
C HIS E 66 14.66 4.38 -2.94
N ALA E 67 14.28 5.08 -1.86
CA ALA E 67 14.50 6.52 -1.72
C ALA E 67 15.96 6.91 -1.82
N ASP E 68 16.81 6.17 -1.11
CA ASP E 68 18.29 6.41 -1.18
C ASP E 68 18.86 6.23 -2.59
N ALA E 69 18.46 5.15 -3.26
CA ALA E 69 18.97 4.92 -4.63
C ALA E 69 18.48 6.04 -5.55
N VAL E 70 17.21 6.45 -5.38
CA VAL E 70 16.67 7.56 -6.18
C VAL E 70 17.46 8.84 -5.94
N TYR E 71 17.70 9.15 -4.68
CA TYR E 71 18.35 10.40 -4.30
C TYR E 71 19.81 10.39 -4.78
N ASP E 72 20.48 9.25 -4.60
CA ASP E 72 21.80 9.04 -5.19
C ASP E 72 21.84 9.28 -6.71
N ARG E 73 20.84 8.79 -7.47
CA ARG E 73 20.85 9.09 -8.90
C ARG E 73 20.84 10.58 -9.11
N LEU E 74 20.00 11.28 -8.40
CA LEU E 74 19.82 12.74 -8.68
C LEU E 74 20.99 13.67 -8.28
N THR E 75 21.73 13.25 -7.27
CA THR E 75 22.79 14.03 -6.62
C THR E 75 24.18 13.43 -6.77
N ASP E 76 24.30 12.41 -7.62
CA ASP E 76 25.56 11.77 -7.91
C ASP E 76 26.15 11.22 -6.61
N HIS E 77 25.40 10.32 -5.96
CA HIS E 77 25.77 9.74 -4.65
C HIS E 77 26.17 10.84 -3.65
N ARG E 78 25.30 11.85 -3.50
CA ARG E 78 25.44 12.87 -2.45
C ARG E 78 26.69 13.73 -2.57
N ARG E 79 27.09 13.99 -3.81
CA ARG E 79 28.24 14.84 -4.10
C ARG E 79 27.86 16.16 -4.76
N VAL E 80 26.62 16.29 -5.17
CA VAL E 80 26.10 17.56 -5.64
C VAL E 80 24.93 17.95 -4.71
N HIS E 81 24.99 19.15 -4.14
CA HIS E 81 23.93 19.69 -3.33
C HIS E 81 22.89 20.28 -4.23
N LEU E 82 21.67 19.73 -4.20
CA LEU E 82 20.53 20.33 -4.93
C LEU E 82 19.48 20.85 -3.94
N ARG E 83 19.09 22.11 -4.11
CA ARG E 83 17.96 22.72 -3.40
C ARG E 83 16.66 22.04 -3.81
N LEU E 84 15.60 22.34 -3.05
CA LEU E 84 14.32 21.64 -3.18
C LEU E 84 13.74 21.73 -4.58
N ALA E 85 13.74 22.93 -5.14
CA ALA E 85 13.10 23.17 -6.45
C ALA E 85 13.80 22.35 -7.56
N GLU E 86 15.14 22.40 -7.54
CA GLU E 86 15.99 21.64 -8.48
C GLU E 86 15.84 20.14 -8.27
N LEU E 87 15.87 19.72 -7.01
CA LEU E 87 15.69 18.31 -6.70
C LEU E 87 14.37 17.73 -7.23
N VAL E 88 13.25 18.40 -7.02
CA VAL E 88 11.95 17.82 -7.43
C VAL E 88 11.71 17.87 -8.94
N GLU E 89 12.25 18.90 -9.58
CA GLU E 89 12.33 18.97 -11.07
C GLU E 89 13.17 17.83 -11.66
N ALA E 90 14.38 17.65 -11.15
CA ALA E 90 15.24 16.58 -11.64
C ALA E 90 14.62 15.22 -11.38
N ALA E 91 13.92 15.08 -10.25
CA ALA E 91 13.28 13.81 -9.93
C ALA E 91 12.18 13.50 -10.92
N ALA E 92 11.51 14.53 -11.38
CA ALA E 92 10.38 14.36 -12.29
C ALA E 92 10.86 13.83 -13.66
N THR E 93 11.97 14.34 -14.13
CA THR E 93 12.51 13.94 -15.41
C THR E 93 13.19 12.61 -15.37
N ALA E 94 13.88 12.33 -14.30
CA ALA E 94 14.53 11.02 -14.12
C ALA E 94 13.64 9.91 -13.69
N PHE E 95 12.52 10.25 -13.08
CA PHE E 95 11.57 9.22 -12.62
C PHE E 95 10.13 9.63 -13.01
N PRO E 96 9.81 9.57 -14.31
CA PRO E 96 8.46 10.00 -14.71
C PRO E 96 7.36 9.27 -13.92
N GLY E 97 6.37 10.04 -13.49
CA GLY E 97 5.27 9.55 -12.66
C GLY E 97 5.50 9.55 -11.16
N LEU E 98 6.73 9.74 -10.72
CA LEU E 98 7.03 9.77 -9.25
C LEU E 98 6.56 11.08 -8.61
N VAL E 99 6.92 12.18 -9.28
CA VAL E 99 6.56 13.50 -8.92
C VAL E 99 6.19 14.23 -10.21
N PRO E 100 5.36 15.28 -10.13
CA PRO E 100 5.05 16.01 -11.34
C PRO E 100 6.11 16.89 -12.03
N THR E 101 5.98 16.93 -13.37
CA THR E 101 6.81 17.71 -14.29
C THR E 101 6.49 19.14 -14.10
N GLN E 102 7.40 19.97 -14.58
CA GLN E 102 7.21 21.43 -14.58
C GLN E 102 5.90 21.84 -15.31
N GLN E 103 5.65 21.16 -16.42
CA GLN E 103 4.44 21.34 -17.20
C GLN E 103 3.16 21.00 -16.41
N GLN E 104 3.12 19.79 -15.82
CA GLN E 104 1.96 19.35 -15.04
C GLN E 104 1.67 20.30 -13.90
N LEU E 105 2.72 20.83 -13.28
CA LEU E 105 2.59 21.88 -12.27
C LEU E 105 2.03 23.19 -12.81
N ALA E 106 2.42 23.59 -14.01
CA ALA E 106 1.93 24.87 -14.60
C ALA E 106 0.47 24.82 -14.85
N VAL E 107 -0.03 23.65 -15.25
CA VAL E 107 -1.49 23.43 -15.41
C VAL E 107 -2.15 23.60 -14.04
N GLU E 108 -1.58 22.93 -13.03
CA GLU E 108 -2.09 23.02 -11.64
C GLU E 108 -2.07 24.47 -11.14
N ARG E 109 -0.94 25.17 -11.32
CA ARG E 109 -0.78 26.58 -10.85
C ARG E 109 -1.80 27.51 -11.51
N SER E 110 -2.22 27.20 -12.73
CA SER E 110 -3.24 28.02 -13.46
C SER E 110 -4.66 27.82 -12.96
N LEU E 111 -4.89 26.78 -12.16
CA LEU E 111 -6.20 26.51 -11.54
C LEU E 111 -6.28 27.10 -10.13
N PRO E 112 -7.53 27.34 -9.67
CA PRO E 112 -7.69 27.66 -8.22
C PRO E 112 -7.57 26.38 -7.40
N GLN E 113 -7.13 26.47 -6.12
CA GLN E 113 -6.95 25.28 -5.26
C GLN E 113 -8.07 24.29 -5.41
N ALA E 114 -9.31 24.78 -5.37
CA ALA E 114 -10.51 23.91 -5.35
C ALA E 114 -10.58 22.94 -6.54
N ALA E 115 -10.01 23.37 -7.65
CA ALA E 115 -10.07 22.59 -8.91
C ALA E 115 -8.87 21.64 -9.15
N LYS E 116 -7.82 21.81 -8.37
CA LYS E 116 -6.56 21.07 -8.58
C LYS E 116 -6.74 19.59 -8.32
N GLU E 117 -5.97 18.79 -9.04
CA GLU E 117 -5.82 17.33 -8.79
C GLU E 117 -4.90 16.93 -7.58
N GLY E 118 -4.07 17.86 -7.12
CA GLY E 118 -3.27 17.67 -5.90
C GLY E 118 -1.92 17.03 -6.21
N HIS E 119 -1.36 17.35 -7.38
CA HIS E 119 -0.11 16.73 -7.77
C HIS E 119 1.04 17.07 -6.81
N GLU E 120 0.96 18.22 -6.14
CA GLU E 120 1.95 18.58 -5.11
C GLU E 120 2.07 17.52 -4.00
N ILE E 121 0.98 16.82 -3.73
CA ILE E 121 0.99 15.77 -2.74
C ILE E 121 2.08 14.75 -3.06
N ASP E 122 2.26 14.47 -4.34
CA ASP E 122 3.32 13.53 -4.78
C ASP E 122 4.70 14.07 -4.39
N GLN E 123 4.87 15.39 -4.47
CA GLN E 123 6.11 16.02 -4.00
C GLN E 123 6.31 15.87 -2.48
N GLY E 124 5.19 15.93 -1.75
CA GLY E 124 5.22 15.71 -0.29
C GLY E 124 5.67 14.30 0.02
N ILE E 125 5.12 13.35 -0.72
CA ILE E 125 5.51 11.94 -0.58
C ILE E 125 7.04 11.75 -0.79
N PHE E 126 7.52 12.37 -1.86
CA PHE E 126 8.93 12.33 -2.23
C PHE E 126 9.80 12.93 -1.10
N LEU E 127 9.53 14.18 -0.74
CA LEU E 127 10.31 14.87 0.24
C LEU E 127 10.29 14.21 1.62
N ARG E 128 9.13 13.71 2.00
CA ARG E 128 9.07 12.90 3.22
C ARG E 128 10.12 11.81 3.14
N ALA E 129 10.08 11.02 2.06
CA ALA E 129 10.98 9.85 1.94
C ALA E 129 12.44 10.23 1.97
N VAL E 130 12.77 11.30 1.27
CA VAL E 130 14.13 11.84 1.28
C VAL E 130 14.59 12.30 2.65
N LEU E 131 13.78 13.16 3.30
CA LEU E 131 14.09 13.61 4.61
C LEU E 131 14.16 12.49 5.68
N ARG E 132 13.37 11.43 5.52
CA ARG E 132 13.40 10.29 6.48
C ARG E 132 14.71 9.52 6.41
N SER E 133 15.43 9.63 5.29
CA SER E 133 16.69 8.90 5.15
C SER E 133 17.82 9.54 5.94
N PRO E 134 18.55 8.74 6.73
CA PRO E 134 19.67 9.30 7.55
C PRO E 134 20.84 9.74 6.67
N LEU E 135 20.82 9.35 5.41
CA LEU E 135 21.85 9.75 4.46
C LEU E 135 21.43 10.91 3.56
N ALA E 136 20.27 10.75 2.91
CA ALA E 136 19.73 11.75 2.01
C ALA E 136 19.23 13.00 2.75
N GLY E 137 18.57 12.76 3.86
CA GLY E 137 17.98 13.82 4.71
C GLY E 137 18.97 14.91 5.06
N PRO E 138 20.05 14.58 5.78
CA PRO E 138 20.99 15.61 6.26
C PRO E 138 21.64 16.31 5.09
N HIS E 139 21.83 15.58 3.99
CA HIS E 139 22.44 16.13 2.81
C HIS E 139 21.55 17.22 2.15
N LEU E 140 20.25 16.91 1.96
CA LEU E 140 19.29 17.91 1.48
C LEU E 140 19.19 19.12 2.40
N LEU E 141 19.17 18.86 3.69
CA LEU E 141 19.12 19.97 4.64
C LEU E 141 20.36 20.88 4.47
N ASP E 142 21.53 20.27 4.28
CA ASP E 142 22.75 21.03 4.04
C ASP E 142 22.68 21.82 2.76
N ALA E 143 22.16 21.22 1.71
CA ALA E 143 21.91 21.99 0.44
C ALA E 143 21.11 23.23 0.65
N MET E 144 20.05 23.12 1.44
CA MET E 144 19.19 24.28 1.75
C MET E 144 19.76 25.28 2.69
N LEU E 145 20.78 24.92 3.46
CA LEU E 145 21.58 25.93 4.20
C LEU E 145 22.63 26.71 3.41
N ARG E 146 22.92 26.31 2.16
CA ARG E 146 23.92 26.99 1.35
C ARG E 146 23.36 28.30 0.86
N PRO E 147 24.26 29.25 0.49
CA PRO E 147 23.74 30.57 0.11
C PRO E 147 23.06 30.46 -1.23
N THR E 148 22.00 31.20 -1.40
CA THR E 148 21.28 31.24 -2.65
C THR E 148 22.13 32.00 -3.66
N PRO E 149 22.06 31.62 -4.96
CA PRO E 149 22.75 32.37 -6.04
C PRO E 149 22.40 33.84 -6.06
N ARG E 150 21.12 34.13 -5.84
CA ARG E 150 20.69 35.53 -5.80
C ARG E 150 21.45 36.35 -4.77
N ALA E 151 21.73 35.74 -3.64
CA ALA E 151 22.45 36.44 -2.57
C ALA E 151 23.92 36.62 -2.93
N LEU E 152 24.53 35.57 -3.48
CA LEU E 152 25.91 35.64 -3.89
C LEU E 152 26.13 36.77 -4.94
N GLU E 153 25.15 36.90 -5.83
CA GLU E 153 25.19 37.92 -6.89
C GLU E 153 25.05 39.36 -6.31
N LEU E 154 24.19 39.54 -5.32
CA LEU E 154 24.01 40.85 -4.70
C LEU E 154 25.02 41.22 -3.63
N LEU E 155 25.78 40.24 -3.18
CA LEU E 155 26.65 40.48 -2.05
C LEU E 155 27.65 41.64 -2.21
N PRO E 156 28.39 41.72 -3.34
CA PRO E 156 29.34 42.85 -3.45
C PRO E 156 28.69 44.22 -3.42
N GLU E 157 27.57 44.39 -4.12
CA GLU E 157 26.84 45.67 -4.06
C GLU E 157 26.42 45.98 -2.62
N PHE E 158 26.01 44.93 -1.92
CA PHE E 158 25.52 45.11 -0.57
C PHE E 158 26.64 45.52 0.35
N VAL E 159 27.77 44.84 0.22
CA VAL E 159 28.99 45.20 0.98
C VAL E 159 29.41 46.66 0.69
N ARG E 160 29.32 47.09 -0.56
CA ARG E 160 29.70 48.44 -0.94
C ARG E 160 28.71 49.48 -0.43
N THR E 161 27.40 49.23 -0.64
CA THR E 161 26.34 50.28 -0.39
C THR E 161 25.72 50.19 1.02
N GLY E 162 25.72 49.01 1.63
CA GLY E 162 24.97 48.77 2.86
C GLY E 162 23.47 48.77 2.69
N GLU E 163 22.99 48.52 1.48
CA GLU E 163 21.54 48.71 1.17
C GLU E 163 21.05 47.89 -0.02
N VAL E 164 19.89 47.24 0.13
CA VAL E 164 19.21 46.52 -0.98
C VAL E 164 17.73 46.66 -0.78
N GLU E 165 17.03 47.05 -1.83
CA GLU E 165 15.60 47.17 -1.82
C GLU E 165 15.08 46.02 -2.58
N MET E 166 14.20 45.23 -1.97
CA MET E 166 13.54 44.11 -2.68
C MET E 166 12.05 44.30 -2.62
N GLU E 167 11.32 43.46 -3.34
CA GLU E 167 9.90 43.63 -3.41
C GLU E 167 9.23 43.62 -2.01
N ALA E 168 9.61 42.69 -1.14
CA ALA E 168 8.93 42.44 0.15
C ALA E 168 9.77 42.72 1.37
N VAL E 169 11.03 43.03 1.16
CA VAL E 169 11.98 43.24 2.26
C VAL E 169 12.98 44.34 1.87
N HIS E 170 13.20 45.26 2.78
CA HIS E 170 14.22 46.27 2.66
C HIS E 170 15.30 45.91 3.65
N LEU E 171 16.54 45.84 3.16
CA LEU E 171 17.68 45.47 3.97
C LEU E 171 18.70 46.56 4.04
N GLU E 172 19.16 46.87 5.23
CA GLU E 172 20.12 47.96 5.45
C GLU E 172 21.15 47.57 6.52
N ARG E 173 22.44 47.65 6.20
CA ARG E 173 23.50 47.51 7.21
C ARG E 173 23.76 48.85 7.89
N ARG E 174 23.74 48.85 9.21
CA ARG E 174 23.90 50.06 9.97
C ARG E 174 24.39 49.72 11.35
N ASP E 175 25.50 50.35 11.74
CA ASP E 175 26.14 50.11 13.04
C ASP E 175 26.40 48.64 13.35
N GLY E 176 26.77 47.89 12.34
CA GLY E 176 26.96 46.44 12.50
C GLY E 176 25.73 45.54 12.57
N VAL E 177 24.57 46.10 12.23
CA VAL E 177 23.29 45.41 12.32
C VAL E 177 22.71 45.28 10.92
N ALA E 178 22.25 44.11 10.59
CA ALA E 178 21.47 43.92 9.38
C ALA E 178 20.02 44.15 9.76
N ARG E 179 19.48 45.27 9.31
CA ARG E 179 18.09 45.64 9.54
C ARG E 179 17.19 45.19 8.42
N LEU E 180 16.48 44.08 8.66
CA LEU E 180 15.51 43.59 7.75
C LEU E 180 14.18 44.24 8.10
N THR E 181 13.60 44.98 7.14
CA THR E 181 12.29 45.53 7.33
C THR E 181 11.35 44.89 6.35
N MET E 182 10.31 44.26 6.86
CA MET E 182 9.33 43.63 5.99
C MET E 182 8.34 44.71 5.56
N CYS E 183 8.23 44.96 4.26
CA CYS E 183 7.64 46.25 3.77
C CYS E 183 6.54 46.05 2.72
N ARG E 184 5.67 45.06 2.90
CA ARG E 184 4.47 44.91 2.06
C ARG E 184 3.30 45.68 2.68
N ASP E 185 3.37 46.98 2.50
CA ASP E 185 2.55 48.00 3.19
C ASP E 185 1.07 47.96 2.90
N ASP E 186 0.67 47.33 1.79
CA ASP E 186 -0.73 47.23 1.36
C ASP E 186 -1.51 46.04 1.97
N ARG E 187 -0.80 45.07 2.56
CA ARG E 187 -1.41 43.79 2.93
C ARG E 187 -0.83 43.19 4.24
N LEU E 188 -0.37 44.04 5.14
CA LEU E 188 0.08 43.61 6.48
C LEU E 188 1.18 42.53 6.48
N ASN E 189 2.08 42.65 5.53
CA ASN E 189 3.20 41.71 5.34
C ASN E 189 2.80 40.27 5.12
N ALA E 190 1.61 40.11 4.60
CA ALA E 190 1.12 38.83 4.21
C ALA E 190 2.16 38.14 3.31
N GLU E 191 2.40 36.86 3.61
CA GLU E 191 3.49 36.11 3.00
C GLU E 191 3.11 35.35 1.71
N ASP E 192 4.05 35.31 0.79
CA ASP E 192 3.94 34.54 -0.48
C ASP E 192 5.33 34.05 -0.93
N GLY E 193 5.42 33.44 -2.10
CA GLY E 193 6.68 32.87 -2.59
C GLY E 193 7.81 33.90 -2.77
N GLN E 194 7.42 35.11 -3.17
CA GLN E 194 8.36 36.17 -3.42
C GLN E 194 8.96 36.65 -2.11
N GLN E 195 8.09 36.78 -1.10
CA GLN E 195 8.55 37.21 0.24
C GLN E 195 9.57 36.24 0.76
N VAL E 196 9.32 34.95 0.56
CA VAL E 196 10.28 33.94 1.02
C VAL E 196 11.64 34.11 0.33
N ASP E 197 11.61 34.31 -0.99
CA ASP E 197 12.82 34.49 -1.78
C ASP E 197 13.56 35.69 -1.30
N ASP E 198 12.83 36.76 -1.08
CA ASP E 198 13.44 38.00 -0.51
C ASP E 198 14.02 37.82 0.90
N MET E 199 13.27 37.11 1.75
CA MET E 199 13.70 36.88 3.12
C MET E 199 14.96 36.05 3.14
N GLU E 200 14.99 34.97 2.38
CA GLU E 200 16.17 34.12 2.34
C GLU E 200 17.37 34.87 1.79
N THR E 201 17.11 35.68 0.77
CA THR E 201 18.16 36.45 0.13
C THR E 201 18.75 37.42 1.15
N ALA E 202 17.87 38.14 1.85
CA ALA E 202 18.30 39.09 2.86
C ALA E 202 19.04 38.39 4.01
N VAL E 203 18.50 37.25 4.46
CA VAL E 203 19.16 36.51 5.56
C VAL E 203 20.53 36.08 5.12
N ASP E 204 20.65 35.52 3.93
CA ASP E 204 21.97 35.16 3.35
C ASP E 204 22.95 36.36 3.33
N LEU E 205 22.49 37.52 2.88
CA LEU E 205 23.38 38.70 2.82
C LEU E 205 23.87 39.07 4.20
N ALA E 206 22.97 39.15 5.17
CA ALA E 206 23.31 39.47 6.55
C ALA E 206 24.35 38.54 7.13
N LEU E 207 24.18 37.28 6.86
CA LEU E 207 25.16 36.28 7.36
C LEU E 207 26.53 36.31 6.68
N LEU E 208 26.54 36.51 5.36
CA LEU E 208 27.80 36.58 4.58
C LEU E 208 28.57 37.88 4.71
N ASP E 209 27.86 38.95 4.96
CA ASP E 209 28.49 40.26 5.09
C ASP E 209 29.32 40.33 6.37
N PRO E 210 30.63 40.46 6.25
CA PRO E 210 31.46 40.55 7.49
C PRO E 210 31.29 41.81 8.34
N GLY E 211 30.71 42.87 7.79
CA GLY E 211 30.41 44.06 8.63
C GLY E 211 29.12 43.98 9.44
N VAL E 212 28.42 42.84 9.33
CA VAL E 212 27.18 42.59 10.08
C VAL E 212 27.51 41.67 11.22
N ARG E 213 27.11 42.07 12.39
CA ARG E 213 27.36 41.26 13.60
C ARG E 213 26.08 40.66 14.16
N VAL E 214 24.98 41.38 13.98
CA VAL E 214 23.68 41.04 14.50
C VAL E 214 22.62 41.33 13.47
N GLY E 215 21.56 40.53 13.50
CA GLY E 215 20.36 40.80 12.67
C GLY E 215 19.17 41.36 13.42
N LEU E 216 18.35 42.13 12.71
CA LEU E 216 17.11 42.68 13.25
C LEU E 216 15.98 42.48 12.26
N LEU E 217 14.87 41.89 12.69
CA LEU E 217 13.71 41.71 11.83
C LEU E 217 12.57 42.49 12.40
N ARG E 218 11.99 43.34 11.56
CA ARG E 218 10.95 44.23 12.00
C ARG E 218 9.99 44.56 10.86
N GLY E 219 8.73 44.76 11.21
CA GLY E 219 7.73 45.11 10.22
C GLY E 219 7.80 46.61 9.93
N GLY E 220 7.60 46.96 8.66
CA GLY E 220 7.64 48.35 8.23
C GLY E 220 6.32 49.09 8.36
N VAL E 221 6.37 50.41 8.15
CA VAL E 221 5.16 51.24 8.22
C VAL E 221 4.15 50.84 7.13
N MET E 222 2.89 50.65 7.56
CA MET E 222 1.84 50.20 6.64
C MET E 222 1.16 51.40 5.95
N SER E 223 0.53 51.12 4.81
CA SER E 223 -0.16 52.13 4.00
C SER E 223 -1.67 51.87 3.79
N HIS E 224 -2.11 50.62 3.91
CA HIS E 224 -3.54 50.30 3.96
C HIS E 224 -4.29 51.20 4.98
N PRO E 225 -5.47 51.75 4.60
CA PRO E 225 -6.23 52.73 5.43
C PRO E 225 -6.51 52.37 6.89
N ARG E 226 -6.80 51.08 7.16
CA ARG E 226 -7.00 50.63 8.56
C ARG E 226 -5.72 50.64 9.44
N TYR E 227 -4.55 50.73 8.81
CA TYR E 227 -3.24 50.71 9.52
C TYR E 227 -2.33 51.85 9.15
N ARG E 228 -2.84 52.87 8.44
CA ARG E 228 -1.96 53.91 7.88
C ARG E 228 -1.05 54.58 8.93
N GLY E 229 0.26 54.57 8.65
CA GLY E 229 1.27 55.14 9.56
C GLY E 229 1.74 54.24 10.72
N LYS E 230 1.12 53.05 10.86
CA LYS E 230 1.43 52.09 11.95
C LYS E 230 2.30 50.95 11.44
N ARG E 231 3.33 50.54 12.21
CA ARG E 231 4.11 49.33 11.85
C ARG E 231 3.31 48.06 12.14
N VAL E 232 3.43 47.06 11.25
CA VAL E 232 2.83 45.73 11.46
C VAL E 232 3.81 44.61 11.09
N PHE E 233 3.98 43.63 11.99
CA PHE E 233 5.01 42.59 11.83
C PHE E 233 4.60 41.59 10.77
N SER E 234 3.55 40.83 11.02
CA SER E 234 3.03 39.87 10.01
C SER E 234 1.60 39.43 10.26
N ALA E 235 0.81 39.37 9.18
CA ALA E 235 -0.54 38.80 9.17
C ALA E 235 -0.51 37.37 8.60
N GLY E 236 0.68 36.82 8.48
CA GLY E 236 0.81 35.42 8.07
C GLY E 236 0.56 35.17 6.58
N ILE E 237 0.26 33.92 6.24
CA ILE E 237 0.23 33.51 4.84
C ILE E 237 -0.86 34.24 4.05
N ASN E 238 -0.52 34.60 2.81
CA ASN E 238 -1.49 35.25 1.88
C ASN E 238 -2.63 34.26 1.57
N LEU E 239 -3.76 34.43 2.25
CA LEU E 239 -4.91 33.57 2.10
C LEU E 239 -5.60 33.70 0.73
N LYS E 240 -5.57 34.90 0.16
CA LYS E 240 -6.13 35.12 -1.18
C LYS E 240 -5.37 34.23 -2.18
N TYR E 241 -4.05 34.35 -2.16
CA TYR E 241 -3.18 33.61 -3.08
C TYR E 241 -3.34 32.11 -2.86
N LEU E 242 -3.43 31.70 -1.60
CA LEU E 242 -3.65 30.31 -1.27
C LEU E 242 -4.92 29.75 -1.94
N SER E 243 -6.01 30.51 -1.87
CA SER E 243 -7.29 30.17 -2.55
C SER E 243 -7.23 30.08 -4.08
N GLN E 244 -6.57 31.09 -4.64
CA GLN E 244 -6.30 31.20 -6.06
C GLN E 244 -5.31 30.17 -6.64
N GLY E 245 -4.66 29.40 -5.78
CA GLY E 245 -3.72 28.36 -6.20
C GLY E 245 -2.27 28.72 -6.24
N GLY E 246 -1.90 29.89 -5.71
CA GLY E 246 -0.53 30.46 -5.87
C GLY E 246 0.43 30.19 -4.72
N ILE E 247 0.06 29.35 -3.74
CA ILE E 247 0.98 29.03 -2.60
C ILE E 247 1.57 27.65 -2.87
N SER E 248 2.85 27.63 -3.12
CA SER E 248 3.57 26.45 -3.48
C SER E 248 4.04 25.67 -2.25
N LEU E 249 3.71 24.39 -2.26
CA LEU E 249 4.15 23.48 -1.22
C LEU E 249 5.67 23.55 -1.08
N VAL E 250 6.34 23.39 -2.20
CA VAL E 250 7.78 23.34 -2.22
C VAL E 250 8.43 24.73 -2.10
N ASP E 251 7.99 25.67 -2.90
CA ASP E 251 8.69 26.95 -3.05
C ASP E 251 8.34 27.96 -2.00
N PHE E 252 7.28 27.69 -1.27
CA PHE E 252 6.90 28.48 -0.18
C PHE E 252 7.00 27.68 1.14
N LEU E 253 6.17 26.65 1.32
CA LEU E 253 5.97 26.09 2.64
C LEU E 253 7.23 25.35 3.12
N MET E 254 7.84 24.58 2.25
CA MET E 254 9.04 23.88 2.62
C MET E 254 10.24 24.80 2.55
N ARG E 255 10.26 25.66 1.56
CA ARG E 255 11.42 26.47 1.32
C ARG E 255 11.74 27.32 2.53
N ARG E 256 10.69 27.96 3.07
CA ARG E 256 10.92 28.84 4.18
C ARG E 256 11.45 28.04 5.40
N GLU E 257 10.94 26.83 5.63
CA GLU E 257 11.30 26.12 6.82
C GLU E 257 12.74 25.62 6.73
N LEU E 258 13.11 25.10 5.58
CA LEU E 258 14.42 24.52 5.36
C LEU E 258 15.48 25.52 4.92
N GLY E 259 15.05 26.73 4.54
CA GLY E 259 15.94 27.80 4.11
C GLY E 259 16.15 28.90 5.12
N TYR E 260 15.47 30.03 4.95
CA TYR E 260 15.83 31.16 5.79
C TYR E 260 15.63 30.87 7.28
N ILE E 261 14.54 30.17 7.61
CA ILE E 261 14.19 30.00 8.98
C ILE E 261 15.23 29.10 9.66
N HIS E 262 15.65 28.10 8.94
CA HIS E 262 16.66 27.19 9.42
C HIS E 262 18.01 27.88 9.45
N LYS E 263 18.23 28.84 8.54
CA LYS E 263 19.46 29.62 8.56
C LYS E 263 19.53 30.57 9.75
N LEU E 264 18.38 31.10 10.20
CA LEU E 264 18.36 31.90 11.42
C LEU E 264 18.89 31.08 12.63
N VAL E 265 18.57 29.79 12.64
CA VAL E 265 18.98 28.92 13.67
C VAL E 265 20.45 28.48 13.47
N ARG E 266 20.73 27.82 12.34
CA ARG E 266 22.03 27.20 12.12
C ARG E 266 23.10 27.93 11.32
N GLY E 267 22.73 29.05 10.72
CA GLY E 267 23.59 29.80 9.80
C GLY E 267 23.66 29.26 8.38
N VAL E 268 24.52 29.87 7.55
CA VAL E 268 24.76 29.45 6.18
C VAL E 268 25.95 28.56 6.09
N LEU E 269 25.74 27.42 5.46
CA LEU E 269 26.80 26.52 5.10
C LEU E 269 27.64 27.09 3.93
N THR E 270 28.91 27.33 4.19
CA THR E 270 29.82 27.88 3.18
C THR E 270 30.71 26.78 2.62
N ASN E 271 31.41 27.10 1.54
CA ASN E 271 32.52 26.25 1.09
C ASN E 271 33.73 26.46 2.00
N ASP E 272 34.59 25.44 2.04
CA ASP E 272 35.88 25.48 2.72
C ASP E 272 36.84 26.58 2.23
N ASP E 273 36.54 27.84 2.52
CA ASP E 273 37.23 28.95 1.86
C ASP E 273 37.75 30.02 2.85
N ARG E 274 37.95 29.61 4.09
CA ARG E 274 38.32 30.55 5.15
C ARG E 274 38.95 29.81 6.32
N PRO E 275 39.75 30.50 7.14
CA PRO E 275 40.28 29.83 8.36
C PRO E 275 39.13 29.44 9.28
N GLY E 276 39.32 28.39 10.05
CA GLY E 276 38.31 28.02 11.04
C GLY E 276 37.11 27.25 10.50
N TRP E 277 37.06 27.03 9.19
CA TRP E 277 35.95 26.30 8.56
C TRP E 277 35.83 24.88 9.14
N TRP E 278 36.95 24.30 9.49
CA TRP E 278 36.97 22.96 10.12
C TRP E 278 36.24 22.85 11.48
N HIS E 279 36.14 23.95 12.20
CA HIS E 279 35.30 24.02 13.42
C HIS E 279 33.96 24.73 13.22
N SER E 280 33.84 25.55 12.18
CA SER E 280 32.65 26.34 11.95
C SER E 280 32.36 26.41 10.48
N PRO E 281 31.86 25.30 9.95
CA PRO E 281 31.45 25.28 8.52
C PRO E 281 30.29 26.22 8.17
N ARG E 282 29.55 26.65 9.21
CA ARG E 282 28.41 27.54 9.02
C ARG E 282 28.68 28.86 9.64
N ILE E 283 28.22 29.93 8.99
CA ILE E 283 28.32 31.23 9.58
C ILE E 283 26.98 31.53 10.16
N GLU E 284 26.94 31.65 11.48
CA GLU E 284 25.72 31.97 12.17
C GLU E 284 25.88 33.26 12.88
N LYS E 285 24.77 33.97 13.06
CA LYS E 285 24.74 35.20 13.88
C LYS E 285 23.45 35.31 14.69
N PRO E 286 23.46 36.13 15.73
CA PRO E 286 22.27 36.32 16.54
C PRO E 286 21.28 37.27 15.94
N TRP E 287 20.01 37.04 16.25
CA TRP E 287 18.89 37.77 15.66
C TRP E 287 17.94 38.28 16.71
N VAL E 288 17.55 39.51 16.54
CA VAL E 288 16.53 40.17 17.32
C VAL E 288 15.28 40.44 16.46
N ALA E 289 14.08 40.15 17.00
CA ALA E 289 12.82 40.46 16.34
C ALA E 289 12.09 41.47 17.19
N ALA E 290 11.47 42.44 16.53
CA ALA E 290 10.64 43.45 17.18
C ALA E 290 9.25 43.41 16.57
N VAL E 291 8.25 43.17 17.40
CA VAL E 291 6.93 42.94 16.96
C VAL E 291 6.06 44.17 17.24
N ASP E 292 5.62 44.82 16.16
CA ASP E 292 4.60 45.89 16.19
C ASP E 292 3.27 45.33 15.70
N GLY E 293 2.20 45.73 16.36
CA GLY E 293 0.83 45.42 15.97
C GLY E 293 0.47 43.98 16.32
N PHE E 294 0.99 43.07 15.53
CA PHE E 294 0.77 41.69 15.80
C PHE E 294 1.67 40.79 14.99
N ALA E 295 1.77 39.55 15.46
CA ALA E 295 2.44 38.49 14.70
C ALA E 295 1.45 37.35 14.59
N ILE E 296 0.98 37.08 13.37
CA ILE E 296 0.00 36.05 13.11
C ILE E 296 0.56 34.96 12.21
N GLY E 297 0.24 33.72 12.55
CA GLY E 297 0.56 32.60 11.66
C GLY E 297 2.05 32.48 11.39
N GLY E 298 2.43 32.58 10.12
CA GLY E 298 3.85 32.40 9.74
C GLY E 298 4.74 33.40 10.45
N GLY E 299 4.23 34.59 10.68
CA GLY E 299 4.97 35.57 11.45
C GLY E 299 5.19 35.20 12.91
N ALA E 300 4.18 34.64 13.56
CA ALA E 300 4.33 34.16 14.94
C ALA E 300 5.31 33.00 15.00
N GLN E 301 5.27 32.15 14.00
CA GLN E 301 6.18 31.04 13.91
C GLN E 301 7.62 31.50 13.93
N LEU E 302 7.88 32.63 13.25
CA LEU E 302 9.25 33.11 13.17
C LEU E 302 9.84 33.46 14.52
N LEU E 303 9.00 33.91 15.46
CA LEU E 303 9.48 34.28 16.78
C LEU E 303 10.17 33.15 17.56
N LEU E 304 9.88 31.90 17.21
CA LEU E 304 10.37 30.72 17.96
C LEU E 304 11.83 30.37 17.69
N VAL E 305 12.47 31.23 16.93
CA VAL E 305 13.86 31.03 16.50
C VAL E 305 14.77 32.22 16.75
N PHE E 306 14.28 33.30 17.34
CA PHE E 306 15.10 34.50 17.55
C PHE E 306 15.80 34.46 18.88
N ASP E 307 16.94 35.16 18.97
CA ASP E 307 17.75 35.18 20.19
C ASP E 307 17.18 36.14 21.21
N ARG E 308 16.48 37.13 20.71
CA ARG E 308 15.81 38.09 21.55
C ARG E 308 14.53 38.55 20.81
N VAL E 309 13.46 38.75 21.54
CA VAL E 309 12.18 39.16 20.99
C VAL E 309 11.62 40.30 21.82
N LEU E 310 11.32 41.41 21.14
CA LEU E 310 10.72 42.58 21.75
C LEU E 310 9.33 42.82 21.12
N ALA E 311 8.39 43.28 21.94
CA ALA E 311 7.05 43.52 21.41
C ALA E 311 6.47 44.76 22.02
N SER E 312 5.63 45.40 21.23
CA SER E 312 4.93 46.54 21.65
C SER E 312 3.86 46.12 22.65
N SER E 313 3.62 46.93 23.68
CA SER E 313 2.56 46.72 24.64
C SER E 313 1.18 46.30 24.08
N ASP E 314 0.85 46.74 22.89
CA ASP E 314 -0.45 46.49 22.28
C ASP E 314 -0.51 45.30 21.34
N ALA E 315 0.60 44.59 21.24
CA ALA E 315 0.70 43.53 20.27
C ALA E 315 0.09 42.27 20.79
N TYR E 316 -0.19 41.39 19.86
CA TYR E 316 -0.59 40.05 20.18
C TYR E 316 0.07 39.02 19.25
N PHE E 317 0.05 37.78 19.70
N PHE E 317 0.09 37.75 19.71
CA PHE E 317 0.65 36.64 18.97
CA PHE E 317 0.68 36.55 19.04
C PHE E 317 -0.43 35.58 18.78
C PHE E 317 -0.45 35.58 18.79
N SER E 318 -0.65 35.13 17.56
CA SER E 318 -1.59 34.06 17.31
C SER E 318 -1.27 33.18 16.18
N LEU E 319 -1.79 31.96 16.29
CA LEU E 319 -1.74 30.90 15.21
C LEU E 319 -3.18 30.44 15.04
N PRO E 320 -3.93 31.16 14.21
CA PRO E 320 -5.40 31.25 14.45
C PRO E 320 -6.20 30.16 13.82
N ALA E 321 -5.66 29.53 12.79
CA ALA E 321 -6.49 28.64 11.93
C ALA E 321 -6.66 27.23 12.55
N ALA E 322 -7.33 27.21 13.67
CA ALA E 322 -7.35 26.03 14.50
C ALA E 322 -8.35 25.02 13.98
N LYS E 323 -9.45 25.54 13.46
CA LYS E 323 -10.53 24.74 13.00
C LYS E 323 -10.32 24.24 11.57
N GLU E 324 -9.82 25.10 10.68
CA GLU E 324 -9.80 24.79 9.23
C GLU E 324 -8.52 25.25 8.50
N GLY E 325 -7.42 25.32 9.23
CA GLY E 325 -6.18 25.78 8.64
C GLY E 325 -5.18 24.68 8.33
N ILE E 326 -4.10 25.14 7.76
CA ILE E 326 -2.96 24.32 7.53
C ILE E 326 -2.10 24.26 8.79
N ILE E 327 -1.08 23.40 8.78
CA ILE E 327 -0.21 23.25 9.95
C ILE E 327 0.63 24.53 9.98
N PRO E 328 0.74 25.19 11.13
CA PRO E 328 1.52 26.40 11.27
C PRO E 328 3.02 26.12 11.31
N GLY E 329 3.53 25.70 10.16
CA GLY E 329 4.94 25.42 10.00
C GLY E 329 5.51 24.53 11.13
N ALA E 330 6.62 25.01 11.70
CA ALA E 330 7.34 24.29 12.74
C ALA E 330 6.95 24.80 14.11
N ALA E 331 5.88 25.58 14.21
CA ALA E 331 5.35 25.87 15.52
C ALA E 331 5.03 24.58 16.28
N ASN E 332 4.48 23.56 15.61
CA ASN E 332 4.11 22.33 16.34
C ASN E 332 5.37 21.61 16.88
N LEU E 333 6.50 21.87 16.23
CA LEU E 333 7.76 21.34 16.66
C LEU E 333 8.32 22.14 17.85
N ARG E 334 8.27 23.46 17.74
CA ARG E 334 9.00 24.34 18.61
C ARG E 334 8.19 24.92 19.80
N LEU E 335 6.92 25.13 19.60
CA LEU E 335 6.14 25.88 20.57
C LEU E 335 6.16 25.21 21.97
N GLY E 336 6.12 23.88 22.00
CA GLY E 336 6.05 23.13 23.27
C GLY E 336 7.19 23.39 24.21
N ARG E 337 8.34 23.61 23.63
CA ARG E 337 9.60 23.89 24.35
C ARG E 337 9.55 25.28 24.96
N PHE E 338 8.82 26.18 24.33
CA PHE E 338 8.58 27.53 24.88
C PHE E 338 7.48 27.62 25.91
N ALA E 339 6.40 26.87 25.71
CA ALA E 339 5.17 27.09 26.48
C ALA E 339 4.61 25.87 27.18
N GLY E 340 5.20 24.69 26.95
CA GLY E 340 4.69 23.47 27.47
C GLY E 340 3.53 22.98 26.61
N PRO E 341 3.13 21.73 26.80
CA PRO E 341 2.11 21.10 25.98
C PRO E 341 0.69 21.60 26.18
N ARG E 342 0.40 22.18 27.32
CA ARG E 342 -0.98 22.68 27.51
C ARG E 342 -1.18 23.94 26.77
N VAL E 343 -0.30 24.91 26.99
CA VAL E 343 -0.45 26.20 26.29
C VAL E 343 -0.22 26.06 24.78
N SER E 344 0.68 25.19 24.41
CA SER E 344 0.96 24.95 23.00
C SER E 344 -0.31 24.41 22.31
N ARG E 345 -1.07 23.55 22.96
CA ARG E 345 -2.31 23.09 22.41
C ARG E 345 -3.36 24.13 22.48
N GLN E 346 -3.39 24.93 23.53
CA GLN E 346 -4.40 25.97 23.57
C GLN E 346 -4.24 26.89 22.35
N VAL E 347 -2.98 27.19 22.03
CA VAL E 347 -2.67 28.16 20.94
C VAL E 347 -2.92 27.52 19.56
N ILE E 348 -2.49 26.30 19.37
CA ILE E 348 -2.58 25.67 18.08
C ILE E 348 -3.88 24.90 17.85
N LEU E 349 -4.25 24.00 18.74
CA LEU E 349 -5.50 23.26 18.60
C LEU E 349 -6.76 24.08 18.80
N GLU E 350 -6.71 25.12 19.62
CA GLU E 350 -7.92 25.96 19.91
C GLU E 350 -7.80 27.41 19.56
N GLY E 351 -6.66 27.87 19.04
CA GLY E 351 -6.60 29.23 18.46
C GLY E 351 -6.57 30.30 19.51
N ARG E 352 -6.03 29.98 20.67
CA ARG E 352 -5.85 30.99 21.66
C ARG E 352 -4.83 32.01 21.23
N ARG E 353 -5.24 33.22 21.38
CA ARG E 353 -4.42 34.34 21.04
C ARG E 353 -3.77 34.86 22.32
N ILE E 354 -2.51 35.27 22.24
CA ILE E 354 -1.75 35.70 23.41
C ILE E 354 -1.28 37.13 23.31
N TRP E 355 -1.59 37.91 24.33
CA TRP E 355 -1.38 39.36 24.27
C TRP E 355 -0.08 39.72 24.95
N ALA E 356 0.56 40.76 24.44
CA ALA E 356 1.92 41.13 24.89
C ALA E 356 1.99 41.38 26.36
N LYS E 357 0.91 41.91 26.92
CA LYS E 357 0.87 42.28 28.30
C LYS E 357 0.42 41.19 29.27
N GLU E 358 -0.04 40.01 28.79
CA GLU E 358 -0.40 39.00 29.73
C GLU E 358 0.86 38.29 30.21
N PRO E 359 0.84 37.74 31.44
CA PRO E 359 2.05 37.01 31.92
C PRO E 359 2.63 35.99 30.94
N GLU E 360 1.77 35.24 30.27
CA GLU E 360 2.21 34.15 29.39
C GLU E 360 2.89 34.62 28.15
N ALA E 361 2.83 35.91 27.86
CA ALA E 361 3.63 36.49 26.76
C ALA E 361 5.12 36.34 27.02
N ARG E 362 5.50 36.33 28.28
CA ARG E 362 6.89 36.14 28.64
C ARG E 362 7.46 34.79 28.26
N LEU E 363 6.59 33.86 27.88
CA LEU E 363 7.02 32.57 27.31
C LEU E 363 7.61 32.71 25.91
N LEU E 364 7.16 33.75 25.20
CA LEU E 364 7.50 34.02 23.81
C LEU E 364 8.29 35.31 23.52
N VAL E 365 8.25 36.23 24.46
CA VAL E 365 8.72 37.56 24.30
C VAL E 365 9.59 37.95 25.50
N ASP E 366 10.72 38.60 25.23
CA ASP E 366 11.68 38.91 26.28
C ASP E 366 11.40 40.24 26.90
N GLU E 367 10.90 41.17 26.12
CA GLU E 367 10.66 42.54 26.56
C GLU E 367 9.42 43.10 25.91
N VAL E 368 8.58 43.72 26.72
CA VAL E 368 7.35 44.32 26.29
C VAL E 368 7.40 45.76 26.72
N VAL E 369 7.20 46.65 25.75
CA VAL E 369 7.59 48.03 25.93
C VAL E 369 6.49 48.86 25.32
N GLU E 370 6.25 50.02 25.91
CA GLU E 370 5.29 51.00 25.37
C GLU E 370 5.77 51.53 24.02
N PRO E 371 4.85 51.72 23.06
CA PRO E 371 5.18 52.18 21.72
C PRO E 371 6.24 53.29 21.64
N ASP E 372 6.18 54.25 22.53
CA ASP E 372 7.16 55.33 22.50
C ASP E 372 8.54 55.03 23.12
N GLU E 373 8.67 53.87 23.74
CA GLU E 373 9.92 53.44 24.34
C GLU E 373 10.59 52.34 23.52
N LEU E 374 9.90 51.93 22.48
CA LEU E 374 10.27 50.71 21.74
C LEU E 374 11.52 50.82 20.87
N ASP E 375 11.62 51.91 20.09
CA ASP E 375 12.78 52.15 19.17
C ASP E 375 14.08 52.14 19.91
N ALA E 376 14.08 52.79 21.06
CA ALA E 376 15.28 52.84 21.91
C ALA E 376 15.59 51.47 22.58
N ALA E 377 14.55 50.71 22.98
CA ALA E 377 14.75 49.35 23.55
C ALA E 377 15.29 48.33 22.53
N ILE E 378 14.76 48.37 21.34
CA ILE E 378 15.35 47.67 20.21
C ILE E 378 16.86 48.02 20.05
N GLU E 379 17.21 49.31 20.01
CA GLU E 379 18.65 49.74 19.83
C GLU E 379 19.55 49.21 20.94
N ARG E 380 19.12 49.31 22.19
CA ARG E 380 19.86 48.70 23.31
C ARG E 380 20.04 47.21 23.17
N SER E 381 18.98 46.51 22.80
CA SER E 381 19.05 45.02 22.67
C SER E 381 20.12 44.59 21.65
N LEU E 382 20.30 45.40 20.62
CA LEU E 382 21.24 45.10 19.51
C LEU E 382 22.70 45.18 19.93
N THR E 383 22.98 46.10 20.82
CA THR E 383 24.32 46.20 21.42
C THR E 383 24.63 45.06 22.40
N ARG E 384 23.63 44.36 22.95
CA ARG E 384 23.94 43.33 23.96
C ARG E 384 24.35 41.96 23.39
N LEU E 385 24.32 41.78 22.09
CA LEU E 385 24.47 40.46 21.47
C LEU E 385 25.69 40.30 20.55
N ASP E 386 26.67 41.21 20.73
CA ASP E 386 27.80 41.40 19.80
C ASP E 386 28.87 40.31 19.79
N GLY E 387 29.25 39.81 20.94
CA GLY E 387 30.59 39.13 20.92
C GLY E 387 30.71 37.76 20.26
N ASP E 388 31.88 37.15 20.43
CA ASP E 388 32.13 35.71 20.16
C ASP E 388 31.63 34.72 21.25
N ALA E 389 31.46 35.19 22.47
CA ALA E 389 30.84 34.39 23.50
C ALA E 389 29.40 34.08 23.10
N VAL E 390 28.67 35.11 22.67
CA VAL E 390 27.25 34.94 22.26
C VAL E 390 27.17 33.89 21.14
N LEU E 391 28.03 34.02 20.14
CA LEU E 391 28.01 33.07 19.04
C LEU E 391 28.18 31.64 19.50
N ALA E 392 29.16 31.42 20.41
CA ALA E 392 29.42 30.10 20.84
C ALA E 392 28.25 29.61 21.68
N ASN E 393 27.79 30.44 22.60
CA ASN E 393 26.70 30.04 23.45
C ASN E 393 25.42 29.81 22.69
N ARG E 394 25.12 30.62 21.68
CA ARG E 394 23.83 30.36 20.99
C ARG E 394 23.89 29.07 20.19
N ARG E 395 25.06 28.77 19.65
CA ARG E 395 25.22 27.56 18.91
C ARG E 395 24.98 26.33 19.79
N MET E 396 25.55 26.35 20.98
CA MET E 396 25.38 25.28 21.94
C MET E 396 23.90 25.20 22.38
N LEU E 397 23.28 26.38 22.66
CA LEU E 397 21.89 26.40 23.07
C LEU E 397 20.99 25.79 22.02
N ASN E 398 21.21 26.15 20.77
CA ASN E 398 20.38 25.67 19.66
C ASN E 398 20.53 24.19 19.43
N LEU E 399 21.75 23.72 19.55
CA LEU E 399 22.06 22.30 19.48
C LEU E 399 21.34 21.50 20.58
N ALA E 400 21.28 22.01 21.79
CA ALA E 400 20.54 21.34 22.84
C ALA E 400 19.01 21.42 22.62
N ASP E 401 18.54 22.59 22.19
CA ASP E 401 17.09 22.85 22.08
C ASP E 401 16.50 21.96 21.00
N GLU E 402 17.23 21.77 19.92
CA GLU E 402 16.65 21.17 18.71
C GLU E 402 17.69 20.39 18.06
N SER E 403 17.61 19.07 18.21
CA SER E 403 18.60 18.22 17.59
C SER E 403 18.40 18.19 16.05
N PRO E 404 19.46 17.96 15.28
CA PRO E 404 19.28 17.78 13.82
C PRO E 404 18.36 16.68 13.47
N ASP E 405 18.44 15.56 14.17
CA ASP E 405 17.45 14.47 13.98
C ASP E 405 16.00 14.87 14.27
N GLY E 406 15.81 15.61 15.36
CA GLY E 406 14.48 16.06 15.76
C GLY E 406 13.86 16.90 14.66
N PHE E 407 14.64 17.84 14.15
CA PHE E 407 14.21 18.76 13.12
C PHE E 407 13.87 18.02 11.83
N ARG E 408 14.76 17.13 11.47
CA ARG E 408 14.64 16.38 10.25
C ARG E 408 13.46 15.44 10.27
N ALA E 409 13.32 14.73 11.36
CA ALA E 409 12.15 13.80 11.54
C ALA E 409 10.81 14.55 11.42
N TYR E 410 10.73 15.71 12.08
CA TYR E 410 9.54 16.52 12.04
C TYR E 410 9.30 17.05 10.59
N MET E 411 10.31 17.71 9.99
CA MET E 411 10.14 18.20 8.62
C MET E 411 9.74 17.05 7.65
N ALA E 412 10.24 15.85 7.88
CA ALA E 412 9.89 14.69 7.02
C ALA E 412 8.37 14.39 7.04
N GLU E 413 7.82 14.22 8.22
CA GLU E 413 6.39 14.09 8.31
C GLU E 413 5.60 15.35 7.84
N PHE E 414 6.11 16.52 8.18
CA PHE E 414 5.43 17.80 7.81
C PHE E 414 5.24 17.89 6.31
N ALA E 415 6.26 17.46 5.58
CA ALA E 415 6.25 17.56 4.10
C ALA E 415 5.00 16.95 3.51
N LEU E 416 4.62 15.80 4.05
CA LEU E 416 3.41 15.11 3.56
C LEU E 416 2.17 15.57 4.26
N MET E 417 2.24 15.72 5.57
CA MET E 417 1.06 16.17 6.30
C MET E 417 0.55 17.52 5.74
N GLN E 418 1.47 18.43 5.51
CA GLN E 418 1.13 19.79 5.09
C GLN E 418 0.61 19.78 3.66
N ALA E 419 1.21 18.93 2.84
CA ALA E 419 0.72 18.73 1.47
C ALA E 419 -0.73 18.33 1.49
N LEU E 420 -1.08 17.36 2.33
CA LEU E 420 -2.49 16.89 2.44
C LEU E 420 -3.44 17.99 2.92
N ARG E 421 -2.96 18.83 3.83
CA ARG E 421 -3.79 19.91 4.37
C ARG E 421 -3.95 20.98 3.34
N LEU E 422 -2.93 21.15 2.54
CA LEU E 422 -2.96 22.16 1.46
C LEU E 422 -4.10 21.89 0.43
N TYR E 423 -4.58 20.65 0.40
CA TYR E 423 -5.68 20.21 -0.46
C TYR E 423 -6.87 19.69 0.27
N GLY E 424 -6.95 19.95 1.56
CA GLY E 424 -8.12 19.51 2.33
C GLY E 424 -9.33 20.38 1.99
N HIS E 425 -10.50 19.77 1.95
CA HIS E 425 -11.73 20.48 1.55
C HIS E 425 -12.07 21.61 2.51
N ASP E 426 -11.82 21.37 3.80
CA ASP E 426 -12.07 22.37 4.86
C ASP E 426 -11.22 23.66 4.66
N VAL E 427 -9.98 23.48 4.27
CA VAL E 427 -9.03 24.56 4.09
C VAL E 427 -9.38 25.38 2.89
N ILE E 428 -9.65 24.69 1.80
CA ILE E 428 -10.06 25.32 0.51
C ILE E 428 -11.35 26.17 0.64
N ASP E 429 -12.31 25.64 1.39
CA ASP E 429 -13.46 26.44 1.76
C ASP E 429 -13.13 27.70 2.59
N LYS E 430 -12.42 27.55 3.74
CA LYS E 430 -12.15 28.68 4.70
C LYS E 430 -11.48 29.78 3.91
N VAL E 431 -10.44 29.38 3.20
CA VAL E 431 -9.58 30.26 2.41
C VAL E 431 -10.35 31.08 1.31
N GLY E 432 -11.32 30.42 0.68
CA GLY E 432 -12.15 31.02 -0.35
C GLY E 432 -13.08 32.10 0.15
N ARG E 433 -13.40 32.05 1.45
CA ARG E 433 -14.25 33.07 2.11
C ARG E 433 -13.50 34.33 2.57
N PHE E 434 -12.17 34.40 2.46
CA PHE E 434 -11.48 35.45 3.25
C PHE E 434 -11.93 36.94 2.93
N ASP F 14 27.85 -17.88 23.49
CA ASP F 14 28.24 -19.32 23.70
C ASP F 14 28.38 -19.74 25.15
N GLY F 15 27.59 -20.75 25.53
CA GLY F 15 27.59 -21.25 26.90
C GLY F 15 26.46 -20.69 27.76
N LEU F 16 25.83 -19.61 27.31
CA LEU F 16 24.90 -18.82 28.17
C LEU F 16 23.56 -19.54 28.36
N TRP F 17 23.02 -20.12 27.29
CA TRP F 17 21.76 -20.87 27.42
C TRP F 17 21.89 -22.02 28.43
N ALA F 18 23.01 -22.76 28.31
CA ALA F 18 23.25 -23.88 29.20
C ALA F 18 23.43 -23.42 30.64
N ALA F 19 24.21 -22.36 30.83
CA ALA F 19 24.43 -21.81 32.18
C ALA F 19 23.10 -21.33 32.82
N LEU F 20 22.28 -20.67 32.00
CA LEU F 20 20.95 -20.23 32.46
C LEU F 20 20.08 -21.42 32.85
N THR F 21 20.02 -22.42 31.96
CA THR F 21 19.26 -23.68 32.22
C THR F 21 19.69 -24.34 33.57
N GLU F 22 21.00 -24.42 33.75
CA GLU F 22 21.62 -24.82 35.03
C GLU F 22 21.13 -23.98 36.22
N ALA F 23 21.26 -22.65 36.13
CA ALA F 23 20.85 -21.76 37.27
C ALA F 23 19.33 -21.82 37.58
N ALA F 24 18.51 -21.94 36.55
CA ALA F 24 17.06 -22.15 36.73
C ALA F 24 16.72 -23.47 37.44
N ALA F 25 17.48 -24.52 37.14
CA ALA F 25 17.29 -25.81 37.80
C ALA F 25 17.67 -25.73 39.30
N SER F 26 18.80 -25.10 39.64
CA SER F 26 19.12 -24.89 41.08
C SER F 26 18.01 -24.14 41.80
N VAL F 27 17.38 -23.21 41.09
CA VAL F 27 16.24 -22.48 41.69
C VAL F 27 15.10 -23.46 41.97
N GLU F 28 14.70 -24.24 40.94
CA GLU F 28 13.58 -25.20 41.07
C GLU F 28 13.84 -26.24 42.16
N LYS F 29 15.10 -26.71 42.26
CA LYS F 29 15.49 -27.67 43.29
C LYS F 29 15.31 -27.03 44.69
N LEU F 30 15.79 -25.81 44.87
CA LEU F 30 15.61 -25.14 46.16
C LEU F 30 14.14 -24.88 46.51
N LEU F 31 13.36 -24.47 45.52
CA LEU F 31 11.95 -24.19 45.79
C LEU F 31 11.19 -25.46 46.15
N ALA F 32 11.53 -26.55 45.47
CA ALA F 32 10.92 -27.86 45.78
C ALA F 32 11.27 -28.37 47.18
N THR F 33 12.49 -28.10 47.62
CA THR F 33 12.98 -28.68 48.85
C THR F 33 12.85 -27.76 50.08
N LEU F 34 12.88 -26.43 49.90
CA LEU F 34 12.85 -25.54 51.09
C LEU F 34 11.43 -25.39 51.57
N PRO F 35 11.26 -24.90 52.82
CA PRO F 35 9.90 -24.63 53.30
C PRO F 35 9.25 -23.47 52.54
N GLU F 36 7.93 -23.34 52.73
CA GLU F 36 7.13 -22.27 52.15
C GLU F 36 7.65 -20.90 52.62
N HIS F 37 7.33 -19.86 51.82
CA HIS F 37 7.83 -18.49 52.00
C HIS F 37 7.25 -18.06 53.34
N GLY F 38 8.07 -17.55 54.25
CA GLY F 38 7.52 -17.13 55.57
C GLY F 38 7.74 -18.15 56.68
N ALA F 39 8.10 -19.37 56.30
CA ALA F 39 8.59 -20.38 57.23
C ALA F 39 10.09 -20.59 57.05
N ARG F 40 10.69 -19.88 56.09
CA ARG F 40 12.12 -20.04 55.80
C ARG F 40 12.93 -19.31 56.84
N SER F 41 14.04 -19.93 57.20
CA SER F 41 15.09 -19.29 58.05
C SER F 41 15.88 -18.26 57.22
N SER F 42 16.73 -17.48 57.91
CA SER F 42 17.54 -16.43 57.25
C SER F 42 18.54 -17.05 56.27
N ALA F 43 19.23 -18.10 56.70
CA ALA F 43 20.16 -18.87 55.85
C ALA F 43 19.48 -19.35 54.58
N GLU F 44 18.27 -19.90 54.75
CA GLU F 44 17.42 -20.39 53.64
C GLU F 44 16.94 -19.23 52.70
N ARG F 45 16.43 -18.17 53.30
CA ARG F 45 16.10 -16.92 52.60
C ARG F 45 17.27 -16.36 51.75
N ALA F 46 18.46 -16.33 52.33
CA ALA F 46 19.68 -15.86 51.64
C ALA F 46 20.12 -16.80 50.52
N GLU F 47 19.87 -18.10 50.69
CA GLU F 47 20.26 -19.12 49.70
C GLU F 47 19.42 -18.98 48.43
N ILE F 48 18.11 -18.90 48.63
CA ILE F 48 17.17 -18.78 47.50
C ILE F 48 17.32 -17.44 46.83
N ALA F 49 17.57 -16.41 47.62
CA ALA F 49 17.81 -15.07 47.05
C ALA F 49 19.04 -15.10 46.14
N ALA F 50 20.09 -15.77 46.59
CA ALA F 50 21.33 -15.90 45.83
C ALA F 50 21.08 -16.71 44.56
N ALA F 51 20.20 -17.70 44.63
CA ALA F 51 19.95 -18.55 43.45
C ALA F 51 19.20 -17.79 42.38
N HIS F 52 18.15 -17.10 42.84
CA HIS F 52 17.34 -16.17 42.00
C HIS F 52 18.26 -15.18 41.34
N ASP F 53 19.16 -14.62 42.11
CA ASP F 53 20.08 -13.59 41.57
C ASP F 53 20.96 -14.13 40.43
N ALA F 54 21.52 -15.32 40.63
CA ALA F 54 22.43 -15.91 39.62
C ALA F 54 21.65 -16.19 38.35
N ALA F 55 20.44 -16.73 38.53
CA ALA F 55 19.60 -17.01 37.38
C ALA F 55 19.21 -15.74 36.60
N ARG F 56 18.73 -14.77 37.34
CA ARG F 56 18.29 -13.50 36.72
C ARG F 56 19.43 -12.81 36.03
N ALA F 57 20.60 -12.84 36.65
CA ALA F 57 21.82 -12.30 35.98
C ALA F 57 22.06 -12.97 34.65
N LEU F 58 21.86 -14.27 34.57
CA LEU F 58 22.11 -15.01 33.34
C LEU F 58 20.99 -14.76 32.32
N ARG F 59 19.77 -14.57 32.78
CA ARG F 59 18.72 -14.12 31.87
C ARG F 59 19.14 -12.83 31.17
N VAL F 60 19.67 -11.91 31.93
CA VAL F 60 20.10 -10.62 31.36
C VAL F 60 21.23 -10.85 30.35
N ARG F 61 22.27 -11.55 30.77
CA ARG F 61 23.45 -11.80 29.89
C ARG F 61 23.07 -12.58 28.64
N PHE F 62 22.21 -13.58 28.82
CA PHE F 62 21.73 -14.32 27.68
C PHE F 62 21.12 -13.36 26.67
N LEU F 63 20.20 -12.52 27.15
CA LEU F 63 19.41 -11.70 26.26
C LEU F 63 20.18 -10.53 25.72
N ASP F 64 21.19 -10.10 26.45
CA ASP F 64 22.07 -9.03 25.89
C ASP F 64 22.59 -9.36 24.52
N THR F 65 22.90 -10.64 24.30
CA THR F 65 23.44 -11.07 23.02
C THR F 65 22.37 -11.72 22.16
N HIS F 66 21.36 -12.37 22.76
CA HIS F 66 20.45 -13.24 21.97
C HIS F 66 19.02 -12.77 21.83
N ALA F 67 18.71 -11.58 22.32
CA ALA F 67 17.30 -11.08 22.30
C ALA F 67 16.65 -11.09 20.93
N ASP F 68 17.35 -10.54 19.95
CA ASP F 68 16.82 -10.47 18.58
C ASP F 68 16.55 -11.85 18.02
N ALA F 69 17.48 -12.78 18.24
CA ALA F 69 17.28 -14.15 17.73
C ALA F 69 16.08 -14.82 18.44
N VAL F 70 15.99 -14.60 19.75
CA VAL F 70 14.84 -15.09 20.50
C VAL F 70 13.53 -14.51 19.96
N TYR F 71 13.50 -13.20 19.70
CA TYR F 71 12.25 -12.52 19.30
C TYR F 71 11.88 -12.96 17.88
N ASP F 72 12.89 -13.05 17.03
CA ASP F 72 12.72 -13.65 15.69
C ASP F 72 12.14 -15.07 15.70
N ARG F 73 12.58 -15.91 16.62
CA ARG F 73 11.92 -17.22 16.70
C ARG F 73 10.45 -17.07 17.00
N LEU F 74 10.09 -16.25 17.99
CA LEU F 74 8.67 -16.19 18.46
C LEU F 74 7.67 -15.55 17.48
N THR F 75 8.18 -14.65 16.64
CA THR F 75 7.40 -13.81 15.72
C THR F 75 7.68 -14.06 14.25
N ASP F 76 8.46 -15.12 13.95
CA ASP F 76 8.76 -15.54 12.60
C ASP F 76 9.48 -14.40 11.87
N HIS F 77 10.60 -14.00 12.42
CA HIS F 77 11.37 -12.84 11.94
C HIS F 77 10.49 -11.62 11.74
N ARG F 78 9.72 -11.27 12.78
CA ARG F 78 8.97 -9.98 12.81
C ARG F 78 7.93 -9.87 11.72
N ARG F 79 7.29 -11.00 11.42
CA ARG F 79 6.20 -11.04 10.45
C ARG F 79 4.86 -11.38 11.07
N VAL F 80 4.89 -11.77 12.34
CA VAL F 80 3.67 -11.94 13.11
C VAL F 80 3.73 -10.98 14.29
N HIS F 81 2.71 -10.13 14.41
CA HIS F 81 2.57 -9.24 15.56
C HIS F 81 2.01 -10.05 16.72
N LEU F 82 2.77 -10.16 17.80
CA LEU F 82 2.23 -10.71 19.06
C LEU F 82 2.14 -9.61 20.15
N ARG F 83 0.97 -9.50 20.77
CA ARG F 83 0.80 -8.73 22.00
C ARG F 83 1.63 -9.29 23.17
N LEU F 84 1.72 -8.51 24.26
CA LEU F 84 2.59 -8.83 25.41
C LEU F 84 2.29 -10.17 26.04
N ALA F 85 1.02 -10.43 26.28
CA ALA F 85 0.59 -11.67 26.96
C ALA F 85 0.96 -12.93 26.14
N GLU F 86 0.63 -12.90 24.84
CA GLU F 86 0.99 -13.96 23.88
C GLU F 86 2.51 -14.09 23.74
N LEU F 87 3.21 -12.96 23.63
CA LEU F 87 4.65 -13.01 23.50
C LEU F 87 5.34 -13.68 24.69
N VAL F 88 4.97 -13.34 25.92
CA VAL F 88 5.67 -13.92 27.08
C VAL F 88 5.32 -15.41 27.29
N GLU F 89 4.09 -15.78 27.00
CA GLU F 89 3.64 -17.16 27.01
C GLU F 89 4.42 -18.01 25.99
N ALA F 90 4.48 -17.53 24.76
CA ALA F 90 5.22 -18.23 23.71
C ALA F 90 6.69 -18.27 24.01
N ALA F 91 7.21 -17.23 24.64
CA ALA F 91 8.63 -17.27 25.07
C ALA F 91 8.86 -18.38 26.09
N ALA F 92 7.90 -18.59 26.99
CA ALA F 92 8.07 -19.52 28.10
C ALA F 92 8.13 -20.97 27.60
N THR F 93 7.30 -21.28 26.61
CA THR F 93 7.23 -22.62 26.04
C THR F 93 8.41 -22.88 25.08
N ALA F 94 8.84 -21.89 24.31
CA ALA F 94 10.01 -22.02 23.42
C ALA F 94 11.35 -21.89 24.11
N PHE F 95 11.39 -21.26 25.28
CA PHE F 95 12.66 -21.04 25.99
C PHE F 95 12.47 -21.35 27.47
N PRO F 96 12.30 -22.63 27.83
CA PRO F 96 12.00 -22.92 29.21
C PRO F 96 13.09 -22.36 30.12
N GLY F 97 12.63 -21.78 31.24
CA GLY F 97 13.49 -21.11 32.21
C GLY F 97 13.83 -19.65 31.95
N LEU F 98 13.54 -19.16 30.76
CA LEU F 98 13.79 -17.75 30.42
C LEU F 98 12.79 -16.83 31.12
N VAL F 99 11.52 -17.23 31.02
CA VAL F 99 10.44 -16.56 31.62
C VAL F 99 9.51 -17.63 32.16
N PRO F 100 8.72 -17.34 33.23
CA PRO F 100 7.77 -18.32 33.65
C PRO F 100 6.59 -18.78 32.74
N THR F 101 6.24 -20.04 32.91
CA THR F 101 5.07 -20.70 32.31
C THR F 101 3.79 -20.19 32.92
N GLN F 102 2.68 -20.45 32.20
CA GLN F 102 1.33 -20.11 32.64
C GLN F 102 1.07 -20.72 34.03
N GLN F 103 1.51 -21.97 34.17
CA GLN F 103 1.38 -22.70 35.42
C GLN F 103 2.14 -22.11 36.61
N GLN F 104 3.44 -21.82 36.40
CA GLN F 104 4.27 -21.13 37.41
C GLN F 104 3.68 -19.78 37.84
N LEU F 105 3.10 -19.06 36.88
CA LEU F 105 2.39 -17.81 37.18
C LEU F 105 1.11 -18.00 37.97
N ALA F 106 0.38 -19.07 37.70
CA ALA F 106 -0.91 -19.33 38.44
C ALA F 106 -0.62 -19.59 39.89
N VAL F 107 0.49 -20.27 40.16
CA VAL F 107 0.90 -20.52 41.56
C VAL F 107 1.18 -19.17 42.21
N GLU F 108 1.95 -18.33 41.50
CA GLU F 108 2.30 -16.98 41.99
C GLU F 108 1.06 -16.14 42.22
N ARG F 109 0.13 -16.15 41.26
CA ARG F 109 -1.10 -15.36 41.36
C ARG F 109 -1.97 -15.74 42.55
N SER F 110 -1.89 -17.00 42.93
CA SER F 110 -2.63 -17.53 44.08
C SER F 110 -2.10 -17.09 45.43
N LEU F 111 -0.88 -16.56 45.43
CA LEU F 111 -0.20 -16.07 46.66
C LEU F 111 -0.40 -14.58 46.82
N PRO F 112 -0.39 -14.09 48.06
CA PRO F 112 -0.25 -12.66 48.26
C PRO F 112 1.13 -12.20 47.86
N GLN F 113 1.29 -10.92 47.44
CA GLN F 113 2.61 -10.37 47.03
C GLN F 113 3.75 -10.77 47.96
N ALA F 114 3.51 -10.65 49.27
CA ALA F 114 4.56 -10.87 50.26
C ALA F 114 5.21 -12.25 50.17
N ALA F 115 4.43 -13.21 49.72
CA ALA F 115 4.86 -14.59 49.64
C ALA F 115 5.42 -15.03 48.28
N LYS F 116 5.25 -14.22 47.27
CA LYS F 116 5.71 -14.56 45.91
C LYS F 116 7.22 -14.63 45.76
N GLU F 117 7.67 -15.48 44.84
CA GLU F 117 9.10 -15.61 44.47
C GLU F 117 9.62 -14.51 43.53
N GLY F 118 8.69 -13.84 42.88
CA GLY F 118 9.04 -12.76 41.99
C GLY F 118 9.36 -13.22 40.57
N HIS F 119 8.67 -14.25 40.10
CA HIS F 119 8.91 -14.75 38.74
C HIS F 119 8.63 -13.72 37.67
N GLU F 120 7.71 -12.78 37.95
CA GLU F 120 7.41 -11.69 36.99
C GLU F 120 8.66 -10.88 36.65
N ILE F 121 9.58 -10.81 37.59
CA ILE F 121 10.85 -10.11 37.36
C ILE F 121 11.58 -10.64 36.13
N ASP F 122 11.50 -11.93 35.94
CA ASP F 122 12.03 -12.55 34.71
C ASP F 122 11.35 -12.02 33.45
N GLN F 123 10.04 -11.78 33.53
CA GLN F 123 9.30 -11.15 32.41
C GLN F 123 9.77 -9.72 32.16
N GLY F 124 10.12 -9.04 33.23
CA GLY F 124 10.69 -7.69 33.16
C GLY F 124 12.04 -7.67 32.47
N ILE F 125 12.86 -8.61 32.83
CA ILE F 125 14.14 -8.82 32.12
C ILE F 125 13.97 -9.04 30.60
N PHE F 126 13.03 -9.92 30.28
CA PHE F 126 12.73 -10.27 28.90
C PHE F 126 12.26 -8.99 28.13
N LEU F 127 11.18 -8.37 28.61
CA LEU F 127 10.61 -7.21 27.94
C LEU F 127 11.60 -6.07 27.79
N ARG F 128 12.40 -5.85 28.81
CA ARG F 128 13.45 -4.86 28.73
C ARG F 128 14.27 -5.16 27.48
N ALA F 129 14.76 -6.39 27.39
CA ALA F 129 15.69 -6.76 26.32
C ALA F 129 15.04 -6.62 24.93
N VAL F 130 13.80 -7.02 24.84
CA VAL F 130 13.04 -6.86 23.61
C VAL F 130 12.88 -5.39 23.24
N LEU F 131 12.36 -4.57 24.18
CA LEU F 131 12.14 -3.19 23.91
C LEU F 131 13.42 -2.43 23.60
N ARG F 132 14.53 -2.87 24.18
CA ARG F 132 15.85 -2.22 23.88
C ARG F 132 16.31 -2.38 22.44
N SER F 133 15.79 -3.41 21.78
CA SER F 133 16.24 -3.72 20.43
C SER F 133 15.60 -2.78 19.42
N PRO F 134 16.43 -2.14 18.55
CA PRO F 134 15.87 -1.24 17.51
C PRO F 134 15.02 -1.94 16.48
N LEU F 135 15.10 -3.26 16.44
CA LEU F 135 14.29 -4.06 15.54
C LEU F 135 13.06 -4.65 16.22
N ALA F 136 13.28 -5.33 17.33
CA ALA F 136 12.20 -5.99 18.04
C ALA F 136 11.28 -4.98 18.74
N GLY F 137 11.90 -3.98 19.34
CA GLY F 137 11.20 -2.97 20.10
C GLY F 137 10.05 -2.34 19.35
N PRO F 138 10.34 -1.69 18.22
CA PRO F 138 9.29 -1.01 17.49
C PRO F 138 8.20 -1.96 17.02
N HIS F 139 8.59 -3.18 16.74
CA HIS F 139 7.67 -4.18 16.23
C HIS F 139 6.66 -4.57 17.32
N LEU F 140 7.16 -4.84 18.53
CA LEU F 140 6.28 -5.09 19.66
C LEU F 140 5.37 -3.90 19.97
N LEU F 141 5.89 -2.68 19.85
CA LEU F 141 5.07 -1.50 20.12
C LEU F 141 3.96 -1.35 19.12
N ASP F 142 4.28 -1.69 17.89
CA ASP F 142 3.23 -1.76 16.88
C ASP F 142 2.16 -2.81 17.19
N ALA F 143 2.58 -4.01 17.58
CA ALA F 143 1.65 -5.09 17.91
C ALA F 143 0.65 -4.62 18.94
N MET F 144 1.14 -3.90 19.94
CA MET F 144 0.25 -3.40 21.00
C MET F 144 -0.67 -2.28 20.54
N LEU F 145 -0.35 -1.61 19.42
CA LEU F 145 -1.24 -0.52 18.88
C LEU F 145 -2.30 -1.06 17.99
N ARG F 146 -2.20 -2.33 17.63
CA ARG F 146 -3.29 -2.97 16.85
C ARG F 146 -4.55 -3.16 17.68
N PRO F 147 -5.71 -3.20 17.02
CA PRO F 147 -6.93 -3.32 17.79
C PRO F 147 -6.96 -4.67 18.50
N THR F 148 -7.52 -4.68 19.71
CA THR F 148 -7.76 -5.90 20.41
C THR F 148 -8.90 -6.70 19.74
N PRO F 149 -8.83 -8.04 19.81
CA PRO F 149 -9.92 -8.88 19.29
C PRO F 149 -11.24 -8.52 19.91
N ARG F 150 -11.25 -8.29 21.20
CA ARG F 150 -12.53 -8.01 21.90
C ARG F 150 -13.21 -6.79 21.30
N ALA F 151 -12.41 -5.83 20.88
CA ALA F 151 -12.95 -4.64 20.27
C ALA F 151 -13.49 -4.92 18.88
N LEU F 152 -12.75 -5.70 18.12
CA LEU F 152 -13.20 -6.04 16.75
C LEU F 152 -14.54 -6.78 16.77
N GLU F 153 -14.69 -7.61 17.78
CA GLU F 153 -15.89 -8.40 17.96
C GLU F 153 -17.07 -7.51 18.36
N LEU F 154 -16.85 -6.53 19.22
CA LEU F 154 -17.96 -5.61 19.66
C LEU F 154 -18.25 -4.48 18.71
N LEU F 155 -17.36 -4.24 17.76
CA LEU F 155 -17.49 -3.06 16.87
C LEU F 155 -18.80 -2.90 16.10
N PRO F 156 -19.29 -3.96 15.39
CA PRO F 156 -20.65 -3.84 14.75
C PRO F 156 -21.80 -3.53 15.65
N GLU F 157 -21.91 -4.19 16.79
CA GLU F 157 -22.99 -3.82 17.72
C GLU F 157 -22.85 -2.35 18.18
N PHE F 158 -21.60 -1.90 18.37
CA PHE F 158 -21.34 -0.58 18.87
C PHE F 158 -21.68 0.46 17.84
N VAL F 159 -21.30 0.20 16.59
CA VAL F 159 -21.75 1.02 15.47
C VAL F 159 -23.28 1.09 15.34
N ARG F 160 -23.95 -0.03 15.57
CA ARG F 160 -25.40 -0.07 15.44
C ARG F 160 -26.09 0.66 16.59
N THR F 161 -25.64 0.39 17.80
CA THR F 161 -26.34 0.78 19.05
C THR F 161 -25.86 2.13 19.62
N GLY F 162 -24.59 2.44 19.42
CA GLY F 162 -23.95 3.60 20.07
C GLY F 162 -23.68 3.40 21.55
N GLU F 163 -23.58 2.15 22.00
CA GLU F 163 -23.58 1.85 23.44
C GLU F 163 -23.01 0.50 23.79
N VAL F 164 -22.14 0.47 24.81
CA VAL F 164 -21.56 -0.77 25.36
C VAL F 164 -21.35 -0.61 26.83
N GLU F 165 -21.82 -1.57 27.61
CA GLU F 165 -21.68 -1.53 29.04
C GLU F 165 -20.63 -2.55 29.37
N MET F 166 -19.55 -2.13 30.03
CA MET F 166 -18.55 -3.08 30.47
C MET F 166 -18.45 -3.03 31.98
N GLU F 167 -17.70 -3.94 32.55
CA GLU F 167 -17.60 -3.97 34.00
C GLU F 167 -17.16 -2.62 34.59
N ALA F 168 -16.12 -2.00 34.01
CA ALA F 168 -15.44 -0.81 34.64
C ALA F 168 -15.61 0.45 33.86
N VAL F 169 -16.18 0.33 32.66
CA VAL F 169 -16.30 1.45 31.74
C VAL F 169 -17.63 1.34 31.01
N HIS F 170 -18.32 2.45 30.91
CA HIS F 170 -19.51 2.59 30.10
C HIS F 170 -19.13 3.45 28.94
N LEU F 171 -19.41 2.99 27.74
CA LEU F 171 -19.08 3.73 26.50
C LEU F 171 -20.33 4.06 25.67
N GLU F 172 -20.46 5.30 25.24
CA GLU F 172 -21.62 5.81 24.55
C GLU F 172 -21.21 6.78 23.47
N ARG F 173 -21.63 6.51 22.25
CA ARG F 173 -21.46 7.48 21.18
C ARG F 173 -22.63 8.47 21.20
N ARG F 174 -22.33 9.76 21.19
CA ARG F 174 -23.31 10.78 21.20
C ARG F 174 -22.75 12.04 20.60
N ASP F 175 -23.46 12.60 19.62
CA ASP F 175 -23.08 13.83 18.90
C ASP F 175 -21.66 13.79 18.37
N GLY F 176 -21.26 12.65 17.88
CA GLY F 176 -19.89 12.48 17.41
C GLY F 176 -18.76 12.29 18.45
N VAL F 177 -19.14 12.04 19.68
CA VAL F 177 -18.21 11.93 20.78
C VAL F 177 -18.30 10.54 21.36
N ALA F 178 -17.15 9.92 21.58
CA ALA F 178 -17.09 8.72 22.34
C ALA F 178 -16.97 9.08 23.79
N ARG F 179 -18.03 8.88 24.56
CA ARG F 179 -18.03 9.19 26.00
C ARG F 179 -17.69 8.00 26.81
N LEU F 180 -16.45 7.97 27.33
CA LEU F 180 -16.02 6.89 28.22
C LEU F 180 -16.25 7.34 29.60
N THR F 181 -17.09 6.62 30.32
CA THR F 181 -17.33 6.94 31.72
C THR F 181 -16.76 5.82 32.55
N MET F 182 -15.82 6.12 33.45
CA MET F 182 -15.27 5.13 34.33
C MET F 182 -16.21 4.97 35.52
N CYS F 183 -16.75 3.77 35.72
CA CYS F 183 -17.96 3.59 36.55
C CYS F 183 -17.82 2.53 37.63
N ARG F 184 -16.68 2.46 38.30
CA ARG F 184 -16.50 1.57 39.48
C ARG F 184 -16.84 2.34 40.72
N ASP F 185 -18.14 2.49 40.88
CA ASP F 185 -18.80 3.39 41.87
C ASP F 185 -18.54 3.06 43.36
N ASP F 186 -18.12 1.84 43.65
CA ASP F 186 -17.86 1.36 45.03
C ASP F 186 -16.42 1.66 45.56
N ARG F 187 -15.51 2.03 44.66
CA ARG F 187 -14.07 2.08 44.98
C ARG F 187 -13.30 3.20 44.26
N LEU F 188 -13.99 4.27 43.93
CA LEU F 188 -13.36 5.46 43.39
C LEU F 188 -12.52 5.21 42.12
N ASN F 189 -13.05 4.36 41.27
CA ASN F 189 -12.43 3.97 39.99
C ASN F 189 -11.03 3.43 40.10
N ALA F 190 -10.75 2.88 41.27
CA ALA F 190 -9.52 2.18 41.49
C ALA F 190 -9.28 1.15 40.34
N GLU F 191 -8.05 1.13 39.84
CA GLU F 191 -7.69 0.36 38.67
C GLU F 191 -7.20 -1.04 38.92
N ASP F 192 -7.53 -1.93 37.99
CA ASP F 192 -7.11 -3.33 37.98
C ASP F 192 -7.09 -3.87 36.56
N GLY F 193 -6.85 -5.15 36.40
CA GLY F 193 -6.58 -5.72 35.07
C GLY F 193 -7.78 -5.69 34.19
N GLN F 194 -8.94 -5.84 34.82
CA GLN F 194 -10.21 -5.81 34.10
C GLN F 194 -10.53 -4.39 33.59
N GLN F 195 -10.28 -3.39 34.42
CA GLN F 195 -10.39 -1.98 33.98
C GLN F 195 -9.49 -1.70 32.77
N VAL F 196 -8.27 -2.19 32.78
CA VAL F 196 -7.38 -1.96 31.62
C VAL F 196 -7.95 -2.58 30.35
N ASP F 197 -8.43 -3.79 30.46
CA ASP F 197 -9.03 -4.48 29.33
C ASP F 197 -10.21 -3.71 28.81
N ASP F 198 -11.06 -3.24 29.71
CA ASP F 198 -12.22 -2.42 29.34
C ASP F 198 -11.82 -1.09 28.71
N MET F 199 -10.82 -0.42 29.30
CA MET F 199 -10.34 0.84 28.79
C MET F 199 -9.78 0.71 27.39
N GLU F 200 -8.91 -0.27 27.16
CA GLU F 200 -8.34 -0.51 25.83
C GLU F 200 -9.42 -0.88 24.83
N THR F 201 -10.40 -1.67 25.27
CA THR F 201 -11.51 -2.07 24.41
C THR F 201 -12.29 -0.84 23.98
N ALA F 202 -12.62 0.00 24.96
CA ALA F 202 -13.39 1.21 24.71
C ALA F 202 -12.61 2.19 23.83
N VAL F 203 -11.32 2.35 24.12
CA VAL F 203 -10.51 3.24 23.32
C VAL F 203 -10.49 2.73 21.88
N ASP F 204 -10.25 1.44 21.69
CA ASP F 204 -10.28 0.83 20.33
C ASP F 204 -11.62 1.11 19.63
N LEU F 205 -12.71 0.92 20.31
CA LEU F 205 -13.99 1.16 19.65
C LEU F 205 -14.14 2.61 19.20
N ALA F 206 -13.84 3.53 20.10
CA ALA F 206 -13.90 4.94 19.80
C ALA F 206 -13.07 5.29 18.56
N LEU F 207 -11.90 4.73 18.49
CA LEU F 207 -11.03 5.01 17.36
C LEU F 207 -11.48 4.39 16.04
N LEU F 208 -12.00 3.19 16.11
CA LEU F 208 -12.48 2.47 14.90
C LEU F 208 -13.85 2.91 14.39
N ASP F 209 -14.68 3.38 15.30
CA ASP F 209 -15.97 3.82 14.91
C ASP F 209 -15.90 5.12 14.05
N PRO F 210 -16.29 5.06 12.78
CA PRO F 210 -16.29 6.32 11.97
C PRO F 210 -17.28 7.41 12.37
N GLY F 211 -18.29 7.10 13.17
CA GLY F 211 -19.21 8.19 13.68
C GLY F 211 -18.68 8.92 14.90
N VAL F 212 -17.46 8.56 15.35
CA VAL F 212 -16.82 9.21 16.50
C VAL F 212 -15.73 10.10 15.97
N ARG F 213 -15.77 11.33 16.41
CA ARG F 213 -14.76 12.32 15.99
C ARG F 213 -13.82 12.71 17.12
N VAL F 214 -14.31 12.68 18.35
CA VAL F 214 -13.60 13.10 19.51
C VAL F 214 -13.92 12.17 20.67
N GLY F 215 -12.95 12.00 21.56
CA GLY F 215 -13.16 11.16 22.79
C GLY F 215 -13.26 12.00 24.06
N LEU F 216 -13.97 11.47 25.03
CA LEU F 216 -14.13 12.09 26.28
C LEU F 216 -13.94 11.05 27.34
N LEU F 217 -13.05 11.33 28.30
CA LEU F 217 -12.90 10.42 29.46
C LEU F 217 -13.34 11.17 30.71
N ARG F 218 -14.19 10.55 31.48
CA ARG F 218 -14.71 11.14 32.66
C ARG F 218 -15.08 10.10 33.70
N GLY F 219 -14.92 10.47 34.97
CA GLY F 219 -15.36 9.57 36.02
C GLY F 219 -16.89 9.63 36.20
N GLY F 220 -17.51 8.49 36.49
CA GLY F 220 -18.94 8.42 36.76
C GLY F 220 -19.31 8.70 38.20
N VAL F 221 -20.61 8.81 38.41
CA VAL F 221 -21.17 9.04 39.75
C VAL F 221 -20.82 7.89 40.69
N MET F 222 -20.33 8.22 41.88
CA MET F 222 -19.95 7.21 42.88
C MET F 222 -21.11 6.83 43.77
N SER F 223 -20.98 5.67 44.39
CA SER F 223 -22.02 5.12 45.30
C SER F 223 -21.55 4.85 46.73
N HIS F 224 -20.24 4.67 46.92
CA HIS F 224 -19.65 4.63 48.28
C HIS F 224 -20.13 5.84 49.14
N PRO F 225 -20.52 5.59 50.43
CA PRO F 225 -21.14 6.63 51.30
C PRO F 225 -20.39 7.96 51.42
N ARG F 226 -19.06 7.92 51.47
CA ARG F 226 -18.26 9.16 51.57
C ARG F 226 -18.31 10.04 50.29
N TYR F 227 -18.76 9.45 49.17
CA TYR F 227 -18.79 10.14 47.89
C TYR F 227 -20.16 10.07 47.21
N ARG F 228 -21.20 9.60 47.92
CA ARG F 228 -22.52 9.32 47.25
C ARG F 228 -23.07 10.49 46.42
N GLY F 229 -23.35 10.23 45.16
CA GLY F 229 -23.85 11.26 44.23
C GLY F 229 -22.79 12.18 43.56
N LYS F 230 -21.53 12.03 43.94
CA LYS F 230 -20.41 12.84 43.41
C LYS F 230 -19.60 12.04 42.39
N ARG F 231 -19.22 12.69 41.31
CA ARG F 231 -18.30 12.08 40.37
C ARG F 231 -16.87 12.04 40.91
N VAL F 232 -16.14 10.96 40.61
CA VAL F 232 -14.68 10.87 40.92
C VAL F 232 -13.91 10.23 39.78
N PHE F 233 -12.83 10.88 39.38
CA PHE F 233 -12.09 10.45 38.21
C PHE F 233 -11.34 9.19 38.49
N SER F 234 -10.33 9.24 39.35
CA SER F 234 -9.54 8.05 39.67
C SER F 234 -8.79 8.18 40.99
N ALA F 235 -8.86 7.10 41.77
CA ALA F 235 -8.01 6.90 42.97
C ALA F 235 -6.78 6.01 42.68
N GLY F 236 -6.48 5.81 41.44
CA GLY F 236 -5.28 5.07 41.04
C GLY F 236 -5.38 3.56 41.27
N ILE F 237 -4.23 2.92 41.36
CA ILE F 237 -4.19 1.47 41.31
C ILE F 237 -4.89 0.92 42.51
N ASN F 238 -5.56 -0.22 42.31
CA ASN F 238 -6.17 -0.95 43.40
C ASN F 238 -5.12 -1.54 44.33
N LEU F 239 -4.90 -0.84 45.45
CA LEU F 239 -3.87 -1.20 46.43
C LEU F 239 -4.18 -2.48 47.17
N LYS F 240 -5.47 -2.75 47.40
CA LYS F 240 -5.91 -4.02 48.03
C LYS F 240 -5.47 -5.21 47.16
N TYR F 241 -5.84 -5.13 45.87
CA TYR F 241 -5.46 -6.16 44.90
C TYR F 241 -3.97 -6.32 44.78
N LEU F 242 -3.25 -5.21 44.73
CA LEU F 242 -1.80 -5.20 44.65
C LEU F 242 -1.18 -6.00 45.82
N SER F 243 -1.70 -5.79 47.03
CA SER F 243 -1.30 -6.55 48.24
C SER F 243 -1.60 -8.06 48.21
N GLN F 244 -2.80 -8.36 47.74
CA GLN F 244 -3.31 -9.71 47.54
C GLN F 244 -2.68 -10.50 46.38
N GLY F 245 -1.86 -9.84 45.57
CA GLY F 245 -1.17 -10.48 44.49
C GLY F 245 -1.80 -10.40 43.12
N GLY F 246 -2.86 -9.61 42.99
CA GLY F 246 -3.67 -9.56 41.76
C GLY F 246 -3.38 -8.44 40.75
N ILE F 247 -2.27 -7.69 40.92
CA ILE F 247 -1.80 -6.73 39.90
C ILE F 247 -0.68 -7.35 39.09
N SER F 248 -0.94 -7.57 37.83
CA SER F 248 -0.04 -8.18 36.92
C SER F 248 0.91 -7.14 36.29
N LEU F 249 2.20 -7.45 36.37
CA LEU F 249 3.21 -6.69 35.69
C LEU F 249 2.88 -6.51 34.20
N VAL F 250 2.66 -7.64 33.55
CA VAL F 250 2.44 -7.63 32.09
C VAL F 250 1.02 -7.20 31.70
N ASP F 251 0.01 -7.80 32.34
CA ASP F 251 -1.38 -7.64 31.94
C ASP F 251 -2.03 -6.37 32.49
N PHE F 252 -1.38 -5.75 33.47
CA PHE F 252 -1.80 -4.45 33.97
C PHE F 252 -0.77 -3.35 33.68
N LEU F 253 0.42 -3.43 34.27
CA LEU F 253 1.34 -2.30 34.30
C LEU F 253 1.91 -2.02 32.93
N MET F 254 2.27 -3.03 32.17
CA MET F 254 2.83 -2.78 30.85
C MET F 254 1.74 -2.67 29.84
N ARG F 255 0.70 -3.46 30.00
CA ARG F 255 -0.40 -3.42 29.03
C ARG F 255 -0.96 -2.02 28.89
N ARG F 256 -1.22 -1.36 30.01
CA ARG F 256 -1.87 -0.05 29.95
C ARG F 256 -0.95 0.97 29.28
N GLU F 257 0.34 0.91 29.56
CA GLU F 257 1.26 1.88 28.97
C GLU F 257 1.44 1.71 27.48
N LEU F 258 1.54 0.46 27.03
CA LEU F 258 1.81 0.15 25.62
C LEU F 258 0.58 -0.02 24.78
N GLY F 259 -0.57 -0.15 25.46
CA GLY F 259 -1.88 -0.28 24.82
C GLY F 259 -2.69 1.03 24.83
N TYR F 260 -3.69 1.13 25.71
CA TYR F 260 -4.70 2.18 25.55
C TYR F 260 -4.10 3.56 25.69
N ILE F 261 -3.15 3.69 26.58
CA ILE F 261 -2.54 4.97 26.82
C ILE F 261 -1.75 5.41 25.57
N HIS F 262 -1.03 4.47 24.99
CA HIS F 262 -0.23 4.77 23.82
C HIS F 262 -1.12 4.97 22.61
N LYS F 263 -2.27 4.33 22.62
CA LYS F 263 -3.28 4.56 21.60
C LYS F 263 -3.93 5.94 21.69
N LEU F 264 -4.10 6.47 22.89
CA LEU F 264 -4.58 7.83 23.03
C LEU F 264 -3.60 8.84 22.35
N VAL F 265 -2.34 8.58 22.45
CA VAL F 265 -1.34 9.38 21.82
C VAL F 265 -1.25 9.12 20.30
N ARG F 266 -0.95 7.87 19.92
CA ARG F 266 -0.64 7.51 18.52
C ARG F 266 -1.76 6.88 17.65
N GLY F 267 -2.89 6.57 18.23
CA GLY F 267 -3.99 5.93 17.54
C GLY F 267 -3.82 4.40 17.42
N VAL F 268 -4.79 3.75 16.73
CA VAL F 268 -4.75 2.31 16.46
C VAL F 268 -4.14 2.01 15.13
N LEU F 269 -3.13 1.11 15.13
CA LEU F 269 -2.54 0.60 13.89
C LEU F 269 -3.52 -0.36 13.21
N THR F 270 -3.95 -0.02 11.99
CA THR F 270 -4.91 -0.87 11.24
C THR F 270 -4.12 -1.64 10.16
N ASN F 271 -4.78 -2.61 9.56
CA ASN F 271 -4.26 -3.17 8.32
C ASN F 271 -4.50 -2.19 7.16
N ASP F 272 -3.70 -2.35 6.12
CA ASP F 272 -3.88 -1.66 4.87
C ASP F 272 -5.23 -1.96 4.18
N ASP F 273 -6.32 -1.41 4.71
CA ASP F 273 -7.67 -1.79 4.25
C ASP F 273 -8.60 -0.59 3.92
N ARG F 274 -8.01 0.56 3.63
CA ARG F 274 -8.78 1.79 3.44
C ARG F 274 -7.96 2.84 2.70
N PRO F 275 -8.63 3.82 2.05
CA PRO F 275 -7.86 4.85 1.38
C PRO F 275 -7.04 5.60 2.41
N GLY F 276 -5.93 6.17 1.99
CA GLY F 276 -5.19 7.06 2.87
C GLY F 276 -4.33 6.35 3.90
N TRP F 277 -4.36 5.02 3.91
CA TRP F 277 -3.52 4.22 4.82
C TRP F 277 -2.05 4.57 4.63
N TRP F 278 -1.66 4.86 3.40
CA TRP F 278 -0.27 5.18 3.09
C TRP F 278 0.25 6.42 3.77
N HIS F 279 -0.64 7.35 4.10
CA HIS F 279 -0.26 8.55 4.87
C HIS F 279 -0.70 8.45 6.34
N SER F 280 -1.66 7.58 6.65
CA SER F 280 -2.17 7.44 7.99
C SER F 280 -2.49 5.99 8.31
N PRO F 281 -1.44 5.21 8.61
CA PRO F 281 -1.63 3.83 9.01
C PRO F 281 -2.38 3.68 10.31
N ARG F 282 -2.43 4.76 11.08
CA ARG F 282 -3.01 4.73 12.41
C ARG F 282 -4.14 5.68 12.43
N ILE F 283 -5.21 5.26 13.07
CA ILE F 283 -6.34 6.12 13.20
C ILE F 283 -6.24 6.72 14.60
N GLU F 284 -6.02 8.02 14.63
CA GLU F 284 -5.96 8.77 15.84
C GLU F 284 -7.05 9.75 15.91
N LYS F 285 -7.49 10.04 17.14
CA LYS F 285 -8.45 11.11 17.41
C LYS F 285 -8.12 11.90 18.65
N PRO F 286 -8.64 13.13 18.75
CA PRO F 286 -8.38 13.93 19.95
C PRO F 286 -9.21 13.48 21.11
N TRP F 287 -8.67 13.71 22.31
CA TRP F 287 -9.27 13.32 23.56
C TRP F 287 -9.33 14.42 24.57
N VAL F 288 -10.47 14.50 25.24
CA VAL F 288 -10.71 15.42 26.33
C VAL F 288 -10.90 14.65 27.61
N ALA F 289 -10.27 15.12 28.71
CA ALA F 289 -10.45 14.50 30.01
C ALA F 289 -11.04 15.50 30.93
N ALA F 290 -11.99 15.06 31.76
CA ALA F 290 -12.65 15.94 32.72
C ALA F 290 -12.50 15.35 34.07
N VAL F 291 -11.88 16.09 34.99
CA VAL F 291 -11.50 15.57 36.28
C VAL F 291 -12.38 16.09 37.41
N ASP F 292 -13.20 15.20 37.95
CA ASP F 292 -14.06 15.46 39.13
C ASP F 292 -13.41 14.80 40.35
N GLY F 293 -13.44 15.51 41.46
CA GLY F 293 -12.92 15.04 42.73
C GLY F 293 -11.40 15.06 42.79
N PHE F 294 -10.80 14.06 42.15
CA PHE F 294 -9.38 14.00 42.07
C PHE F 294 -8.89 13.01 41.07
N ALA F 295 -7.64 13.19 40.69
CA ALA F 295 -6.94 12.22 39.87
C ALA F 295 -5.66 11.83 40.62
N ILE F 296 -5.58 10.60 41.04
CA ILE F 296 -4.49 10.08 41.82
C ILE F 296 -3.79 8.91 41.09
N GLY F 297 -2.45 8.92 41.15
CA GLY F 297 -1.68 7.83 40.61
C GLY F 297 -1.90 7.59 39.13
N GLY F 298 -2.36 6.40 38.78
CA GLY F 298 -2.57 6.02 37.39
C GLY F 298 -3.55 6.92 36.69
N GLY F 299 -4.53 7.45 37.43
CA GLY F 299 -5.43 8.42 36.87
C GLY F 299 -4.75 9.73 36.56
N ALA F 300 -3.84 10.18 37.42
CA ALA F 300 -3.11 11.45 37.14
C ALA F 300 -2.23 11.26 35.95
N GLN F 301 -1.62 10.11 35.88
CA GLN F 301 -0.73 9.78 34.76
C GLN F 301 -1.46 9.92 33.41
N LEU F 302 -2.74 9.57 33.39
CA LEU F 302 -3.48 9.64 32.17
C LEU F 302 -3.55 11.05 31.62
N LEU F 303 -3.56 12.04 32.49
CA LEU F 303 -3.78 13.41 32.05
C LEU F 303 -2.66 13.95 31.18
N LEU F 304 -1.49 13.31 31.23
CA LEU F 304 -0.34 13.76 30.49
C LEU F 304 -0.38 13.45 28.98
N VAL F 305 -1.51 12.92 28.55
CA VAL F 305 -1.70 12.35 27.18
C VAL F 305 -2.95 12.88 26.48
N PHE F 306 -3.74 13.72 27.16
CA PHE F 306 -4.94 14.29 26.57
C PHE F 306 -4.70 15.57 25.76
N ASP F 307 -5.56 15.86 24.81
CA ASP F 307 -5.46 17.08 24.02
C ASP F 307 -6.03 18.26 24.77
N ARG F 308 -6.97 17.99 25.65
CA ARG F 308 -7.58 19.01 26.48
C ARG F 308 -7.93 18.37 27.82
N VAL F 309 -7.72 19.10 28.91
CA VAL F 309 -8.04 18.66 30.24
C VAL F 309 -8.82 19.73 30.97
N LEU F 310 -9.97 19.30 31.49
CA LEU F 310 -10.80 20.18 32.36
C LEU F 310 -10.80 19.61 33.76
N ALA F 311 -10.88 20.49 34.74
CA ALA F 311 -11.06 20.02 36.12
C ALA F 311 -12.05 20.86 36.89
N SER F 312 -12.69 20.23 37.84
CA SER F 312 -13.57 20.93 38.79
C SER F 312 -12.70 21.69 39.77
N SER F 313 -13.20 22.84 40.15
CA SER F 313 -12.47 23.73 41.09
C SER F 313 -11.85 23.02 42.34
N ASP F 314 -12.48 21.94 42.78
CA ASP F 314 -12.16 21.35 44.06
C ASP F 314 -11.21 20.17 43.94
N ALA F 315 -10.76 19.93 42.72
CA ALA F 315 -10.03 18.73 42.44
C ALA F 315 -8.60 18.93 42.80
N TYR F 316 -7.92 17.82 42.92
CA TYR F 316 -6.48 17.82 42.99
C TYR F 316 -5.86 16.70 42.17
N PHE F 317 -4.58 16.86 41.92
N PHE F 317 -4.57 16.87 41.87
CA PHE F 317 -3.79 15.92 41.10
CA PHE F 317 -3.73 15.96 41.02
C PHE F 317 -2.58 15.46 41.95
C PHE F 317 -2.58 15.46 41.94
N SER F 318 -2.42 14.15 42.12
CA SER F 318 -1.26 13.62 42.88
C SER F 318 -0.77 12.29 42.43
N LEU F 319 0.52 12.11 42.66
CA LEU F 319 1.28 10.86 42.44
C LEU F 319 1.95 10.66 43.81
N PRO F 320 1.21 10.02 44.74
CA PRO F 320 1.48 10.18 46.13
C PRO F 320 2.54 9.28 46.73
N ALA F 321 2.81 8.14 46.10
CA ALA F 321 3.60 7.10 46.73
C ALA F 321 5.10 7.37 46.56
N ALA F 322 5.52 8.44 47.18
CA ALA F 322 6.86 8.96 46.98
C ALA F 322 7.90 8.18 47.79
N LYS F 323 7.49 7.77 48.99
CA LYS F 323 8.39 7.10 49.94
C LYS F 323 8.45 5.59 49.67
N GLU F 324 7.31 4.96 49.40
CA GLU F 324 7.21 3.48 49.34
C GLU F 324 6.32 2.90 48.21
N GLY F 325 6.24 3.62 47.11
CA GLY F 325 5.44 3.20 46.01
C GLY F 325 6.21 2.65 44.82
N ILE F 326 5.42 2.19 43.87
CA ILE F 326 5.93 1.83 42.58
C ILE F 326 6.16 3.05 41.71
N ILE F 327 6.75 2.84 40.56
CA ILE F 327 6.98 3.96 39.64
C ILE F 327 5.58 4.32 39.09
N PRO F 328 5.23 5.61 39.08
CA PRO F 328 3.98 6.05 38.47
C PRO F 328 4.03 6.05 36.93
N GLY F 329 4.06 4.85 36.35
CA GLY F 329 3.94 4.67 34.96
C GLY F 329 4.95 5.49 34.19
N ALA F 330 4.43 6.11 33.16
CA ALA F 330 5.19 7.01 32.33
C ALA F 330 5.16 8.51 32.81
N ALA F 331 4.63 8.79 34.00
CA ALA F 331 4.73 10.11 34.53
C ALA F 331 6.18 10.53 34.61
N ASN F 332 7.07 9.61 34.93
CA ASN F 332 8.50 10.02 34.97
C ASN F 332 9.03 10.46 33.59
N LEU F 333 8.41 9.94 32.56
CA LEU F 333 8.78 10.23 31.18
C LEU F 333 8.19 11.53 30.76
N ARG F 334 6.94 11.75 31.15
CA ARG F 334 6.14 12.83 30.56
C ARG F 334 6.01 14.12 31.43
N LEU F 335 6.03 13.96 32.73
CA LEU F 335 5.76 15.06 33.61
C LEU F 335 6.71 16.24 33.46
N GLY F 336 7.99 15.95 33.23
CA GLY F 336 9.01 16.98 33.05
C GLY F 336 8.74 17.98 31.94
N ARG F 337 8.19 17.48 30.89
CA ARG F 337 7.86 18.28 29.68
C ARG F 337 6.66 19.22 30.01
N PHE F 338 5.79 18.79 30.91
CA PHE F 338 4.71 19.65 31.37
C PHE F 338 5.11 20.68 32.44
N ALA F 339 5.96 20.28 33.35
CA ALA F 339 6.16 21.04 34.59
C ALA F 339 7.59 21.43 34.88
N GLY F 340 8.51 20.93 34.05
CA GLY F 340 9.94 21.12 34.28
C GLY F 340 10.44 20.17 35.37
N PRO F 341 11.74 20.06 35.51
CA PRO F 341 12.34 19.14 36.40
C PRO F 341 12.19 19.40 37.90
N ARG F 342 12.02 20.65 38.29
CA ARG F 342 11.83 20.96 39.71
C ARG F 342 10.49 20.49 40.19
N VAL F 343 9.45 20.88 39.51
CA VAL F 343 8.11 20.52 39.93
C VAL F 343 7.86 19.04 39.74
N SER F 344 8.38 18.51 38.65
CA SER F 344 8.26 17.11 38.39
C SER F 344 8.83 16.29 39.55
N ARG F 345 9.97 16.70 40.07
CA ARG F 345 10.53 16.03 41.26
C ARG F 345 9.78 16.33 42.52
N GLN F 346 9.27 17.56 42.67
CA GLN F 346 8.43 17.83 43.85
C GLN F 346 7.23 16.90 43.91
N VAL F 347 6.64 16.61 42.74
CA VAL F 347 5.45 15.79 42.67
C VAL F 347 5.79 14.31 42.84
N ILE F 348 6.80 13.84 42.13
CA ILE F 348 7.10 12.38 42.11
C ILE F 348 8.07 11.95 43.26
N LEU F 349 9.20 12.64 43.44
CA LEU F 349 10.14 12.34 44.52
C LEU F 349 9.66 12.71 45.92
N GLU F 350 8.86 13.76 46.05
CA GLU F 350 8.34 14.17 47.38
C GLU F 350 6.83 14.13 47.57
N GLY F 351 6.06 13.75 46.58
CA GLY F 351 4.63 13.53 46.79
C GLY F 351 3.88 14.82 46.95
N ARG F 352 4.34 15.87 46.30
CA ARG F 352 3.56 17.09 46.29
C ARG F 352 2.28 16.92 45.50
N ARG F 353 1.24 17.27 46.16
CA ARG F 353 -0.06 17.25 45.56
C ARG F 353 -0.37 18.63 45.00
N ILE F 354 -0.96 18.68 43.82
CA ILE F 354 -1.29 19.94 43.11
C ILE F 354 -2.79 20.18 42.95
N TRP F 355 -3.23 21.34 43.42
CA TRP F 355 -4.66 21.62 43.48
C TRP F 355 -5.11 22.35 42.23
N ALA F 356 -6.33 22.09 41.83
CA ALA F 356 -6.87 22.69 40.60
C ALA F 356 -6.80 24.17 40.56
N LYS F 357 -6.96 24.80 41.72
CA LYS F 357 -6.99 26.25 41.79
C LYS F 357 -5.67 26.95 41.98
N GLU F 358 -4.58 26.22 42.19
CA GLU F 358 -3.27 26.89 42.31
C GLU F 358 -2.68 27.17 40.93
N PRO F 359 -1.80 28.19 40.81
CA PRO F 359 -1.32 28.60 39.46
C PRO F 359 -0.68 27.45 38.73
N GLU F 360 0.07 26.62 39.44
CA GLU F 360 0.76 25.51 38.81
C GLU F 360 -0.15 24.41 38.25
N ALA F 361 -1.43 24.40 38.61
CA ALA F 361 -2.40 23.50 37.95
C ALA F 361 -2.50 23.75 36.43
N ARG F 362 -2.27 24.97 36.04
CA ARG F 362 -2.28 25.36 34.63
C ARG F 362 -1.16 24.71 33.82
N LEU F 363 -0.18 24.11 34.48
CA LEU F 363 0.81 23.22 33.82
C LEU F 363 0.24 21.89 33.32
N LEU F 364 -0.80 21.42 33.97
CA LEU F 364 -1.48 20.12 33.72
C LEU F 364 -2.93 20.18 33.18
N VAL F 365 -3.59 21.30 33.40
CA VAL F 365 -4.98 21.45 33.24
C VAL F 365 -5.25 22.73 32.44
N ASP F 366 -6.12 22.64 31.47
CA ASP F 366 -6.40 23.76 30.56
C ASP F 366 -7.44 24.68 31.15
N GLU F 367 -8.40 24.12 31.85
CA GLU F 367 -9.57 24.84 32.31
C GLU F 367 -10.02 24.31 33.64
N VAL F 368 -10.31 25.24 34.57
CA VAL F 368 -10.76 24.89 35.90
C VAL F 368 -12.00 25.64 36.14
N VAL F 369 -13.03 24.92 36.55
CA VAL F 369 -14.37 25.42 36.45
C VAL F 369 -15.10 25.01 37.66
N GLU F 370 -16.02 25.85 38.11
CA GLU F 370 -16.88 25.51 39.25
C GLU F 370 -17.77 24.32 38.90
N PRO F 371 -17.97 23.39 39.84
CA PRO F 371 -18.85 22.21 39.65
C PRO F 371 -20.13 22.42 38.82
N ASP F 372 -20.83 23.51 39.05
CA ASP F 372 -22.07 23.75 38.30
C ASP F 372 -21.92 24.29 36.86
N GLU F 373 -20.71 24.67 36.48
CA GLU F 373 -20.40 25.18 35.13
C GLU F 373 -19.72 24.14 34.27
N LEU F 374 -19.40 23.00 34.88
CA LEU F 374 -18.46 22.06 34.35
C LEU F 374 -18.98 21.21 33.21
N ASP F 375 -20.20 20.70 33.36
CA ASP F 375 -20.89 19.97 32.24
C ASP F 375 -20.88 20.77 30.95
N ALA F 376 -21.20 22.02 31.06
CA ALA F 376 -21.33 22.87 29.86
C ALA F 376 -19.98 23.18 29.27
N ALA F 377 -18.98 23.36 30.13
CA ALA F 377 -17.59 23.65 29.67
C ALA F 377 -16.96 22.44 28.97
N ILE F 378 -17.22 21.25 29.50
CA ILE F 378 -16.91 20.01 28.80
C ILE F 378 -17.57 19.99 27.42
N GLU F 379 -18.86 20.26 27.34
CA GLU F 379 -19.58 20.21 26.02
C GLU F 379 -18.96 21.17 25.02
N ARG F 380 -18.67 22.39 25.45
CA ARG F 380 -18.02 23.37 24.55
C ARG F 380 -16.65 22.89 24.07
N SER F 381 -15.84 22.32 24.97
CA SER F 381 -14.50 21.82 24.59
C SER F 381 -14.52 20.75 23.55
N LEU F 382 -15.55 19.94 23.57
CA LEU F 382 -15.73 18.86 22.59
C LEU F 382 -15.99 19.36 21.16
N THR F 383 -16.76 20.44 21.05
CA THR F 383 -17.06 21.03 19.77
C THR F 383 -15.82 21.76 19.21
N ARG F 384 -14.86 22.16 20.03
CA ARG F 384 -13.67 22.88 19.48
C ARG F 384 -12.59 21.97 18.85
N LEU F 385 -12.71 20.66 18.91
CA LEU F 385 -11.68 19.73 18.50
C LEU F 385 -12.02 18.79 17.31
N ASP F 386 -13.00 19.17 16.53
CA ASP F 386 -13.62 18.38 15.45
C ASP F 386 -12.87 18.20 14.17
N GLY F 387 -12.24 19.24 13.69
CA GLY F 387 -11.80 19.06 12.26
C GLY F 387 -10.62 18.15 11.90
N ASP F 388 -10.22 18.26 10.64
CA ASP F 388 -9.00 17.66 10.12
C ASP F 388 -7.75 18.45 10.44
N ALA F 389 -7.92 19.76 10.69
CA ALA F 389 -6.77 20.59 11.08
C ALA F 389 -6.24 20.15 12.46
N VAL F 390 -7.17 19.90 13.35
CA VAL F 390 -6.85 19.37 14.67
C VAL F 390 -6.12 18.01 14.61
N LEU F 391 -6.65 17.06 13.85
CA LEU F 391 -5.95 15.77 13.66
C LEU F 391 -4.53 15.95 13.16
N ALA F 392 -4.33 16.78 12.16
CA ALA F 392 -2.99 16.95 11.61
C ALA F 392 -2.10 17.60 12.68
N ASN F 393 -2.63 18.62 13.31
CA ASN F 393 -1.84 19.39 14.30
C ASN F 393 -1.49 18.57 15.53
N ARG F 394 -2.42 17.76 15.99
CA ARG F 394 -2.12 16.97 17.19
C ARG F 394 -1.09 15.87 16.88
N ARG F 395 -1.13 15.37 15.66
CA ARG F 395 -0.17 14.41 15.25
C ARG F 395 1.24 14.97 15.25
N MET F 396 1.36 16.16 14.72
CA MET F 396 2.65 16.81 14.64
C MET F 396 3.15 17.20 16.02
N LEU F 397 2.24 17.74 16.84
CA LEU F 397 2.56 18.05 18.18
C LEU F 397 3.08 16.82 19.00
N ASN F 398 2.43 15.69 18.85
CA ASN F 398 2.80 14.47 19.59
C ASN F 398 4.12 13.91 19.18
N LEU F 399 4.36 13.99 17.89
CA LEU F 399 5.63 13.59 17.28
C LEU F 399 6.82 14.42 17.81
N ALA F 400 6.61 15.70 17.97
CA ALA F 400 7.62 16.57 18.56
C ALA F 400 7.77 16.35 20.07
N ASP F 401 6.65 16.17 20.78
CA ASP F 401 6.67 16.07 22.23
C ASP F 401 7.35 14.76 22.66
N GLU F 402 7.17 13.67 21.93
CA GLU F 402 7.60 12.36 22.41
C GLU F 402 8.01 11.53 21.25
N SER F 403 9.29 11.30 21.08
CA SER F 403 9.78 10.52 19.94
C SER F 403 9.51 9.06 20.19
N PRO F 404 9.38 8.31 19.13
CA PRO F 404 9.26 6.84 19.31
C PRO F 404 10.44 6.21 20.04
N ASP F 405 11.66 6.60 19.71
CA ASP F 405 12.83 6.16 20.47
C ASP F 405 12.81 6.53 21.95
N GLY F 406 12.36 7.74 22.26
CA GLY F 406 12.29 8.20 23.63
C GLY F 406 11.37 7.30 24.42
N PHE F 407 10.18 7.07 23.87
CA PHE F 407 9.15 6.29 24.55
C PHE F 407 9.66 4.88 24.77
N ARG F 408 10.26 4.35 23.74
CA ARG F 408 10.70 2.97 23.75
C ARG F 408 11.81 2.73 24.75
N ALA F 409 12.80 3.61 24.70
CA ALA F 409 13.93 3.51 25.63
C ALA F 409 13.43 3.52 27.07
N TYR F 410 12.45 4.37 27.33
CA TYR F 410 11.97 4.53 28.65
C TYR F 410 11.22 3.27 29.04
N MET F 411 10.33 2.83 28.18
CA MET F 411 9.53 1.66 28.52
C MET F 411 10.43 0.44 28.73
N ALA F 412 11.51 0.38 27.99
CA ALA F 412 12.50 -0.71 28.14
C ALA F 412 13.07 -0.76 29.58
N GLU F 413 13.59 0.34 30.08
CA GLU F 413 14.03 0.36 31.45
C GLU F 413 12.88 0.13 32.41
N PHE F 414 11.74 0.73 32.12
CA PHE F 414 10.61 0.68 33.07
C PHE F 414 10.20 -0.75 33.32
N ALA F 415 10.21 -1.53 32.26
CA ALA F 415 9.78 -2.94 32.33
C ALA F 415 10.47 -3.70 33.43
N LEU F 416 11.77 -3.49 33.57
CA LEU F 416 12.56 -4.12 34.65
C LEU F 416 12.57 -3.36 35.96
N MET F 417 12.79 -2.05 35.91
CA MET F 417 12.68 -1.22 37.14
C MET F 417 11.33 -1.46 37.88
N GLN F 418 10.22 -1.46 37.13
CA GLN F 418 8.91 -1.58 37.75
C GLN F 418 8.69 -2.97 38.33
N ALA F 419 9.16 -3.98 37.56
CA ALA F 419 9.13 -5.38 38.03
C ALA F 419 9.78 -5.51 39.42
N LEU F 420 10.96 -4.91 39.56
CA LEU F 420 11.65 -4.90 40.85
C LEU F 420 10.88 -4.19 41.96
N ARG F 421 10.23 -3.08 41.62
CA ARG F 421 9.51 -2.31 42.64
C ARG F 421 8.25 -3.05 43.04
N LEU F 422 7.68 -3.76 42.10
CA LEU F 422 6.49 -4.54 42.33
C LEU F 422 6.74 -5.62 43.42
N TYR F 423 8.00 -5.96 43.67
CA TYR F 423 8.42 -6.97 44.68
C TYR F 423 9.33 -6.39 45.72
N GLY F 424 9.40 -5.08 45.82
CA GLY F 424 10.18 -4.47 46.88
C GLY F 424 9.49 -4.58 48.24
N HIS F 425 10.29 -4.77 49.28
CA HIS F 425 9.73 -5.04 50.62
C HIS F 425 8.96 -3.83 51.13
N ASP F 426 9.46 -2.65 50.79
CA ASP F 426 8.86 -1.40 51.24
C ASP F 426 7.43 -1.25 50.65
N VAL F 427 7.28 -1.62 49.37
CA VAL F 427 6.05 -1.51 48.66
C VAL F 427 5.03 -2.49 49.24
N ILE F 428 5.47 -3.72 49.44
CA ILE F 428 4.62 -4.78 49.97
C ILE F 428 4.07 -4.42 51.37
N ASP F 429 4.92 -3.84 52.20
CA ASP F 429 4.53 -3.33 53.56
C ASP F 429 3.51 -2.19 53.51
N LYS F 430 3.81 -1.11 52.73
CA LYS F 430 2.86 0.04 52.54
C LYS F 430 1.46 -0.50 52.13
N VAL F 431 1.46 -1.26 51.05
CA VAL F 431 0.26 -1.74 50.39
C VAL F 431 -0.63 -2.62 51.30
N GLY F 432 0.02 -3.43 52.13
CA GLY F 432 -0.65 -4.29 53.11
C GLY F 432 -1.40 -3.51 54.20
N ARG F 433 -0.99 -2.27 54.47
CA ARG F 433 -1.62 -1.40 55.45
C ARG F 433 -2.83 -0.63 54.94
N PHE F 434 -3.18 -0.72 53.65
CA PHE F 434 -4.22 0.19 53.12
C PHE F 434 -5.66 -0.26 53.53
N THR G 13 -22.32 92.27 61.91
CA THR G 13 -21.77 91.87 63.27
C THR G 13 -20.29 92.22 63.49
N ASP G 14 -19.43 91.61 62.67
CA ASP G 14 -18.02 91.43 62.97
C ASP G 14 -17.09 92.01 61.90
N GLY G 15 -17.65 92.70 60.89
CA GLY G 15 -16.84 93.50 59.99
C GLY G 15 -16.55 92.87 58.65
N LEU G 16 -16.76 91.56 58.54
CA LEU G 16 -16.27 90.77 57.38
C LEU G 16 -17.06 91.00 56.10
N TRP G 17 -18.38 91.10 56.23
CA TRP G 17 -19.20 91.40 55.05
C TRP G 17 -18.82 92.76 54.45
N ALA G 18 -18.66 93.75 55.32
CA ALA G 18 -18.30 95.10 54.87
C ALA G 18 -16.91 95.10 54.24
N ALA G 19 -15.97 94.42 54.87
CA ALA G 19 -14.60 94.34 54.31
C ALA G 19 -14.61 93.65 52.93
N LEU G 20 -15.39 92.57 52.84
CA LEU G 20 -15.52 91.86 51.56
C LEU G 20 -16.13 92.73 50.48
N THR G 21 -17.25 93.37 50.83
CA THR G 21 -17.92 94.32 49.93
C THR G 21 -16.92 95.40 49.42
N GLU G 22 -16.18 95.96 50.35
CA GLU G 22 -15.06 96.87 50.01
C GLU G 22 -14.03 96.25 49.04
N ALA G 23 -13.52 95.06 49.36
CA ALA G 23 -12.52 94.44 48.47
C ALA G 23 -13.05 94.08 47.05
N ALA G 24 -14.30 93.62 47.00
CA ALA G 24 -14.94 93.36 45.71
C ALA G 24 -15.10 94.63 44.88
N ALA G 25 -15.40 95.76 45.54
CA ALA G 25 -15.55 97.05 44.84
C ALA G 25 -14.21 97.50 44.24
N SER G 26 -13.13 97.41 45.00
CA SER G 26 -11.79 97.69 44.42
C SER G 26 -11.52 96.83 43.20
N VAL G 27 -11.97 95.58 43.22
CA VAL G 27 -11.77 94.68 42.07
C VAL G 27 -12.55 95.21 40.88
N GLU G 28 -13.84 95.48 41.06
CA GLU G 28 -14.71 96.01 39.99
C GLU G 28 -14.20 97.35 39.43
N LYS G 29 -13.71 98.24 40.32
CA LYS G 29 -13.12 99.54 39.89
C LYS G 29 -11.89 99.30 39.00
N LEU G 30 -11.01 98.40 39.42
CA LEU G 30 -9.85 98.09 38.59
C LEU G 30 -10.23 97.47 37.27
N LEU G 31 -11.19 96.56 37.27
CA LEU G 31 -11.53 95.86 36.02
C LEU G 31 -12.17 96.80 35.04
N ALA G 32 -12.97 97.71 35.58
CA ALA G 32 -13.60 98.75 34.76
C ALA G 32 -12.58 99.75 34.18
N THR G 33 -11.56 100.08 34.94
CA THR G 33 -10.56 101.09 34.52
C THR G 33 -9.32 100.55 33.80
N LEU G 34 -8.86 99.34 34.12
CA LEU G 34 -7.63 98.87 33.49
C LEU G 34 -7.91 98.34 32.08
N PRO G 35 -6.85 98.20 31.26
CA PRO G 35 -7.02 97.57 29.95
C PRO G 35 -7.42 96.10 30.04
N GLU G 36 -7.86 95.55 28.92
CA GLU G 36 -8.18 94.15 28.78
C GLU G 36 -6.97 93.25 29.10
N HIS G 37 -7.29 91.98 29.44
CA HIS G 37 -6.30 90.97 29.90
C HIS G 37 -5.37 90.72 28.70
N GLY G 38 -4.06 90.84 28.89
CA GLY G 38 -3.12 90.66 27.73
C GLY G 38 -2.65 91.98 27.11
N ALA G 39 -3.31 93.10 27.45
CA ALA G 39 -2.80 94.43 27.15
C ALA G 39 -2.31 95.10 28.44
N ARG G 40 -2.43 94.42 29.57
CA ARG G 40 -2.02 94.99 30.86
C ARG G 40 -0.51 94.95 31.04
N SER G 41 0.03 96.01 31.62
CA SER G 41 1.43 96.07 32.05
C SER G 41 1.63 95.23 33.31
N SER G 42 2.89 95.04 33.71
CA SER G 42 3.24 94.20 34.85
C SER G 42 2.68 94.81 36.13
N ALA G 43 2.88 96.11 36.29
CA ALA G 43 2.38 96.87 37.46
C ALA G 43 0.87 96.71 37.59
N GLU G 44 0.18 96.80 36.45
CA GLU G 44 -1.28 96.60 36.35
C GLU G 44 -1.72 95.14 36.65
N ARG G 45 -1.07 94.19 36.00
CA ARG G 45 -1.21 92.79 36.32
C ARG G 45 -1.06 92.49 37.84
N ALA G 46 -0.07 93.09 38.46
CA ALA G 46 0.23 92.83 39.89
C ALA G 46 -0.82 93.45 40.78
N GLU G 47 -1.36 94.60 40.34
CA GLU G 47 -2.37 95.36 41.12
C GLU G 47 -3.73 94.62 41.14
N ILE G 48 -4.16 94.16 39.99
CA ILE G 48 -5.35 93.34 39.91
C ILE G 48 -5.22 91.94 40.60
N ALA G 49 -4.06 91.28 40.45
CA ALA G 49 -3.80 90.03 41.15
C ALA G 49 -3.90 90.20 42.66
N ALA G 50 -3.32 91.28 43.16
CA ALA G 50 -3.36 91.59 44.60
C ALA G 50 -4.78 91.89 45.05
N ALA G 51 -5.56 92.54 44.19
CA ALA G 51 -6.96 92.87 44.56
C ALA G 51 -7.81 91.60 44.66
N HIS G 52 -7.70 90.74 43.63
CA HIS G 52 -8.35 89.43 43.59
C HIS G 52 -8.00 88.61 44.82
N ASP G 53 -6.71 88.59 45.16
CA ASP G 53 -6.25 87.84 46.33
C ASP G 53 -6.84 88.33 47.64
N ALA G 54 -6.86 89.65 47.84
CA ALA G 54 -7.51 90.19 49.07
C ALA G 54 -8.98 89.80 49.15
N ALA G 55 -9.66 89.93 48.02
CA ALA G 55 -11.12 89.68 47.97
C ALA G 55 -11.42 88.21 48.26
N ARG G 56 -10.68 87.34 47.58
CA ARG G 56 -10.86 85.91 47.75
C ARG G 56 -10.56 85.49 49.16
N ALA G 57 -9.49 86.02 49.71
CA ALA G 57 -9.17 85.79 51.16
C ALA G 57 -10.34 86.15 52.06
N LEU G 58 -11.01 87.27 51.76
CA LEU G 58 -12.14 87.66 52.58
C LEU G 58 -13.38 86.76 52.35
N ARG G 59 -13.58 86.32 51.11
CA ARG G 59 -14.67 85.37 50.86
C ARG G 59 -14.49 84.18 51.77
N VAL G 60 -13.25 83.72 51.88
CA VAL G 60 -12.96 82.52 52.73
C VAL G 60 -13.24 82.81 54.18
N ARG G 61 -12.70 83.91 54.68
CA ARG G 61 -12.93 84.31 56.08
C ARG G 61 -14.39 84.57 56.39
N PHE G 62 -15.06 85.26 55.49
CA PHE G 62 -16.49 85.52 55.67
C PHE G 62 -17.26 84.20 55.87
N LEU G 63 -17.04 83.28 54.94
CA LEU G 63 -17.76 81.99 54.94
C LEU G 63 -17.30 81.02 56.01
N ASP G 64 -16.04 81.11 56.46
CA ASP G 64 -15.61 80.31 57.65
C ASP G 64 -16.53 80.49 58.86
N THR G 65 -17.05 81.69 59.08
CA THR G 65 -17.97 81.94 60.18
C THR G 65 -19.45 81.97 59.74
N HIS G 66 -19.76 82.38 58.51
CA HIS G 66 -21.14 82.67 58.12
C HIS G 66 -21.81 81.74 57.12
N ALA G 67 -21.13 80.68 56.74
CA ALA G 67 -21.61 79.79 55.64
C ALA G 67 -22.99 79.21 55.90
N ASP G 68 -23.21 78.73 57.11
CA ASP G 68 -24.51 78.21 57.49
C ASP G 68 -25.65 79.25 57.41
N ALA G 69 -25.39 80.43 57.93
CA ALA G 69 -26.41 81.50 57.87
C ALA G 69 -26.69 81.88 56.43
N VAL G 70 -25.64 81.96 55.62
CA VAL G 70 -25.80 82.24 54.19
C VAL G 70 -26.66 81.16 53.51
N TYR G 71 -26.33 79.90 53.77
CA TYR G 71 -27.01 78.77 53.12
C TYR G 71 -28.48 78.71 53.59
N ASP G 72 -28.68 78.92 54.88
CA ASP G 72 -30.05 79.07 55.43
C ASP G 72 -30.89 80.22 54.80
N ARG G 73 -30.29 81.39 54.56
CA ARG G 73 -31.01 82.37 53.77
C ARG G 73 -31.45 81.77 52.41
N LEU G 74 -30.56 81.13 51.67
CA LEU G 74 -30.88 80.76 50.25
C LEU G 74 -31.87 79.64 50.09
N THR G 75 -31.94 78.78 51.12
CA THR G 75 -32.73 77.52 51.11
C THR G 75 -33.84 77.48 52.14
N ASP G 76 -34.09 78.62 52.80
CA ASP G 76 -35.16 78.77 53.79
C ASP G 76 -34.93 77.78 54.93
N HIS G 77 -33.79 77.94 55.61
CA HIS G 77 -33.34 77.02 56.65
C HIS G 77 -33.45 75.55 56.20
N ARG G 78 -32.87 75.23 55.04
CA ARG G 78 -32.74 73.83 54.58
C ARG G 78 -34.05 73.10 54.32
N ARG G 79 -35.03 73.86 53.81
CA ARG G 79 -36.35 73.32 53.51
C ARG G 79 -36.63 73.34 52.06
N VAL G 80 -35.78 74.01 51.29
CA VAL G 80 -35.87 73.97 49.85
C VAL G 80 -34.54 73.40 49.33
N HIS G 81 -34.63 72.34 48.53
CA HIS G 81 -33.46 71.75 47.90
C HIS G 81 -33.14 72.55 46.66
N LEU G 82 -31.96 73.19 46.65
CA LEU G 82 -31.49 73.81 45.43
C LEU G 82 -30.28 73.04 44.87
N ARG G 83 -30.31 72.72 43.59
CA ARG G 83 -29.15 72.25 42.82
C ARG G 83 -28.08 73.33 42.68
N LEU G 84 -26.90 72.91 42.22
CA LEU G 84 -25.67 73.77 42.28
C LEU G 84 -25.83 75.05 41.51
N ALA G 85 -26.39 74.94 40.30
CA ALA G 85 -26.53 76.08 39.40
C ALA G 85 -27.46 77.16 40.01
N GLU G 86 -28.60 76.71 40.52
CA GLU G 86 -29.58 77.56 41.23
C GLU G 86 -28.98 78.15 42.50
N LEU G 87 -28.29 77.32 43.27
CA LEU G 87 -27.70 77.80 44.52
C LEU G 87 -26.71 78.91 44.31
N VAL G 88 -25.82 78.78 43.35
CA VAL G 88 -24.79 79.82 43.14
C VAL G 88 -25.35 81.13 42.50
N GLU G 89 -26.34 80.99 41.63
CA GLU G 89 -27.11 82.09 41.12
C GLU G 89 -27.82 82.87 42.23
N ALA G 90 -28.56 82.16 43.07
CA ALA G 90 -29.29 82.77 44.18
C ALA G 90 -28.36 83.39 45.19
N ALA G 91 -27.20 82.77 45.40
CA ALA G 91 -26.16 83.36 46.26
C ALA G 91 -25.64 84.68 45.70
N ALA G 92 -25.49 84.76 44.39
CA ALA G 92 -24.94 85.96 43.74
C ALA G 92 -25.86 87.20 43.88
N THR G 93 -27.17 86.97 43.75
CA THR G 93 -28.17 88.02 43.85
C THR G 93 -28.42 88.40 45.32
N ALA G 94 -28.42 87.43 46.25
CA ALA G 94 -28.59 87.72 47.69
C ALA G 94 -27.35 88.19 48.41
N PHE G 95 -26.19 87.90 47.85
CA PHE G 95 -24.93 88.31 48.46
C PHE G 95 -24.01 88.89 47.44
N PRO G 96 -24.32 90.09 46.98
CA PRO G 96 -23.48 90.63 45.87
C PRO G 96 -22.00 90.70 46.25
N GLY G 97 -21.16 90.29 45.32
CA GLY G 97 -19.74 90.15 45.53
C GLY G 97 -19.19 88.88 46.22
N LEU G 98 -20.07 88.04 46.78
CA LEU G 98 -19.64 86.75 47.29
C LEU G 98 -19.27 85.76 46.18
N VAL G 99 -20.14 85.68 45.16
CA VAL G 99 -19.96 84.84 44.00
C VAL G 99 -20.44 85.59 42.79
N PRO G 100 -19.96 85.27 41.60
CA PRO G 100 -20.40 86.05 40.45
C PRO G 100 -21.84 85.88 39.98
N THR G 101 -22.36 86.95 39.40
CA THR G 101 -23.67 87.05 38.72
C THR G 101 -23.64 86.32 37.41
N GLN G 102 -24.84 86.05 36.90
CA GLN G 102 -25.03 85.35 35.59
C GLN G 102 -24.31 86.15 34.49
N GLN G 103 -24.47 87.47 34.58
CA GLN G 103 -23.89 88.44 33.66
C GLN G 103 -22.34 88.37 33.68
N GLN G 104 -21.74 88.48 34.87
CA GLN G 104 -20.27 88.40 35.03
C GLN G 104 -19.69 87.08 34.52
N LEU G 105 -20.41 85.97 34.76
CA LEU G 105 -20.07 84.71 34.16
C LEU G 105 -20.16 84.69 32.61
N ALA G 106 -21.16 85.33 32.04
CA ALA G 106 -21.33 85.31 30.56
C ALA G 106 -20.15 86.01 29.88
N VAL G 107 -19.64 87.06 30.52
CA VAL G 107 -18.45 87.74 30.04
C VAL G 107 -17.29 86.79 30.07
N GLU G 108 -17.14 86.13 31.21
CA GLU G 108 -16.06 85.10 31.38
C GLU G 108 -16.19 84.02 30.32
N ARG G 109 -17.40 83.48 30.13
CA ARG G 109 -17.58 82.30 29.19
C ARG G 109 -17.20 82.70 27.78
N SER G 110 -17.34 83.99 27.45
CA SER G 110 -17.07 84.49 26.08
C SER G 110 -15.60 84.62 25.82
N LEU G 111 -14.79 84.57 26.86
CA LEU G 111 -13.32 84.61 26.76
C LEU G 111 -12.71 83.21 26.70
N PRO G 112 -11.52 83.08 26.10
CA PRO G 112 -10.75 81.84 26.27
C PRO G 112 -10.15 81.79 27.69
N GLN G 113 -9.94 80.58 28.24
CA GLN G 113 -9.42 80.41 29.63
C GLN G 113 -8.31 81.39 29.97
N ALA G 114 -7.36 81.51 29.05
CA ALA G 114 -6.13 82.31 29.28
C ALA G 114 -6.43 83.75 29.67
N ALA G 115 -7.52 84.28 29.14
CA ALA G 115 -7.90 85.69 29.35
C ALA G 115 -8.84 85.95 30.54
N LYS G 116 -9.40 84.90 31.12
CA LYS G 116 -10.36 85.05 32.19
C LYS G 116 -9.76 85.63 33.45
N GLU G 117 -10.59 86.32 34.23
CA GLU G 117 -10.26 86.81 35.60
C GLU G 117 -10.32 85.72 36.71
N GLY G 118 -11.01 84.63 36.43
CA GLY G 118 -11.08 83.51 37.37
C GLY G 118 -12.19 83.68 38.38
N HIS G 119 -13.32 84.26 37.95
CA HIS G 119 -14.44 84.43 38.86
C HIS G 119 -15.01 83.12 39.40
N GLU G 120 -14.92 82.04 38.63
CA GLU G 120 -15.37 80.70 39.08
C GLU G 120 -14.69 80.28 40.37
N ILE G 121 -13.50 80.78 40.60
CA ILE G 121 -12.79 80.51 41.88
C ILE G 121 -13.63 80.86 43.06
N ASP G 122 -14.34 81.98 42.95
CA ASP G 122 -15.19 82.48 44.06
C ASP G 122 -16.28 81.42 44.30
N GLN G 123 -16.80 80.83 43.21
CA GLN G 123 -17.76 79.77 43.35
C GLN G 123 -17.17 78.55 44.04
N GLY G 124 -15.90 78.25 43.74
CA GLY G 124 -15.16 77.21 44.45
C GLY G 124 -15.04 77.47 45.95
N ILE G 125 -14.74 78.71 46.28
CA ILE G 125 -14.69 79.13 47.70
C ILE G 125 -16.04 78.91 48.41
N PHE G 126 -17.08 79.32 47.73
CA PHE G 126 -18.46 79.20 48.21
C PHE G 126 -18.81 77.71 48.46
N LEU G 127 -18.69 76.91 47.40
CA LEU G 127 -19.04 75.48 47.48
C LEU G 127 -18.21 74.69 48.47
N ARG G 128 -16.92 74.99 48.55
CA ARG G 128 -16.11 74.46 49.61
C ARG G 128 -16.75 74.71 50.97
N ALA G 129 -17.03 75.99 51.26
CA ALA G 129 -17.60 76.36 52.57
C ALA G 129 -18.96 75.66 52.84
N VAL G 130 -19.77 75.55 51.82
CA VAL G 130 -21.08 74.88 51.97
C VAL G 130 -20.93 73.40 52.28
N LEU G 131 -20.15 72.73 51.44
CA LEU G 131 -19.90 71.31 51.60
C LEU G 131 -19.16 70.97 52.90
N ARG G 132 -18.30 71.87 53.40
CA ARG G 132 -17.66 71.65 54.73
C ARG G 132 -18.63 71.65 55.91
N SER G 133 -19.82 72.26 55.75
CA SER G 133 -20.79 72.33 56.84
C SER G 133 -21.56 71.03 57.04
N PRO G 134 -21.60 70.53 58.30
CA PRO G 134 -22.29 69.26 58.56
C PRO G 134 -23.79 69.37 58.38
N LEU G 135 -24.28 70.59 58.29
CA LEU G 135 -25.71 70.84 58.08
C LEU G 135 -26.05 71.15 56.60
N ALA G 136 -25.34 72.13 56.03
CA ALA G 136 -25.55 72.55 54.67
C ALA G 136 -25.05 71.49 53.65
N GLY G 137 -23.87 70.94 53.92
CA GLY G 137 -23.22 69.93 53.07
C GLY G 137 -24.10 68.76 52.67
N PRO G 138 -24.57 67.97 53.65
CA PRO G 138 -25.50 66.85 53.34
C PRO G 138 -26.76 67.26 52.63
N HIS G 139 -27.25 68.45 52.95
CA HIS G 139 -28.45 68.94 52.34
C HIS G 139 -28.27 69.25 50.85
N LEU G 140 -27.20 69.96 50.51
CA LEU G 140 -26.87 70.19 49.09
C LEU G 140 -26.63 68.89 48.33
N LEU G 141 -25.96 67.94 48.99
CA LEU G 141 -25.71 66.62 48.33
C LEU G 141 -27.03 65.88 48.05
N ASP G 142 -27.96 65.98 48.99
CA ASP G 142 -29.30 65.49 48.76
C ASP G 142 -30.01 66.20 47.60
N ALA G 143 -29.91 67.50 47.52
CA ALA G 143 -30.50 68.25 46.39
C ALA G 143 -30.00 67.73 45.07
N MET G 144 -28.72 67.46 44.99
CA MET G 144 -28.13 66.98 43.73
C MET G 144 -28.46 65.53 43.44
N LEU G 145 -28.91 64.77 44.43
CA LEU G 145 -29.43 63.40 44.18
C LEU G 145 -30.87 63.35 43.70
N ARG G 146 -31.57 64.46 43.75
CA ARG G 146 -33.00 64.48 43.27
C ARG G 146 -33.05 64.38 41.78
N PRO G 147 -34.13 63.83 41.21
CA PRO G 147 -34.26 63.80 39.78
C PRO G 147 -34.30 65.15 39.15
N THR G 148 -33.63 65.26 37.99
CA THR G 148 -33.59 66.50 37.27
C THR G 148 -34.95 66.72 36.66
N PRO G 149 -35.38 68.00 36.48
CA PRO G 149 -36.69 68.33 35.74
C PRO G 149 -36.72 67.74 34.34
N ARG G 150 -35.61 67.81 33.63
CA ARG G 150 -35.56 67.25 32.30
C ARG G 150 -35.93 65.77 32.30
N ALA G 151 -35.48 65.03 33.33
CA ALA G 151 -35.75 63.61 33.38
C ALA G 151 -37.21 63.36 33.72
N LEU G 152 -37.74 64.18 34.65
CA LEU G 152 -39.20 64.04 35.03
C LEU G 152 -40.14 64.29 33.84
N GLU G 153 -39.71 65.21 33.00
CA GLU G 153 -40.45 65.57 31.78
C GLU G 153 -40.37 64.47 30.73
N LEU G 154 -39.21 63.84 30.56
CA LEU G 154 -39.06 62.72 29.57
C LEU G 154 -39.47 61.36 30.04
N LEU G 155 -39.74 61.23 31.29
CA LEU G 155 -40.06 59.92 31.84
C LEU G 155 -41.23 59.18 31.22
N PRO G 156 -42.40 59.83 31.04
CA PRO G 156 -43.53 59.08 30.44
C PRO G 156 -43.29 58.62 29.01
N GLU G 157 -42.70 59.47 28.16
CA GLU G 157 -42.36 59.01 26.80
C GLU G 157 -41.37 57.80 26.90
N PHE G 158 -40.44 57.85 27.87
CA PHE G 158 -39.44 56.85 27.97
C PHE G 158 -40.09 55.53 28.40
N VAL G 159 -40.97 55.61 29.41
CA VAL G 159 -41.76 54.43 29.82
C VAL G 159 -42.54 53.85 28.65
N ARG G 160 -43.12 54.72 27.80
CA ARG G 160 -43.97 54.27 26.69
C ARG G 160 -43.15 53.65 25.55
N THR G 161 -42.05 54.31 25.21
CA THR G 161 -41.22 54.00 24.04
C THR G 161 -40.02 53.06 24.30
N GLY G 162 -39.49 53.09 25.52
CA GLY G 162 -38.25 52.41 25.82
C GLY G 162 -37.02 53.06 25.18
N GLU G 163 -37.07 54.33 24.81
CA GLU G 163 -36.07 54.92 23.92
C GLU G 163 -36.03 56.44 23.95
N VAL G 164 -34.83 56.99 24.03
CA VAL G 164 -34.58 58.42 24.02
C VAL G 164 -33.25 58.67 23.36
N GLU G 165 -33.24 59.53 22.38
CA GLU G 165 -32.03 59.93 21.69
C GLU G 165 -31.67 61.30 22.21
N MET G 166 -30.47 61.44 22.76
CA MET G 166 -29.98 62.73 23.18
C MET G 166 -28.70 63.04 22.45
N GLU G 167 -28.23 64.25 22.58
CA GLU G 167 -27.07 64.68 21.78
C GLU G 167 -25.84 63.80 22.00
N ALA G 168 -25.54 63.46 23.26
CA ALA G 168 -24.32 62.71 23.62
C ALA G 168 -24.56 61.30 24.13
N VAL G 169 -25.83 60.94 24.34
CA VAL G 169 -26.17 59.62 24.94
C VAL G 169 -27.43 59.10 24.28
N HIS G 170 -27.41 57.83 23.89
CA HIS G 170 -28.58 57.11 23.41
C HIS G 170 -28.98 56.13 24.51
N LEU G 171 -30.24 56.18 24.93
CA LEU G 171 -30.75 55.38 26.01
C LEU G 171 -31.85 54.47 25.53
N GLU G 172 -31.78 53.19 25.88
CA GLU G 172 -32.72 52.22 25.43
C GLU G 172 -33.00 51.21 26.58
N ARG G 173 -34.24 51.01 26.91
CA ARG G 173 -34.66 49.93 27.78
C ARG G 173 -34.87 48.69 26.97
N ARG G 174 -34.26 47.60 27.42
CA ARG G 174 -34.33 46.28 26.73
C ARG G 174 -34.01 45.16 27.71
N ASP G 175 -34.91 44.19 27.81
CA ASP G 175 -34.83 43.07 28.71
C ASP G 175 -34.52 43.49 30.15
N GLY G 176 -35.10 44.57 30.59
CA GLY G 176 -34.93 45.04 31.93
C GLY G 176 -33.63 45.79 32.21
N VAL G 177 -32.97 46.20 31.15
CA VAL G 177 -31.68 46.83 31.28
C VAL G 177 -31.77 48.21 30.61
N ALA G 178 -31.22 49.20 31.29
CA ALA G 178 -31.09 50.51 30.75
C ALA G 178 -29.78 50.54 30.08
N ARG G 179 -29.81 50.56 28.75
CA ARG G 179 -28.60 50.64 27.98
C ARG G 179 -28.29 52.05 27.66
N LEU G 180 -27.31 52.61 28.35
CA LEU G 180 -26.73 53.89 27.99
C LEU G 180 -25.58 53.71 27.02
N THR G 181 -25.72 54.26 25.81
CA THR G 181 -24.62 54.24 24.84
C THR G 181 -24.11 55.66 24.66
N MET G 182 -22.84 55.89 24.95
CA MET G 182 -22.24 57.21 24.78
C MET G 182 -21.84 57.35 23.32
N CYS G 183 -22.43 58.31 22.60
CA CYS G 183 -22.47 58.24 21.10
C CYS G 183 -21.98 59.55 20.46
N ARG G 184 -20.91 60.14 20.98
CA ARG G 184 -20.25 61.30 20.32
C ARG G 184 -19.15 60.77 19.39
N ASP G 185 -19.62 60.25 18.25
CA ASP G 185 -18.84 59.45 17.31
C ASP G 185 -17.67 60.17 16.62
N ASP G 186 -17.69 61.49 16.62
CA ASP G 186 -16.67 62.31 15.95
C ASP G 186 -15.47 62.63 16.82
N ARG G 187 -15.56 62.40 18.14
CA ARG G 187 -14.55 62.90 19.10
C ARG G 187 -14.28 61.96 20.28
N LEU G 188 -14.47 60.66 20.06
CA LEU G 188 -14.13 59.65 21.06
C LEU G 188 -14.82 59.86 22.44
N ASN G 189 -16.09 60.25 22.37
CA ASN G 189 -16.88 60.52 23.57
C ASN G 189 -16.29 61.53 24.54
N ALA G 190 -15.48 62.44 23.99
CA ALA G 190 -14.94 63.53 24.76
C ALA G 190 -16.08 64.26 25.45
N GLU G 191 -15.86 64.54 26.72
CA GLU G 191 -16.90 65.09 27.60
C GLU G 191 -16.99 66.64 27.61
N ASP G 192 -18.22 67.12 27.75
CA ASP G 192 -18.55 68.56 27.92
C ASP G 192 -19.86 68.70 28.70
N GLY G 193 -20.33 69.93 28.90
CA GLY G 193 -21.45 70.22 29.79
C GLY G 193 -22.73 69.54 29.32
N GLN G 194 -22.88 69.42 28.02
CA GLN G 194 -24.07 68.82 27.44
C GLN G 194 -24.09 67.30 27.71
N GLN G 195 -22.92 66.67 27.61
CA GLN G 195 -22.77 65.23 27.91
C GLN G 195 -23.14 64.98 29.31
N VAL G 196 -22.72 65.84 30.20
CA VAL G 196 -23.12 65.67 31.62
C VAL G 196 -24.61 65.72 31.83
N ASP G 197 -25.25 66.69 31.19
CA ASP G 197 -26.66 66.87 31.30
C ASP G 197 -27.34 65.63 30.77
N ASP G 198 -26.86 65.14 29.64
CA ASP G 198 -27.46 63.94 29.05
C ASP G 198 -27.29 62.73 29.88
N MET G 199 -26.09 62.59 30.44
CA MET G 199 -25.75 61.46 31.30
C MET G 199 -26.62 61.45 32.51
N GLU G 200 -26.72 62.59 33.17
CA GLU G 200 -27.59 62.68 34.39
C GLU G 200 -29.05 62.38 34.08
N THR G 201 -29.50 62.86 32.92
CA THR G 201 -30.88 62.70 32.47
C THR G 201 -31.14 61.28 32.24
N ALA G 202 -30.23 60.66 31.49
CA ALA G 202 -30.31 59.17 31.26
C ALA G 202 -30.22 58.31 32.53
N VAL G 203 -29.29 58.66 33.42
CA VAL G 203 -29.20 57.94 34.67
C VAL G 203 -30.49 58.06 35.47
N ASP G 204 -30.99 59.28 35.62
CA ASP G 204 -32.30 59.52 36.26
C ASP G 204 -33.41 58.64 35.63
N LEU G 205 -33.52 58.63 34.33
CA LEU G 205 -34.56 57.84 33.70
C LEU G 205 -34.44 56.36 34.06
N ALA G 206 -33.23 55.81 33.92
CA ALA G 206 -32.98 54.42 34.27
C ALA G 206 -33.39 54.09 35.69
N LEU G 207 -33.07 54.98 36.59
CA LEU G 207 -33.47 54.77 38.00
C LEU G 207 -34.97 54.86 38.28
N LEU G 208 -35.63 55.80 37.64
CA LEU G 208 -37.07 56.04 37.85
C LEU G 208 -37.98 55.07 37.09
N ASP G 209 -37.49 54.54 35.99
CA ASP G 209 -38.26 53.61 35.22
C ASP G 209 -38.42 52.27 35.89
N PRO G 210 -39.66 51.85 36.23
CA PRO G 210 -39.82 50.58 36.95
C PRO G 210 -39.57 49.34 36.11
N GLY G 211 -39.48 49.48 34.80
CA GLY G 211 -39.13 48.34 33.93
C GLY G 211 -37.64 48.15 33.73
N VAL G 212 -36.83 48.95 34.43
CA VAL G 212 -35.38 48.84 34.42
C VAL G 212 -34.88 48.29 35.78
N ARG G 213 -34.08 47.24 35.70
CA ARG G 213 -33.59 46.51 36.90
C ARG G 213 -32.10 46.70 37.06
N VAL G 214 -31.40 46.87 35.96
CA VAL G 214 -29.97 47.06 35.89
C VAL G 214 -29.58 48.07 34.83
N GLY G 215 -28.44 48.71 35.04
CA GLY G 215 -27.90 49.65 34.05
C GLY G 215 -26.66 49.18 33.36
N LEU G 216 -26.45 49.66 32.14
CA LEU G 216 -25.29 49.34 31.32
C LEU G 216 -24.79 50.60 30.71
N LEU G 217 -23.52 50.87 30.90
CA LEU G 217 -22.87 52.01 30.23
C LEU G 217 -21.79 51.50 29.29
N ARG G 218 -21.84 51.97 28.06
CA ARG G 218 -20.99 51.49 27.02
C ARG G 218 -20.76 52.56 25.96
N GLY G 219 -19.58 52.54 25.36
CA GLY G 219 -19.29 53.47 24.29
C GLY G 219 -19.85 52.99 22.97
N GLY G 220 -20.34 53.91 22.17
CA GLY G 220 -20.93 53.56 20.87
C GLY G 220 -19.90 53.52 19.73
N VAL G 221 -20.34 53.04 18.57
CA VAL G 221 -19.49 52.94 17.39
C VAL G 221 -19.02 54.33 16.96
N MET G 222 -17.73 54.47 16.73
CA MET G 222 -17.15 55.77 16.35
C MET G 222 -17.15 55.96 14.83
N SER G 223 -17.05 57.22 14.41
CA SER G 223 -17.10 57.60 12.98
C SER G 223 -15.87 58.39 12.49
N HIS G 224 -15.15 59.05 13.39
CA HIS G 224 -13.80 59.59 13.10
C HIS G 224 -12.90 58.54 12.37
N PRO G 225 -12.18 58.98 11.29
CA PRO G 225 -11.43 58.01 10.42
C PRO G 225 -10.45 57.06 11.11
N ARG G 226 -9.76 57.56 12.16
CA ARG G 226 -8.79 56.77 12.91
C ARG G 226 -9.47 55.62 13.77
N TYR G 227 -10.79 55.73 13.96
CA TYR G 227 -11.59 54.73 14.74
C TYR G 227 -12.83 54.17 14.03
N ARG G 228 -12.97 54.43 12.73
CA ARG G 228 -14.23 54.12 12.02
C ARG G 228 -14.66 52.66 12.21
N GLY G 229 -15.91 52.47 12.66
CA GLY G 229 -16.49 51.13 12.92
C GLY G 229 -16.10 50.47 14.26
N LYS G 230 -15.27 51.14 15.05
CA LYS G 230 -14.83 50.63 16.37
C LYS G 230 -15.55 51.37 17.53
N ARG G 231 -15.96 50.63 18.55
CA ARG G 231 -16.44 51.26 19.78
C ARG G 231 -15.32 51.86 20.64
N VAL G 232 -15.62 52.99 21.27
CA VAL G 232 -14.71 53.64 22.19
C VAL G 232 -15.45 54.18 23.40
N PHE G 233 -14.96 53.86 24.59
CA PHE G 233 -15.64 54.23 25.83
C PHE G 233 -15.52 55.72 26.13
N SER G 234 -14.33 56.23 26.43
CA SER G 234 -14.14 57.66 26.65
C SER G 234 -12.69 58.10 26.48
N ALA G 235 -12.52 59.26 25.86
CA ALA G 235 -11.26 59.99 25.78
C ALA G 235 -11.24 61.14 26.78
N GLY G 236 -12.15 61.14 27.74
CA GLY G 236 -12.09 62.11 28.83
C GLY G 236 -12.50 63.53 28.43
N ILE G 237 -12.12 64.51 29.23
CA ILE G 237 -12.65 65.87 29.08
C ILE G 237 -12.28 66.49 27.75
N ASN G 238 -13.23 67.22 27.18
CA ASN G 238 -12.98 67.97 25.93
C ASN G 238 -11.94 69.07 26.18
N LEU G 239 -10.69 68.80 25.78
CA LEU G 239 -9.56 69.72 25.96
C LEU G 239 -9.64 71.00 25.09
N LYS G 240 -10.22 70.88 23.91
CA LYS G 240 -10.46 72.03 23.04
C LYS G 240 -11.36 73.04 23.74
N TYR G 241 -12.50 72.53 24.19
CA TYR G 241 -13.50 73.37 24.90
C TYR G 241 -12.88 73.97 26.15
N LEU G 242 -12.12 73.17 26.89
CA LEU G 242 -11.49 73.63 28.11
C LEU G 242 -10.60 74.87 27.81
N SER G 243 -9.83 74.80 26.73
CA SER G 243 -8.96 75.91 26.27
C SER G 243 -9.72 77.17 25.87
N GLN G 244 -10.80 76.93 25.13
CA GLN G 244 -11.73 77.96 24.62
C GLN G 244 -12.63 78.57 25.69
N GLY G 245 -12.58 78.04 26.91
CA GLY G 245 -13.30 78.62 28.05
C GLY G 245 -14.65 77.99 28.34
N GLY G 246 -14.98 76.90 27.64
CA GLY G 246 -16.32 76.31 27.71
C GLY G 246 -16.56 75.19 28.73
N ILE G 247 -15.60 74.95 29.65
CA ILE G 247 -15.77 73.93 30.71
C ILE G 247 -16.06 74.67 31.97
N SER G 248 -17.27 74.46 32.44
CA SER G 248 -17.75 75.08 33.61
C SER G 248 -17.35 74.30 34.87
N LEU G 249 -16.76 75.02 35.84
CA LEU G 249 -16.49 74.48 37.13
C LEU G 249 -17.74 73.85 37.75
N VAL G 250 -18.80 74.63 37.78
CA VAL G 250 -20.05 74.23 38.43
C VAL G 250 -20.92 73.29 37.59
N ASP G 251 -21.14 73.64 36.34
CA ASP G 251 -22.07 72.90 35.51
C ASP G 251 -21.48 71.67 34.80
N PHE G 252 -20.16 71.56 34.80
CA PHE G 252 -19.49 70.35 34.36
C PHE G 252 -18.79 69.63 35.54
N LEU G 253 -17.78 70.24 36.14
CA LEU G 253 -16.86 69.49 37.02
C LEU G 253 -17.52 69.07 38.31
N MET G 254 -18.32 69.96 38.92
CA MET G 254 -18.99 69.61 40.16
C MET G 254 -20.28 68.88 39.87
N ARG G 255 -20.99 69.29 38.83
CA ARG G 255 -22.24 68.71 38.52
C ARG G 255 -22.11 67.21 38.32
N ARG G 256 -21.13 66.79 37.55
CA ARG G 256 -20.98 65.33 37.27
C ARG G 256 -20.67 64.55 38.53
N GLU G 257 -19.84 65.11 39.41
CA GLU G 257 -19.46 64.39 40.60
C GLU G 257 -20.60 64.23 41.57
N LEU G 258 -21.37 65.32 41.75
CA LEU G 258 -22.46 65.37 42.75
C LEU G 258 -23.78 64.91 42.21
N GLY G 259 -23.86 64.76 40.90
CA GLY G 259 -25.08 64.32 40.19
C GLY G 259 -25.00 62.88 39.72
N TYR G 260 -24.77 62.67 38.43
CA TYR G 260 -24.97 61.35 37.89
C TYR G 260 -24.02 60.32 38.46
N ILE G 261 -22.79 60.72 38.70
CA ILE G 261 -21.78 59.82 39.28
C ILE G 261 -22.10 59.39 40.71
N HIS G 262 -22.56 60.35 41.50
CA HIS G 262 -23.05 60.07 42.84
C HIS G 262 -24.35 59.29 42.82
N LYS G 263 -25.14 59.47 41.78
CA LYS G 263 -26.39 58.70 41.68
C LYS G 263 -26.15 57.29 41.33
N LEU G 264 -25.11 57.05 40.54
CA LEU G 264 -24.74 55.66 40.26
C LEU G 264 -24.49 54.93 41.58
N VAL G 265 -23.86 55.62 42.50
CA VAL G 265 -23.52 55.04 43.75
C VAL G 265 -24.84 54.95 44.56
N ARG G 266 -25.42 56.11 44.89
CA ARG G 266 -26.43 56.21 45.92
C ARG G 266 -27.89 56.24 45.48
N GLY G 267 -28.15 56.31 44.18
CA GLY G 267 -29.45 56.33 43.64
C GLY G 267 -30.07 57.71 43.68
N VAL G 268 -31.32 57.82 43.22
CA VAL G 268 -32.03 59.10 43.19
C VAL G 268 -32.86 59.24 44.40
N LEU G 269 -32.71 60.39 45.07
CA LEU G 269 -33.59 60.78 46.17
C LEU G 269 -35.00 61.17 45.60
N THR G 270 -36.04 60.44 46.01
CA THR G 270 -37.41 60.73 45.58
C THR G 270 -38.16 61.40 46.71
N ASN G 271 -39.32 61.95 46.38
CA ASN G 271 -40.25 62.42 47.46
C ASN G 271 -40.90 61.22 48.09
N ASP G 272 -41.39 61.42 49.31
CA ASP G 272 -42.21 60.43 50.06
C ASP G 272 -43.51 60.03 49.33
N ASP G 273 -43.43 59.29 48.24
CA ASP G 273 -44.61 59.08 47.35
C ASP G 273 -44.87 57.61 47.01
N ARG G 274 -44.40 56.70 47.86
CA ARG G 274 -44.46 55.27 47.57
C ARG G 274 -44.27 54.46 48.84
N PRO G 275 -44.76 53.21 48.88
CA PRO G 275 -44.46 52.36 50.03
C PRO G 275 -42.94 52.14 50.20
N GLY G 276 -42.49 51.92 51.43
CA GLY G 276 -41.08 51.60 51.66
C GLY G 276 -40.13 52.78 51.65
N TRP G 277 -40.65 53.99 51.38
CA TRP G 277 -39.81 55.18 51.32
C TRP G 277 -39.08 55.41 52.65
N TRP G 278 -39.74 55.06 53.75
CA TRP G 278 -39.15 55.16 55.08
C TRP G 278 -37.85 54.29 55.29
N HIS G 279 -37.70 53.20 54.54
CA HIS G 279 -36.46 52.43 54.55
C HIS G 279 -35.59 52.67 53.33
N SER G 280 -36.15 53.19 52.23
CA SER G 280 -35.42 53.38 50.99
C SER G 280 -35.89 54.65 50.33
N PRO G 281 -35.45 55.78 50.86
CA PRO G 281 -35.74 57.08 50.25
C PRO G 281 -35.12 57.28 48.87
N ARG G 282 -34.12 56.46 48.55
CA ARG G 282 -33.42 56.56 47.28
C ARG G 282 -33.65 55.34 46.51
N ILE G 283 -33.81 55.50 45.22
CA ILE G 283 -33.92 54.38 44.35
C ILE G 283 -32.56 54.17 43.73
N GLU G 284 -31.97 53.04 44.04
CA GLU G 284 -30.68 52.67 43.50
C GLU G 284 -30.78 51.45 42.73
N LYS G 285 -29.94 51.34 41.70
CA LYS G 285 -29.81 50.08 40.98
C LYS G 285 -28.33 49.76 40.65
N PRO G 286 -28.02 48.48 40.36
CA PRO G 286 -26.71 48.14 39.94
C PRO G 286 -26.40 48.52 38.52
N TRP G 287 -25.11 48.76 38.29
CA TRP G 287 -24.60 49.20 37.01
C TRP G 287 -23.41 48.42 36.51
N VAL G 288 -23.44 48.12 35.25
CA VAL G 288 -22.34 47.41 34.55
C VAL G 288 -21.74 48.35 33.53
N ALA G 289 -20.41 48.40 33.47
CA ALA G 289 -19.71 49.21 32.44
C ALA G 289 -18.90 48.25 31.58
N ALA G 290 -18.91 48.49 30.27
CA ALA G 290 -18.15 47.70 29.29
C ALA G 290 -17.22 48.65 28.53
N VAL G 291 -15.94 48.39 28.59
CA VAL G 291 -14.95 49.29 28.10
C VAL G 291 -14.32 48.76 26.79
N ASP G 292 -14.63 49.44 25.67
CA ASP G 292 -14.06 49.18 24.36
C ASP G 292 -13.02 50.26 24.08
N GLY G 293 -11.88 49.83 23.51
CA GLY G 293 -10.80 50.74 23.10
C GLY G 293 -10.01 51.27 24.28
N PHE G 294 -10.60 52.19 25.01
CA PHE G 294 -9.99 52.73 26.18
C PHE G 294 -10.91 53.54 27.02
N ALA G 295 -10.52 53.71 28.25
CA ALA G 295 -11.15 54.66 29.13
C ALA G 295 -10.06 55.61 29.60
N ILE G 296 -10.16 56.89 29.22
CA ILE G 296 -9.21 57.93 29.62
C ILE G 296 -9.86 59.04 30.47
N GLY G 297 -9.14 59.49 31.46
CA GLY G 297 -9.56 60.62 32.25
C GLY G 297 -10.92 60.43 32.91
N GLY G 298 -11.86 61.31 32.61
CA GLY G 298 -13.20 61.28 33.22
C GLY G 298 -13.91 59.96 32.97
N GLY G 299 -13.66 59.34 31.83
CA GLY G 299 -14.12 57.97 31.57
C GLY G 299 -13.52 56.89 32.45
N ALA G 300 -12.23 56.97 32.73
CA ALA G 300 -11.58 56.01 33.69
C ALA G 300 -12.11 56.23 35.10
N GLN G 301 -12.34 57.48 35.46
CA GLN G 301 -12.91 57.84 36.74
C GLN G 301 -14.24 57.13 36.96
N LEU G 302 -15.02 56.99 35.90
CA LEU G 302 -16.34 56.42 36.07
C LEU G 302 -16.30 55.00 36.51
N LEU G 303 -15.28 54.27 36.10
CA LEU G 303 -15.17 52.82 36.40
C LEU G 303 -15.07 52.52 37.88
N LEU G 304 -14.71 53.51 38.69
CA LEU G 304 -14.55 53.34 40.16
C LEU G 304 -15.86 53.25 40.95
N VAL G 305 -16.97 53.26 40.23
CA VAL G 305 -18.32 53.40 40.78
C VAL G 305 -19.29 52.33 40.28
N PHE G 306 -18.86 51.47 39.37
CA PHE G 306 -19.69 50.44 38.85
C PHE G 306 -19.70 49.18 39.69
N ASP G 307 -20.77 48.40 39.57
CA ASP G 307 -20.88 47.09 40.28
C ASP G 307 -20.17 45.94 39.58
N ARG G 308 -20.06 46.07 38.28
CA ARG G 308 -19.32 45.14 37.47
C ARG G 308 -18.65 45.92 36.27
N VAL G 309 -17.42 45.57 35.88
CA VAL G 309 -16.69 46.23 34.87
C VAL G 309 -16.05 45.19 33.96
N LEU G 310 -16.36 45.32 32.66
CA LEU G 310 -15.87 44.41 31.62
C LEU G 310 -15.05 45.22 30.64
N ALA G 311 -14.02 44.63 30.11
CA ALA G 311 -13.21 45.31 29.19
C ALA G 311 -12.71 44.38 28.11
N SER G 312 -12.49 44.98 26.98
CA SER G 312 -11.99 44.29 25.86
C SER G 312 -10.54 44.00 26.10
N SER G 313 -10.08 42.87 25.57
CA SER G 313 -8.62 42.53 25.66
C SER G 313 -7.61 43.62 25.28
N ASP G 314 -7.99 44.49 24.37
CA ASP G 314 -7.09 45.48 23.78
C ASP G 314 -7.20 46.84 24.43
N ALA G 315 -8.01 46.94 25.48
CA ALA G 315 -8.28 48.20 26.10
C ALA G 315 -7.24 48.59 27.10
N TYR G 316 -7.23 49.87 27.41
CA TYR G 316 -6.41 50.38 28.45
C TYR G 316 -7.13 51.42 29.27
N PHE G 317 -6.60 51.68 30.45
N PHE G 317 -6.61 51.66 30.47
CA PHE G 317 -7.16 52.64 31.38
CA PHE G 317 -7.14 52.59 31.47
C PHE G 317 -6.08 53.64 31.76
C PHE G 317 -6.08 53.63 31.75
N SER G 318 -6.37 54.92 31.61
CA SER G 318 -5.42 55.97 32.06
C SER G 318 -6.04 57.22 32.59
N LEU G 319 -5.28 57.88 33.46
CA LEU G 319 -5.55 59.24 33.98
C LEU G 319 -4.24 59.99 33.65
N PRO G 320 -4.12 60.48 32.40
CA PRO G 320 -2.84 60.85 31.82
C PRO G 320 -2.21 62.20 32.18
N ALA G 321 -2.99 63.19 32.63
CA ALA G 321 -2.50 64.56 32.77
C ALA G 321 -1.75 64.79 34.07
N ALA G 322 -0.66 64.09 34.19
CA ALA G 322 0.04 63.98 35.48
C ALA G 322 0.89 65.20 35.74
N LYS G 323 1.45 65.74 34.67
CA LYS G 323 2.35 66.89 34.75
C LYS G 323 1.63 68.22 34.76
N GLU G 324 0.59 68.38 33.94
CA GLU G 324 -0.05 69.71 33.73
C GLU G 324 -1.57 69.69 33.64
N GLY G 325 -2.19 68.71 34.29
CA GLY G 325 -3.64 68.56 34.23
C GLY G 325 -4.35 69.00 35.47
N ILE G 326 -5.65 68.94 35.34
CA ILE G 326 -6.55 69.17 36.46
C ILE G 326 -6.62 67.94 37.32
N ILE G 327 -7.26 68.05 38.47
CA ILE G 327 -7.46 66.87 39.31
C ILE G 327 -8.48 65.93 38.57
N PRO G 328 -8.18 64.62 38.43
CA PRO G 328 -9.09 63.67 37.78
C PRO G 328 -10.29 63.30 38.67
N GLY G 329 -11.17 64.28 38.87
CA GLY G 329 -12.35 64.11 39.64
C GLY G 329 -12.13 63.49 40.99
N ALA G 330 -12.91 62.46 41.25
CA ALA G 330 -12.86 61.73 42.49
C ALA G 330 -11.99 60.50 42.38
N ALA G 331 -11.25 60.34 41.29
CA ALA G 331 -10.25 59.24 41.27
C ALA G 331 -9.33 59.37 42.49
N ASN G 332 -8.96 60.58 42.89
CA ASN G 332 -8.01 60.70 44.03
C ASN G 332 -8.65 60.17 45.30
N LEU G 333 -9.96 60.20 45.33
CA LEU G 333 -10.71 59.74 46.50
C LEU G 333 -10.82 58.24 46.46
N ARG G 334 -11.09 57.71 45.29
CA ARG G 334 -11.53 56.34 45.15
C ARG G 334 -10.44 55.34 44.75
N LEU G 335 -9.48 55.79 43.96
CA LEU G 335 -8.55 54.88 43.33
C LEU G 335 -7.74 54.07 44.36
N GLY G 336 -7.36 54.70 45.45
CA GLY G 336 -6.56 54.06 46.49
C GLY G 336 -7.17 52.82 47.08
N ARG G 337 -8.46 52.85 47.25
CA ARG G 337 -9.24 51.73 47.77
C ARG G 337 -9.17 50.57 46.77
N PHE G 338 -9.05 50.88 45.49
CA PHE G 338 -9.02 49.83 44.42
C PHE G 338 -7.65 49.28 44.23
N ALA G 339 -6.67 50.16 44.30
CA ALA G 339 -5.31 49.80 43.86
C ALA G 339 -4.20 50.01 44.92
N GLY G 340 -4.52 50.62 46.05
CA GLY G 340 -3.55 50.92 47.06
C GLY G 340 -2.79 52.18 46.69
N PRO G 341 -2.01 52.72 47.62
CA PRO G 341 -1.38 54.02 47.46
C PRO G 341 -0.21 54.07 46.51
N ARG G 342 0.43 52.93 46.28
CA ARG G 342 1.56 52.92 45.33
C ARG G 342 1.08 52.98 43.92
N VAL G 343 0.20 52.07 43.55
CA VAL G 343 -0.36 52.08 42.18
C VAL G 343 -1.23 53.32 41.88
N SER G 344 -1.98 53.76 42.87
CA SER G 344 -2.78 54.98 42.79
C SER G 344 -1.85 56.15 42.37
N ARG G 345 -0.69 56.26 43.00
CA ARG G 345 0.25 57.37 42.68
C ARG G 345 0.96 57.15 41.41
N GLN G 346 1.23 55.90 41.07
CA GLN G 346 1.79 55.65 39.76
C GLN G 346 0.87 56.15 38.65
N VAL G 347 -0.40 55.90 38.83
CA VAL G 347 -1.37 56.22 37.83
C VAL G 347 -1.66 57.74 37.79
N ILE G 348 -1.87 58.33 38.95
CA ILE G 348 -2.26 59.72 39.00
C ILE G 348 -1.07 60.68 39.02
N LEU G 349 -0.10 60.50 39.90
CA LEU G 349 1.07 61.38 39.92
C LEU G 349 2.00 61.23 38.75
N GLU G 350 2.10 60.03 38.17
CA GLU G 350 3.05 59.77 37.07
C GLU G 350 2.45 59.26 35.79
N GLY G 351 1.15 59.10 35.71
CA GLY G 351 0.47 58.90 34.41
C GLY G 351 0.62 57.51 33.90
N ARG G 352 0.80 56.56 34.78
CA ARG G 352 0.94 55.21 34.34
C ARG G 352 -0.38 54.74 33.75
N ARG G 353 -0.26 54.15 32.60
CA ARG G 353 -1.35 53.62 31.88
C ARG G 353 -1.43 52.13 32.12
N ILE G 354 -2.64 51.60 32.30
CA ILE G 354 -2.85 50.20 32.68
C ILE G 354 -3.61 49.47 31.62
N TRP G 355 -3.08 48.35 31.18
CA TRP G 355 -3.63 47.60 30.07
C TRP G 355 -4.50 46.47 30.53
N ALA G 356 -5.55 46.21 29.78
CA ALA G 356 -6.59 45.25 30.20
C ALA G 356 -6.04 43.90 30.51
N LYS G 357 -5.00 43.52 29.77
CA LYS G 357 -4.40 42.20 29.93
C LYS G 357 -3.32 42.05 31.01
N GLU G 358 -2.87 43.16 31.61
CA GLU G 358 -1.88 43.01 32.68
C GLU G 358 -2.57 42.59 33.96
N PRO G 359 -1.85 41.87 34.86
CA PRO G 359 -2.49 41.43 36.14
C PRO G 359 -3.13 42.54 36.93
N GLU G 360 -2.51 43.72 36.98
CA GLU G 360 -3.06 44.84 37.76
C GLU G 360 -4.37 45.40 37.20
N ALA G 361 -4.76 45.05 35.96
CA ALA G 361 -6.10 45.43 35.44
C ALA G 361 -7.20 44.85 36.28
N ARG G 362 -6.92 43.72 36.92
CA ARG G 362 -7.90 43.08 37.81
C ARG G 362 -8.24 43.88 39.02
N LEU G 363 -7.45 44.90 39.32
CA LEU G 363 -7.76 45.85 40.38
C LEU G 363 -8.94 46.74 40.04
N LEU G 364 -9.18 46.93 38.74
CA LEU G 364 -10.17 47.83 38.19
C LEU G 364 -11.28 47.19 37.38
N VAL G 365 -11.01 46.00 36.87
CA VAL G 365 -11.81 45.36 35.89
C VAL G 365 -12.10 43.96 36.37
N ASP G 366 -13.34 43.51 36.24
CA ASP G 366 -13.76 42.20 36.71
C ASP G 366 -13.54 41.13 35.65
N GLU G 367 -13.74 41.47 34.40
CA GLU G 367 -13.62 40.50 33.29
C GLU G 367 -12.98 41.14 32.10
N VAL G 368 -12.04 40.43 31.50
CA VAL G 368 -11.37 40.88 30.31
C VAL G 368 -11.57 39.81 29.27
N VAL G 369 -12.06 40.23 28.12
CA VAL G 369 -12.62 39.25 27.18
C VAL G 369 -12.24 39.68 25.79
N GLU G 370 -12.00 38.71 24.94
CA GLU G 370 -11.62 38.99 23.54
C GLU G 370 -12.77 39.72 22.86
N PRO G 371 -12.49 40.69 21.96
CA PRO G 371 -13.52 41.46 21.21
C PRO G 371 -14.71 40.67 20.70
N ASP G 372 -14.48 39.48 20.21
CA ASP G 372 -15.54 38.64 19.67
C ASP G 372 -16.37 37.86 20.68
N GLU G 373 -15.95 37.87 21.94
CA GLU G 373 -16.69 37.22 23.06
C GLU G 373 -17.39 38.21 23.97
N LEU G 374 -17.16 39.48 23.71
CA LEU G 374 -17.50 40.56 24.62
C LEU G 374 -18.95 40.86 24.76
N ASP G 375 -19.64 40.94 23.63
CA ASP G 375 -21.12 41.20 23.62
C ASP G 375 -21.82 40.21 24.47
N ALA G 376 -21.47 38.96 24.30
CA ALA G 376 -22.15 37.86 25.01
C ALA G 376 -21.82 37.88 26.50
N ALA G 377 -20.58 38.24 26.84
CA ALA G 377 -20.16 38.34 28.25
C ALA G 377 -20.89 39.48 28.97
N ILE G 378 -21.00 40.60 28.28
CA ILE G 378 -21.83 41.71 28.77
C ILE G 378 -23.26 41.23 29.04
N GLU G 379 -23.89 40.55 28.06
CA GLU G 379 -25.26 40.04 28.26
C GLU G 379 -25.39 39.10 29.46
N ARG G 380 -24.47 38.16 29.62
CA ARG G 380 -24.44 37.30 30.85
C ARG G 380 -24.30 38.08 32.14
N SER G 381 -23.40 39.05 32.16
CA SER G 381 -23.17 39.87 33.38
C SER G 381 -24.45 40.61 33.84
N LEU G 382 -25.26 41.01 32.89
CA LEU G 382 -26.53 41.75 33.16
C LEU G 382 -27.62 40.92 33.80
N THR G 383 -27.65 39.66 33.43
CA THR G 383 -28.54 38.72 34.11
C THR G 383 -28.09 38.38 35.56
N ARG G 384 -26.83 38.58 35.92
CA ARG G 384 -26.39 38.13 37.27
C ARG G 384 -26.65 39.14 38.41
N LEU G 385 -27.14 40.32 38.10
CA LEU G 385 -27.29 41.41 39.03
C LEU G 385 -28.74 41.86 39.34
N ASP G 386 -29.72 40.99 39.08
CA ASP G 386 -31.16 41.28 39.05
C ASP G 386 -31.83 41.46 40.39
N GLY G 387 -31.50 40.66 41.36
CA GLY G 387 -32.51 40.61 42.47
C GLY G 387 -32.60 41.78 43.46
N ASP G 388 -33.33 41.51 44.54
CA ASP G 388 -33.30 42.32 45.77
C ASP G 388 -32.12 42.09 46.72
N ALA G 389 -31.51 40.92 46.65
CA ALA G 389 -30.32 40.64 47.45
C ALA G 389 -29.16 41.53 47.00
N VAL G 390 -29.01 41.62 45.69
CA VAL G 390 -28.03 42.52 45.13
C VAL G 390 -28.24 43.97 45.58
N LEU G 391 -29.47 44.47 45.50
CA LEU G 391 -29.75 45.84 45.92
C LEU G 391 -29.37 46.11 47.33
N ALA G 392 -29.75 45.22 48.21
CA ALA G 392 -29.41 45.41 49.64
C ALA G 392 -27.91 45.32 49.85
N ASN G 393 -27.28 44.31 49.24
CA ASN G 393 -25.87 44.16 49.40
C ASN G 393 -25.08 45.32 48.84
N ARG G 394 -25.46 45.85 47.68
CA ARG G 394 -24.60 46.89 47.09
C ARG G 394 -24.75 48.17 47.88
N ARG G 395 -25.91 48.35 48.47
CA ARG G 395 -26.09 49.49 49.34
C ARG G 395 -25.19 49.45 50.55
N MET G 396 -25.11 48.28 51.16
CA MET G 396 -24.27 48.09 52.37
C MET G 396 -22.81 48.21 51.98
N LEU G 397 -22.45 47.60 50.84
CA LEU G 397 -21.08 47.73 50.34
C LEU G 397 -20.65 49.16 50.14
N ASN G 398 -21.50 49.93 49.53
CA ASN G 398 -21.17 51.34 49.16
C ASN G 398 -21.08 52.24 50.32
N LEU G 399 -21.97 52.02 51.25
CA LEU G 399 -21.90 52.64 52.55
C LEU G 399 -20.53 52.36 53.31
N ALA G 400 -20.06 51.14 53.30
CA ALA G 400 -18.78 50.82 53.93
C ALA G 400 -17.63 51.41 53.14
N ASP G 401 -17.70 51.31 51.82
CA ASP G 401 -16.58 51.72 50.96
C ASP G 401 -16.35 53.22 51.04
N GLU G 402 -17.42 53.98 51.11
CA GLU G 402 -17.33 55.43 50.98
C GLU G 402 -18.32 56.10 51.83
N SER G 403 -17.88 56.65 52.95
CA SER G 403 -18.83 57.21 53.91
C SER G 403 -19.34 58.51 53.36
N PRO G 404 -20.56 58.90 53.75
CA PRO G 404 -21.03 60.21 53.32
C PRO G 404 -20.08 61.33 53.73
N ASP G 405 -19.56 61.27 54.96
CA ASP G 405 -18.61 62.27 55.40
C ASP G 405 -17.39 62.28 54.51
N GLY G 406 -16.92 61.10 54.14
CA GLY G 406 -15.65 60.98 53.42
C GLY G 406 -15.80 61.65 52.06
N PHE G 407 -16.90 61.33 51.43
CA PHE G 407 -17.22 61.90 50.13
C PHE G 407 -17.36 63.40 50.19
N ARG G 408 -18.12 63.85 51.19
CA ARG G 408 -18.40 65.27 51.36
C ARG G 408 -17.13 66.06 51.67
N ALA G 409 -16.30 65.57 52.61
CA ALA G 409 -15.06 66.25 52.95
C ALA G 409 -14.16 66.42 51.73
N TYR G 410 -14.09 65.37 50.90
CA TYR G 410 -13.27 65.39 49.72
C TYR G 410 -13.83 66.40 48.75
N MET G 411 -15.12 66.24 48.43
CA MET G 411 -15.73 67.16 47.44
C MET G 411 -15.59 68.62 47.91
N ALA G 412 -15.64 68.85 49.23
CA ALA G 412 -15.46 70.22 49.75
C ALA G 412 -14.10 70.81 49.36
N GLU G 413 -13.03 70.10 49.65
CA GLU G 413 -11.69 70.55 49.21
C GLU G 413 -11.54 70.58 47.67
N PHE G 414 -12.08 69.57 47.02
CA PHE G 414 -12.00 69.51 45.56
C PHE G 414 -12.59 70.74 44.89
N ALA G 415 -13.72 71.21 45.43
CA ALA G 415 -14.43 72.38 44.85
C ALA G 415 -13.47 73.56 44.63
N LEU G 416 -12.64 73.81 45.60
CA LEU G 416 -11.68 74.89 45.51
C LEU G 416 -10.39 74.50 44.85
N MET G 417 -9.84 73.35 45.20
CA MET G 417 -8.62 72.89 44.56
C MET G 417 -8.77 72.82 43.06
N GLN G 418 -9.90 72.28 42.59
CA GLN G 418 -10.10 72.12 41.17
C GLN G 418 -10.31 73.47 40.46
N ALA G 419 -11.02 74.38 41.15
CA ALA G 419 -11.23 75.72 40.66
C ALA G 419 -9.87 76.36 40.38
N LEU G 420 -8.96 76.26 41.34
CA LEU G 420 -7.60 76.81 41.18
C LEU G 420 -6.77 76.16 40.07
N ARG G 421 -6.93 74.85 39.90
CA ARG G 421 -6.27 74.17 38.78
C ARG G 421 -6.87 74.58 37.45
N LEU G 422 -8.17 74.82 37.46
CA LEU G 422 -8.89 75.22 36.20
C LEU G 422 -8.33 76.52 35.60
N TYR G 423 -7.64 77.29 36.42
CA TYR G 423 -7.07 78.59 36.04
C TYR G 423 -5.56 78.61 36.23
N GLY G 424 -4.93 77.45 36.39
CA GLY G 424 -3.49 77.39 36.55
C GLY G 424 -2.83 77.62 35.21
N HIS G 425 -1.71 78.32 35.23
CA HIS G 425 -1.02 78.68 33.97
C HIS G 425 -0.55 77.44 33.20
N ASP G 426 -0.10 76.44 33.95
CA ASP G 426 0.38 75.18 33.38
C ASP G 426 -0.70 74.43 32.59
N VAL G 427 -1.91 74.43 33.16
CA VAL G 427 -3.08 73.77 32.56
C VAL G 427 -3.50 74.49 31.30
N ILE G 428 -3.59 75.80 31.38
CA ILE G 428 -4.01 76.66 30.25
C ILE G 428 -3.05 76.52 29.05
N ASP G 429 -1.74 76.45 29.34
CA ASP G 429 -0.70 76.17 28.32
C ASP G 429 -0.87 74.77 27.66
N LYS G 430 -0.94 73.70 28.48
CA LYS G 430 -1.06 72.29 27.97
C LYS G 430 -2.26 72.15 27.04
N VAL G 431 -3.38 72.57 27.59
CA VAL G 431 -4.69 72.51 26.91
C VAL G 431 -4.75 73.26 25.56
N GLY G 432 -4.10 74.43 25.50
CA GLY G 432 -4.01 75.23 24.27
C GLY G 432 -3.25 74.55 23.15
N ARG G 433 -2.34 73.64 23.50
CA ARG G 433 -1.52 72.90 22.51
C ARG G 433 -2.22 71.69 21.93
N PHE G 434 -3.39 71.33 22.46
CA PHE G 434 -4.03 70.07 22.05
C PHE G 434 -4.59 70.09 20.63
N THR H 13 -13.27 71.65 92.51
CA THR H 13 -14.70 71.80 91.98
C THR H 13 -15.49 70.49 92.00
N ASP H 14 -14.95 69.47 91.33
CA ASP H 14 -15.52 68.13 91.32
C ASP H 14 -14.60 67.12 92.07
N GLY H 15 -13.48 67.58 92.64
CA GLY H 15 -12.69 66.76 93.53
C GLY H 15 -11.44 66.11 92.92
N LEU H 16 -11.34 66.12 91.57
CA LEU H 16 -10.36 65.32 90.85
C LEU H 16 -8.95 65.89 90.94
N TRP H 17 -8.83 67.19 90.83
CA TRP H 17 -7.51 67.80 90.99
C TRP H 17 -6.92 67.50 92.39
N ALA H 18 -7.77 67.64 93.40
CA ALA H 18 -7.33 67.40 94.78
C ALA H 18 -6.95 65.94 94.96
N ALA H 19 -7.76 65.04 94.41
CA ALA H 19 -7.48 63.61 94.58
C ALA H 19 -6.17 63.23 93.87
N LEU H 20 -5.97 63.80 92.68
CA LEU H 20 -4.72 63.62 91.95
C LEU H 20 -3.52 64.14 92.75
N THR H 21 -3.63 65.38 93.24
CA THR H 21 -2.57 66.01 94.03
C THR H 21 -2.19 65.09 95.24
N GLU H 22 -3.21 64.59 95.90
CA GLU H 22 -3.05 63.61 96.99
C GLU H 22 -2.32 62.32 96.52
N ALA H 23 -2.77 61.70 95.43
CA ALA H 23 -2.12 60.48 94.92
C ALA H 23 -0.67 60.68 94.44
N ALA H 24 -0.39 61.82 93.83
CA ALA H 24 0.99 62.18 93.47
C ALA H 24 1.88 62.32 94.72
N ALA H 25 1.32 62.84 95.82
CA ALA H 25 2.10 63.05 97.08
C ALA H 25 2.43 61.74 97.72
N SER H 26 1.46 60.81 97.78
CA SER H 26 1.75 59.42 98.24
C SER H 26 2.85 58.77 97.40
N VAL H 27 2.88 59.06 96.09
CA VAL H 27 3.95 58.55 95.24
C VAL H 27 5.29 59.14 95.70
N GLU H 28 5.36 60.46 95.84
CA GLU H 28 6.64 61.12 96.23
C GLU H 28 7.12 60.64 97.58
N LYS H 29 6.18 60.42 98.51
CA LYS H 29 6.53 60.03 99.90
C LYS H 29 7.14 58.63 99.82
N LEU H 30 6.52 57.74 99.06
CA LEU H 30 7.09 56.41 98.86
C LEU H 30 8.45 56.42 98.15
N LEU H 31 8.60 57.23 97.11
CA LEU H 31 9.87 57.28 96.42
C LEU H 31 11.00 57.85 97.32
N ALA H 32 10.66 58.86 98.11
CA ALA H 32 11.61 59.45 99.07
C ALA H 32 12.02 58.47 100.19
N THR H 33 11.09 57.63 100.64
CA THR H 33 11.33 56.73 101.75
C THR H 33 11.76 55.30 101.40
N LEU H 34 11.33 54.76 100.27
CA LEU H 34 11.71 53.37 99.97
C LEU H 34 13.15 53.34 99.43
N PRO H 35 13.74 52.13 99.43
CA PRO H 35 15.03 51.99 98.76
C PRO H 35 14.99 52.23 97.22
N GLU H 36 16.17 52.41 96.63
CA GLU H 36 16.34 52.49 95.18
C GLU H 36 15.82 51.25 94.43
N HIS H 37 15.55 51.44 93.15
CA HIS H 37 14.83 50.45 92.30
C HIS H 37 15.11 48.97 92.38
N GLY H 38 16.36 48.56 92.24
CA GLY H 38 16.75 47.17 92.34
C GLY H 38 17.04 46.63 93.73
N ALA H 39 16.77 47.41 94.76
CA ALA H 39 16.95 47.01 96.16
C ALA H 39 15.62 46.86 96.90
N ARG H 40 14.51 47.12 96.21
CA ARG H 40 13.18 47.00 96.82
C ARG H 40 12.74 45.56 96.95
N SER H 41 12.04 45.27 98.05
CA SER H 41 11.41 43.97 98.26
C SER H 41 10.11 43.91 97.45
N SER H 42 9.45 42.74 97.45
CA SER H 42 8.26 42.49 96.63
C SER H 42 7.10 43.31 97.18
N ALA H 43 6.93 43.28 98.50
CA ALA H 43 5.95 44.12 99.24
C ALA H 43 6.12 45.61 98.86
N GLU H 44 7.37 46.08 98.87
CA GLU H 44 7.71 47.45 98.49
C GLU H 44 7.41 47.73 97.00
N ARG H 45 7.87 46.83 96.15
CA ARG H 45 7.58 46.91 94.70
C ARG H 45 6.06 47.01 94.42
N ALA H 46 5.28 46.19 95.12
CA ALA H 46 3.86 46.15 94.95
C ALA H 46 3.17 47.44 95.44
N GLU H 47 3.73 48.03 96.49
CA GLU H 47 3.21 49.24 97.10
C GLU H 47 3.38 50.45 96.17
N ILE H 48 4.60 50.62 95.64
CA ILE H 48 4.89 51.72 94.75
C ILE H 48 4.14 51.56 93.41
N ALA H 49 4.03 50.31 92.93
CA ALA H 49 3.28 50.02 91.70
C ALA H 49 1.82 50.46 91.90
N ALA H 50 1.26 50.10 93.05
CA ALA H 50 -0.13 50.43 93.36
C ALA H 50 -0.32 51.95 93.50
N ALA H 51 0.69 52.64 94.01
CA ALA H 51 0.62 54.10 94.12
C ALA H 51 0.63 54.79 92.78
N HIS H 52 1.58 54.40 91.96
CA HIS H 52 1.70 54.85 90.55
C HIS H 52 0.41 54.63 89.81
N ASP H 53 -0.17 53.46 90.00
CA ASP H 53 -1.42 53.12 89.34
C ASP H 53 -2.56 54.07 89.74
N ALA H 54 -2.69 54.34 91.02
CA ALA H 54 -3.77 55.20 91.49
C ALA H 54 -3.60 56.58 90.92
N ALA H 55 -2.37 57.05 90.95
CA ALA H 55 -2.10 58.40 90.43
C ALA H 55 -2.41 58.51 88.95
N ARG H 56 -1.90 57.55 88.20
CA ARG H 56 -2.07 57.56 86.75
C ARG H 56 -3.54 57.47 86.38
N ALA H 57 -4.27 56.61 87.09
CA ALA H 57 -5.71 56.55 86.92
C ALA H 57 -6.33 57.92 87.08
N LEU H 58 -5.89 58.68 88.07
CA LEU H 58 -6.50 59.96 88.34
C LEU H 58 -6.08 60.97 87.29
N ARG H 59 -4.85 60.85 86.81
CA ARG H 59 -4.44 61.74 85.68
C ARG H 59 -5.42 61.56 84.50
N VAL H 60 -5.77 60.32 84.21
CA VAL H 60 -6.72 60.01 83.15
C VAL H 60 -8.09 60.61 83.44
N ARG H 61 -8.66 60.30 84.61
CA ARG H 61 -9.98 60.84 84.99
C ARG H 61 -10.03 62.37 85.02
N PHE H 62 -8.99 62.97 85.55
CA PHE H 62 -8.90 64.42 85.60
C PHE H 62 -9.03 64.97 84.21
N LEU H 63 -8.18 64.47 83.33
CA LEU H 63 -8.10 64.99 81.97
C LEU H 63 -9.31 64.59 81.10
N ASP H 64 -9.98 63.47 81.40
CA ASP H 64 -11.20 63.14 80.67
C ASP H 64 -12.19 64.31 80.70
N THR H 65 -12.25 65.04 81.82
CA THR H 65 -13.19 66.15 81.95
C THR H 65 -12.52 67.51 81.75
N HIS H 66 -11.23 67.64 82.07
CA HIS H 66 -10.59 68.96 82.12
C HIS H 66 -9.56 69.29 81.07
N ALA H 67 -9.35 68.40 80.11
CA ALA H 67 -8.23 68.51 79.16
C ALA H 67 -8.26 69.81 78.38
N ASP H 68 -9.44 70.16 77.84
CA ASP H 68 -9.63 71.44 77.11
C ASP H 68 -9.32 72.66 77.97
N ALA H 69 -9.79 72.67 79.22
CA ALA H 69 -9.51 73.81 80.13
C ALA H 69 -8.02 73.90 80.43
N VAL H 70 -7.41 72.73 80.66
CA VAL H 70 -5.95 72.70 80.85
C VAL H 70 -5.20 73.23 79.65
N TYR H 71 -5.59 72.77 78.47
CA TYR H 71 -4.87 73.13 77.25
C TYR H 71 -5.05 74.64 76.97
N ASP H 72 -6.28 75.10 77.16
CA ASP H 72 -6.59 76.53 77.06
C ASP H 72 -5.73 77.37 78.02
N ARG H 73 -5.51 76.92 79.25
CA ARG H 73 -4.60 77.68 80.12
C ARG H 73 -3.22 77.79 79.48
N LEU H 74 -2.69 76.68 79.00
CA LEU H 74 -1.29 76.69 78.52
C LEU H 74 -1.00 77.48 77.23
N THR H 75 -2.02 77.56 76.38
CA THR H 75 -1.95 78.12 75.02
C THR H 75 -2.80 79.37 74.82
N ASP H 76 -3.32 79.91 75.92
CA ASP H 76 -4.09 81.16 75.92
C ASP H 76 -5.30 81.01 74.99
N HIS H 77 -6.13 80.04 75.33
CA HIS H 77 -7.28 79.63 74.51
C HIS H 77 -6.90 79.45 73.04
N ARG H 78 -5.88 78.63 72.79
CA ARG H 78 -5.52 78.17 71.43
C ARG H 78 -5.11 79.30 70.51
N ARG H 79 -4.42 80.29 71.08
CA ARG H 79 -3.89 81.43 70.32
C ARG H 79 -2.38 81.45 70.26
N VAL H 80 -1.75 80.60 71.06
CA VAL H 80 -0.31 80.39 70.99
C VAL H 80 -0.06 78.92 70.64
N HIS H 81 0.67 78.69 69.54
CA HIS H 81 1.06 77.35 69.14
C HIS H 81 2.27 76.92 69.94
N LEU H 82 2.12 75.89 70.74
CA LEU H 82 3.28 75.30 71.46
C LEU H 82 3.57 73.90 70.95
N ARG H 83 4.84 73.65 70.58
CA ARG H 83 5.34 72.32 70.25
C ARG H 83 5.32 71.42 71.48
N LEU H 84 5.51 70.12 71.26
CA LEU H 84 5.33 69.09 72.29
C LEU H 84 6.20 69.34 73.52
N ALA H 85 7.47 69.60 73.29
CA ALA H 85 8.41 69.76 74.38
C ALA H 85 8.02 70.95 75.30
N GLU H 86 7.68 72.09 74.67
CA GLU H 86 7.23 73.29 75.37
C GLU H 86 5.90 73.06 76.08
N LEU H 87 4.99 72.41 75.38
CA LEU H 87 3.69 72.11 75.98
C LEU H 87 3.79 71.28 77.26
N VAL H 88 4.60 70.23 77.26
CA VAL H 88 4.65 69.35 78.44
C VAL H 88 5.42 69.96 79.61
N GLU H 89 6.43 70.75 79.28
CA GLU H 89 7.14 71.58 80.27
C GLU H 89 6.21 72.60 80.93
N ALA H 90 5.48 73.36 80.13
CA ALA H 90 4.55 74.35 80.64
C ALA H 90 3.40 73.71 81.42
N ALA H 91 2.96 72.54 81.01
CA ALA H 91 1.98 71.81 81.79
C ALA H 91 2.49 71.40 83.14
N ALA H 92 3.76 71.03 83.23
CA ALA H 92 4.34 70.55 84.49
C ALA H 92 4.39 71.68 85.54
N THR H 93 4.76 72.88 85.10
CA THR H 93 4.90 74.03 85.98
C THR H 93 3.52 74.61 86.34
N ALA H 94 2.57 74.62 85.40
CA ALA H 94 1.20 75.08 85.70
C ALA H 94 0.31 74.06 86.42
N PHE H 95 0.65 72.77 86.30
CA PHE H 95 -0.17 71.72 86.91
C PHE H 95 0.73 70.70 87.62
N PRO H 96 1.35 71.09 88.75
CA PRO H 96 2.28 70.18 89.40
C PRO H 96 1.61 68.84 89.72
N GLY H 97 2.35 67.77 89.44
CA GLY H 97 1.87 66.42 89.55
C GLY H 97 1.15 65.81 88.35
N LEU H 98 0.76 66.62 87.37
CA LEU H 98 0.02 66.12 86.20
C LEU H 98 0.97 65.38 85.25
N VAL H 99 2.10 66.03 85.01
CA VAL H 99 3.16 65.55 84.20
C VAL H 99 4.49 65.95 84.87
N PRO H 100 5.59 65.23 84.59
CA PRO H 100 6.81 65.52 85.30
C PRO H 100 7.56 66.79 84.89
N THR H 101 8.21 67.38 85.88
CA THR H 101 9.07 68.55 85.76
C THR H 101 10.33 68.19 85.02
N GLN H 102 11.04 69.22 84.53
CA GLN H 102 12.35 69.08 83.82
C GLN H 102 13.37 68.33 84.75
N GLN H 103 13.35 68.69 86.05
CA GLN H 103 14.16 68.09 87.13
C GLN H 103 13.87 66.58 87.28
N GLN H 104 12.60 66.24 87.45
CA GLN H 104 12.17 64.81 87.60
C GLN H 104 12.58 63.98 86.39
N LEU H 105 12.46 64.57 85.19
CA LEU H 105 12.91 63.90 83.95
C LEU H 105 14.40 63.71 83.87
N ALA H 106 15.17 64.67 84.34
CA ALA H 106 16.65 64.56 84.34
C ALA H 106 17.11 63.40 85.22
N VAL H 107 16.43 63.18 86.35
CA VAL H 107 16.72 62.04 87.23
C VAL H 107 16.44 60.75 86.46
N GLU H 108 15.29 60.71 85.80
CA GLU H 108 14.88 59.55 84.97
C GLU H 108 15.87 59.31 83.85
N ARG H 109 16.24 60.36 83.12
CA ARG H 109 17.17 60.25 81.98
C ARG H 109 18.54 59.73 82.39
N SER H 110 18.95 60.02 83.63
CA SER H 110 20.24 59.52 84.16
C SER H 110 20.25 58.04 84.53
N LEU H 111 19.08 57.44 84.62
CA LEU H 111 18.92 56.00 84.89
C LEU H 111 18.83 55.19 83.61
N PRO H 112 19.20 53.91 83.68
CA PRO H 112 18.83 53.00 82.56
C PRO H 112 17.33 52.66 82.60
N GLN H 113 16.69 52.36 81.43
CA GLN H 113 15.25 52.08 81.36
C GLN H 113 14.76 51.20 82.48
N ALA H 114 15.49 50.11 82.73
CA ALA H 114 15.09 49.11 83.75
C ALA H 114 14.81 49.68 85.16
N ALA H 115 15.52 50.73 85.49
CA ALA H 115 15.45 51.34 86.81
C ALA H 115 14.46 52.52 86.93
N LYS H 116 13.98 53.03 85.80
CA LYS H 116 13.08 54.18 85.78
C LYS H 116 11.73 53.90 86.44
N GLU H 117 11.15 54.93 87.02
CA GLU H 117 9.78 54.88 87.58
C GLU H 117 8.66 54.98 86.51
N GLY H 118 9.01 55.48 85.33
CA GLY H 118 8.06 55.56 84.22
C GLY H 118 7.28 56.86 84.22
N HIS H 119 7.93 57.95 84.62
CA HIS H 119 7.23 59.22 84.65
C HIS H 119 6.74 59.67 83.28
N GLU H 120 7.44 59.28 82.21
CA GLU H 120 7.02 59.60 80.82
C GLU H 120 5.59 59.10 80.52
N ILE H 121 5.19 58.02 81.17
CA ILE H 121 3.85 57.52 81.02
C ILE H 121 2.81 58.62 81.30
N ASP H 122 3.08 59.44 82.30
CA ASP H 122 2.19 60.56 82.64
C ASP H 122 2.09 61.51 81.42
N GLN H 123 3.20 61.71 80.73
CA GLN H 123 3.20 62.54 79.52
C GLN H 123 2.37 61.91 78.40
N GLY H 124 2.38 60.59 78.35
CA GLY H 124 1.53 59.83 77.44
C GLY H 124 0.06 60.01 77.77
N ILE H 125 -0.26 59.94 79.06
CA ILE H 125 -1.61 60.22 79.48
C ILE H 125 -2.11 61.64 79.02
N PHE H 126 -1.22 62.63 79.20
CA PHE H 126 -1.50 64.01 78.89
C PHE H 126 -1.75 64.14 77.41
N LEU H 127 -0.77 63.73 76.62
CA LEU H 127 -0.84 63.88 75.18
C LEU H 127 -2.00 63.11 74.54
N ARG H 128 -2.29 61.92 75.04
CA ARG H 128 -3.51 61.21 74.64
C ARG H 128 -4.72 62.12 74.83
N ALA H 129 -4.87 62.69 76.04
CA ALA H 129 -6.06 63.55 76.36
C ALA H 129 -6.14 64.82 75.50
N VAL H 130 -5.01 65.43 75.27
CA VAL H 130 -4.96 66.58 74.38
C VAL H 130 -5.33 66.22 72.93
N LEU H 131 -4.66 65.20 72.35
CA LEU H 131 -4.92 64.79 70.99
C LEU H 131 -6.37 64.25 70.80
N ARG H 132 -6.97 63.65 71.83
CA ARG H 132 -8.38 63.24 71.75
C ARG H 132 -9.40 64.40 71.60
N SER H 133 -9.02 65.61 71.99
CA SER H 133 -9.92 66.75 71.95
C SER H 133 -10.04 67.33 70.55
N PRO H 134 -11.28 67.56 70.09
CA PRO H 134 -11.46 68.05 68.72
C PRO H 134 -11.04 69.47 68.56
N LEU H 135 -10.81 70.13 69.69
CA LEU H 135 -10.32 71.51 69.70
C LEU H 135 -8.82 71.62 69.92
N ALA H 136 -8.34 70.97 70.97
CA ALA H 136 -6.91 70.99 71.32
C ALA H 136 -6.07 70.18 70.34
N GLY H 137 -6.58 69.01 69.98
CA GLY H 137 -5.90 68.06 69.10
C GLY H 137 -5.39 68.66 67.80
N PRO H 138 -6.31 69.15 66.93
CA PRO H 138 -5.88 69.80 65.70
C PRO H 138 -4.93 70.95 65.89
N HIS H 139 -5.12 71.68 66.97
CA HIS H 139 -4.29 72.85 67.25
C HIS H 139 -2.84 72.44 67.55
N LEU H 140 -2.66 71.45 68.42
CA LEU H 140 -1.31 70.91 68.67
C LEU H 140 -0.67 70.34 67.40
N LEU H 141 -1.48 69.66 66.59
CA LEU H 141 -0.93 69.07 65.35
C LEU H 141 -0.46 70.18 64.43
N ASP H 142 -1.23 71.28 64.39
CA ASP H 142 -0.78 72.49 63.64
C ASP H 142 0.51 73.09 64.19
N ALA H 143 0.62 73.18 65.51
CA ALA H 143 1.87 73.66 66.13
C ALA H 143 3.07 72.86 65.66
N MET H 144 2.90 71.53 65.57
CA MET H 144 4.03 70.66 65.17
C MET H 144 4.34 70.74 63.71
N LEU H 145 3.42 71.23 62.88
CA LEU H 145 3.70 71.43 61.44
C LEU H 145 4.35 72.73 61.14
N ARG H 146 4.45 73.63 62.12
CA ARG H 146 5.16 74.89 61.90
C ARG H 146 6.64 74.64 61.76
N PRO H 147 7.35 75.54 61.07
CA PRO H 147 8.80 75.37 60.97
C PRO H 147 9.48 75.49 62.32
N THR H 148 10.50 74.66 62.51
CA THR H 148 11.31 74.71 63.73
C THR H 148 12.16 75.98 63.71
N PRO H 149 12.41 76.59 64.87
CA PRO H 149 13.38 77.75 64.94
C PRO H 149 14.74 77.46 64.33
N ARG H 150 15.25 76.26 64.59
CA ARG H 150 16.56 75.88 64.03
C ARG H 150 16.59 75.97 62.53
N ALA H 151 15.50 75.60 61.90
CA ALA H 151 15.41 75.68 60.42
C ALA H 151 15.31 77.11 59.95
N LEU H 152 14.50 77.91 60.63
CA LEU H 152 14.35 79.34 60.28
C LEU H 152 15.71 80.06 60.34
N GLU H 153 16.49 79.69 61.34
CA GLU H 153 17.82 80.28 61.57
C GLU H 153 18.82 79.85 60.47
N LEU H 154 18.79 78.57 60.07
CA LEU H 154 19.66 78.09 58.98
C LEU H 154 19.20 78.38 57.55
N LEU H 155 17.96 78.80 57.39
CA LEU H 155 17.41 78.97 56.05
C LEU H 155 18.21 79.91 55.12
N PRO H 156 18.61 81.14 55.56
CA PRO H 156 19.38 82.03 54.64
C PRO H 156 20.73 81.47 54.18
N GLU H 157 21.51 80.86 55.09
CA GLU H 157 22.79 80.17 54.71
C GLU H 157 22.48 79.05 53.70
N PHE H 158 21.38 78.32 53.94
CA PHE H 158 21.02 77.22 53.08
C PHE H 158 20.61 77.69 51.68
N VAL H 159 19.79 78.73 51.62
CA VAL H 159 19.43 79.37 50.34
C VAL H 159 20.67 79.87 49.59
N ARG H 160 21.61 80.42 50.32
CA ARG H 160 22.80 80.93 49.68
C ARG H 160 23.75 79.80 49.20
N THR H 161 24.02 78.81 50.07
CA THR H 161 25.11 77.80 49.84
C THR H 161 24.60 76.54 49.16
N GLY H 162 23.31 76.22 49.34
CA GLY H 162 22.77 74.94 48.88
C GLY H 162 23.25 73.73 49.68
N GLU H 163 23.68 73.96 50.91
CA GLU H 163 24.36 72.91 51.67
C GLU H 163 24.36 73.13 53.18
N VAL H 164 24.08 72.07 53.94
CA VAL H 164 24.15 72.07 55.39
C VAL H 164 24.63 70.72 55.82
N GLU H 165 25.63 70.67 56.68
CA GLU H 165 26.10 69.44 57.27
C GLU H 165 25.59 69.39 58.68
N MET H 166 24.86 68.34 59.03
CA MET H 166 24.40 68.14 60.43
C MET H 166 24.94 66.84 60.97
N GLU H 167 24.76 66.59 62.26
CA GLU H 167 25.36 65.41 62.86
C GLU H 167 24.90 64.10 62.19
N ALA H 168 23.60 63.98 61.90
CA ALA H 168 23.02 62.73 61.35
C ALA H 168 22.50 62.80 59.92
N VAL H 169 22.53 63.98 59.34
CA VAL H 169 21.92 64.22 58.01
C VAL H 169 22.76 65.25 57.28
N HIS H 170 23.07 64.98 56.02
CA HIS H 170 23.70 65.90 55.13
C HIS H 170 22.66 66.32 54.11
N LEU H 171 22.47 67.62 53.93
CA LEU H 171 21.45 68.18 53.07
C LEU H 171 22.08 69.01 51.99
N GLU H 172 21.69 68.78 50.74
CA GLU H 172 22.25 69.46 49.61
C GLU H 172 21.15 69.78 48.57
N ARG H 173 21.00 71.04 48.18
CA ARG H 173 20.15 71.39 47.08
C ARG H 173 20.93 71.20 45.79
N ARG H 174 20.34 70.50 44.84
CA ARG H 174 20.96 70.30 43.55
C ARG H 174 19.93 69.98 42.47
N ASP H 175 20.00 70.68 41.33
CA ASP H 175 19.03 70.57 40.18
C ASP H 175 17.56 70.63 40.71
N GLY H 176 17.27 71.47 41.71
CA GLY H 176 15.90 71.59 42.25
C GLY H 176 15.43 70.52 43.24
N VAL H 177 16.38 69.72 43.70
CA VAL H 177 16.12 68.60 44.56
C VAL H 177 16.80 68.81 45.89
N ALA H 178 16.07 68.58 46.96
CA ALA H 178 16.65 68.57 48.27
C ALA H 178 17.08 67.13 48.52
N ARG H 179 18.39 66.91 48.50
CA ARG H 179 18.97 65.61 48.75
C ARG H 179 19.32 65.44 50.21
N LEU H 180 18.47 64.70 50.93
CA LEU H 180 18.76 64.35 52.31
C LEU H 180 19.51 63.03 52.31
N THR H 181 20.74 63.03 52.83
CA THR H 181 21.48 61.81 52.99
C THR H 181 21.65 61.53 54.46
N MET H 182 21.14 60.38 54.90
CA MET H 182 21.26 60.01 56.28
C MET H 182 22.67 59.41 56.45
N CYS H 183 23.51 60.01 57.29
CA CYS H 183 24.98 59.74 57.25
C CYS H 183 25.58 59.35 58.61
N ARG H 184 24.89 58.49 59.38
CA ARG H 184 25.50 57.91 60.60
C ARG H 184 26.18 56.59 60.25
N ASP H 185 27.34 56.76 59.66
CA ASP H 185 28.13 55.71 59.01
C ASP H 185 28.63 54.59 59.91
N ASP H 186 28.71 54.83 61.23
CA ASP H 186 29.22 53.85 62.22
C ASP H 186 28.16 52.89 62.79
N ARG H 187 26.87 53.18 62.56
CA ARG H 187 25.78 52.47 63.22
C ARG H 187 24.51 52.24 62.31
N LEU H 188 24.69 52.19 60.99
CA LEU H 188 23.61 51.84 60.05
C LEU H 188 22.40 52.79 60.12
N ASN H 189 22.70 54.09 60.33
CA ASN H 189 21.67 55.13 60.47
C ASN H 189 20.63 54.88 61.58
N ALA H 190 21.06 54.13 62.59
CA ALA H 190 20.28 53.95 63.77
C ALA H 190 19.83 55.30 64.32
N GLU H 191 18.53 55.36 64.68
CA GLU H 191 17.89 56.60 65.03
C GLU H 191 17.94 56.95 66.53
N ASP H 192 18.06 58.25 66.79
CA ASP H 192 18.00 58.83 68.16
C ASP H 192 17.41 60.25 68.11
N GLY H 193 17.38 60.95 69.26
CA GLY H 193 16.77 62.27 69.36
C GLY H 193 17.40 63.37 68.51
N GLN H 194 18.72 63.25 68.34
CA GLN H 194 19.46 64.16 67.50
C GLN H 194 19.12 63.95 66.00
N GLN H 195 19.02 62.68 65.58
CA GLN H 195 18.64 62.37 64.18
C GLN H 195 17.26 62.94 63.86
N VAL H 196 16.34 62.83 64.80
CA VAL H 196 15.04 63.43 64.59
C VAL H 196 15.12 64.96 64.39
N ASP H 197 15.89 65.62 65.24
CA ASP H 197 16.04 67.06 65.21
C ASP H 197 16.65 67.44 63.87
N ASP H 198 17.66 66.70 63.46
CA ASP H 198 18.28 66.95 62.14
C ASP H 198 17.37 66.68 60.96
N MET H 199 16.59 65.59 61.03
CA MET H 199 15.63 65.25 59.98
C MET H 199 14.58 66.31 59.83
N GLU H 200 14.01 66.73 60.94
CA GLU H 200 12.96 67.77 60.88
C GLU H 200 13.51 69.07 60.36
N THR H 201 14.73 69.38 60.79
CA THR H 201 15.37 70.62 60.39
C THR H 201 15.58 70.59 58.87
N ALA H 202 16.15 69.50 58.39
CA ALA H 202 16.34 69.32 56.96
C ALA H 202 15.02 69.34 56.16
N VAL H 203 14.01 68.63 56.67
CA VAL H 203 12.75 68.63 55.97
C VAL H 203 12.20 70.06 55.89
N ASP H 204 12.20 70.78 57.01
CA ASP H 204 11.80 72.18 57.03
C ASP H 204 12.56 73.01 56.00
N LEU H 205 13.86 72.86 55.93
CA LEU H 205 14.63 73.65 54.95
C LEU H 205 14.17 73.34 53.56
N ALA H 206 14.05 72.05 53.23
CA ALA H 206 13.63 71.61 51.86
C ALA H 206 12.30 72.21 51.47
N LEU H 207 11.40 72.22 52.42
CA LEU H 207 10.09 72.78 52.12
C LEU H 207 10.07 74.33 51.96
N LEU H 208 10.81 75.02 52.81
CA LEU H 208 10.82 76.50 52.80
C LEU H 208 11.66 77.07 51.67
N ASP H 209 12.66 76.32 51.24
CA ASP H 209 13.54 76.79 50.19
C ASP H 209 12.79 76.83 48.84
N PRO H 210 12.60 78.01 48.25
CA PRO H 210 11.93 78.07 46.95
C PRO H 210 12.66 77.48 45.77
N GLY H 211 13.96 77.24 45.89
CA GLY H 211 14.69 76.57 44.80
C GLY H 211 14.62 75.04 44.83
N VAL H 212 13.88 74.50 45.80
CA VAL H 212 13.65 73.08 45.93
C VAL H 212 12.24 72.79 45.43
N ARG H 213 12.14 71.82 44.52
CA ARG H 213 10.85 71.37 43.97
C ARG H 213 10.45 69.98 44.45
N VAL H 214 11.44 69.13 44.70
CA VAL H 214 11.27 67.75 45.10
C VAL H 214 12.29 67.36 46.16
N GLY H 215 11.91 66.44 47.04
CA GLY H 215 12.81 65.88 48.06
C GLY H 215 13.25 64.46 47.79
N LEU H 216 14.44 64.12 48.29
CA LEU H 216 15.08 62.79 48.10
C LEU H 216 15.70 62.35 49.37
N LEU H 217 15.29 61.19 49.88
CA LEU H 217 15.82 60.68 51.14
C LEU H 217 16.54 59.39 50.83
N ARG H 218 17.79 59.33 51.23
CA ARG H 218 18.65 58.23 50.90
C ARG H 218 19.73 58.03 51.96
N GLY H 219 20.07 56.78 52.18
CA GLY H 219 21.09 56.43 53.16
C GLY H 219 22.48 56.64 52.55
N GLY H 220 23.41 57.11 53.38
CA GLY H 220 24.75 57.39 52.91
C GLY H 220 25.65 56.17 52.97
N VAL H 221 26.85 56.33 52.42
CA VAL H 221 27.88 55.30 52.50
C VAL H 221 28.29 55.00 53.94
N MET H 222 28.30 53.73 54.30
CA MET H 222 28.63 53.30 55.67
C MET H 222 30.15 53.07 55.83
N SER H 223 30.59 53.10 57.08
CA SER H 223 32.01 52.94 57.42
C SER H 223 32.30 51.78 58.38
N HIS H 224 31.33 51.35 59.16
CA HIS H 224 31.45 50.11 59.96
C HIS H 224 31.96 48.93 59.07
N PRO H 225 32.92 48.12 59.59
CA PRO H 225 33.60 47.09 58.78
C PRO H 225 32.71 46.09 58.01
N ARG H 226 31.59 45.68 58.63
CA ARG H 226 30.63 44.75 57.95
C ARG H 226 29.90 45.38 56.74
N TYR H 227 29.91 46.72 56.65
CA TYR H 227 29.23 47.47 55.57
C TYR H 227 30.11 48.48 54.84
N ARG H 228 31.44 48.41 55.03
CA ARG H 228 32.35 49.41 54.41
C ARG H 228 32.12 49.66 52.97
N GLY H 229 31.89 50.92 52.59
CA GLY H 229 31.67 51.32 51.17
C GLY H 229 30.25 51.11 50.61
N LYS H 230 29.35 50.51 51.42
CA LYS H 230 27.96 50.19 51.02
C LYS H 230 26.97 51.17 51.64
N ARG H 231 25.99 51.62 50.85
CA ARG H 231 24.92 52.47 51.40
C ARG H 231 23.94 51.64 52.21
N VAL H 232 23.43 52.21 53.29
CA VAL H 232 22.38 51.60 54.08
C VAL H 232 21.34 52.66 54.46
N PHE H 233 20.07 52.35 54.24
CA PHE H 233 18.97 53.30 54.50
C PHE H 233 18.73 53.48 55.99
N SER H 234 18.28 52.44 56.70
CA SER H 234 18.07 52.52 58.16
C SER H 234 18.02 51.16 58.81
N ALA H 235 18.64 51.08 59.98
CA ALA H 235 18.49 49.96 60.92
C ALA H 235 17.52 50.29 62.08
N GLY H 236 16.73 51.34 61.93
CA GLY H 236 15.74 51.68 62.91
C GLY H 236 16.27 52.26 64.21
N ILE H 237 15.45 52.21 65.25
CA ILE H 237 15.75 52.89 66.49
C ILE H 237 17.04 52.39 67.11
N ASN H 238 17.80 53.31 67.69
CA ASN H 238 18.99 52.96 68.50
C ASN H 238 18.62 52.17 69.74
N LEU H 239 18.78 50.85 69.65
CA LEU H 239 18.43 49.94 70.75
C LEU H 239 19.35 50.04 72.00
N LYS H 240 20.62 50.38 71.78
CA LYS H 240 21.58 50.62 72.87
C LYS H 240 21.10 51.79 73.71
N TYR H 241 20.82 52.92 73.03
CA TYR H 241 20.32 54.13 73.69
C TYR H 241 19.00 53.89 74.41
N LEU H 242 18.10 53.16 73.76
CA LEU H 242 16.82 52.78 74.35
C LEU H 242 17.02 52.07 75.69
N SER H 243 17.96 51.11 75.73
CA SER H 243 18.32 50.34 76.96
C SER H 243 18.89 51.20 78.09
N GLN H 244 19.78 52.10 77.67
CA GLN H 244 20.47 53.07 78.53
C GLN H 244 19.61 54.22 79.00
N GLY H 245 18.38 54.31 78.50
CA GLY H 245 17.41 55.31 78.95
C GLY H 245 17.34 56.57 78.14
N GLY H 246 18.02 56.60 77.00
CA GLY H 246 18.17 57.83 76.21
C GLY H 246 17.17 58.06 75.07
N ILE H 247 16.12 57.23 74.97
CA ILE H 247 15.06 57.42 73.92
C ILE H 247 13.84 58.05 74.57
N SER H 248 13.59 59.28 74.21
CA SER H 248 12.56 60.09 74.77
C SER H 248 11.21 59.80 74.08
N LEU H 249 10.21 59.50 74.90
CA LEU H 249 8.87 59.41 74.44
C LEU H 249 8.49 60.63 73.62
N VAL H 250 8.68 61.78 74.22
CA VAL H 250 8.20 63.03 73.63
C VAL H 250 9.13 63.56 72.53
N ASP H 251 10.43 63.61 72.82
CA ASP H 251 11.40 64.27 71.95
C ASP H 251 11.93 63.38 70.84
N PHE H 252 11.65 62.08 70.94
CA PHE H 252 11.90 61.17 69.84
C PHE H 252 10.60 60.54 69.26
N LEU H 253 9.86 59.78 70.06
CA LEU H 253 8.81 58.95 69.50
C LEU H 253 7.60 59.76 68.99
N MET H 254 7.16 60.77 69.72
CA MET H 254 6.07 61.57 69.28
C MET H 254 6.56 62.63 68.33
N ARG H 255 7.73 63.18 68.59
CA ARG H 255 8.22 64.30 67.81
C ARG H 255 8.31 63.92 66.35
N ARG H 256 8.89 62.74 66.08
CA ARG H 256 9.09 62.32 64.70
C ARG H 256 7.76 62.09 63.99
N GLU H 257 6.79 61.50 64.69
CA GLU H 257 5.50 61.25 64.05
C GLU H 257 4.70 62.53 63.73
N LEU H 258 4.68 63.49 64.66
CA LEU H 258 3.92 64.70 64.52
C LEU H 258 4.66 65.81 63.82
N GLY H 259 5.97 65.65 63.67
CA GLY H 259 6.83 66.63 63.04
C GLY H 259 7.22 66.22 61.64
N TYR H 260 8.45 65.77 61.45
CA TYR H 260 8.96 65.68 60.11
C TYR H 260 8.15 64.71 59.30
N ILE H 261 7.73 63.62 59.90
CA ILE H 261 7.03 62.61 59.15
C ILE H 261 5.67 63.17 58.67
N HIS H 262 5.02 63.91 59.54
CA HIS H 262 3.75 64.50 59.21
C HIS H 262 3.94 65.61 58.25
N LYS H 263 5.09 66.26 58.29
CA LYS H 263 5.39 67.30 57.32
C LYS H 263 5.61 66.74 55.90
N LEU H 264 6.21 65.56 55.81
CA LEU H 264 6.37 64.91 54.50
C LEU H 264 4.99 64.73 53.87
N VAL H 265 3.99 64.44 54.69
CA VAL H 265 2.65 64.23 54.22
C VAL H 265 1.94 65.54 53.97
N ARG H 266 1.81 66.37 55.00
CA ARG H 266 1.02 67.61 54.93
C ARG H 266 1.75 68.96 54.62
N GLY H 267 3.07 68.96 54.57
CA GLY H 267 3.85 70.18 54.44
C GLY H 267 3.98 71.02 55.71
N VAL H 268 4.65 72.17 55.60
CA VAL H 268 4.88 73.07 56.73
C VAL H 268 3.82 74.11 56.75
N LEU H 269 3.19 74.25 57.90
CA LEU H 269 2.30 75.37 58.16
C LEU H 269 3.09 76.68 58.29
N THR H 270 2.84 77.63 57.40
CA THR H 270 3.48 78.96 57.45
C THR H 270 2.53 80.00 58.01
N ASN H 271 3.07 81.18 58.33
CA ASN H 271 2.21 82.33 58.66
C ASN H 271 1.63 82.91 57.37
N ASP H 272 0.51 83.61 57.52
CA ASP H 272 -0.17 84.34 56.44
C ASP H 272 0.71 85.43 55.81
N ASP H 273 1.74 85.06 55.04
CA ASP H 273 2.78 86.02 54.61
C ASP H 273 3.03 86.00 53.11
N ARG H 274 2.08 85.50 52.35
CA ARG H 274 2.27 85.33 50.91
C ARG H 274 0.91 85.24 50.19
N PRO H 275 0.87 85.54 48.87
CA PRO H 275 -0.38 85.29 48.12
C PRO H 275 -0.79 83.80 48.15
N GLY H 276 -2.08 83.51 48.07
CA GLY H 276 -2.53 82.11 48.01
C GLY H 276 -2.57 81.36 49.34
N TRP H 277 -2.14 82.00 50.42
CA TRP H 277 -2.14 81.36 51.75
C TRP H 277 -3.54 80.91 52.14
N TRP H 278 -4.54 81.67 51.71
CA TRP H 278 -5.95 81.33 51.99
C TRP H 278 -6.43 79.98 51.41
N HIS H 279 -5.80 79.53 50.33
CA HIS H 279 -6.04 78.20 49.79
C HIS H 279 -4.94 77.18 50.16
N SER H 280 -3.74 77.64 50.52
CA SER H 280 -2.60 76.77 50.75
C SER H 280 -1.79 77.31 51.87
N PRO H 281 -2.33 77.17 53.09
CA PRO H 281 -1.58 77.55 54.28
C PRO H 281 -0.26 76.77 54.47
N ARG H 282 -0.14 75.61 53.80
CA ARG H 282 1.00 74.72 54.02
C ARG H 282 1.74 74.60 52.78
N ILE H 283 3.04 74.57 52.89
CA ILE H 283 3.88 74.34 51.76
C ILE H 283 4.29 72.88 51.76
N GLU H 284 3.81 72.16 50.77
CA GLU H 284 4.08 70.75 50.67
C GLU H 284 4.79 70.49 49.38
N LYS H 285 5.61 69.45 49.40
CA LYS H 285 6.33 68.99 48.18
C LYS H 285 6.38 67.47 48.10
N PRO H 286 6.58 66.93 46.90
CA PRO H 286 6.74 65.50 46.74
C PRO H 286 8.09 64.99 47.12
N TRP H 287 8.11 63.75 47.57
CA TRP H 287 9.29 63.09 48.13
C TRP H 287 9.52 61.74 47.51
N VAL H 288 10.77 61.49 47.18
CA VAL H 288 11.26 60.21 46.72
C VAL H 288 12.20 59.60 47.78
N ALA H 289 12.03 58.30 48.06
CA ALA H 289 12.95 57.56 48.93
C ALA H 289 13.62 56.47 48.13
N ALA H 290 14.91 56.27 48.38
CA ALA H 290 15.73 55.24 47.71
C ALA H 290 16.38 54.36 48.76
N VAL H 291 16.10 53.07 48.71
CA VAL H 291 16.45 52.17 49.78
C VAL H 291 17.58 51.26 49.35
N ASP H 292 18.73 51.44 49.99
CA ASP H 292 19.91 50.60 49.83
C ASP H 292 20.08 49.74 51.08
N GLY H 293 20.44 48.48 50.85
CA GLY H 293 20.67 47.53 51.90
C GLY H 293 19.34 47.09 52.49
N PHE H 294 18.78 47.94 53.32
CA PHE H 294 17.59 47.60 54.02
C PHE H 294 16.95 48.76 54.75
N ALA H 295 15.66 48.61 55.04
CA ALA H 295 14.92 49.58 55.82
C ALA H 295 14.27 48.82 56.91
N ILE H 296 14.73 49.04 58.14
CA ILE H 296 14.23 48.34 59.32
C ILE H 296 13.58 49.31 60.32
N GLY H 297 12.49 48.85 60.90
CA GLY H 297 11.84 49.60 61.93
C GLY H 297 11.43 51.00 61.52
N GLY H 298 11.95 52.00 62.22
CA GLY H 298 11.57 53.40 61.96
C GLY H 298 11.86 53.78 60.53
N GLY H 299 12.89 53.20 59.95
CA GLY H 299 13.20 53.46 58.53
C GLY H 299 12.18 52.88 57.59
N ALA H 300 11.69 51.69 57.92
CA ALA H 300 10.61 51.09 57.09
C ALA H 300 9.32 51.91 57.20
N GLN H 301 9.06 52.40 58.39
CA GLN H 301 7.90 53.24 58.65
C GLN H 301 7.88 54.42 57.74
N LEU H 302 9.06 54.97 57.48
CA LEU H 302 9.13 56.20 56.66
C LEU H 302 8.62 55.98 55.26
N LEU H 303 8.81 54.78 54.72
CA LEU H 303 8.43 54.51 53.35
C LEU H 303 6.93 54.66 53.08
N LEU H 304 6.11 54.56 54.13
CA LEU H 304 4.65 54.64 53.99
C LEU H 304 4.08 56.04 53.74
N VAL H 305 5.01 57.01 53.57
CA VAL H 305 4.65 58.41 53.36
C VAL H 305 5.29 59.06 52.15
N PHE H 306 6.09 58.33 51.39
CA PHE H 306 6.73 58.89 50.22
C PHE H 306 5.89 58.79 48.94
N ASP H 307 6.15 59.69 48.00
CA ASP H 307 5.39 59.70 46.75
C ASP H 307 5.88 58.67 45.77
N ARG H 308 7.13 58.35 45.89
CA ARG H 308 7.78 57.36 45.07
C ARG H 308 8.87 56.68 45.90
N VAL H 309 9.01 55.37 45.75
CA VAL H 309 9.98 54.58 46.52
C VAL H 309 10.70 53.68 45.57
N LEU H 310 12.04 53.77 45.61
CA LEU H 310 12.92 52.93 44.83
C LEU H 310 13.80 52.08 45.75
N ALA H 311 14.09 50.87 45.34
CA ALA H 311 14.89 50.01 46.19
C ALA H 311 15.84 49.22 45.34
N SER H 312 16.97 48.93 45.95
CA SER H 312 17.92 48.07 45.35
C SER H 312 17.37 46.64 45.32
N SER H 313 17.69 45.90 44.26
CA SER H 313 17.37 44.48 44.19
C SER H 313 17.65 43.60 45.46
N ASP H 314 18.66 43.95 46.23
CA ASP H 314 19.11 43.17 47.37
C ASP H 314 18.56 43.62 48.71
N ALA H 315 17.71 44.63 48.68
CA ALA H 315 17.19 45.20 49.88
C ALA H 315 16.03 44.37 50.45
N TYR H 316 15.78 44.59 51.72
CA TYR H 316 14.58 44.09 52.37
C TYR H 316 13.95 45.15 53.30
N PHE H 317 12.72 44.90 53.67
N PHE H 317 12.68 44.92 53.64
CA PHE H 317 11.93 45.80 54.50
CA PHE H 317 11.81 45.79 54.48
C PHE H 317 11.40 44.99 55.67
C PHE H 317 11.41 44.98 55.67
N SER H 318 11.65 45.47 56.87
CA SER H 318 11.09 44.80 58.07
C SER H 318 10.73 45.70 59.20
N LEU H 319 9.78 45.21 60.01
CA LEU H 319 9.38 45.80 61.30
C LEU H 319 9.49 44.62 62.28
N PRO H 320 10.71 44.39 62.81
CA PRO H 320 11.08 43.05 63.29
C PRO H 320 10.70 42.69 64.71
N ALA H 321 10.45 43.69 65.56
CA ALA H 321 10.27 43.43 67.00
C ALA H 321 8.87 42.98 67.38
N ALA H 322 8.52 41.83 66.86
CA ALA H 322 7.14 41.39 66.88
C ALA H 322 6.79 40.82 68.25
N LYS H 323 7.78 40.16 68.84
CA LYS H 323 7.59 39.44 70.08
C LYS H 323 7.76 40.36 71.29
N GLU H 324 8.76 41.26 71.25
CA GLU H 324 9.13 42.04 72.44
C GLU H 324 9.48 43.50 72.17
N GLY H 325 8.91 44.05 71.11
CA GLY H 325 9.21 45.43 70.75
C GLY H 325 8.14 46.44 71.08
N ILE H 326 8.48 47.68 70.78
CA ILE H 326 7.58 48.78 70.85
C ILE H 326 6.74 48.86 69.60
N ILE H 327 5.75 49.71 69.62
CA ILE H 327 4.86 49.84 68.46
C ILE H 327 5.70 50.51 67.40
N PRO H 328 5.66 50.03 66.14
CA PRO H 328 6.42 50.65 65.04
C PRO H 328 5.71 51.87 64.53
N GLY H 329 5.69 52.90 65.35
CA GLY H 329 5.19 54.20 64.96
C GLY H 329 3.77 54.15 64.40
N ALA H 330 3.60 54.81 63.26
CA ALA H 330 2.36 54.85 62.57
C ALA H 330 2.27 53.78 61.48
N ALA H 331 3.18 52.82 61.45
CA ALA H 331 2.99 51.71 60.56
C ALA H 331 1.63 51.06 60.83
N ASN H 332 1.22 50.96 62.07
CA ASN H 332 -0.05 50.21 62.40
C ASN H 332 -1.24 51.01 61.84
N LEU H 333 -1.03 52.31 61.69
CA LEU H 333 -2.00 53.17 61.05
C LEU H 333 -2.00 53.04 59.52
N ARG H 334 -0.83 53.03 58.93
CA ARG H 334 -0.65 53.15 57.49
C ARG H 334 -0.47 51.87 56.70
N LEU H 335 0.15 50.88 57.32
CA LEU H 335 0.55 49.66 56.55
C LEU H 335 -0.61 48.91 55.91
N GLY H 336 -1.74 48.87 56.59
CA GLY H 336 -2.94 48.19 56.08
C GLY H 336 -3.44 48.66 54.77
N ARG H 337 -3.34 49.94 54.56
CA ARG H 337 -3.82 50.63 53.34
C ARG H 337 -2.88 50.24 52.19
N PHE H 338 -1.62 49.96 52.49
CA PHE H 338 -0.66 49.49 51.48
C PHE H 338 -0.73 48.04 51.19
N ALA H 339 -0.99 47.25 52.22
CA ALA H 339 -0.81 45.78 52.12
C ALA H 339 -2.01 44.92 52.52
N GLY H 340 -3.05 45.55 53.04
CA GLY H 340 -4.22 44.87 53.52
C GLY H 340 -3.93 44.32 54.91
N PRO H 341 -4.96 43.86 55.61
CA PRO H 341 -4.86 43.43 56.99
C PRO H 341 -4.12 42.12 57.22
N ARG H 342 -4.11 41.23 56.21
CA ARG H 342 -3.37 39.97 56.40
C ARG H 342 -1.89 40.19 56.36
N VAL H 343 -1.42 40.82 55.33
CA VAL H 343 0.05 41.08 55.23
C VAL H 343 0.55 42.05 56.29
N SER H 344 -0.26 43.03 56.60
CA SER H 344 0.09 43.99 57.61
C SER H 344 0.31 43.27 58.96
N ARG H 345 -0.53 42.29 59.26
CA ARG H 345 -0.34 41.51 60.46
C ARG H 345 0.82 40.56 60.35
N GLN H 346 1.04 39.98 59.18
CA GLN H 346 2.19 39.11 59.01
C GLN H 346 3.51 39.90 59.31
N VAL H 347 3.54 41.13 58.87
CA VAL H 347 4.71 41.94 59.03
C VAL H 347 4.85 42.45 60.48
N ILE H 348 3.78 42.97 61.06
CA ILE H 348 3.87 43.59 62.34
C ILE H 348 3.69 42.59 63.50
N LEU H 349 2.64 41.77 63.47
CA LEU H 349 2.42 40.80 64.55
C LEU H 349 3.39 39.63 64.55
N GLU H 350 3.90 39.24 63.39
CA GLU H 350 4.79 38.05 63.29
C GLU H 350 6.14 38.34 62.72
N GLY H 351 6.46 39.58 62.37
CA GLY H 351 7.84 39.93 62.01
C GLY H 351 8.27 39.45 60.66
N ARG H 352 7.31 39.32 59.74
CA ARG H 352 7.66 38.91 58.40
C ARG H 352 8.46 39.99 57.70
N ARG H 353 9.54 39.57 57.09
CA ARG H 353 10.42 40.43 56.42
C ARG H 353 10.13 40.32 54.98
N ILE H 354 10.17 41.43 54.25
CA ILE H 354 9.77 41.47 52.86
C ILE H 354 10.91 41.92 51.98
N TRP H 355 11.19 41.16 50.94
CA TRP H 355 12.36 41.35 50.13
C TRP H 355 12.02 42.05 48.85
N ALA H 356 12.96 42.83 48.35
CA ALA H 356 12.71 43.77 47.25
C ALA H 356 12.29 43.09 46.02
N LYS H 357 12.78 41.87 45.85
CA LYS H 357 12.44 41.07 44.67
C LYS H 357 11.20 40.18 44.76
N GLU H 358 10.54 40.06 45.92
CA GLU H 358 9.31 39.27 45.97
C GLU H 358 8.13 40.09 45.42
N PRO H 359 7.11 39.45 44.80
CA PRO H 359 5.93 40.20 44.29
C PRO H 359 5.31 41.16 45.28
N GLU H 360 5.21 40.78 46.55
CA GLU H 360 4.63 41.66 47.59
C GLU H 360 5.45 42.91 47.96
N ALA H 361 6.70 42.97 47.56
CA ALA H 361 7.46 44.24 47.64
C ALA H 361 6.78 45.37 46.84
N ARG H 362 6.08 45.03 45.77
CA ARG H 362 5.37 46.04 44.96
C ARG H 362 4.25 46.74 45.70
N LEU H 363 3.87 46.23 46.86
CA LEU H 363 2.93 46.90 47.76
C LEU H 363 3.51 48.12 48.44
N LEU H 364 4.84 48.12 48.63
CA LEU H 364 5.60 49.12 49.34
C LEU H 364 6.58 49.92 48.49
N VAL H 365 6.90 49.40 47.32
CA VAL H 365 8.00 49.88 46.50
C VAL H 365 7.56 50.00 45.07
N ASP H 366 7.91 51.10 44.42
CA ASP H 366 7.46 51.39 43.06
C ASP H 366 8.39 50.83 42.04
N GLU H 367 9.68 50.81 42.33
CA GLU H 367 10.74 50.37 41.38
C GLU H 367 11.86 49.65 42.10
N VAL H 368 12.26 48.50 41.56
CA VAL H 368 13.29 47.67 42.15
C VAL H 368 14.29 47.46 41.06
N VAL H 369 15.54 47.78 41.37
CA VAL H 369 16.50 48.01 40.33
C VAL H 369 17.78 47.38 40.82
N GLU H 370 18.55 46.87 39.88
CA GLU H 370 19.87 46.37 40.18
C GLU H 370 20.80 47.49 40.69
N PRO H 371 21.66 47.21 41.70
CA PRO H 371 22.61 48.20 42.26
C PRO H 371 23.30 49.13 41.26
N ASP H 372 23.70 48.61 40.12
CA ASP H 372 24.35 49.43 39.12
C ASP H 372 23.45 50.28 38.22
N GLU H 373 22.14 50.08 38.30
CA GLU H 373 21.15 50.87 37.56
C GLU H 373 20.42 51.88 38.45
N LEU H 374 20.73 51.84 39.74
CA LEU H 374 19.93 52.52 40.75
C LEU H 374 20.08 54.03 40.78
N ASP H 375 21.32 54.51 40.73
CA ASP H 375 21.61 55.98 40.75
C ASP H 375 20.85 56.67 39.64
N ALA H 376 20.89 56.07 38.45
CA ALA H 376 20.25 56.67 37.28
C ALA H 376 18.72 56.62 37.36
N ALA H 377 18.18 55.54 37.95
CA ALA H 377 16.72 55.39 38.16
C ALA H 377 16.16 56.39 39.19
N ILE H 378 16.92 56.59 40.26
CA ILE H 378 16.64 57.68 41.19
C ILE H 378 16.59 59.03 40.44
N GLU H 379 17.62 59.34 39.64
CA GLU H 379 17.67 60.65 38.91
C GLU H 379 16.48 60.86 37.98
N ARG H 380 16.12 59.83 37.20
CA ARG H 380 14.89 59.88 36.39
C ARG H 380 13.61 60.11 37.20
N SER H 381 13.47 59.41 38.32
CA SER H 381 12.26 59.55 39.17
C SER H 381 12.05 60.96 39.69
N LEU H 382 13.15 61.65 39.93
CA LEU H 382 13.13 63.04 40.46
C LEU H 382 12.62 64.06 39.46
N THR H 383 12.96 63.83 38.19
CA THR H 383 12.41 64.68 37.11
C THR H 383 10.87 64.45 36.86
N ARG H 384 10.30 63.32 37.28
CA ARG H 384 8.90 63.05 36.95
C ARG H 384 7.89 63.68 37.91
N LEU H 385 8.34 64.34 38.97
CA LEU H 385 7.46 64.81 40.04
C LEU H 385 7.39 66.32 40.23
N ASP H 386 7.78 67.07 39.20
CA ASP H 386 8.07 68.52 39.25
C ASP H 386 6.88 69.44 39.32
N GLY H 387 5.81 69.15 38.58
CA GLY H 387 4.87 70.28 38.38
C GLY H 387 3.92 70.69 39.52
N ASP H 388 3.00 71.61 39.19
CA ASP H 388 1.85 71.99 40.03
C ASP H 388 0.65 71.00 39.98
N ALA H 389 0.54 70.22 38.90
CA ALA H 389 -0.41 69.11 38.87
C ALA H 389 -0.10 68.06 39.93
N VAL H 390 1.16 67.66 40.04
CA VAL H 390 1.59 66.73 41.09
C VAL H 390 1.27 67.26 42.51
N LEU H 391 1.59 68.51 42.80
CA LEU H 391 1.26 69.07 44.13
C LEU H 391 -0.19 68.99 44.44
N ALA H 392 -1.05 69.33 43.48
CA ALA H 392 -2.49 69.36 43.73
C ALA H 392 -3.00 67.94 43.90
N ASN H 393 -2.55 67.07 42.99
CA ASN H 393 -2.93 65.67 43.12
C ASN H 393 -2.45 65.01 44.35
N ARG H 394 -1.23 65.27 44.79
CA ARG H 394 -0.78 64.53 45.97
C ARG H 394 -1.54 64.98 47.19
N ARG H 395 -1.85 66.24 47.21
CA ARG H 395 -2.59 66.76 48.34
C ARG H 395 -3.95 66.09 48.49
N MET H 396 -4.64 65.95 47.34
CA MET H 396 -5.94 65.32 47.30
C MET H 396 -5.80 63.84 47.67
N LEU H 397 -4.78 63.17 47.12
CA LEU H 397 -4.53 61.79 47.45
C LEU H 397 -4.28 61.56 48.91
N ASN H 398 -3.46 62.38 49.50
CA ASN H 398 -3.17 62.27 50.95
C ASN H 398 -4.38 62.50 51.83
N LEU H 399 -5.17 63.48 51.45
CA LEU H 399 -6.41 63.79 52.13
C LEU H 399 -7.40 62.62 52.11
N ALA H 400 -7.52 61.94 50.99
CA ALA H 400 -8.34 60.75 50.90
C ALA H 400 -7.74 59.55 51.66
N ASP H 401 -6.43 59.35 51.54
CA ASP H 401 -5.76 58.21 52.17
C ASP H 401 -5.82 58.28 53.71
N GLU H 402 -5.66 59.46 54.28
CA GLU H 402 -5.48 59.60 55.71
C GLU H 402 -6.14 60.86 56.18
N SER H 403 -7.31 60.72 56.79
CA SER H 403 -8.04 61.90 57.21
C SER H 403 -7.30 62.53 58.42
N PRO H 404 -7.44 63.84 58.62
CA PRO H 404 -6.93 64.44 59.86
C PRO H 404 -7.46 63.78 61.12
N ASP H 405 -8.76 63.48 61.17
CA ASP H 405 -9.31 62.77 62.34
C ASP H 405 -8.68 61.42 62.53
N GLY H 406 -8.50 60.69 61.43
CA GLY H 406 -7.95 59.34 61.51
C GLY H 406 -6.55 59.41 62.15
N PHE H 407 -5.73 60.31 61.64
CA PHE H 407 -4.39 60.45 62.10
C PHE H 407 -4.37 60.83 63.57
N ARG H 408 -5.22 61.76 63.91
CA ARG H 408 -5.30 62.31 65.26
C ARG H 408 -5.78 61.31 66.27
N ALA H 409 -6.82 60.59 65.92
CA ALA H 409 -7.37 59.52 66.81
C ALA H 409 -6.32 58.46 67.09
N TYR H 410 -5.57 58.10 66.05
CA TYR H 410 -4.53 57.10 66.17
C TYR H 410 -3.40 57.63 67.05
N MET H 411 -2.88 58.81 66.71
CA MET H 411 -1.75 59.34 67.51
C MET H 411 -2.16 59.53 68.98
N ALA H 412 -3.43 59.82 69.23
CA ALA H 412 -3.91 59.96 70.60
C ALA H 412 -3.75 58.65 71.40
N GLU H 413 -4.28 57.54 70.89
CA GLU H 413 -4.06 56.25 71.53
C GLU H 413 -2.56 55.84 71.54
N PHE H 414 -1.84 56.13 70.45
CA PHE H 414 -0.43 55.76 70.36
C PHE H 414 0.40 56.40 71.50
N ALA H 415 0.11 57.66 71.78
CA ALA H 415 0.83 58.41 72.81
C ALA H 415 0.91 57.62 74.11
N LEU H 416 -0.22 57.02 74.51
CA LEU H 416 -0.25 56.27 75.76
C LEU H 416 0.20 54.83 75.58
N MET H 417 -0.28 54.17 74.54
CA MET H 417 0.12 52.81 74.28
C MET H 417 1.64 52.68 74.20
N GLN H 418 2.27 53.59 73.48
CA GLN H 418 3.67 53.50 73.24
C GLN H 418 4.42 53.79 74.52
N ALA H 419 3.91 54.74 75.30
CA ALA H 419 4.52 55.08 76.60
C ALA H 419 4.59 53.84 77.44
N LEU H 420 3.49 53.09 77.48
CA LEU H 420 3.44 51.84 78.24
C LEU H 420 4.42 50.77 77.73
N ARG H 421 4.57 50.69 76.42
CA ARG H 421 5.47 49.69 75.82
C ARG H 421 6.93 50.11 76.03
N LEU H 422 7.18 51.40 76.05
CA LEU H 422 8.49 51.93 76.36
C LEU H 422 9.01 51.50 77.76
N TYR H 423 8.11 51.13 78.66
CA TYR H 423 8.45 50.67 80.01
C TYR H 423 8.02 49.25 80.28
N GLY H 424 7.69 48.49 79.24
CA GLY H 424 7.28 47.10 79.43
C GLY H 424 8.49 46.25 79.75
N HIS H 425 8.31 45.29 80.64
CA HIS H 425 9.45 44.46 81.12
C HIS H 425 10.06 43.68 79.96
N ASP H 426 9.21 43.21 79.06
CA ASP H 426 9.64 42.42 77.89
C ASP H 426 10.59 43.23 76.97
N VAL H 427 10.27 44.50 76.79
CA VAL H 427 11.00 45.38 75.93
C VAL H 427 12.34 45.68 76.53
N ILE H 428 12.33 46.00 77.80
CA ILE H 428 13.54 46.35 78.56
C ILE H 428 14.56 45.18 78.56
N ASP H 429 14.04 43.97 78.73
CA ASP H 429 14.84 42.74 78.61
C ASP H 429 15.46 42.56 77.18
N LYS H 430 14.65 42.59 76.11
CA LYS H 430 15.12 42.39 74.70
C LYS H 430 16.24 43.39 74.39
N VAL H 431 15.93 44.66 74.64
CA VAL H 431 16.79 45.79 74.33
C VAL H 431 18.16 45.72 75.03
N GLY H 432 18.15 45.24 76.27
CA GLY H 432 19.35 45.06 77.09
C GLY H 432 20.30 44.00 76.58
N ARG H 433 19.76 43.03 75.81
CA ARG H 433 20.56 41.96 75.20
C ARG H 433 21.22 42.39 73.89
N PHE H 434 20.88 43.57 73.36
CA PHE H 434 21.35 43.94 72.03
C PHE H 434 22.87 44.21 72.08
N ASP I 14 -45.04 67.89 67.89
CA ASP I 14 -45.30 66.46 68.21
C ASP I 14 -46.56 65.85 67.44
N GLY I 15 -47.41 65.04 68.08
CA GLY I 15 -48.52 64.33 67.39
C GLY I 15 -48.14 62.93 66.98
N LEU I 16 -46.84 62.63 66.99
CA LEU I 16 -46.30 61.40 66.38
C LEU I 16 -46.57 60.14 67.22
N TRP I 17 -46.43 60.26 68.55
CA TRP I 17 -46.74 59.13 69.41
C TRP I 17 -48.21 58.71 69.26
N ALA I 18 -49.09 59.71 69.27
CA ALA I 18 -50.52 59.45 69.12
C ALA I 18 -50.83 58.84 67.76
N ALA I 19 -50.25 59.40 66.71
CA ALA I 19 -50.48 58.85 65.35
C ALA I 19 -49.97 57.38 65.22
N LEU I 20 -48.79 57.12 65.83
CA LEU I 20 -48.24 55.77 65.86
C LEU I 20 -49.16 54.80 66.63
N THR I 21 -49.59 55.22 67.81
CA THR I 21 -50.54 54.43 68.64
C THR I 21 -51.82 54.09 67.87
N GLU I 22 -52.36 55.09 67.21
CA GLU I 22 -53.47 54.88 66.27
C GLU I 22 -53.15 53.84 65.18
N ALA I 23 -52.05 54.02 64.46
CA ALA I 23 -51.73 53.09 63.33
C ALA I 23 -51.50 51.64 63.84
N ALA I 24 -50.90 51.52 65.02
CA ALA I 24 -50.66 50.18 65.63
C ALA I 24 -51.97 49.49 66.02
N ALA I 25 -52.94 50.30 66.48
CA ALA I 25 -54.26 49.77 66.78
C ALA I 25 -55.02 49.29 65.52
N SER I 26 -55.00 50.07 64.43
CA SER I 26 -55.56 49.55 63.15
C SER I 26 -54.92 48.21 62.75
N VAL I 27 -53.62 48.07 62.99
CA VAL I 27 -52.95 46.82 62.64
C VAL I 27 -53.51 45.71 63.49
N GLU I 28 -53.59 45.91 64.81
CA GLU I 28 -54.19 44.85 65.67
C GLU I 28 -55.58 44.50 65.32
N LYS I 29 -56.40 45.51 65.03
CA LYS I 29 -57.83 45.29 64.69
C LYS I 29 -57.88 44.41 63.42
N LEU I 30 -57.07 44.73 62.40
CA LEU I 30 -57.04 43.90 61.18
C LEU I 30 -56.54 42.48 61.47
N LEU I 31 -55.52 42.35 62.30
CA LEU I 31 -54.98 41.01 62.58
C LEU I 31 -55.95 40.16 63.37
N ALA I 32 -56.66 40.78 64.31
CA ALA I 32 -57.69 40.10 65.08
C ALA I 32 -58.88 39.65 64.22
N THR I 33 -59.25 40.45 63.22
CA THR I 33 -60.43 40.19 62.41
C THR I 33 -60.18 39.40 61.14
N LEU I 34 -59.01 39.54 60.50
CA LEU I 34 -58.83 38.89 59.20
C LEU I 34 -58.49 37.45 59.42
N PRO I 35 -58.65 36.63 58.36
CA PRO I 35 -58.18 35.25 58.44
C PRO I 35 -56.67 35.13 58.61
N GLU I 36 -56.23 33.93 58.98
CA GLU I 36 -54.83 33.61 59.12
C GLU I 36 -54.06 33.79 57.80
N HIS I 37 -52.73 33.94 57.94
CA HIS I 37 -51.84 34.27 56.80
C HIS I 37 -51.93 33.03 55.89
N GLY I 38 -52.17 33.23 54.60
CA GLY I 38 -52.26 32.09 53.68
C GLY I 38 -53.70 31.67 53.40
N ALA I 39 -54.65 32.18 54.20
CA ALA I 39 -56.09 32.09 53.88
C ALA I 39 -56.64 33.45 53.45
N ARG I 40 -55.79 34.48 53.46
CA ARG I 40 -56.22 35.83 53.13
C ARG I 40 -56.38 35.99 51.64
N SER I 41 -57.41 36.73 51.24
CA SER I 41 -57.60 37.18 49.85
C SER I 41 -56.62 38.30 49.51
N SER I 42 -56.57 38.70 48.23
CA SER I 42 -55.63 39.72 47.75
C SER I 42 -55.96 41.07 48.35
N ALA I 43 -57.26 41.40 48.34
CA ALA I 43 -57.78 42.64 48.96
C ALA I 43 -57.37 42.73 50.43
N GLU I 44 -57.51 41.61 51.14
CA GLU I 44 -57.13 41.48 52.57
C GLU I 44 -55.61 41.58 52.79
N ARG I 45 -54.85 40.84 51.98
CA ARG I 45 -53.37 40.95 51.92
C ARG I 45 -52.87 42.39 51.69
N ALA I 46 -53.50 43.09 50.77
CA ALA I 46 -53.15 44.49 50.46
C ALA I 46 -53.49 45.45 51.59
N GLU I 47 -54.56 45.13 52.32
CA GLU I 47 -55.09 45.99 53.41
C GLU I 47 -54.20 45.95 54.62
N ILE I 48 -53.86 44.73 55.01
CA ILE I 48 -52.88 44.53 56.11
C ILE I 48 -51.47 45.02 55.78
N ALA I 49 -51.04 44.80 54.54
CA ALA I 49 -49.73 45.38 54.08
C ALA I 49 -49.69 46.90 54.23
N ALA I 50 -50.75 47.54 53.78
CA ALA I 50 -50.87 49.01 53.84
C ALA I 50 -50.89 49.47 55.28
N ALA I 51 -51.55 48.70 56.15
CA ALA I 51 -51.61 49.08 57.58
C ALA I 51 -50.23 48.99 58.27
N HIS I 52 -49.55 47.86 58.06
CA HIS I 52 -48.12 47.67 58.47
C HIS I 52 -47.24 48.78 57.96
N ASP I 53 -47.41 49.12 56.70
CA ASP I 53 -46.61 50.20 56.12
C ASP I 53 -46.80 51.55 56.82
N ALA I 54 -48.03 51.91 57.06
CA ALA I 54 -48.31 53.20 57.75
C ALA I 54 -47.72 53.19 59.13
N ALA I 55 -47.91 52.08 59.83
CA ALA I 55 -47.39 51.99 61.22
C ALA I 55 -45.88 52.06 61.27
N ARG I 56 -45.25 51.25 60.41
CA ARG I 56 -43.77 51.24 60.35
C ARG I 56 -43.21 52.62 59.97
N ALA I 57 -43.85 53.28 59.00
CA ALA I 57 -43.46 54.70 58.64
C ALA I 57 -43.48 55.59 59.84
N LEU I 58 -44.46 55.40 60.71
CA LEU I 58 -44.59 56.28 61.88
C LEU I 58 -43.59 55.90 62.94
N ARG I 59 -43.28 54.60 63.06
CA ARG I 59 -42.17 54.24 63.97
C ARG I 59 -40.89 54.99 63.59
N VAL I 60 -40.60 55.02 62.28
CA VAL I 60 -39.40 55.72 61.80
C VAL I 60 -39.45 57.21 62.10
N ARG I 61 -40.54 57.86 61.73
CA ARG I 61 -40.70 59.31 62.00
C ARG I 61 -40.69 59.65 63.50
N PHE I 62 -41.37 58.85 64.29
CA PHE I 62 -41.36 59.04 65.72
C PHE I 62 -39.92 59.04 66.23
N LEU I 63 -39.17 58.00 65.88
CA LEU I 63 -37.83 57.84 66.38
C LEU I 63 -36.83 58.81 65.79
N ASP I 64 -37.07 59.28 64.56
CA ASP I 64 -36.17 60.31 63.98
C ASP I 64 -36.00 61.51 64.89
N THR I 65 -37.07 61.88 65.61
CA THR I 65 -37.03 63.00 66.55
C THR I 65 -36.89 62.56 68.01
N HIS I 66 -37.42 61.40 68.38
CA HIS I 66 -37.50 61.01 69.81
C HIS I 66 -36.61 59.87 70.30
N ALA I 67 -35.73 59.36 69.44
CA ALA I 67 -34.91 58.19 69.81
C ALA I 67 -34.11 58.36 71.09
N ASP I 68 -33.40 59.48 71.19
CA ASP I 68 -32.57 59.76 72.38
C ASP I 68 -33.41 59.83 73.65
N ALA I 69 -34.56 60.48 73.57
CA ALA I 69 -35.43 60.58 74.75
C ALA I 69 -35.96 59.18 75.12
N VAL I 70 -36.33 58.41 74.11
CA VAL I 70 -36.77 57.02 74.34
C VAL I 70 -35.68 56.16 74.98
N TYR I 71 -34.45 56.29 74.48
CA TYR I 71 -33.33 55.49 74.99
C TYR I 71 -32.98 55.93 76.42
N ASP I 72 -32.95 57.24 76.62
CA ASP I 72 -32.80 57.78 77.99
C ASP I 72 -33.83 57.27 79.00
N ARG I 73 -35.09 57.16 78.60
CA ARG I 73 -36.06 56.56 79.52
C ARG I 73 -35.62 55.15 79.88
N LEU I 74 -35.24 54.33 78.90
CA LEU I 74 -35.00 52.89 79.16
C LEU I 74 -33.73 52.56 79.96
N THR I 75 -32.74 53.45 79.86
CA THR I 75 -31.40 53.29 80.44
C THR I 75 -31.04 54.30 81.51
N ASP I 76 -32.04 55.09 81.94
CA ASP I 76 -31.88 56.06 83.01
C ASP I 76 -30.82 57.08 82.62
N HIS I 77 -31.06 57.77 81.51
CA HIS I 77 -30.05 58.70 80.89
C HIS I 77 -28.66 58.06 80.76
N ARG I 78 -28.60 56.87 80.15
CA ARG I 78 -27.32 56.21 79.80
C ARG I 78 -26.44 55.87 80.99
N ARG I 79 -27.08 55.48 82.10
CA ARG I 79 -26.38 55.06 83.33
C ARG I 79 -26.56 53.62 83.61
N VAL I 80 -27.44 52.96 82.87
CA VAL I 80 -27.60 51.52 82.97
C VAL I 80 -27.34 50.95 81.59
N HIS I 81 -26.39 50.01 81.53
CA HIS I 81 -26.11 49.29 80.28
C HIS I 81 -27.11 48.19 80.10
N LEU I 82 -27.91 48.26 79.05
CA LEU I 82 -28.77 47.14 78.70
C LEU I 82 -28.33 46.51 77.37
N ARG I 83 -28.18 45.20 77.38
CA ARG I 83 -28.01 44.38 76.15
C ARG I 83 -29.27 44.41 75.26
N LEU I 84 -29.14 43.92 74.03
CA LEU I 84 -30.16 44.07 73.00
C LEU I 84 -31.49 43.49 73.39
N ALA I 85 -31.45 42.28 73.92
CA ALA I 85 -32.66 41.56 74.27
C ALA I 85 -33.47 42.32 75.36
N GLU I 86 -32.76 42.76 76.41
CA GLU I 86 -33.35 43.54 77.51
C GLU I 86 -33.83 44.88 77.04
N LEU I 87 -33.01 45.53 76.22
CA LEU I 87 -33.42 46.84 75.67
C LEU I 87 -34.73 46.77 74.86
N VAL I 88 -34.87 45.80 73.98
CA VAL I 88 -36.08 45.76 73.12
C VAL I 88 -37.34 45.32 73.91
N GLU I 89 -37.17 44.42 74.86
CA GLU I 89 -38.21 44.03 75.80
C GLU I 89 -38.68 45.24 76.62
N ALA I 90 -37.75 45.96 77.23
CA ALA I 90 -38.07 47.14 78.05
C ALA I 90 -38.68 48.24 77.20
N ALA I 91 -38.23 48.38 75.96
CA ALA I 91 -38.89 49.33 75.01
C ALA I 91 -40.33 48.96 74.72
N ALA I 92 -40.62 47.68 74.60
CA ALA I 92 -41.96 47.19 74.28
C ALA I 92 -42.98 47.49 75.39
N THR I 93 -42.56 47.30 76.64
CA THR I 93 -43.41 47.54 77.80
C THR I 93 -43.54 49.05 78.09
N ALA I 94 -42.49 49.83 77.92
CA ALA I 94 -42.57 51.32 78.12
C ALA I 94 -43.17 52.08 76.98
N PHE I 95 -43.15 51.50 75.80
CA PHE I 95 -43.66 52.20 74.60
C PHE I 95 -44.52 51.24 73.77
N PRO I 96 -45.68 50.89 74.28
CA PRO I 96 -46.47 49.90 73.57
C PRO I 96 -46.69 50.31 72.12
N GLY I 97 -46.55 49.34 71.23
CA GLY I 97 -46.68 49.55 69.80
C GLY I 97 -45.44 50.01 69.03
N LEU I 98 -44.42 50.46 69.74
CA LEU I 98 -43.14 50.85 69.12
C LEU I 98 -42.35 49.64 68.59
N VAL I 99 -42.28 48.62 69.45
CA VAL I 99 -41.65 47.35 69.13
C VAL I 99 -42.51 46.24 69.77
N PRO I 100 -42.49 45.00 69.21
CA PRO I 100 -43.33 43.96 69.79
C PRO I 100 -42.95 43.45 71.22
N THR I 101 -43.99 43.07 71.93
CA THR I 101 -43.95 42.42 73.24
C THR I 101 -43.43 41.01 73.11
N GLN I 102 -42.99 40.46 74.24
CA GLN I 102 -42.51 39.06 74.30
C GLN I 102 -43.56 38.07 73.78
N GLN I 103 -44.80 38.32 74.17
CA GLN I 103 -45.95 37.55 73.72
C GLN I 103 -46.16 37.59 72.24
N GLN I 104 -46.20 38.79 71.67
CA GLN I 104 -46.34 38.97 70.19
C GLN I 104 -45.23 38.23 69.40
N LEU I 105 -44.01 38.30 69.93
CA LEU I 105 -42.87 37.55 69.39
C LEU I 105 -43.02 36.05 69.48
N ALA I 106 -43.60 35.54 70.58
CA ALA I 106 -43.80 34.08 70.73
C ALA I 106 -44.72 33.55 69.68
N VAL I 107 -45.74 34.33 69.36
CA VAL I 107 -46.71 33.94 68.33
C VAL I 107 -45.98 33.86 67.00
N GLU I 108 -45.19 34.90 66.72
CA GLU I 108 -44.34 34.96 65.49
C GLU I 108 -43.37 33.80 65.42
N ARG I 109 -42.65 33.54 66.52
CA ARG I 109 -41.68 32.43 66.57
C ARG I 109 -42.28 31.06 66.31
N SER I 110 -43.53 30.90 66.69
CA SER I 110 -44.27 29.66 66.46
C SER I 110 -44.63 29.40 65.02
N LEU I 111 -44.58 30.45 64.21
CA LEU I 111 -44.95 30.36 62.77
C LEU I 111 -43.70 30.10 61.95
N PRO I 112 -43.85 29.46 60.77
CA PRO I 112 -42.77 29.50 59.77
C PRO I 112 -42.62 30.91 59.20
N GLN I 113 -41.39 31.31 58.81
CA GLN I 113 -41.11 32.67 58.21
C GLN I 113 -42.22 33.15 57.24
N ALA I 114 -42.62 32.26 56.34
CA ALA I 114 -43.57 32.61 55.28
C ALA I 114 -44.87 33.20 55.80
N ALA I 115 -45.26 32.75 56.98
CA ALA I 115 -46.55 33.11 57.60
C ALA I 115 -46.48 34.27 58.58
N LYS I 116 -45.27 34.68 58.94
CA LYS I 116 -45.08 35.80 59.88
C LYS I 116 -45.53 37.16 59.37
N GLU I 117 -45.98 38.01 60.30
CA GLU I 117 -46.34 39.42 60.00
C GLU I 117 -45.12 40.36 59.87
N GLY I 118 -43.97 39.95 60.39
CA GLY I 118 -42.74 40.72 60.26
C GLY I 118 -42.59 41.72 61.38
N HIS I 119 -43.07 41.37 62.57
CA HIS I 119 -42.93 42.29 63.71
C HIS I 119 -41.49 42.62 64.06
N GLU I 120 -40.54 41.72 63.75
CA GLU I 120 -39.14 41.98 63.98
C GLU I 120 -38.68 43.24 63.25
N ILE I 121 -39.31 43.54 62.13
CA ILE I 121 -38.96 44.74 61.35
C ILE I 121 -39.04 46.00 62.20
N ASP I 122 -40.02 46.01 63.11
CA ASP I 122 -40.16 47.13 64.07
C ASP I 122 -38.93 47.24 64.96
N GLN I 123 -38.39 46.10 65.35
CA GLN I 123 -37.17 46.07 66.16
C GLN I 123 -35.98 46.60 65.36
N GLY I 124 -35.98 46.31 64.08
CA GLY I 124 -34.96 46.84 63.16
C GLY I 124 -35.03 48.35 63.03
N ILE I 125 -36.27 48.84 62.91
CA ILE I 125 -36.49 50.30 62.96
C ILE I 125 -35.92 50.95 64.25
N PHE I 126 -36.22 50.32 65.37
CA PHE I 126 -35.80 50.79 66.67
C PHE I 126 -34.28 50.83 66.80
N LEU I 127 -33.66 49.66 66.59
CA LEU I 127 -32.19 49.53 66.71
C LEU I 127 -31.40 50.40 65.73
N ARG I 128 -31.90 50.53 64.49
CA ARG I 128 -31.37 51.53 63.56
C ARG I 128 -31.32 52.92 64.23
N ALA I 129 -32.46 53.36 64.75
CA ALA I 129 -32.56 54.71 65.34
C ALA I 129 -31.66 54.89 66.56
N VAL I 130 -31.63 53.90 67.41
CA VAL I 130 -30.69 53.91 68.57
C VAL I 130 -29.22 53.98 68.13
N LEU I 131 -28.80 53.07 67.25
CA LEU I 131 -27.40 53.04 66.80
C LEU I 131 -27.00 54.29 66.01
N ARG I 132 -27.94 54.91 65.30
CA ARG I 132 -27.65 56.18 64.60
C ARG I 132 -27.28 57.33 65.54
N SER I 133 -27.70 57.23 66.81
CA SER I 133 -27.50 58.33 67.74
C SER I 133 -26.08 58.33 68.26
N PRO I 134 -25.40 59.51 68.19
CA PRO I 134 -24.01 59.58 68.69
C PRO I 134 -23.90 59.40 70.19
N LEU I 135 -25.04 59.48 70.87
CA LEU I 135 -25.08 59.27 72.31
C LEU I 135 -25.51 57.87 72.69
N ALA I 136 -26.66 57.46 72.17
CA ALA I 136 -27.25 56.14 72.49
C ALA I 136 -26.46 54.99 71.85
N GLY I 137 -26.05 55.20 70.59
CA GLY I 137 -25.29 54.24 69.82
C GLY I 137 -24.06 53.66 70.54
N PRO I 138 -23.06 54.51 70.83
CA PRO I 138 -21.86 54.02 71.54
C PRO I 138 -22.14 53.36 72.88
N HIS I 139 -23.19 53.84 73.55
CA HIS I 139 -23.56 53.31 74.83
C HIS I 139 -24.10 51.87 74.73
N LEU I 140 -25.01 51.65 73.80
CA LEU I 140 -25.47 50.31 73.48
C LEU I 140 -24.32 49.36 73.05
N LEU I 141 -23.40 49.87 72.24
CA LEU I 141 -22.30 49.04 71.78
C LEU I 141 -21.41 48.62 72.96
N ASP I 142 -21.18 49.55 73.87
CA ASP I 142 -20.49 49.22 75.12
C ASP I 142 -21.22 48.18 75.93
N ALA I 143 -22.56 48.30 76.02
CA ALA I 143 -23.35 47.31 76.79
C ALA I 143 -23.11 45.91 76.25
N MET I 144 -23.05 45.81 74.93
CA MET I 144 -22.89 44.49 74.26
C MET I 144 -21.47 43.98 74.38
N LEU I 145 -20.51 44.83 74.71
CA LEU I 145 -19.12 44.36 74.98
C LEU I 145 -18.90 43.91 76.39
N ARG I 146 -19.87 44.14 77.27
CA ARG I 146 -19.74 43.67 78.65
C ARG I 146 -19.91 42.16 78.73
N PRO I 147 -19.38 41.52 79.81
CA PRO I 147 -19.45 40.07 79.83
C PRO I 147 -20.86 39.66 80.05
N THR I 148 -21.23 38.54 79.46
CA THR I 148 -22.56 37.98 79.66
C THR I 148 -22.64 37.40 81.06
N PRO I 149 -23.84 37.42 81.69
CA PRO I 149 -24.03 36.74 83.01
C PRO I 149 -23.66 35.27 82.97
N ARG I 150 -24.03 34.59 81.91
CA ARG I 150 -23.72 33.18 81.80
C ARG I 150 -22.23 32.92 81.89
N ALA I 151 -21.43 33.83 81.34
CA ALA I 151 -19.97 33.69 81.39
C ALA I 151 -19.42 33.98 82.79
N LEU I 152 -19.95 35.02 83.43
CA LEU I 152 -19.54 35.34 84.82
C LEU I 152 -19.82 34.19 85.79
N GLU I 153 -20.95 33.54 85.58
CA GLU I 153 -21.37 32.41 86.38
C GLU I 153 -20.46 31.18 86.16
N LEU I 154 -20.08 30.92 84.91
CA LEU I 154 -19.17 29.75 84.61
C LEU I 154 -17.70 29.99 84.82
N LEU I 155 -17.33 31.23 85.00
CA LEU I 155 -15.89 31.58 85.08
C LEU I 155 -15.10 30.84 86.13
N PRO I 156 -15.58 30.75 87.41
CA PRO I 156 -14.74 30.04 88.43
C PRO I 156 -14.54 28.58 88.14
N GLU I 157 -15.59 27.88 87.71
CA GLU I 157 -15.37 26.47 87.33
C GLU I 157 -14.33 26.40 86.22
N PHE I 158 -14.40 27.36 85.28
CA PHE I 158 -13.62 27.28 84.08
C PHE I 158 -12.19 27.52 84.44
N VAL I 159 -11.95 28.51 85.29
CA VAL I 159 -10.62 28.74 85.87
C VAL I 159 -10.08 27.49 86.63
N ARG I 160 -10.94 26.80 87.37
CA ARG I 160 -10.53 25.63 88.11
C ARG I 160 -10.26 24.42 87.19
N THR I 161 -11.16 24.16 86.26
CA THR I 161 -11.20 22.92 85.46
C THR I 161 -10.42 23.03 84.12
N GLY I 162 -10.37 24.23 83.56
CA GLY I 162 -9.87 24.42 82.18
C GLY I 162 -10.80 23.92 81.08
N GLU I 163 -12.07 23.73 81.37
CA GLU I 163 -12.94 22.98 80.49
C GLU I 163 -14.43 23.27 80.69
N VAL I 164 -15.15 23.45 79.57
CA VAL I 164 -16.61 23.67 79.56
C VAL I 164 -17.20 23.10 78.32
N GLU I 165 -18.21 22.26 78.48
CA GLU I 165 -18.87 21.61 77.36
C GLU I 165 -20.17 22.29 77.20
N MET I 166 -20.44 22.85 76.01
CA MET I 166 -21.69 23.50 75.74
C MET I 166 -22.33 22.83 74.57
N GLU I 167 -23.57 23.17 74.28
CA GLU I 167 -24.28 22.47 73.23
C GLU I 167 -23.54 22.53 71.89
N ALA I 168 -23.02 23.71 71.53
CA ALA I 168 -22.46 23.97 70.15
C ALA I 168 -20.99 24.27 70.13
N VAL I 169 -20.41 24.40 71.30
CA VAL I 169 -19.01 24.76 71.43
C VAL I 169 -18.42 24.00 72.61
N HIS I 170 -17.25 23.43 72.40
CA HIS I 170 -16.42 22.86 73.45
C HIS I 170 -15.24 23.78 73.66
N LEU I 171 -15.02 24.20 74.90
CA LEU I 171 -13.94 25.16 75.25
C LEU I 171 -12.96 24.52 76.23
N GLU I 172 -11.66 24.67 75.97
CA GLU I 172 -10.61 24.04 76.75
C GLU I 172 -9.43 24.95 76.84
N ARG I 173 -9.01 25.28 78.04
CA ARG I 173 -7.75 25.98 78.22
C ARG I 173 -6.60 24.96 78.20
N ARG I 174 -5.58 25.24 77.40
CA ARG I 174 -4.43 24.38 77.30
C ARG I 174 -3.24 25.15 76.80
N ASP I 175 -2.14 25.07 77.53
CA ASP I 175 -0.88 25.77 77.23
C ASP I 175 -1.07 27.25 77.01
N GLY I 176 -1.94 27.87 77.81
CA GLY I 176 -2.25 29.28 77.65
C GLY I 176 -3.18 29.67 76.48
N VAL I 177 -3.84 28.69 75.88
CA VAL I 177 -4.67 28.90 74.71
C VAL I 177 -6.07 28.53 75.06
N ALA I 178 -7.01 29.38 74.66
CA ALA I 178 -8.41 29.04 74.75
C ALA I 178 -8.77 28.39 73.46
N ARG I 179 -9.01 27.09 73.52
CA ARG I 179 -9.38 26.34 72.31
C ARG I 179 -10.85 26.22 72.22
N LEU I 180 -11.44 26.99 71.31
CA LEU I 180 -12.85 26.84 71.00
C LEU I 180 -12.98 25.88 69.88
N THR I 181 -13.72 24.82 70.11
CA THR I 181 -14.06 23.89 69.06
C THR I 181 -15.54 23.96 68.78
N MET I 182 -15.92 24.26 67.54
CA MET I 182 -17.32 24.27 67.17
C MET I 182 -17.75 22.86 66.79
N CYS I 183 -18.72 22.29 67.49
CA CYS I 183 -18.88 20.81 67.57
C CYS I 183 -20.29 20.36 67.32
N ARG I 184 -20.96 20.99 66.34
CA ARG I 184 -22.28 20.50 65.88
C ARG I 184 -22.07 19.56 64.73
N ASP I 185 -21.65 18.36 65.12
CA ASP I 185 -21.17 17.28 64.23
C ASP I 185 -22.18 16.71 63.22
N ASP I 186 -23.48 16.90 63.46
CA ASP I 186 -24.56 16.41 62.57
C ASP I 186 -24.98 17.37 61.41
N ARG I 187 -24.52 18.62 61.47
CA ARG I 187 -25.00 19.66 60.58
C ARG I 187 -23.91 20.71 60.18
N LEU I 188 -22.67 20.30 60.17
CA LEU I 188 -21.58 21.11 59.62
C LEU I 188 -21.44 22.50 60.29
N ASN I 189 -21.64 22.49 61.59
CA ASN I 189 -21.58 23.70 62.43
C ASN I 189 -22.48 24.82 61.95
N ALA I 190 -23.58 24.42 61.30
CA ALA I 190 -24.63 25.34 60.97
C ALA I 190 -25.09 26.13 62.22
N GLU I 191 -25.19 27.43 62.04
CA GLU I 191 -25.38 28.37 63.13
C GLU I 191 -26.86 28.61 63.47
N ASP I 192 -27.11 28.79 64.77
CA ASP I 192 -28.40 29.19 65.32
C ASP I 192 -28.24 30.00 66.59
N GLY I 193 -29.33 30.32 67.25
CA GLY I 193 -29.28 31.25 68.40
C GLY I 193 -28.52 30.70 69.55
N GLN I 194 -28.60 29.40 69.72
CA GLN I 194 -27.87 28.69 70.81
C GLN I 194 -26.38 28.71 70.59
N GLN I 195 -25.98 28.50 69.34
CA GLN I 195 -24.54 28.61 68.95
C GLN I 195 -23.99 29.98 69.28
N VAL I 196 -24.76 31.01 68.97
CA VAL I 196 -24.30 32.38 69.29
C VAL I 196 -24.10 32.54 70.76
N ASP I 197 -25.08 32.07 71.54
CA ASP I 197 -25.01 32.19 73.02
C ASP I 197 -23.78 31.46 73.55
N ASP I 198 -23.58 30.24 73.02
CA ASP I 198 -22.38 29.44 73.37
C ASP I 198 -21.04 30.11 72.93
N MET I 199 -21.02 30.65 71.72
CA MET I 199 -19.86 31.35 71.21
C MET I 199 -19.50 32.56 72.08
N GLU I 200 -20.48 33.40 72.38
CA GLU I 200 -20.23 34.61 73.16
C GLU I 200 -19.78 34.22 74.55
N THR I 201 -20.40 33.19 75.08
CA THR I 201 -20.05 32.72 76.43
C THR I 201 -18.61 32.26 76.45
N ALA I 202 -18.26 31.46 75.45
CA ALA I 202 -16.90 30.96 75.33
C ALA I 202 -15.88 32.09 75.11
N VAL I 203 -16.24 33.05 74.26
CA VAL I 203 -15.35 34.17 73.99
C VAL I 203 -15.12 34.96 75.24
N ASP I 204 -16.20 35.26 75.95
CA ASP I 204 -16.13 35.90 77.28
C ASP I 204 -15.22 35.15 78.28
N LEU I 205 -15.40 33.86 78.40
CA LEU I 205 -14.52 33.11 79.29
C LEU I 205 -13.06 33.27 78.91
N ALA I 206 -12.76 33.04 77.62
CA ALA I 206 -11.35 33.12 77.12
C ALA I 206 -10.70 34.49 77.43
N LEU I 207 -11.44 35.56 77.18
CA LEU I 207 -10.98 36.86 77.54
C LEU I 207 -10.79 37.15 79.05
N LEU I 208 -11.71 36.69 79.87
CA LEU I 208 -11.64 36.93 81.32
C LEU I 208 -10.60 36.07 82.06
N ASP I 209 -10.39 34.87 81.55
CA ASP I 209 -9.53 33.92 82.21
C ASP I 209 -8.10 34.41 82.12
N PRO I 210 -7.46 34.74 83.24
CA PRO I 210 -6.05 35.19 83.17
C PRO I 210 -5.03 34.14 82.76
N GLY I 211 -5.37 32.85 82.81
CA GLY I 211 -4.44 31.83 82.28
C GLY I 211 -4.54 31.60 80.77
N VAL I 212 -5.38 32.41 80.09
CA VAL I 212 -5.49 32.39 78.62
C VAL I 212 -4.75 33.60 78.06
N ARG I 213 -3.87 33.32 77.10
CA ARG I 213 -3.12 34.36 76.42
C ARG I 213 -3.58 34.58 74.98
N VAL I 214 -4.02 33.50 74.33
CA VAL I 214 -4.38 33.49 72.95
C VAL I 214 -5.59 32.58 72.72
N GLY I 215 -6.42 32.94 71.75
CA GLY I 215 -7.59 32.16 71.40
C GLY I 215 -7.44 31.41 70.05
N LEU I 216 -8.15 30.29 69.95
CA LEU I 216 -8.12 29.47 68.79
C LEU I 216 -9.53 29.07 68.49
N LEU I 217 -9.97 29.30 67.25
CA LEU I 217 -11.29 28.83 66.83
C LEU I 217 -11.12 27.84 65.74
N ARG I 218 -11.75 26.71 65.91
CA ARG I 218 -11.63 25.64 64.98
C ARG I 218 -12.87 24.76 64.95
N GLY I 219 -13.15 24.18 63.80
CA GLY I 219 -14.26 23.26 63.66
C GLY I 219 -13.88 21.89 64.16
N GLY I 220 -14.82 21.24 64.85
CA GLY I 220 -14.58 19.88 65.34
C GLY I 220 -14.92 18.79 64.31
N VAL I 221 -14.59 17.57 64.70
CA VAL I 221 -14.79 16.38 63.84
C VAL I 221 -16.27 16.18 63.62
N MET I 222 -16.63 15.97 62.38
CA MET I 222 -18.05 15.77 62.02
C MET I 222 -18.44 14.29 62.11
N SER I 223 -19.76 14.08 62.21
CA SER I 223 -20.35 12.73 62.28
C SER I 223 -21.37 12.39 61.19
N HIS I 224 -21.96 13.39 60.55
CA HIS I 224 -22.75 13.19 59.30
C HIS I 224 -21.99 12.34 58.25
N PRO I 225 -22.65 11.36 57.60
CA PRO I 225 -21.98 10.34 56.73
C PRO I 225 -21.09 10.92 55.62
N ARG I 226 -21.50 12.02 55.01
CA ARG I 226 -20.71 12.64 53.91
C ARG I 226 -19.38 13.25 54.42
N TYR I 227 -19.26 13.42 55.73
CA TYR I 227 -18.11 14.06 56.34
C TYR I 227 -17.56 13.32 57.53
N ARG I 228 -17.93 12.07 57.70
CA ARG I 228 -17.52 11.27 58.91
C ARG I 228 -16.00 11.22 59.12
N GLY I 229 -15.56 11.66 60.30
CA GLY I 229 -14.13 11.75 60.65
C GLY I 229 -13.36 12.99 60.20
N LYS I 230 -14.02 13.88 59.46
CA LYS I 230 -13.39 15.09 58.91
C LYS I 230 -13.82 16.30 59.71
N ARG I 231 -12.88 17.21 59.96
CA ARG I 231 -13.26 18.50 60.52
C ARG I 231 -13.94 19.42 59.51
N VAL I 232 -14.91 20.20 59.97
CA VAL I 232 -15.52 21.26 59.16
C VAL I 232 -15.71 22.53 59.99
N PHE I 233 -15.31 23.66 59.43
CA PHE I 233 -15.39 24.91 60.17
C PHE I 233 -16.83 25.40 60.29
N SER I 234 -17.46 25.81 59.16
CA SER I 234 -18.82 26.33 59.20
C SER I 234 -19.51 26.29 57.85
N ALA I 235 -20.75 25.85 57.89
CA ALA I 235 -21.69 25.90 56.77
C ALA I 235 -22.67 27.06 56.89
N GLY I 236 -22.36 27.99 57.77
CA GLY I 236 -23.12 29.21 57.90
C GLY I 236 -24.45 29.00 58.53
N ILE I 237 -25.35 29.93 58.29
CA ILE I 237 -26.57 29.99 59.04
C ILE I 237 -27.39 28.75 58.77
N ASN I 238 -28.06 28.30 59.82
CA ASN I 238 -29.01 27.21 59.69
C ASN I 238 -30.22 27.63 58.84
N LEU I 239 -30.21 27.22 57.58
CA LEU I 239 -31.25 27.56 56.60
C LEU I 239 -32.60 26.89 56.90
N LYS I 240 -32.57 25.67 57.47
CA LYS I 240 -33.78 24.97 57.85
C LYS I 240 -34.51 25.75 58.90
N TYR I 241 -33.77 26.09 59.95
CA TYR I 241 -34.31 26.91 61.04
C TYR I 241 -34.81 28.28 60.56
N LEU I 242 -34.03 28.94 59.72
CA LEU I 242 -34.43 30.22 59.10
C LEU I 242 -35.79 30.11 58.40
N SER I 243 -36.00 29.05 57.65
CA SER I 243 -37.32 28.74 56.99
C SER I 243 -38.46 28.52 57.98
N GLN I 244 -38.13 27.76 59.02
CA GLN I 244 -39.08 27.38 60.08
C GLN I 244 -39.40 28.49 61.06
N GLY I 245 -38.72 29.63 60.90
CA GLY I 245 -38.96 30.78 61.72
C GLY I 245 -38.10 30.95 62.94
N GLY I 246 -37.06 30.13 63.07
CA GLY I 246 -36.26 30.09 64.33
C GLY I 246 -34.99 30.90 64.33
N ILE I 247 -34.75 31.76 63.31
CA ILE I 247 -33.58 32.73 63.33
C ILE I 247 -34.06 34.14 63.71
N SER I 248 -33.60 34.58 64.84
CA SER I 248 -33.98 35.79 65.45
C SER I 248 -33.14 36.92 64.97
N LEU I 249 -33.81 37.98 64.52
CA LEU I 249 -33.12 39.21 64.12
C LEU I 249 -32.24 39.71 65.23
N VAL I 250 -32.81 39.81 66.41
CA VAL I 250 -32.09 40.41 67.57
C VAL I 250 -31.17 39.44 68.26
N ASP I 251 -31.68 38.24 68.56
CA ASP I 251 -30.94 37.26 69.39
C ASP I 251 -29.92 36.44 68.62
N PHE I 252 -29.98 36.49 67.26
CA PHE I 252 -29.00 35.87 66.41
C PHE I 252 -28.24 36.92 65.58
N LEU I 253 -28.92 37.64 64.70
CA LEU I 253 -28.26 38.40 63.64
C LEU I 253 -27.59 39.62 64.17
N MET I 254 -28.22 40.32 65.09
CA MET I 254 -27.54 41.47 65.71
C MET I 254 -26.67 41.08 66.88
N ARG I 255 -27.10 40.09 67.65
CA ARG I 255 -26.33 39.69 68.84
C ARG I 255 -24.95 39.27 68.48
N ARG I 256 -24.81 38.42 67.44
CA ARG I 256 -23.46 37.95 67.07
C ARG I 256 -22.57 39.07 66.60
N GLU I 257 -23.11 40.03 65.87
CA GLU I 257 -22.27 41.13 65.34
C GLU I 257 -21.81 42.09 66.42
N LEU I 258 -22.70 42.40 67.35
CA LEU I 258 -22.40 43.35 68.41
C LEU I 258 -21.81 42.73 69.66
N GLY I 259 -21.90 41.39 69.75
CA GLY I 259 -21.38 40.65 70.90
C GLY I 259 -20.05 39.95 70.60
N TYR I 260 -20.10 38.64 70.34
CA TYR I 260 -18.85 37.88 70.32
C TYR I 260 -17.89 38.31 69.21
N ILE I 261 -18.45 38.65 68.07
CA ILE I 261 -17.62 39.06 66.93
C ILE I 261 -16.94 40.39 67.20
N HIS I 262 -17.69 41.31 67.79
CA HIS I 262 -17.13 42.60 68.16
C HIS I 262 -16.15 42.45 69.32
N LYS I 263 -16.39 41.48 70.18
CA LYS I 263 -15.44 41.21 71.28
C LYS I 263 -14.11 40.61 70.78
N LEU I 264 -14.15 39.83 69.72
CA LEU I 264 -12.90 39.34 69.14
C LEU I 264 -12.03 40.51 68.71
N VAL I 265 -12.67 41.52 68.18
CA VAL I 265 -11.98 42.70 67.75
C VAL I 265 -11.56 43.54 68.99
N ARG I 266 -12.54 43.99 69.78
CA ARG I 266 -12.30 45.03 70.81
C ARG I 266 -12.12 44.57 72.24
N GLY I 267 -12.33 43.30 72.49
CA GLY I 267 -12.29 42.73 73.82
C GLY I 267 -13.55 42.97 74.64
N VAL I 268 -13.52 42.50 75.90
CA VAL I 268 -14.65 42.66 76.82
C VAL I 268 -14.48 43.88 77.69
N LEU I 269 -15.52 44.72 77.72
CA LEU I 269 -15.57 45.86 78.62
C LEU I 269 -15.81 45.38 80.04
N THR I 270 -14.87 45.66 80.94
CA THR I 270 -15.00 45.27 82.36
C THR I 270 -15.39 46.49 83.18
N ASN I 271 -15.77 46.24 84.44
CA ASN I 271 -15.85 47.33 85.42
C ASN I 271 -14.44 47.74 85.88
N ASP I 272 -14.33 48.98 86.32
CA ASP I 272 -13.11 49.51 86.93
C ASP I 272 -12.66 48.72 88.19
N ASP I 273 -12.13 47.51 88.02
CA ASP I 273 -11.91 46.59 89.17
C ASP I 273 -10.51 45.97 89.19
N ARG I 274 -9.56 46.61 88.52
CA ARG I 274 -8.23 45.98 88.39
C ARG I 274 -7.22 47.08 87.99
N PRO I 275 -5.94 46.89 88.30
CA PRO I 275 -4.95 47.85 87.86
C PRO I 275 -4.97 48.00 86.32
N GLY I 276 -4.58 49.16 85.81
CA GLY I 276 -4.42 49.30 84.38
C GLY I 276 -5.71 49.53 83.61
N TRP I 277 -6.84 49.51 84.32
CA TRP I 277 -8.15 49.76 83.70
C TRP I 277 -8.19 51.12 83.00
N TRP I 278 -7.50 52.10 83.59
CA TRP I 278 -7.42 53.47 83.03
C TRP I 278 -6.79 53.58 81.66
N HIS I 279 -5.92 52.63 81.33
CA HIS I 279 -5.37 52.49 79.95
C HIS I 279 -6.04 51.36 79.16
N SER I 280 -6.67 50.39 79.80
CA SER I 280 -7.24 49.23 79.14
C SER I 280 -8.52 48.81 79.81
N PRO I 281 -9.60 49.54 79.52
CA PRO I 281 -10.89 49.20 80.06
C PRO I 281 -11.40 47.89 79.52
N ARG I 282 -10.87 47.48 78.40
CA ARG I 282 -11.32 46.27 77.72
C ARG I 282 -10.20 45.29 77.76
N ILE I 283 -10.53 44.04 78.02
CA ILE I 283 -9.54 43.02 77.93
C ILE I 283 -9.66 42.41 76.54
N GLU I 284 -8.64 42.60 75.74
CA GLU I 284 -8.57 41.99 74.45
C GLU I 284 -7.42 41.00 74.34
N LYS I 285 -7.61 39.98 73.50
CA LYS I 285 -6.54 39.02 73.20
C LYS I 285 -6.52 38.68 71.72
N PRO I 286 -5.37 38.16 71.26
CA PRO I 286 -5.32 37.72 69.86
C PRO I 286 -5.98 36.41 69.61
N TRP I 287 -6.49 36.26 68.39
CA TRP I 287 -7.21 35.07 67.97
C TRP I 287 -6.70 34.48 66.69
N VAL I 288 -6.59 33.17 66.69
CA VAL I 288 -6.24 32.41 65.53
C VAL I 288 -7.44 31.59 65.10
N ALA I 289 -7.68 31.53 63.78
CA ALA I 289 -8.74 30.64 63.23
C ALA I 289 -8.11 29.66 62.31
N ALA I 290 -8.59 28.44 62.37
CA ALA I 290 -8.09 27.35 61.50
C ALA I 290 -9.26 26.73 60.77
N VAL I 291 -9.21 26.79 59.45
CA VAL I 291 -10.35 26.45 58.60
C VAL I 291 -10.17 25.10 57.88
N ASP I 292 -10.95 24.12 58.32
CA ASP I 292 -10.99 22.77 57.72
C ASP I 292 -12.26 22.66 56.90
N GLY I 293 -12.15 22.07 55.70
CA GLY I 293 -13.27 21.83 54.83
C GLY I 293 -13.71 23.09 54.12
N PHE I 294 -14.44 23.93 54.84
CA PHE I 294 -14.86 25.19 54.27
C PHE I 294 -15.38 26.12 55.31
N ALA I 295 -15.39 27.40 54.95
CA ALA I 295 -16.04 28.42 55.75
C ALA I 295 -17.08 29.08 54.84
N ILE I 296 -18.35 28.92 55.15
CA ILE I 296 -19.44 29.48 54.36
C ILE I 296 -20.26 30.46 55.20
N GLY I 297 -20.61 31.58 54.59
CA GLY I 297 -21.56 32.50 55.15
C GLY I 297 -21.04 33.06 56.42
N GLY I 298 -21.78 32.85 57.48
CA GLY I 298 -21.44 33.43 58.78
C GLY I 298 -20.06 32.97 59.22
N GLY I 299 -19.70 31.75 58.86
CA GLY I 299 -18.35 31.27 59.16
C GLY I 299 -17.26 32.00 58.39
N ALA I 300 -17.49 32.28 57.11
CA ALA I 300 -16.53 33.08 56.34
C ALA I 300 -16.44 34.50 56.94
N GLN I 301 -17.57 35.04 57.34
CA GLN I 301 -17.58 36.38 57.94
C GLN I 301 -16.66 36.47 59.13
N LEU I 302 -16.58 35.40 59.90
CA LEU I 302 -15.74 35.41 61.07
C LEU I 302 -14.31 35.63 60.78
N LEU I 303 -13.85 35.18 59.63
CA LEU I 303 -12.43 35.22 59.31
C LEU I 303 -11.89 36.65 59.20
N LEU I 304 -12.79 37.60 58.99
CA LEU I 304 -12.41 38.99 58.76
C LEU I 304 -11.99 39.77 60.02
N VAL I 305 -11.91 39.03 61.11
CA VAL I 305 -11.73 39.58 62.45
C VAL I 305 -10.57 38.92 63.23
N PHE I 306 -9.94 37.89 62.68
CA PHE I 306 -8.90 37.14 63.35
C PHE I 306 -7.52 37.73 63.14
N ASP I 307 -6.62 37.53 64.10
CA ASP I 307 -5.24 38.00 63.96
C ASP I 307 -4.39 37.14 63.04
N ARG I 308 -4.76 35.89 62.94
CA ARG I 308 -4.09 34.96 62.06
C ARG I 308 -5.16 33.93 61.59
N VAL I 309 -5.09 33.52 60.34
CA VAL I 309 -5.96 32.57 59.76
C VAL I 309 -5.18 31.52 59.01
N LEU I 310 -5.49 30.27 59.34
CA LEU I 310 -4.93 29.14 58.65
C LEU I 310 -5.98 28.34 57.98
N ALA I 311 -5.65 27.72 56.86
CA ALA I 311 -6.58 26.88 56.21
C ALA I 311 -5.94 25.64 55.64
N SER I 312 -6.73 24.59 55.53
CA SER I 312 -6.32 23.38 54.88
C SER I 312 -6.35 23.62 53.37
N SER I 313 -5.41 22.96 52.69
CA SER I 313 -5.28 23.10 51.26
C SER I 313 -6.62 23.00 50.48
N ASP I 314 -7.55 22.23 51.01
CA ASP I 314 -8.72 21.79 50.22
C ASP I 314 -9.93 22.65 50.51
N ALA I 315 -9.72 23.67 51.34
CA ALA I 315 -10.77 24.45 51.83
C ALA I 315 -11.16 25.50 50.82
N TYR I 316 -12.37 26.01 51.00
CA TYR I 316 -12.83 27.18 50.31
C TYR I 316 -13.57 28.12 51.22
N PHE I 317 -13.70 29.35 50.75
N PHE I 317 -13.67 29.39 50.78
CA PHE I 317 -14.37 30.45 51.47
CA PHE I 317 -14.35 30.53 51.49
C PHE I 317 -15.46 31.04 50.57
C PHE I 317 -15.45 31.06 50.58
N SER I 318 -16.68 31.09 51.06
CA SER I 318 -17.77 31.67 50.28
C SER I 318 -18.81 32.36 51.09
N LEU I 319 -19.44 33.33 50.42
CA LEU I 319 -20.68 34.07 50.91
C LEU I 319 -21.65 33.90 49.75
N PRO I 320 -22.40 32.78 49.73
CA PRO I 320 -22.96 32.27 48.49
C PRO I 320 -24.27 32.86 48.05
N ALA I 321 -25.04 33.42 48.96
CA ALA I 321 -26.44 33.74 48.70
C ALA I 321 -26.58 35.07 48.02
N ALA I 322 -26.05 35.10 46.81
CA ALA I 322 -25.90 36.35 46.10
C ALA I 322 -27.20 36.80 45.48
N LYS I 323 -27.96 35.83 45.00
CA LYS I 323 -29.19 36.09 44.27
C LYS I 323 -30.39 36.28 45.20
N GLU I 324 -30.48 35.47 46.26
CA GLU I 324 -31.69 35.44 47.11
C GLU I 324 -31.43 35.31 48.62
N GLY I 325 -30.28 35.82 49.09
CA GLY I 325 -29.92 35.70 50.45
C GLY I 325 -30.03 36.96 51.24
N ILE I 326 -29.76 36.80 52.54
CA ILE I 326 -29.69 37.90 53.44
C ILE I 326 -28.34 38.55 53.32
N ILE I 327 -28.19 39.71 53.94
CA ILE I 327 -26.91 40.37 53.94
C ILE I 327 -25.93 39.49 54.82
N PRO I 328 -24.67 39.31 54.39
CA PRO I 328 -23.69 38.42 55.11
C PRO I 328 -23.02 39.12 56.22
N GLY I 329 -23.82 39.47 57.22
CA GLY I 329 -23.36 40.22 58.34
C GLY I 329 -22.60 41.49 58.06
N ALA I 330 -21.44 41.59 58.69
CA ALA I 330 -20.51 42.71 58.49
C ALA I 330 -19.45 42.39 57.40
N ALA I 331 -19.58 41.30 56.66
CA ALA I 331 -18.71 41.13 55.48
C ALA I 331 -18.80 42.35 54.55
N ASN I 332 -19.97 42.94 54.39
CA ASN I 332 -20.05 44.14 53.47
C ASN I 332 -19.22 45.31 54.00
N LEU I 333 -19.03 45.31 55.29
CA LEU I 333 -18.25 46.37 55.97
C LEU I 333 -16.80 46.10 55.87
N ARG I 334 -16.42 44.84 56.05
CA ARG I 334 -15.05 44.47 56.24
C ARG I 334 -14.31 43.92 55.01
N LEU I 335 -15.03 43.25 54.15
CA LEU I 335 -14.41 42.52 53.07
C LEU I 335 -13.59 43.41 52.12
N GLY I 336 -14.08 44.60 51.84
CA GLY I 336 -13.42 45.55 50.96
C GLY I 336 -12.03 45.90 51.36
N ARG I 337 -11.83 46.00 52.64
CA ARG I 337 -10.50 46.36 53.24
C ARG I 337 -9.51 45.20 53.05
N PHE I 338 -10.02 44.00 53.01
CA PHE I 338 -9.22 42.83 52.72
C PHE I 338 -8.94 42.58 51.25
N ALA I 339 -9.95 42.79 50.42
CA ALA I 339 -9.91 42.30 49.01
C ALA I 339 -10.12 43.39 47.97
N GLY I 340 -10.42 44.61 48.42
CA GLY I 340 -10.72 45.72 47.50
C GLY I 340 -12.16 45.57 46.94
N PRO I 341 -12.66 46.58 46.28
CA PRO I 341 -14.05 46.64 45.90
C PRO I 341 -14.44 45.74 44.77
N ARG I 342 -13.49 45.40 43.91
CA ARG I 342 -13.81 44.50 42.84
C ARG I 342 -14.04 43.11 43.36
N VAL I 343 -13.07 42.56 44.08
CA VAL I 343 -13.20 41.17 44.56
C VAL I 343 -14.32 41.04 45.59
N SER I 344 -14.45 42.06 46.40
CA SER I 344 -15.50 42.10 47.39
C SER I 344 -16.88 41.98 46.72
N ARG I 345 -17.06 42.64 45.59
CA ARG I 345 -18.34 42.52 44.83
C ARG I 345 -18.45 41.23 44.10
N GLN I 346 -17.35 40.69 43.62
CA GLN I 346 -17.39 39.37 42.99
C GLN I 346 -17.85 38.34 43.98
N VAL I 347 -17.37 38.46 45.23
CA VAL I 347 -17.70 37.51 46.23
C VAL I 347 -19.18 37.69 46.67
N ILE I 348 -19.56 38.92 46.98
CA ILE I 348 -20.85 39.15 47.68
C ILE I 348 -22.00 39.37 46.68
N LEU I 349 -21.80 40.20 45.66
CA LEU I 349 -22.83 40.45 44.64
C LEU I 349 -23.02 39.27 43.70
N GLU I 350 -21.97 38.52 43.43
CA GLU I 350 -22.06 37.38 42.44
C GLU I 350 -21.76 36.05 42.96
N GLY I 351 -21.41 35.93 44.23
CA GLY I 351 -21.26 34.61 44.85
C GLY I 351 -20.00 33.84 44.43
N ARG I 352 -18.96 34.57 44.11
CA ARG I 352 -17.70 33.93 43.77
C ARG I 352 -17.12 33.27 45.02
N ARG I 353 -16.79 32.03 44.82
CA ARG I 353 -16.22 31.24 45.86
C ARG I 353 -14.73 31.27 45.70
N ILE I 354 -14.00 31.38 46.78
CA ILE I 354 -12.54 31.48 46.79
C ILE I 354 -11.87 30.32 47.45
N TRP I 355 -10.96 29.71 46.70
CA TRP I 355 -10.34 28.47 47.12
C TRP I 355 -9.02 28.74 47.84
N ALA I 356 -8.72 27.92 48.82
CA ALA I 356 -7.51 28.11 49.65
C ALA I 356 -6.25 28.19 48.86
N LYS I 357 -6.18 27.44 47.77
CA LYS I 357 -4.96 27.36 46.97
C LYS I 357 -4.81 28.41 45.87
N GLU I 358 -5.85 29.24 45.62
CA GLU I 358 -5.72 30.26 44.59
C GLU I 358 -5.00 31.47 45.17
N PRO I 359 -4.31 32.25 44.35
CA PRO I 359 -3.53 33.40 44.88
C PRO I 359 -4.34 34.36 45.70
N GLU I 360 -5.56 34.61 45.29
CA GLU I 360 -6.44 35.54 46.02
C GLU I 360 -6.88 35.04 47.40
N ALA I 361 -6.69 33.77 47.71
CA ALA I 361 -6.89 33.28 49.10
C ALA I 361 -6.00 34.03 50.10
N ARG I 362 -4.87 34.48 49.62
CA ARG I 362 -3.92 35.19 50.50
C ARG I 362 -4.43 36.52 50.99
N LEU I 363 -5.51 36.99 50.40
CA LEU I 363 -6.19 38.19 50.87
C LEU I 363 -6.90 37.97 52.18
N LEU I 364 -7.28 36.72 52.43
CA LEU I 364 -8.09 36.31 53.56
C LEU I 364 -7.42 35.38 54.57
N VAL I 365 -6.37 34.71 54.11
CA VAL I 365 -5.78 33.57 54.77
C VAL I 365 -4.27 33.79 54.80
N ASP I 366 -3.67 33.56 55.93
CA ASP I 366 -2.25 33.80 56.11
C ASP I 366 -1.42 32.60 55.71
N GLU I 367 -1.92 31.40 55.98
CA GLU I 367 -1.20 30.17 55.74
C GLU I 367 -2.12 29.07 55.24
N VAL I 368 -1.69 28.37 54.19
CA VAL I 368 -2.44 27.31 53.60
C VAL I 368 -1.56 26.09 53.60
N VAL I 369 -2.06 25.01 54.18
CA VAL I 369 -1.14 23.93 54.52
C VAL I 369 -1.90 22.62 54.26
N GLU I 370 -1.16 21.60 53.87
CA GLU I 370 -1.72 20.28 53.60
C GLU I 370 -2.32 19.74 54.91
N PRO I 371 -3.50 19.06 54.82
CA PRO I 371 -4.17 18.42 55.97
C PRO I 371 -3.26 17.77 57.02
N ASP I 372 -2.24 17.07 56.58
CA ASP I 372 -1.33 16.42 57.55
C ASP I 372 -0.24 17.30 58.19
N GLU I 373 -0.08 18.56 57.73
CA GLU I 373 0.85 19.52 58.36
C GLU I 373 0.15 20.52 59.21
N LEU I 374 -1.17 20.46 59.20
CA LEU I 374 -2.01 21.57 59.68
C LEU I 374 -2.03 21.72 61.18
N ASP I 375 -2.18 20.60 61.90
CA ASP I 375 -2.16 20.60 63.37
C ASP I 375 -0.93 21.30 63.88
N ALA I 376 0.19 20.98 63.30
CA ALA I 376 1.46 21.48 63.80
C ALA I 376 1.60 22.93 63.48
N ALA I 377 1.11 23.34 62.32
CA ALA I 377 1.19 24.74 61.88
C ALA I 377 0.31 25.63 62.75
N ILE I 378 -0.88 25.15 63.06
CA ILE I 378 -1.70 25.80 64.06
C ILE I 378 -0.89 25.97 65.38
N GLU I 379 -0.28 24.90 65.88
CA GLU I 379 0.44 24.98 67.21
C GLU I 379 1.52 26.04 67.15
N ARG I 380 2.30 26.08 66.08
CA ARG I 380 3.32 27.10 65.92
C ARG I 380 2.74 28.49 65.93
N SER I 381 1.64 28.69 65.22
CA SER I 381 1.03 30.06 65.13
C SER I 381 0.63 30.58 66.46
N LEU I 382 0.20 29.68 67.32
CA LEU I 382 -0.25 30.05 68.67
C LEU I 382 0.87 30.59 69.54
N THR I 383 2.05 30.00 69.39
CA THR I 383 3.22 30.46 70.16
C THR I 383 3.70 31.80 69.65
N ARG I 384 3.40 32.18 68.43
CA ARG I 384 3.95 33.45 67.91
C ARG I 384 3.20 34.70 68.37
N LEU I 385 2.08 34.56 69.06
CA LEU I 385 1.18 35.67 69.35
C LEU I 385 1.02 36.01 70.83
N ASP I 386 1.99 35.59 71.65
CA ASP I 386 1.95 35.61 73.13
C ASP I 386 2.17 36.94 73.84
N GLY I 387 3.08 37.74 73.36
CA GLY I 387 3.42 38.86 74.27
C GLY I 387 2.48 40.05 74.47
N ASP I 388 3.02 41.05 75.16
CA ASP I 388 2.39 42.38 75.30
C ASP I 388 2.59 43.27 74.05
N ALA I 389 3.64 42.98 73.27
CA ALA I 389 3.86 43.75 72.04
C ALA I 389 2.75 43.47 71.04
N VAL I 390 2.42 42.20 70.93
CA VAL I 390 1.30 41.81 70.11
C VAL I 390 -0.03 42.48 70.55
N LEU I 391 -0.34 42.44 71.83
CA LEU I 391 -1.57 43.13 72.33
C LEU I 391 -1.62 44.57 71.92
N ALA I 392 -0.47 45.26 72.05
CA ALA I 392 -0.48 46.68 71.81
C ALA I 392 -0.63 46.92 70.33
N ASN I 393 0.16 46.17 69.55
CA ASN I 393 0.11 46.29 68.11
C ASN I 393 -1.27 45.89 67.47
N ARG I 394 -1.92 44.86 67.97
CA ARG I 394 -3.19 44.51 67.41
C ARG I 394 -4.28 45.53 67.77
N ARG I 395 -4.17 46.12 68.94
CA ARG I 395 -5.12 47.15 69.31
C ARG I 395 -5.03 48.34 68.36
N MET I 396 -3.79 48.75 68.07
CA MET I 396 -3.54 49.90 67.22
C MET I 396 -3.98 49.56 65.78
N LEU I 397 -3.64 48.35 65.31
CA LEU I 397 -4.07 47.91 64.03
C LEU I 397 -5.62 47.94 63.86
N ASN I 398 -6.34 47.43 64.84
CA ASN I 398 -7.78 47.38 64.77
C ASN I 398 -8.43 48.75 64.76
N LEU I 399 -7.87 49.62 65.57
CA LEU I 399 -8.29 51.01 65.66
C LEU I 399 -8.16 51.76 64.30
N ALA I 400 -7.08 51.50 63.59
CA ALA I 400 -6.88 52.04 62.30
C ALA I 400 -7.78 51.39 61.24
N ASP I 401 -7.93 50.07 61.30
CA ASP I 401 -8.71 49.31 60.32
C ASP I 401 -10.22 49.63 60.38
N GLU I 402 -10.76 49.86 61.56
CA GLU I 402 -12.20 50.00 61.71
C GLU I 402 -12.46 50.98 62.79
N SER I 403 -12.91 52.17 62.43
CA SER I 403 -13.27 53.18 63.44
C SER I 403 -14.59 52.81 64.18
N PRO I 404 -14.75 53.26 65.42
CA PRO I 404 -16.03 53.04 66.11
C PRO I 404 -17.22 53.63 65.39
N ASP I 405 -17.07 54.84 64.84
CA ASP I 405 -18.14 55.44 64.00
C ASP I 405 -18.48 54.62 62.78
N GLY I 406 -17.45 54.06 62.13
CA GLY I 406 -17.64 53.28 60.89
C GLY I 406 -18.47 52.07 61.17
N PHE I 407 -18.07 51.39 62.23
CA PHE I 407 -18.78 50.18 62.68
C PHE I 407 -20.24 50.49 63.05
N ARG I 408 -20.41 51.54 63.83
CA ARG I 408 -21.71 51.92 64.34
C ARG I 408 -22.65 52.36 63.23
N ALA I 409 -22.15 53.21 62.36
CA ALA I 409 -22.95 53.64 61.21
C ALA I 409 -23.47 52.44 60.41
N TYR I 410 -22.59 51.46 60.21
CA TYR I 410 -22.90 50.33 59.36
C TYR I 410 -23.93 49.45 60.07
N MET I 411 -23.68 49.14 61.31
CA MET I 411 -24.61 48.35 62.08
C MET I 411 -25.99 49.02 62.21
N ALA I 412 -26.02 50.35 62.26
CA ALA I 412 -27.30 51.10 62.28
C ALA I 412 -28.16 50.84 61.03
N GLU I 413 -27.58 51.01 59.86
CA GLU I 413 -28.30 50.65 58.65
C GLU I 413 -28.58 49.13 58.55
N PHE I 414 -27.62 48.32 58.97
CA PHE I 414 -27.78 46.88 58.83
C PHE I 414 -29.00 46.39 59.58
N ALA I 415 -29.22 46.98 60.75
CA ALA I 415 -30.30 46.55 61.63
C ALA I 415 -31.63 46.52 60.91
N LEU I 416 -31.87 47.56 60.14
CA LEU I 416 -33.11 47.60 59.36
C LEU I 416 -33.02 46.86 58.05
N MET I 417 -31.95 47.07 57.29
CA MET I 417 -31.79 46.43 55.96
C MET I 417 -31.90 44.92 56.10
N GLN I 418 -31.27 44.39 57.13
CA GLN I 418 -31.32 42.94 57.35
C GLN I 418 -32.69 42.46 57.79
N ALA I 419 -33.33 43.23 58.67
CA ALA I 419 -34.72 42.93 59.12
C ALA I 419 -35.64 42.77 57.90
N LEU I 420 -35.54 43.71 56.95
CA LEU I 420 -36.31 43.61 55.72
C LEU I 420 -35.97 42.41 54.88
N ARG I 421 -34.69 42.07 54.82
CA ARG I 421 -34.28 40.89 53.99
C ARG I 421 -34.73 39.59 54.65
N LEU I 422 -34.75 39.59 55.97
CA LEU I 422 -35.19 38.44 56.75
C LEU I 422 -36.66 38.07 56.42
N TYR I 423 -37.43 39.02 55.91
CA TYR I 423 -38.82 38.83 55.53
C TYR I 423 -39.07 39.09 54.02
N GLY I 424 -38.02 39.12 53.20
CA GLY I 424 -38.20 39.21 51.77
C GLY I 424 -38.72 37.93 51.14
N HIS I 425 -39.60 38.05 50.15
CA HIS I 425 -40.24 36.86 49.59
C HIS I 425 -39.23 35.94 48.92
N ASP I 426 -38.23 36.56 48.30
CA ASP I 426 -37.15 35.81 47.60
C ASP I 426 -36.36 34.92 48.56
N VAL I 427 -36.09 35.46 49.75
CA VAL I 427 -35.34 34.78 50.75
C VAL I 427 -36.14 33.58 51.29
N ILE I 428 -37.38 33.85 51.63
CA ILE I 428 -38.29 32.85 52.21
C ILE I 428 -38.46 31.65 51.25
N ASP I 429 -38.55 31.95 49.97
CA ASP I 429 -38.59 30.90 48.94
C ASP I 429 -37.31 30.08 48.83
N LYS I 430 -36.15 30.74 48.63
CA LYS I 430 -34.81 30.07 48.55
C LYS I 430 -34.62 29.09 49.76
N VAL I 431 -34.77 29.65 50.93
CA VAL I 431 -34.59 28.95 52.19
C VAL I 431 -35.51 27.69 52.38
N GLY I 432 -36.76 27.81 51.92
CA GLY I 432 -37.74 26.72 52.00
C GLY I 432 -37.32 25.54 51.15
N ARG I 433 -36.51 25.78 50.12
CA ARG I 433 -36.05 24.73 49.19
C ARG I 433 -34.82 23.97 49.68
N PHE I 434 -34.21 24.33 50.81
CA PHE I 434 -32.90 23.73 51.12
C PHE I 434 -32.89 22.22 51.54
N ASP J 14 32.50 -90.34 -34.46
CA ASP J 14 31.59 -89.29 -33.75
C ASP J 14 30.22 -89.90 -33.21
N GLY J 15 29.70 -90.82 -34.01
CA GLY J 15 28.54 -91.62 -33.65
C GLY J 15 27.24 -91.12 -34.25
N LEU J 16 27.24 -89.86 -34.71
CA LEU J 16 26.00 -89.16 -35.09
C LEU J 16 25.44 -89.66 -36.43
N TRP J 17 26.31 -89.89 -37.41
CA TRP J 17 25.83 -90.45 -38.69
C TRP J 17 25.15 -91.82 -38.51
N ALA J 18 25.80 -92.67 -37.71
CA ALA J 18 25.25 -94.00 -37.43
C ALA J 18 23.94 -93.89 -36.67
N ALA J 19 23.89 -93.03 -35.67
CA ALA J 19 22.64 -92.89 -34.87
C ALA J 19 21.48 -92.37 -35.75
N LEU J 20 21.81 -91.42 -36.63
CA LEU J 20 20.84 -90.91 -37.58
C LEU J 20 20.34 -91.99 -38.54
N THR J 21 21.27 -92.72 -39.14
CA THR J 21 20.96 -93.85 -40.03
C THR J 21 20.01 -94.86 -39.32
N GLU J 22 20.36 -95.19 -38.07
CA GLU J 22 19.49 -95.98 -37.17
C GLU J 22 18.07 -95.38 -36.99
N ALA J 23 17.97 -94.11 -36.60
CA ALA J 23 16.64 -93.47 -36.41
C ALA J 23 15.81 -93.38 -37.71
N ALA J 24 16.49 -93.14 -38.84
CA ALA J 24 15.80 -93.11 -40.14
C ALA J 24 15.24 -94.48 -40.50
N ALA J 25 15.97 -95.54 -40.13
CA ALA J 25 15.52 -96.92 -40.42
C ALA J 25 14.29 -97.27 -39.58
N SER J 26 14.29 -96.92 -38.29
CA SER J 26 13.04 -97.08 -37.48
C SER J 26 11.85 -96.35 -38.10
N VAL J 27 12.11 -95.19 -38.70
CA VAL J 27 11.04 -94.43 -39.37
C VAL J 27 10.53 -95.20 -40.57
N GLU J 28 11.43 -95.62 -41.45
CA GLU J 28 11.06 -96.43 -42.64
C GLU J 28 10.34 -97.75 -42.26
N LYS J 29 10.79 -98.44 -41.20
CA LYS J 29 10.16 -99.70 -40.72
C LYS J 29 8.70 -99.40 -40.26
N LEU J 30 8.52 -98.34 -39.49
CA LEU J 30 7.16 -97.98 -39.08
C LEU J 30 6.26 -97.56 -40.24
N LEU J 31 6.79 -96.79 -41.19
CA LEU J 31 5.98 -96.37 -42.33
C LEU J 31 5.57 -97.54 -43.20
N ALA J 32 6.50 -98.47 -43.37
CA ALA J 32 6.22 -99.69 -44.14
C ALA J 32 5.17 -100.58 -43.47
N THR J 33 5.20 -100.65 -42.16
CA THR J 33 4.35 -101.57 -41.44
C THR J 33 3.03 -100.97 -40.89
N LEU J 34 2.98 -99.68 -40.59
CA LEU J 34 1.74 -99.10 -40.07
C LEU J 34 0.74 -98.84 -41.19
N PRO J 35 -0.55 -98.62 -40.83
CA PRO J 35 -1.53 -98.22 -41.85
C PRO J 35 -1.26 -96.82 -42.41
N GLU J 36 -1.92 -96.52 -43.52
CA GLU J 36 -1.85 -95.20 -44.17
C GLU J 36 -2.33 -94.08 -43.21
N HIS J 37 -1.88 -92.85 -43.50
CA HIS J 37 -2.10 -91.67 -42.65
C HIS J 37 -3.62 -91.42 -42.65
N GLY J 38 -4.24 -91.31 -41.49
CA GLY J 38 -5.73 -91.17 -41.44
C GLY J 38 -6.48 -92.47 -41.13
N ALA J 39 -5.80 -93.61 -41.25
CA ALA J 39 -6.31 -94.89 -40.75
C ALA J 39 -5.55 -95.32 -39.49
N ARG J 40 -4.57 -94.52 -39.08
CA ARG J 40 -3.76 -94.82 -37.89
C ARG J 40 -4.51 -94.53 -36.60
N SER J 41 -4.32 -95.41 -35.60
CA SER J 41 -4.73 -95.19 -34.20
C SER J 41 -3.95 -94.09 -33.56
N SER J 42 -4.38 -93.69 -32.36
CA SER J 42 -3.67 -92.66 -31.58
C SER J 42 -2.30 -93.18 -31.14
N ALA J 43 -2.27 -94.41 -30.61
CA ALA J 43 -1.03 -95.11 -30.23
C ALA J 43 -0.04 -95.16 -31.39
N GLU J 44 -0.54 -95.50 -32.58
CA GLU J 44 0.24 -95.53 -33.83
C GLU J 44 0.71 -94.15 -34.28
N ARG J 45 -0.20 -93.19 -34.29
CA ARG J 45 0.11 -91.76 -34.55
C ARG J 45 1.22 -91.20 -33.62
N ALA J 46 1.13 -91.54 -32.34
CA ALA J 46 2.13 -91.13 -31.34
C ALA J 46 3.52 -91.82 -31.52
N GLU J 47 3.50 -93.08 -31.96
CA GLU J 47 4.73 -93.88 -32.20
C GLU J 47 5.53 -93.36 -33.41
N ILE J 48 4.83 -93.12 -34.52
CA ILE J 48 5.47 -92.52 -35.68
C ILE J 48 5.93 -91.05 -35.46
N ALA J 49 5.13 -90.28 -34.74
CA ALA J 49 5.51 -88.90 -34.37
C ALA J 49 6.80 -88.88 -33.53
N ALA J 50 6.87 -89.78 -32.55
CA ALA J 50 8.07 -89.94 -31.73
C ALA J 50 9.28 -90.39 -32.57
N ALA J 51 9.05 -91.22 -33.59
CA ALA J 51 10.17 -91.71 -34.43
C ALA J 51 10.73 -90.60 -35.31
N HIS J 52 9.82 -89.88 -35.96
CA HIS J 52 10.13 -88.67 -36.71
C HIS J 52 10.93 -87.69 -35.86
N ASP J 53 10.44 -87.48 -34.64
CA ASP J 53 11.09 -86.51 -33.75
C ASP J 53 12.56 -86.90 -33.40
N ALA J 54 12.79 -88.16 -33.09
CA ALA J 54 14.14 -88.62 -32.80
C ALA J 54 15.04 -88.45 -34.01
N ALA J 55 14.51 -88.79 -35.18
CA ALA J 55 15.31 -88.70 -36.43
C ALA J 55 15.66 -87.27 -36.75
N ARG J 56 14.64 -86.41 -36.69
CA ARG J 56 14.83 -84.99 -37.00
C ARG J 56 15.82 -84.36 -36.03
N ALA J 57 15.68 -84.69 -34.75
CA ALA J 57 16.64 -84.24 -33.72
C ALA J 57 18.08 -84.60 -34.10
N LEU J 58 18.27 -85.81 -34.63
CA LEU J 58 19.60 -86.25 -35.01
C LEU J 58 20.06 -85.60 -36.30
N ARG J 59 19.15 -85.34 -37.22
CA ARG J 59 19.53 -84.53 -38.40
C ARG J 59 20.13 -83.18 -37.95
N VAL J 60 19.50 -82.56 -36.96
CA VAL J 60 19.99 -81.29 -36.46
C VAL J 60 21.35 -81.43 -35.82
N ARG J 61 21.48 -82.37 -34.91
CA ARG J 61 22.76 -82.60 -34.20
C ARG J 61 23.88 -82.98 -35.16
N PHE J 62 23.55 -83.83 -36.12
CA PHE J 62 24.52 -84.25 -37.11
C PHE J 62 25.08 -83.03 -37.81
N LEU J 63 24.15 -82.19 -38.32
CA LEU J 63 24.53 -81.05 -39.10
C LEU J 63 25.13 -79.91 -38.28
N ASP J 64 24.78 -79.80 -37.00
CA ASP J 64 25.44 -78.81 -36.13
C ASP J 64 26.95 -78.92 -36.16
N THR J 65 27.47 -80.15 -36.24
CA THR J 65 28.93 -80.36 -36.30
C THR J 65 29.43 -80.62 -37.72
N HIS J 66 28.62 -81.22 -38.59
CA HIS J 66 29.11 -81.70 -39.91
C HIS J 66 28.62 -80.97 -41.18
N ALA J 67 27.85 -79.89 -41.02
CA ALA J 67 27.26 -79.19 -42.16
C ALA J 67 28.26 -78.74 -43.22
N ASP J 68 29.35 -78.11 -42.79
CA ASP J 68 30.42 -77.68 -43.72
C ASP J 68 31.06 -78.84 -44.49
N ALA J 69 31.34 -79.93 -43.79
CA ALA J 69 31.93 -81.11 -44.47
C ALA J 69 30.95 -81.72 -45.45
N VAL J 70 29.68 -81.80 -45.04
CA VAL J 70 28.62 -82.25 -45.95
C VAL J 70 28.50 -81.35 -47.20
N TYR J 71 28.48 -80.03 -47.00
CA TYR J 71 28.31 -79.08 -48.11
C TYR J 71 29.56 -79.14 -49.04
N ASP J 72 30.74 -79.22 -48.43
CA ASP J 72 31.99 -79.44 -49.20
C ASP J 72 31.97 -80.70 -50.06
N ARG J 73 31.45 -81.80 -49.53
CA ARG J 73 31.33 -82.96 -50.39
C ARG J 73 30.49 -82.61 -51.61
N LEU J 74 29.35 -81.97 -51.41
CA LEU J 74 28.36 -81.80 -52.53
C LEU J 74 28.76 -80.81 -53.61
N THR J 75 29.59 -79.84 -53.22
CA THR J 75 30.01 -78.72 -54.06
C THR J 75 31.48 -78.68 -54.39
N ASP J 76 32.20 -79.75 -54.04
CA ASP J 76 33.62 -79.89 -54.30
C ASP J 76 34.39 -78.76 -53.62
N HIS J 77 34.27 -78.71 -52.30
CA HIS J 77 34.83 -77.61 -51.48
C HIS J 77 34.48 -76.25 -52.08
N ARG J 78 33.20 -76.01 -52.33
CA ARG J 78 32.70 -74.67 -52.69
C ARG J 78 33.31 -74.14 -53.98
N ARG J 79 33.52 -75.04 -54.93
CA ARG J 79 33.97 -74.69 -56.29
C ARG J 79 32.92 -74.91 -57.36
N VAL J 80 31.83 -75.57 -57.02
CA VAL J 80 30.71 -75.72 -57.89
C VAL J 80 29.49 -75.07 -57.22
N HIS J 81 28.86 -74.10 -57.93
CA HIS J 81 27.64 -73.49 -57.46
C HIS J 81 26.45 -74.40 -57.77
N LEU J 82 25.78 -74.88 -56.74
CA LEU J 82 24.53 -75.62 -56.95
C LEU J 82 23.34 -74.79 -56.38
N ARG J 83 22.31 -74.63 -57.21
CA ARG J 83 21.01 -74.16 -56.76
C ARG J 83 20.34 -75.12 -55.79
N LEU J 84 19.28 -74.64 -55.15
CA LEU J 84 18.62 -75.35 -54.06
C LEU J 84 18.15 -76.73 -54.44
N ALA J 85 17.48 -76.82 -55.56
CA ALA J 85 16.85 -78.08 -55.98
C ALA J 85 17.94 -79.15 -56.20
N GLU J 86 19.01 -78.77 -56.91
CA GLU J 86 20.16 -79.63 -57.19
C GLU J 86 20.87 -80.00 -55.89
N LEU J 87 21.08 -79.01 -55.05
CA LEU J 87 21.74 -79.26 -53.76
C LEU J 87 21.01 -80.30 -52.87
N VAL J 88 19.71 -80.19 -52.73
CA VAL J 88 18.98 -81.11 -51.86
C VAL J 88 18.82 -82.53 -52.46
N GLU J 89 18.68 -82.61 -53.77
CA GLU J 89 18.76 -83.88 -54.51
C GLU J 89 20.12 -84.56 -54.31
N ALA J 90 21.21 -83.83 -54.53
CA ALA J 90 22.56 -84.39 -54.40
C ALA J 90 22.87 -84.75 -52.97
N ALA J 91 22.36 -83.98 -52.03
CA ALA J 91 22.47 -84.36 -50.61
C ALA J 91 21.73 -85.67 -50.28
N ALA J 92 20.58 -85.90 -50.88
CA ALA J 92 19.78 -87.10 -50.63
C ALA J 92 20.52 -88.39 -51.10
N THR J 93 21.13 -88.34 -52.28
CA THR J 93 21.84 -89.47 -52.86
C THR J 93 23.20 -89.69 -52.16
N ALA J 94 23.92 -88.64 -51.79
CA ALA J 94 25.19 -88.77 -51.06
C ALA J 94 25.05 -89.01 -49.55
N PHE J 95 23.90 -88.67 -48.98
CA PHE J 95 23.70 -88.86 -47.54
C PHE J 95 22.33 -89.46 -47.26
N PRO J 96 22.14 -90.75 -47.60
CA PRO J 96 20.79 -91.31 -47.49
C PRO J 96 20.27 -91.14 -46.07
N GLY J 97 19.00 -90.75 -45.97
CA GLY J 97 18.32 -90.47 -44.70
C GLY J 97 18.47 -89.07 -44.13
N LEU J 98 19.39 -88.28 -44.67
CA LEU J 98 19.56 -86.89 -44.22
C LEU J 98 18.42 -86.02 -44.69
N VAL J 99 18.12 -86.13 -45.98
CA VAL J 99 17.04 -85.43 -46.63
C VAL J 99 16.38 -86.39 -47.60
N PRO J 100 15.10 -86.17 -47.95
CA PRO J 100 14.44 -87.13 -48.83
C PRO J 100 14.87 -87.18 -50.32
N THR J 101 14.80 -88.38 -50.88
CA THR J 101 15.04 -88.72 -52.28
C THR J 101 13.94 -88.16 -53.13
N GLN J 102 14.21 -88.07 -54.44
CA GLN J 102 13.23 -87.59 -55.46
C GLN J 102 11.97 -88.46 -55.40
N GLN J 103 12.18 -89.76 -55.26
CA GLN J 103 11.06 -90.72 -55.11
C GLN J 103 10.21 -90.53 -53.87
N GLN J 104 10.83 -90.43 -52.70
CA GLN J 104 10.12 -90.18 -51.44
C GLN J 104 9.29 -88.89 -51.51
N LEU J 105 9.86 -87.86 -52.15
CA LEU J 105 9.13 -86.61 -52.41
C LEU J 105 7.95 -86.78 -53.36
N ALA J 106 8.09 -87.62 -54.39
CA ALA J 106 6.99 -87.84 -55.36
C ALA J 106 5.79 -88.48 -54.68
N VAL J 107 6.07 -89.38 -53.73
CA VAL J 107 5.00 -90.00 -52.91
C VAL J 107 4.30 -88.91 -52.11
N GLU J 108 5.10 -88.08 -51.45
CA GLU J 108 4.59 -86.94 -50.66
C GLU J 108 3.77 -85.99 -51.54
N ARG J 109 4.30 -85.61 -52.71
CA ARG J 109 3.60 -84.66 -53.63
C ARG J 109 2.27 -85.19 -54.11
N SER J 110 2.14 -86.53 -54.19
CA SER J 110 0.89 -87.17 -54.64
C SER J 110 -0.19 -87.16 -53.56
N LEU J 111 0.18 -86.86 -52.33
CA LEU J 111 -0.77 -86.76 -51.22
C LEU J 111 -1.23 -85.32 -51.00
N PRO J 112 -2.42 -85.14 -50.40
CA PRO J 112 -2.79 -83.80 -49.88
C PRO J 112 -1.99 -83.50 -48.61
N GLN J 113 -1.72 -82.21 -48.33
CA GLN J 113 -0.91 -81.80 -47.15
C GLN J 113 -1.26 -82.59 -45.90
N ALA J 114 -2.57 -82.73 -45.64
CA ALA J 114 -3.07 -83.33 -44.39
C ALA J 114 -2.53 -84.73 -44.16
N ALA J 115 -2.28 -85.44 -45.25
CA ALA J 115 -1.82 -86.85 -45.21
C ALA J 115 -0.29 -87.05 -45.22
N LYS J 116 0.46 -86.00 -45.51
CA LYS J 116 1.92 -86.08 -45.66
C LYS J 116 2.64 -86.37 -44.35
N GLU J 117 3.77 -87.07 -44.44
CA GLU J 117 4.64 -87.37 -43.29
C GLU J 117 5.55 -86.18 -42.90
N GLY J 118 5.69 -85.22 -43.82
CA GLY J 118 6.46 -83.99 -43.53
C GLY J 118 7.93 -84.14 -43.82
N HIS J 119 8.27 -84.91 -44.85
CA HIS J 119 9.67 -85.11 -45.20
C HIS J 119 10.39 -83.81 -45.56
N GLU J 120 9.67 -82.83 -46.10
CA GLU J 120 10.26 -81.52 -46.43
C GLU J 120 10.88 -80.86 -45.22
N ILE J 121 10.34 -81.15 -44.04
CA ILE J 121 10.93 -80.64 -42.81
C ILE J 121 12.43 -80.96 -42.70
N ASP J 122 12.80 -82.16 -43.16
CA ASP J 122 14.20 -82.58 -43.18
C ASP J 122 15.00 -81.65 -44.10
N GLN J 123 14.41 -81.26 -45.23
CA GLN J 123 15.05 -80.28 -46.12
C GLN J 123 15.21 -78.90 -45.46
N GLY J 124 14.24 -78.54 -44.62
CA GLY J 124 14.33 -77.33 -43.79
C GLY J 124 15.50 -77.42 -42.83
N ILE J 125 15.64 -78.54 -42.18
CA ILE J 125 16.75 -78.76 -41.26
C ILE J 125 18.12 -78.59 -41.97
N PHE J 126 18.21 -79.21 -43.14
CA PHE J 126 19.40 -79.16 -43.97
C PHE J 126 19.73 -77.70 -44.32
N LEU J 127 18.79 -77.03 -44.97
CA LEU J 127 19.01 -75.67 -45.46
C LEU J 127 19.31 -74.68 -44.36
N ARG J 128 18.62 -74.84 -43.22
CA ARG J 128 18.96 -74.06 -42.05
C ARG J 128 20.46 -74.20 -41.76
N ALA J 129 20.92 -75.45 -41.64
CA ALA J 129 22.31 -75.71 -41.26
C ALA J 129 23.29 -75.14 -42.31
N VAL J 130 22.96 -75.27 -43.58
CA VAL J 130 23.80 -74.75 -44.64
C VAL J 130 23.88 -73.25 -44.60
N LEU J 131 22.72 -72.61 -44.53
CA LEU J 131 22.67 -71.14 -44.47
C LEU J 131 23.30 -70.56 -43.19
N ARG J 132 23.23 -71.27 -42.07
CA ARG J 132 23.92 -70.85 -40.82
C ARG J 132 25.44 -70.83 -40.89
N SER J 133 26.02 -71.59 -41.82
CA SER J 133 27.47 -71.59 -42.00
C SER J 133 28.01 -70.32 -42.71
N PRO J 134 29.00 -69.66 -42.10
CA PRO J 134 29.62 -68.49 -42.75
C PRO J 134 30.35 -68.79 -44.02
N LEU J 135 30.62 -70.07 -44.27
CA LEU J 135 31.28 -70.50 -45.52
C LEU J 135 30.30 -71.01 -46.57
N ALA J 136 29.44 -71.95 -46.16
CA ALA J 136 28.48 -72.57 -47.04
C ALA J 136 27.31 -71.63 -47.41
N GLY J 137 26.83 -70.91 -46.40
CA GLY J 137 25.74 -69.95 -46.52
C GLY J 137 25.91 -68.97 -47.66
N PRO J 138 26.96 -68.11 -47.60
CA PRO J 138 27.16 -67.13 -48.68
C PRO J 138 27.32 -67.77 -50.04
N HIS J 139 27.92 -68.95 -50.05
CA HIS J 139 28.15 -69.64 -51.31
C HIS J 139 26.86 -70.10 -51.98
N LEU J 140 25.97 -70.71 -51.20
CA LEU J 140 24.62 -71.08 -51.70
C LEU J 140 23.81 -69.87 -52.14
N LEU J 141 23.92 -68.77 -51.40
CA LEU J 141 23.22 -67.58 -51.78
C LEU J 141 23.73 -67.05 -53.13
N ASP J 142 25.03 -67.11 -53.34
CA ASP J 142 25.61 -66.74 -54.62
C ASP J 142 25.14 -67.66 -55.74
N ALA J 143 25.08 -68.95 -55.46
CA ALA J 143 24.53 -69.91 -56.48
C ALA J 143 23.13 -69.51 -56.95
N MET J 144 22.29 -69.13 -56.00
CA MET J 144 20.92 -68.73 -56.30
C MET J 144 20.82 -67.38 -57.02
N LEU J 145 21.83 -66.55 -56.93
CA LEU J 145 21.86 -65.29 -57.70
C LEU J 145 22.35 -65.44 -59.11
N ARG J 146 22.87 -66.60 -59.47
CA ARG J 146 23.33 -66.82 -60.88
C ARG J 146 22.12 -66.91 -61.79
N PRO J 147 22.27 -66.51 -63.05
CA PRO J 147 21.18 -66.70 -63.98
C PRO J 147 20.73 -68.16 -64.14
N THR J 148 19.43 -68.35 -64.26
CA THR J 148 18.84 -69.68 -64.48
C THR J 148 19.14 -70.11 -65.92
N PRO J 149 19.33 -71.41 -66.16
CA PRO J 149 19.55 -71.93 -67.53
C PRO J 149 18.42 -71.52 -68.47
N ARG J 150 17.18 -71.60 -67.97
CA ARG J 150 16.03 -71.21 -68.79
C ARG J 150 16.15 -69.80 -69.33
N ALA J 151 16.70 -68.90 -68.52
CA ALA J 151 16.85 -67.52 -68.94
C ALA J 151 17.95 -67.39 -69.92
N LEU J 152 19.05 -68.08 -69.67
CA LEU J 152 20.20 -68.06 -70.65
C LEU J 152 19.75 -68.53 -72.04
N GLU J 153 18.91 -69.54 -72.04
CA GLU J 153 18.44 -70.16 -73.26
C GLU J 153 17.48 -69.20 -74.02
N LEU J 154 16.59 -68.51 -73.29
CA LEU J 154 15.68 -67.52 -73.92
C LEU J 154 16.26 -66.13 -74.21
N LEU J 155 17.41 -65.84 -73.68
CA LEU J 155 17.98 -64.51 -73.83
C LEU J 155 18.13 -63.99 -75.26
N PRO J 156 18.70 -64.79 -76.19
CA PRO J 156 18.85 -64.25 -77.57
C PRO J 156 17.53 -63.94 -78.28
N GLU J 157 16.54 -64.81 -78.15
CA GLU J 157 15.23 -64.53 -78.74
C GLU J 157 14.67 -63.20 -78.11
N PHE J 158 14.87 -63.04 -76.81
CA PHE J 158 14.34 -61.94 -76.11
C PHE J 158 15.00 -60.68 -76.60
N VAL J 159 16.30 -60.71 -76.73
CA VAL J 159 17.06 -59.53 -77.24
C VAL J 159 16.59 -59.20 -78.63
N ARG J 160 16.31 -60.22 -79.45
CA ARG J 160 15.88 -60.00 -80.82
C ARG J 160 14.44 -59.45 -80.90
N THR J 161 13.54 -60.05 -80.11
CA THR J 161 12.08 -59.86 -80.20
C THR J 161 11.51 -58.80 -79.22
N GLY J 162 12.15 -58.65 -78.09
CA GLY J 162 11.66 -57.77 -77.06
C GLY J 162 10.46 -58.33 -76.36
N GLU J 163 10.24 -59.64 -76.46
CA GLU J 163 9.01 -60.22 -76.02
C GLU J 163 9.10 -61.71 -75.69
N VAL J 164 8.47 -62.13 -74.59
CA VAL J 164 8.38 -63.53 -74.16
C VAL J 164 7.08 -63.74 -73.43
N GLU J 165 6.33 -64.74 -73.85
CA GLU J 165 5.07 -65.05 -73.21
C GLU J 165 5.29 -66.30 -72.40
N MET J 166 5.01 -66.25 -71.11
CA MET J 166 5.17 -67.42 -70.27
C MET J 166 3.83 -67.71 -69.63
N GLU J 167 3.74 -68.85 -68.95
CA GLU J 167 2.46 -69.27 -68.40
C GLU J 167 1.87 -68.23 -67.43
N ALA J 168 2.69 -67.67 -66.55
CA ALA J 168 2.23 -66.75 -65.49
C ALA J 168 2.70 -65.31 -65.62
N VAL J 169 3.55 -65.05 -66.59
CA VAL J 169 4.18 -63.75 -66.71
C VAL J 169 4.34 -63.48 -68.20
N HIS J 170 3.99 -62.26 -68.60
CA HIS J 170 4.30 -61.74 -69.92
C HIS J 170 5.39 -60.69 -69.74
N LEU J 171 6.44 -60.79 -70.53
CA LEU J 171 7.56 -59.87 -70.46
C LEU J 171 7.74 -59.16 -71.75
N GLU J 172 7.94 -57.86 -71.69
CA GLU J 172 8.14 -57.03 -72.86
C GLU J 172 9.16 -55.94 -72.59
N ARG J 173 10.15 -55.84 -73.45
CA ARG J 173 11.04 -54.68 -73.45
C ARG J 173 10.42 -53.57 -74.25
N ARG J 174 10.39 -52.38 -73.68
CA ARG J 174 9.87 -51.19 -74.38
C ARG J 174 10.45 -49.94 -73.75
N ASP J 175 10.98 -49.07 -74.58
CA ASP J 175 11.60 -47.82 -74.16
C ASP J 175 12.60 -47.99 -73.04
N GLY J 176 13.37 -49.07 -73.08
CA GLY J 176 14.37 -49.32 -72.05
C GLY J 176 13.88 -49.92 -70.75
N VAL J 177 12.63 -50.38 -70.75
CA VAL J 177 11.98 -50.85 -69.56
C VAL J 177 11.57 -52.30 -69.78
N ALA J 178 11.82 -53.12 -68.79
CA ALA J 178 11.38 -54.47 -68.81
C ALA J 178 10.08 -54.48 -68.09
N ARG J 179 9.01 -54.69 -68.87
CA ARG J 179 7.67 -54.70 -68.34
C ARG J 179 7.26 -56.10 -68.06
N LEU J 180 7.27 -56.45 -66.78
CA LEU J 180 6.74 -57.72 -66.33
C LEU J 180 5.30 -57.57 -66.00
N THR J 181 4.44 -58.29 -66.68
CA THR J 181 3.00 -58.29 -66.35
C THR J 181 2.62 -59.64 -65.83
N MET J 182 2.13 -59.71 -64.62
CA MET J 182 1.69 -60.97 -64.02
C MET J 182 0.27 -61.26 -64.52
N CYS J 183 0.07 -62.35 -65.25
CA CYS J 183 -1.11 -62.48 -66.15
C CYS J 183 -1.87 -63.80 -65.92
N ARG J 184 -2.03 -64.21 -64.65
CA ARG J 184 -2.92 -65.36 -64.33
C ARG J 184 -4.33 -64.85 -64.06
N ASP J 185 -4.98 -64.53 -65.17
CA ASP J 185 -6.25 -63.79 -65.24
C ASP J 185 -7.46 -64.49 -64.59
N ASP J 186 -7.40 -65.80 -64.39
CA ASP J 186 -8.47 -66.60 -63.81
C ASP J 186 -8.46 -66.69 -62.27
N ARG J 187 -7.35 -66.29 -61.64
CA ARG J 187 -7.13 -66.55 -60.19
C ARG J 187 -6.36 -65.42 -59.43
N LEU J 188 -6.47 -64.20 -59.92
CA LEU J 188 -5.93 -63.02 -59.25
C LEU J 188 -4.43 -63.08 -58.99
N ASN J 189 -3.72 -63.63 -59.96
CA ASN J 189 -2.26 -63.83 -59.88
C ASN J 189 -1.78 -64.64 -58.67
N ALA J 190 -2.65 -65.51 -58.19
CA ALA J 190 -2.31 -66.43 -57.14
C ALA J 190 -1.03 -67.20 -57.54
N GLU J 191 -0.11 -67.30 -56.59
CA GLU J 191 1.21 -67.81 -56.83
C GLU J 191 1.36 -69.31 -56.64
N ASP J 192 2.20 -69.90 -57.48
CA ASP J 192 2.60 -71.34 -57.41
C ASP J 192 4.04 -71.53 -57.93
N GLY J 193 4.51 -72.77 -58.02
CA GLY J 193 5.89 -73.06 -58.42
C GLY J 193 6.27 -72.63 -59.83
N GLN J 194 5.28 -72.71 -60.72
CA GLN J 194 5.48 -72.27 -62.11
C GLN J 194 5.65 -70.75 -62.17
N GLN J 195 4.82 -70.01 -61.39
CA GLN J 195 4.89 -68.53 -61.37
C GLN J 195 6.29 -68.14 -60.92
N VAL J 196 6.83 -68.85 -59.93
CA VAL J 196 8.16 -68.49 -59.44
C VAL J 196 9.17 -68.68 -60.53
N ASP J 197 9.07 -69.81 -61.22
CA ASP J 197 10.02 -70.12 -62.31
C ASP J 197 9.94 -69.08 -63.39
N ASP J 198 8.72 -68.70 -63.75
CA ASP J 198 8.52 -67.61 -64.72
C ASP J 198 9.06 -66.27 -64.25
N MET J 199 8.78 -65.92 -63.00
CA MET J 199 9.22 -64.66 -62.44
C MET J 199 10.73 -64.56 -62.44
N GLU J 200 11.38 -65.61 -61.98
CA GLU J 200 12.84 -65.60 -61.93
C GLU J 200 13.41 -65.52 -63.34
N THR J 201 12.78 -66.25 -64.25
CA THR J 201 13.24 -66.26 -65.63
C THR J 201 13.14 -64.86 -66.21
N ALA J 202 11.99 -64.22 -65.97
CA ALA J 202 11.77 -62.85 -66.46
C ALA J 202 12.70 -61.83 -65.81
N VAL J 203 12.87 -61.96 -64.48
CA VAL J 203 13.83 -61.09 -63.80
C VAL J 203 15.23 -61.26 -64.35
N ASP J 204 15.66 -62.50 -64.51
CA ASP J 204 16.96 -62.76 -65.16
C ASP J 204 17.07 -62.10 -66.56
N LEU J 205 16.07 -62.29 -67.41
CA LEU J 205 16.13 -61.69 -68.75
C LEU J 205 16.25 -60.17 -68.70
N ALA J 206 15.43 -59.54 -67.85
CA ALA J 206 15.53 -58.10 -67.64
C ALA J 206 16.92 -57.61 -67.24
N LEU J 207 17.53 -58.32 -66.30
CA LEU J 207 18.87 -57.94 -65.83
C LEU J 207 19.96 -58.16 -66.84
N LEU J 208 19.88 -59.24 -67.60
CA LEU J 208 20.93 -59.56 -68.60
C LEU J 208 20.83 -58.78 -69.89
N ASP J 209 19.61 -58.37 -70.22
CA ASP J 209 19.39 -57.67 -71.46
C ASP J 209 19.93 -56.27 -71.43
N PRO J 210 20.88 -55.93 -72.31
CA PRO J 210 21.50 -54.61 -72.21
C PRO J 210 20.62 -53.47 -72.69
N GLY J 211 19.54 -53.77 -73.39
CA GLY J 211 18.60 -52.74 -73.78
C GLY J 211 17.56 -52.40 -72.71
N VAL J 212 17.66 -53.03 -71.54
CA VAL J 212 16.81 -52.76 -70.39
C VAL J 212 17.61 -51.97 -69.35
N ARG J 213 17.03 -50.86 -68.93
CA ARG J 213 17.63 -49.97 -67.91
C ARG J 213 16.89 -50.00 -66.60
N VAL J 214 15.58 -50.25 -66.66
CA VAL J 214 14.69 -50.29 -65.51
C VAL J 214 13.61 -51.34 -65.64
N GLY J 215 13.16 -51.86 -64.53
CA GLY J 215 12.14 -52.89 -64.50
C GLY J 215 10.82 -52.37 -63.96
N LEU J 216 9.73 -52.97 -64.41
CA LEU J 216 8.37 -52.64 -64.02
C LEU J 216 7.60 -53.90 -63.75
N LEU J 217 7.06 -54.02 -62.56
CA LEU J 217 6.23 -55.16 -62.23
C LEU J 217 4.80 -54.67 -62.01
N ARG J 218 3.85 -55.31 -62.69
CA ARG J 218 2.47 -54.92 -62.67
C ARG J 218 1.55 -56.08 -62.96
N GLY J 219 0.39 -56.03 -62.34
CA GLY J 219 -0.61 -57.07 -62.54
C GLY J 219 -1.35 -56.80 -63.83
N GLY J 220 -1.67 -57.87 -64.54
CA GLY J 220 -2.41 -57.75 -65.80
C GLY J 220 -3.95 -57.71 -65.61
N VAL J 221 -4.64 -57.43 -66.70
CA VAL J 221 -6.10 -57.45 -66.74
C VAL J 221 -6.67 -58.82 -66.40
N MET J 222 -7.60 -58.85 -65.46
CA MET J 222 -8.20 -60.14 -64.99
C MET J 222 -9.41 -60.52 -65.87
N SER J 223 -9.74 -61.81 -65.83
CA SER J 223 -10.87 -62.38 -66.60
C SER J 223 -11.94 -63.09 -65.78
N HIS J 224 -11.60 -63.55 -64.59
CA HIS J 224 -12.61 -63.98 -63.60
C HIS J 224 -13.78 -62.95 -63.45
N PRO J 225 -15.05 -63.42 -63.44
CA PRO J 225 -16.24 -62.54 -63.45
C PRO J 225 -16.31 -61.43 -62.41
N ARG J 226 -15.84 -61.71 -61.18
CA ARG J 226 -15.83 -60.73 -60.08
C ARG J 226 -14.76 -59.55 -60.33
N TYR J 227 -13.83 -59.76 -61.27
CA TYR J 227 -12.80 -58.77 -61.60
C TYR J 227 -12.66 -58.48 -63.09
N ARG J 228 -13.61 -58.92 -63.90
CA ARG J 228 -13.48 -58.78 -65.38
C ARG J 228 -13.14 -57.34 -65.87
N GLY J 229 -12.07 -57.23 -66.67
CA GLY J 229 -11.57 -55.94 -67.17
C GLY J 229 -10.73 -55.07 -66.20
N LYS J 230 -10.55 -55.54 -64.96
CA LYS J 230 -9.77 -54.83 -63.93
C LYS J 230 -8.39 -55.47 -63.71
N ARG J 231 -7.37 -54.64 -63.58
CA ARG J 231 -6.04 -55.16 -63.19
C ARG J 231 -5.99 -55.56 -61.70
N VAL J 232 -5.31 -56.65 -61.40
CA VAL J 232 -5.02 -57.06 -60.02
C VAL J 232 -3.56 -57.51 -59.83
N PHE J 233 -2.90 -56.99 -58.81
CA PHE J 233 -1.47 -57.24 -58.60
C PHE J 233 -1.22 -58.64 -58.11
N SER J 234 -1.69 -58.97 -56.90
CA SER J 234 -1.54 -60.34 -56.37
C SER J 234 -2.49 -60.64 -55.26
N ALA J 235 -3.01 -61.85 -55.27
CA ALA J 235 -3.80 -62.45 -54.19
C ALA J 235 -2.96 -63.45 -53.40
N GLY J 236 -1.65 -63.38 -53.55
CA GLY J 236 -0.76 -64.20 -52.76
C GLY J 236 -0.77 -65.69 -53.10
N ILE J 237 -0.29 -66.50 -52.17
CA ILE J 237 -0.05 -67.91 -52.47
C ILE J 237 -1.33 -68.63 -52.85
N ASN J 238 -1.21 -69.54 -53.81
CA ASN J 238 -2.33 -70.44 -54.19
C ASN J 238 -2.70 -71.37 -53.05
N LEU J 239 -3.75 -71.01 -52.32
CA LEU J 239 -4.22 -71.78 -51.15
C LEU J 239 -4.78 -73.16 -51.50
N LYS J 240 -5.42 -73.27 -52.66
CA LYS J 240 -5.97 -74.54 -53.15
C LYS J 240 -4.83 -75.52 -53.31
N TYR J 241 -3.82 -75.09 -54.07
CA TYR J 241 -2.64 -75.92 -54.30
C TYR J 241 -1.94 -76.29 -52.99
N LEU J 242 -1.81 -75.32 -52.09
CA LEU J 242 -1.21 -75.55 -50.79
C LEU J 242 -1.92 -76.69 -50.05
N SER J 243 -3.25 -76.70 -50.09
CA SER J 243 -4.10 -77.77 -49.47
C SER J 243 -3.95 -79.15 -50.10
N GLN J 244 -3.92 -79.13 -51.41
CA GLN J 244 -3.72 -80.30 -52.27
C GLN J 244 -2.29 -80.87 -52.27
N GLY J 245 -1.35 -80.19 -51.62
CA GLY J 245 0.01 -80.68 -51.47
C GLY J 245 1.00 -80.20 -52.51
N GLY J 246 0.59 -79.24 -53.36
CA GLY J 246 1.41 -78.77 -54.48
C GLY J 246 2.31 -77.53 -54.27
N ILE J 247 2.47 -77.05 -53.03
CA ILE J 247 3.40 -75.93 -52.72
C ILE J 247 4.64 -76.51 -52.11
N SER J 248 5.72 -76.38 -52.85
CA SER J 248 7.00 -76.92 -52.46
C SER J 248 7.75 -75.95 -51.54
N LEU J 249 8.19 -76.46 -50.41
CA LEU J 249 9.09 -75.74 -49.53
C LEU J 249 10.28 -75.19 -50.28
N VAL J 250 10.96 -76.07 -50.97
CA VAL J 250 12.21 -75.70 -51.65
C VAL J 250 11.99 -74.98 -52.98
N ASP J 251 11.13 -75.53 -53.84
CA ASP J 251 10.95 -75.03 -55.23
C ASP J 251 10.00 -73.85 -55.34
N PHE J 252 9.26 -73.57 -54.27
CA PHE J 252 8.47 -72.36 -54.16
C PHE J 252 8.94 -71.40 -53.04
N LEU J 253 8.83 -71.81 -51.79
CA LEU J 253 8.97 -70.90 -50.67
C LEU J 253 10.41 -70.40 -50.51
N MET J 254 11.40 -71.27 -50.65
CA MET J 254 12.79 -70.82 -50.55
C MET J 254 13.26 -70.28 -51.87
N ARG J 255 12.84 -70.90 -52.96
CA ARG J 255 13.33 -70.49 -54.27
C ARG J 255 13.04 -69.02 -54.53
N ARG J 256 11.82 -68.60 -54.24
CA ARG J 256 11.46 -67.21 -54.53
C ARG J 256 12.28 -66.25 -53.69
N GLU J 257 12.51 -66.58 -52.42
CA GLU J 257 13.20 -65.66 -51.52
C GLU J 257 14.66 -65.52 -51.90
N LEU J 258 15.30 -66.63 -52.26
CA LEU J 258 16.73 -66.65 -52.56
C LEU J 258 17.07 -66.40 -53.99
N GLY J 259 16.05 -66.45 -54.84
CA GLY J 259 16.18 -66.25 -56.29
C GLY J 259 15.67 -64.89 -56.73
N TYR J 260 14.48 -64.82 -57.31
CA TYR J 260 14.12 -63.61 -57.98
C TYR J 260 14.03 -62.42 -57.05
N ILE J 261 13.52 -62.65 -55.88
CA ILE J 261 13.33 -61.59 -54.94
C ILE J 261 14.64 -61.02 -54.48
N HIS J 262 15.58 -61.90 -54.27
CA HIS J 262 16.91 -61.48 -53.89
C HIS J 262 17.61 -60.84 -55.05
N LYS J 263 17.30 -61.28 -56.26
CA LYS J 263 17.88 -60.68 -57.46
C LYS J 263 17.38 -59.27 -57.70
N LEU J 264 16.13 -59.02 -57.35
CA LEU J 264 15.63 -57.63 -57.39
C LEU J 264 16.47 -56.70 -56.53
N VAL J 265 16.89 -57.21 -55.37
CA VAL J 265 17.69 -56.46 -54.45
C VAL J 265 19.15 -56.41 -54.97
N ARG J 266 19.78 -57.56 -55.13
CA ARG J 266 21.24 -57.63 -55.39
C ARG J 266 21.73 -57.84 -56.80
N GLY J 267 20.83 -58.09 -57.71
CA GLY J 267 21.16 -58.34 -59.11
C GLY J 267 21.53 -59.81 -59.38
N VAL J 268 21.86 -60.11 -60.63
CA VAL J 268 22.37 -61.43 -61.03
C VAL J 268 23.87 -61.50 -61.00
N LEU J 269 24.36 -62.54 -60.34
CA LEU J 269 25.81 -62.85 -60.32
C LEU J 269 26.21 -63.45 -61.65
N THR J 270 27.10 -62.78 -62.36
CA THR J 270 27.57 -63.28 -63.66
C THR J 270 28.96 -63.90 -63.51
N ASN J 271 29.40 -64.59 -64.56
CA ASN J 271 30.79 -65.02 -64.66
C ASN J 271 31.65 -63.80 -65.04
N ASP J 272 32.93 -63.88 -64.66
CA ASP J 272 33.95 -62.89 -65.05
C ASP J 272 34.13 -62.71 -66.59
N ASP J 273 33.17 -62.08 -67.27
CA ASP J 273 33.11 -62.09 -68.74
C ASP J 273 32.88 -60.69 -69.33
N ARG J 274 33.27 -59.66 -68.61
CA ARG J 274 33.04 -58.30 -69.09
C ARG J 274 33.93 -57.33 -68.30
N PRO J 275 34.23 -56.12 -68.86
CA PRO J 275 34.97 -55.12 -68.09
C PRO J 275 34.22 -54.73 -66.81
N GLY J 276 34.95 -54.32 -65.77
CA GLY J 276 34.30 -53.85 -64.56
C GLY J 276 33.79 -54.93 -63.62
N TRP J 277 33.91 -56.20 -64.00
CA TRP J 277 33.40 -57.31 -63.18
C TRP J 277 34.05 -57.32 -61.81
N TRP J 278 35.31 -56.90 -61.75
CA TRP J 278 36.04 -56.77 -60.49
C TRP J 278 35.41 -55.81 -59.46
N HIS J 279 34.70 -54.78 -59.95
CA HIS J 279 33.93 -53.86 -59.06
C HIS J 279 32.43 -54.17 -59.02
N SER J 280 31.92 -54.85 -60.03
CA SER J 280 30.50 -55.14 -60.14
C SER J 280 30.27 -56.53 -60.70
N PRO J 281 30.48 -57.53 -59.87
CA PRO J 281 30.19 -58.92 -60.26
C PRO J 281 28.75 -59.21 -60.50
N ARG J 282 27.88 -58.35 -59.99
CA ARG J 282 26.43 -58.52 -60.18
C ARG J 282 25.92 -57.46 -61.05
N ILE J 283 24.99 -57.82 -61.91
CA ILE J 283 24.24 -56.80 -62.68
C ILE J 283 22.94 -56.52 -61.97
N GLU J 284 22.81 -55.32 -61.46
CA GLU J 284 21.59 -54.91 -60.79
C GLU J 284 20.96 -53.77 -61.52
N LYS J 285 19.63 -53.69 -61.42
CA LYS J 285 18.87 -52.54 -61.96
C LYS J 285 17.73 -52.12 -61.00
N PRO J 286 17.29 -50.85 -61.08
CA PRO J 286 16.15 -50.43 -60.34
C PRO J 286 14.83 -50.93 -60.85
N TRP J 287 13.89 -51.07 -59.92
CA TRP J 287 12.57 -51.67 -60.14
C TRP J 287 11.43 -50.85 -59.60
N VAL J 288 10.40 -50.71 -60.40
CA VAL J 288 9.15 -50.00 -60.08
C VAL J 288 8.02 -51.02 -60.04
N ALA J 289 7.22 -50.98 -59.00
CA ALA J 289 6.05 -51.81 -58.91
C ALA J 289 4.83 -50.89 -58.92
N ALA J 290 3.77 -51.32 -59.62
CA ALA J 290 2.48 -50.59 -59.69
C ALA J 290 1.39 -51.52 -59.24
N VAL J 291 0.67 -51.11 -58.23
CA VAL J 291 -0.29 -51.98 -57.56
C VAL J 291 -1.74 -51.58 -57.90
N ASP J 292 -2.42 -52.44 -58.65
CA ASP J 292 -3.84 -52.32 -58.97
C ASP J 292 -4.63 -53.31 -58.15
N GLY J 293 -5.75 -52.86 -57.63
CA GLY J 293 -6.66 -53.70 -56.85
C GLY J 293 -6.17 -53.96 -55.46
N PHE J 294 -5.18 -54.83 -55.36
CA PHE J 294 -4.60 -55.13 -54.09
C PHE J 294 -3.34 -55.95 -54.20
N ALA J 295 -2.57 -55.90 -53.14
CA ALA J 295 -1.38 -56.77 -53.00
C ALA J 295 -1.54 -57.53 -51.73
N ILE J 296 -1.72 -58.84 -51.83
CA ILE J 296 -1.97 -59.72 -50.66
C ILE J 296 -0.85 -60.76 -50.51
N GLY J 297 -0.43 -60.96 -49.28
CA GLY J 297 0.49 -62.04 -49.00
C GLY J 297 1.80 -61.91 -49.74
N GLY J 298 2.15 -62.93 -50.51
CA GLY J 298 3.40 -62.93 -51.24
C GLY J 298 3.54 -61.71 -52.14
N GLY J 299 2.43 -61.22 -52.69
CA GLY J 299 2.45 -59.97 -53.47
C GLY J 299 2.77 -58.73 -52.69
N ALA J 300 2.24 -58.63 -51.48
CA ALA J 300 2.60 -57.52 -50.58
C ALA J 300 4.06 -57.59 -50.17
N GLN J 301 4.52 -58.79 -49.92
CA GLN J 301 5.94 -59.02 -49.57
C GLN J 301 6.85 -58.43 -50.63
N LEU J 302 6.44 -58.54 -51.87
CA LEU J 302 7.33 -58.10 -52.96
C LEU J 302 7.61 -56.60 -52.92
N LEU J 303 6.66 -55.85 -52.42
CA LEU J 303 6.77 -54.41 -52.38
C LEU J 303 7.89 -53.94 -51.53
N LEU J 304 8.34 -54.75 -50.59
CA LEU J 304 9.43 -54.37 -49.65
C LEU J 304 10.87 -54.36 -50.23
N VAL J 305 10.94 -54.51 -51.55
CA VAL J 305 12.16 -54.67 -52.30
C VAL J 305 12.30 -53.74 -53.49
N PHE J 306 11.26 -52.99 -53.83
CA PHE J 306 11.26 -52.15 -55.02
C PHE J 306 11.87 -50.78 -54.74
N ASP J 307 12.39 -50.16 -55.79
CA ASP J 307 12.96 -48.80 -55.67
C ASP J 307 11.89 -47.70 -55.65
N ARG J 308 10.74 -48.00 -56.28
CA ARG J 308 9.61 -47.10 -56.32
C ARG J 308 8.35 -47.92 -56.40
N VAL J 309 7.32 -47.49 -55.67
CA VAL J 309 6.06 -48.22 -55.56
C VAL J 309 4.94 -47.22 -55.80
N LEU J 310 4.10 -47.53 -56.79
CA LEU J 310 2.90 -46.78 -57.09
C LEU J 310 1.67 -47.63 -56.83
N ALA J 311 0.63 -47.01 -56.35
CA ALA J 311 -0.60 -47.73 -56.15
C ALA J 311 -1.81 -46.92 -56.56
N SER J 312 -2.83 -47.64 -56.94
CA SER J 312 -4.11 -47.06 -57.25
C SER J 312 -4.78 -46.64 -55.99
N SER J 313 -5.48 -45.53 -56.06
CA SER J 313 -6.25 -45.03 -54.90
C SER J 313 -7.08 -46.05 -54.15
N ASP J 314 -7.59 -47.04 -54.87
CA ASP J 314 -8.57 -48.02 -54.31
C ASP J 314 -7.91 -49.31 -53.81
N ALA J 315 -6.57 -49.36 -53.86
CA ALA J 315 -5.86 -50.53 -53.51
C ALA J 315 -5.66 -50.63 -52.02
N TYR J 316 -5.38 -51.85 -51.64
CA TYR J 316 -4.95 -52.13 -50.27
C TYR J 316 -3.79 -53.15 -50.24
N PHE J 317 -3.13 -53.18 -49.09
N PHE J 317 -3.11 -53.18 -49.09
CA PHE J 317 -1.99 -54.04 -48.85
CA PHE J 317 -1.94 -54.02 -48.82
C PHE J 317 -2.28 -54.87 -47.59
C PHE J 317 -2.28 -54.87 -47.59
N SER J 318 -2.18 -56.18 -47.71
CA SER J 318 -2.35 -57.05 -46.51
C SER J 318 -1.46 -58.30 -46.50
N LEU J 319 -1.18 -58.76 -45.30
CA LEU J 319 -0.56 -60.07 -45.01
C LEU J 319 -1.52 -60.74 -44.03
N PRO J 320 -2.54 -61.43 -44.54
CA PRO J 320 -3.79 -61.65 -43.81
C PRO J 320 -3.84 -62.82 -42.89
N ALA J 321 -2.97 -63.82 -43.10
CA ALA J 321 -3.10 -65.10 -42.38
C ALA J 321 -2.48 -65.09 -40.98
N ALA J 322 -3.06 -64.24 -40.16
CA ALA J 322 -2.42 -63.91 -38.90
C ALA J 322 -2.63 -65.01 -37.88
N LYS J 323 -3.82 -65.59 -37.94
CA LYS J 323 -4.25 -66.58 -36.97
C LYS J 323 -3.75 -67.98 -37.33
N GLU J 324 -3.78 -68.34 -38.60
CA GLU J 324 -3.53 -69.75 -39.01
C GLU J 324 -2.72 -69.91 -40.31
N GLY J 325 -1.88 -68.94 -40.58
CA GLY J 325 -1.08 -68.96 -41.80
C GLY J 325 0.37 -69.33 -41.60
N ILE J 326 1.03 -69.44 -42.73
CA ILE J 326 2.47 -69.58 -42.79
C ILE J 326 3.16 -68.22 -42.62
N ILE J 327 4.47 -68.24 -42.47
CA ILE J 327 5.22 -67.02 -42.30
C ILE J 327 5.17 -66.31 -43.66
N PRO J 328 4.87 -65.00 -43.69
CA PRO J 328 4.86 -64.26 -44.93
C PRO J 328 6.26 -63.92 -45.41
N GLY J 329 6.98 -64.94 -45.84
CA GLY J 329 8.26 -64.79 -46.45
C GLY J 329 9.25 -64.00 -45.60
N ALA J 330 9.89 -63.04 -46.26
CA ALA J 330 10.79 -62.12 -45.59
C ALA J 330 10.11 -60.83 -45.13
N ALA J 331 8.78 -60.75 -45.16
CA ALA J 331 8.14 -59.58 -44.58
C ALA J 331 8.57 -59.41 -43.14
N ASN J 332 8.77 -60.51 -42.42
CA ASN J 332 9.11 -60.37 -40.98
C ASN J 332 10.48 -59.74 -40.85
N LEU J 333 11.28 -59.92 -41.88
CA LEU J 333 12.63 -59.41 -41.90
C LEU J 333 12.60 -57.94 -42.27
N ARG J 334 11.79 -57.60 -43.26
CA ARG J 334 11.86 -56.31 -43.92
C ARG J 334 10.84 -55.25 -43.42
N LEU J 335 9.68 -55.70 -43.03
CA LEU J 335 8.56 -54.79 -42.75
C LEU J 335 8.86 -53.78 -41.66
N GLY J 336 9.57 -54.22 -40.62
CA GLY J 336 9.94 -53.37 -39.49
C GLY J 336 10.72 -52.11 -39.84
N ARG J 337 11.58 -52.25 -40.80
CA ARG J 337 12.43 -51.18 -41.32
C ARG J 337 11.54 -50.16 -42.05
N PHE J 338 10.45 -50.63 -42.66
CA PHE J 338 9.52 -49.72 -43.36
C PHE J 338 8.55 -49.06 -42.41
N ALA J 339 8.08 -49.81 -41.41
CA ALA J 339 6.88 -49.38 -40.62
C ALA J 339 7.06 -49.30 -39.14
N GLY J 340 8.22 -49.74 -38.66
CA GLY J 340 8.49 -49.86 -37.22
C GLY J 340 7.79 -51.09 -36.63
N PRO J 341 8.09 -51.43 -35.40
CA PRO J 341 7.69 -52.68 -34.81
C PRO J 341 6.23 -52.75 -34.40
N ARG J 342 5.63 -51.61 -34.13
CA ARG J 342 4.21 -51.60 -33.77
C ARG J 342 3.37 -51.92 -35.00
N VAL J 343 3.54 -51.15 -36.07
CA VAL J 343 2.73 -51.39 -37.27
C VAL J 343 3.05 -52.75 -37.90
N SER J 344 4.31 -53.13 -37.87
CA SER J 344 4.78 -54.45 -38.41
C SER J 344 4.00 -55.55 -37.71
N ARG J 345 3.86 -55.45 -36.39
CA ARG J 345 3.08 -56.46 -35.65
C ARG J 345 1.58 -56.34 -35.88
N GLN J 346 1.08 -55.13 -36.04
CA GLN J 346 -0.34 -54.98 -36.35
C GLN J 346 -0.68 -55.68 -37.68
N VAL J 347 0.23 -55.58 -38.61
CA VAL J 347 0.00 -56.12 -39.93
C VAL J 347 0.18 -57.65 -39.89
N ILE J 348 1.27 -58.10 -39.30
CA ILE J 348 1.62 -59.51 -39.39
C ILE J 348 0.97 -60.35 -38.28
N LEU J 349 1.09 -59.93 -37.04
CA LEU J 349 0.48 -60.67 -35.96
C LEU J 349 -1.02 -60.58 -35.94
N GLU J 350 -1.59 -59.46 -36.37
CA GLU J 350 -3.06 -59.25 -36.24
C GLU J 350 -3.78 -59.03 -37.53
N GLY J 351 -3.09 -59.05 -38.65
CA GLY J 351 -3.75 -59.05 -39.94
C GLY J 351 -4.32 -57.72 -40.35
N ARG J 352 -3.75 -56.64 -39.86
CA ARG J 352 -4.24 -55.35 -40.23
C ARG J 352 -3.97 -55.12 -41.67
N ARG J 353 -5.02 -54.68 -42.33
CA ARG J 353 -4.97 -54.37 -43.71
C ARG J 353 -4.79 -52.87 -43.87
N ILE J 354 -3.95 -52.45 -44.80
CA ILE J 354 -3.61 -51.04 -45.00
C ILE J 354 -4.05 -50.56 -46.34
N TRP J 355 -4.78 -49.46 -46.35
CA TRP J 355 -5.40 -48.90 -47.58
C TRP J 355 -4.57 -47.79 -48.20
N ALA J 356 -4.57 -47.76 -49.51
CA ALA J 356 -3.67 -46.87 -50.25
C ALA J 356 -3.78 -45.46 -49.82
N LYS J 357 -4.99 -45.08 -49.43
CA LYS J 357 -5.27 -43.68 -49.12
C LYS J 357 -5.04 -43.27 -47.69
N GLU J 358 -4.76 -44.23 -46.80
CA GLU J 358 -4.54 -43.83 -45.40
C GLU J 358 -3.11 -43.31 -45.28
N PRO J 359 -2.85 -42.38 -44.36
CA PRO J 359 -1.47 -41.89 -44.18
C PRO J 359 -0.39 -42.96 -44.09
N GLU J 360 -0.65 -44.05 -43.35
CA GLU J 360 0.35 -45.11 -43.16
C GLU J 360 0.70 -45.89 -44.42
N ALA J 361 -0.08 -45.74 -45.48
CA ALA J 361 0.31 -46.32 -46.79
C ALA J 361 1.60 -45.73 -47.26
N ARG J 362 1.87 -44.48 -46.89
CA ARG J 362 3.12 -43.83 -47.31
C ARG J 362 4.41 -44.48 -46.73
N LEU J 363 4.24 -45.36 -45.74
CA LEU J 363 5.28 -46.21 -45.27
C LEU J 363 5.72 -47.26 -46.26
N LEU J 364 4.82 -47.67 -47.14
CA LEU J 364 5.03 -48.75 -48.13
C LEU J 364 4.96 -48.32 -49.59
N VAL J 365 4.33 -47.18 -49.83
CA VAL J 365 3.98 -46.73 -51.16
C VAL J 365 4.43 -45.29 -51.37
N ASP J 366 5.02 -45.00 -52.52
CA ASP J 366 5.59 -43.68 -52.79
C ASP J 366 4.57 -42.76 -53.32
N GLU J 367 3.66 -43.30 -54.11
CA GLU J 367 2.69 -42.47 -54.88
C GLU J 367 1.38 -43.22 -54.96
N VAL J 368 0.32 -42.52 -54.63
CA VAL J 368 -1.03 -43.06 -54.72
C VAL J 368 -1.79 -42.16 -55.69
N VAL J 369 -2.43 -42.77 -56.68
CA VAL J 369 -2.90 -42.03 -57.83
C VAL J 369 -4.22 -42.59 -58.21
N GLU J 370 -5.11 -41.72 -58.70
CA GLU J 370 -6.48 -42.14 -59.16
C GLU J 370 -6.31 -43.06 -60.38
N PRO J 371 -7.12 -44.12 -60.50
CA PRO J 371 -7.08 -45.09 -61.61
C PRO J 371 -6.85 -44.50 -63.00
N ASP J 372 -7.45 -43.37 -63.28
CA ASP J 372 -7.22 -42.74 -64.59
C ASP J 372 -5.95 -41.93 -64.79
N GLU J 373 -5.22 -41.69 -63.71
CA GLU J 373 -3.92 -40.94 -63.76
C GLU J 373 -2.72 -41.89 -63.67
N LEU J 374 -3.02 -43.17 -63.45
CA LEU J 374 -2.04 -44.15 -63.00
C LEU J 374 -1.06 -44.54 -64.05
N ASP J 375 -1.56 -44.83 -65.25
CA ASP J 375 -0.70 -45.22 -66.38
C ASP J 375 0.36 -44.20 -66.60
N ALA J 376 -0.04 -42.94 -66.59
CA ALA J 376 0.87 -41.84 -66.92
C ALA J 376 1.88 -41.60 -65.80
N ALA J 377 1.44 -41.80 -64.57
CA ALA J 377 2.34 -41.71 -63.41
C ALA J 377 3.43 -42.81 -63.43
N ILE J 378 3.00 -44.01 -63.75
CA ILE J 378 3.93 -45.14 -63.93
C ILE J 378 4.97 -44.77 -64.97
N GLU J 379 4.53 -44.24 -66.10
CA GLU J 379 5.48 -43.87 -67.19
C GLU J 379 6.48 -42.83 -66.75
N ARG J 380 6.02 -41.79 -66.07
CA ARG J 380 6.96 -40.77 -65.51
C ARG J 380 7.95 -41.35 -64.54
N SER J 381 7.49 -42.22 -63.65
CA SER J 381 8.39 -42.81 -62.64
C SER J 381 9.55 -43.61 -63.27
N LEU J 382 9.28 -44.21 -64.42
CA LEU J 382 10.24 -45.04 -65.12
C LEU J 382 11.36 -44.23 -65.74
N THR J 383 11.02 -43.03 -66.20
CA THR J 383 12.05 -42.11 -66.71
C THR J 383 12.91 -41.53 -65.58
N ARG J 384 12.47 -41.57 -64.32
CA ARG J 384 13.27 -40.94 -63.25
C ARG J 384 14.42 -41.80 -62.66
N LEU J 385 14.51 -43.05 -63.05
CA LEU J 385 15.42 -44.00 -62.45
C LEU J 385 16.53 -44.57 -63.37
N ASP J 386 16.86 -43.85 -64.42
CA ASP J 386 17.71 -44.28 -65.54
C ASP J 386 19.20 -44.32 -65.30
N GLY J 387 19.76 -43.33 -64.61
CA GLY J 387 21.24 -43.25 -64.74
C GLY J 387 22.14 -44.25 -63.99
N ASP J 388 23.43 -43.97 -64.02
CA ASP J 388 24.43 -44.65 -63.23
C ASP J 388 24.48 -44.17 -61.75
N ALA J 389 24.06 -42.94 -61.49
CA ALA J 389 24.00 -42.43 -60.11
C ALA J 389 22.98 -43.23 -59.30
N VAL J 390 21.84 -43.49 -59.91
CA VAL J 390 20.83 -44.34 -59.32
C VAL J 390 21.39 -45.72 -59.01
N LEU J 391 22.05 -46.36 -59.98
CA LEU J 391 22.61 -47.71 -59.74
C LEU J 391 23.55 -47.74 -58.55
N ALA J 392 24.46 -46.77 -58.49
CA ALA J 392 25.42 -46.76 -57.44
C ALA J 392 24.69 -46.50 -56.12
N ASN J 393 23.80 -45.52 -56.12
CA ASN J 393 23.11 -45.19 -54.90
C ASN J 393 22.24 -46.34 -54.40
N ARG J 394 21.54 -47.05 -55.27
CA ARG J 394 20.62 -48.06 -54.77
C ARG J 394 21.43 -49.22 -54.20
N ARG J 395 22.60 -49.47 -54.78
CA ARG J 395 23.45 -50.50 -54.27
C ARG J 395 23.94 -50.20 -52.85
N MET J 396 24.36 -48.96 -52.63
CA MET J 396 24.77 -48.52 -51.32
C MET J 396 23.59 -48.56 -50.33
N LEU J 397 22.43 -48.11 -50.79
CA LEU J 397 21.25 -48.12 -49.93
C LEU J 397 20.84 -49.51 -49.49
N ASN J 398 20.82 -50.43 -50.43
CA ASN J 398 20.44 -51.82 -50.13
C ASN J 398 21.43 -52.54 -49.21
N LEU J 399 22.71 -52.26 -49.41
CA LEU J 399 23.76 -52.71 -48.54
C LEU J 399 23.57 -52.21 -47.07
N ALA J 400 23.24 -50.94 -46.89
CA ALA J 400 22.95 -50.43 -45.54
C ALA J 400 21.66 -50.99 -44.98
N ASP J 401 20.63 -51.09 -45.81
CA ASP J 401 19.29 -51.50 -45.35
C ASP J 401 19.28 -52.97 -44.88
N GLU J 402 20.00 -53.82 -45.58
CA GLU J 402 19.91 -55.25 -45.35
C GLU J 402 21.27 -55.84 -45.55
N SER J 403 21.95 -56.17 -44.46
CA SER J 403 23.29 -56.76 -44.57
C SER J 403 23.19 -58.21 -45.09
N PRO J 404 24.24 -58.70 -45.74
CA PRO J 404 24.22 -60.08 -46.18
C PRO J 404 24.06 -61.02 -45.03
N ASP J 405 24.74 -60.74 -43.91
CA ASP J 405 24.58 -61.55 -42.70
C ASP J 405 23.16 -61.55 -42.20
N GLY J 406 22.54 -60.38 -42.20
CA GLY J 406 21.17 -60.24 -41.67
C GLY J 406 20.21 -61.10 -42.46
N PHE J 407 20.34 -61.00 -43.77
CA PHE J 407 19.49 -61.75 -44.68
C PHE J 407 19.70 -63.24 -44.52
N ARG J 408 20.98 -63.62 -44.49
CA ARG J 408 21.35 -65.03 -44.37
C ARG J 408 20.85 -65.64 -43.05
N ALA J 409 21.09 -64.95 -41.95
CA ALA J 409 20.67 -65.41 -40.63
C ALA J 409 19.18 -65.65 -40.58
N TYR J 410 18.44 -64.70 -41.16
CA TYR J 410 17.00 -64.80 -41.16
C TYR J 410 16.55 -65.97 -42.06
N MET J 411 17.03 -66.03 -43.28
CA MET J 411 16.67 -67.12 -44.16
C MET J 411 17.02 -68.48 -43.53
N ALA J 412 18.13 -68.57 -42.82
CA ALA J 412 18.51 -69.83 -42.17
C ALA J 412 17.41 -70.29 -41.19
N GLU J 413 17.00 -69.44 -40.26
CA GLU J 413 15.88 -69.78 -39.37
C GLU J 413 14.56 -69.99 -40.15
N PHE J 414 14.29 -69.14 -41.12
CA PHE J 414 13.07 -69.27 -41.90
C PHE J 414 12.92 -70.64 -42.54
N ALA J 415 14.03 -71.14 -43.09
CA ALA J 415 14.01 -72.42 -43.77
C ALA J 415 13.35 -73.51 -42.93
N LEU J 416 13.68 -73.56 -41.65
CA LEU J 416 13.08 -74.56 -40.76
C LEU J 416 11.76 -74.13 -40.16
N MET J 417 11.67 -72.88 -39.70
CA MET J 417 10.39 -72.37 -39.18
C MET J 417 9.26 -72.53 -40.18
N GLN J 418 9.52 -72.19 -41.44
CA GLN J 418 8.48 -72.23 -42.43
C GLN J 418 8.10 -73.66 -42.79
N ALA J 419 9.11 -74.52 -42.86
CA ALA J 419 8.90 -75.94 -43.07
C ALA J 419 7.92 -76.46 -42.03
N LEU J 420 8.14 -76.11 -40.76
CA LEU J 420 7.23 -76.55 -39.69
C LEU J 420 5.81 -76.01 -39.85
N ARG J 421 5.70 -74.78 -40.32
CA ARG J 421 4.38 -74.13 -40.47
C ARG J 421 3.66 -74.73 -41.66
N LEU J 422 4.43 -75.11 -42.64
CA LEU J 422 3.89 -75.76 -43.84
C LEU J 422 3.17 -77.09 -43.51
N TYR J 423 3.46 -77.67 -42.35
CA TYR J 423 2.86 -78.91 -41.87
C TYR J 423 2.12 -78.74 -40.56
N GLY J 424 1.81 -77.51 -40.17
CA GLY J 424 1.09 -77.28 -38.93
C GLY J 424 -0.38 -77.63 -39.12
N HIS J 425 -1.00 -78.19 -38.09
CA HIS J 425 -2.39 -78.66 -38.21
C HIS J 425 -3.35 -77.49 -38.46
N ASP J 426 -3.06 -76.36 -37.83
CA ASP J 426 -3.85 -75.12 -37.97
C ASP J 426 -3.88 -74.61 -39.43
N VAL J 427 -2.71 -74.67 -40.08
CA VAL J 427 -2.53 -74.22 -41.46
C VAL J 427 -3.28 -75.11 -42.43
N ILE J 428 -3.09 -76.41 -42.24
CA ILE J 428 -3.73 -77.44 -43.09
C ILE J 428 -5.26 -77.34 -43.03
N ASP J 429 -5.79 -77.12 -41.84
CA ASP J 429 -7.22 -76.87 -41.68
C ASP J 429 -7.72 -75.58 -42.37
N LYS J 430 -7.11 -74.41 -42.09
CA LYS J 430 -7.51 -73.10 -42.72
C LYS J 430 -7.54 -73.25 -44.25
N VAL J 431 -6.43 -73.75 -44.77
CA VAL J 431 -6.19 -73.89 -46.21
C VAL J 431 -7.23 -74.80 -46.92
N GLY J 432 -7.61 -75.88 -46.22
CA GLY J 432 -8.62 -76.83 -46.70
C GLY J 432 -10.02 -76.25 -46.84
N ARG J 433 -10.31 -75.20 -46.07
CA ARG J 433 -11.60 -74.48 -46.14
C ARG J 433 -11.69 -73.44 -47.25
N PHE J 434 -10.62 -73.19 -48.00
CA PHE J 434 -10.63 -72.14 -49.04
C PHE J 434 -11.26 -72.65 -50.34
N GLY J 435 -12.27 -71.96 -50.84
CA GLY J 435 -12.88 -72.25 -52.16
C GLY J 435 -14.30 -72.69 -51.99
N THR K 13 51.77 -64.68 -15.57
CA THR K 13 52.07 -65.19 -16.95
C THR K 13 52.74 -64.09 -17.87
N ASP K 14 52.01 -62.98 -18.09
CA ASP K 14 52.38 -61.76 -18.86
C ASP K 14 52.37 -60.50 -17.94
N GLY K 15 52.19 -60.70 -16.64
CA GLY K 15 52.42 -59.64 -15.66
C GLY K 15 51.16 -58.96 -15.11
N LEU K 16 50.03 -59.16 -15.80
CA LEU K 16 48.82 -58.39 -15.54
C LEU K 16 48.13 -58.81 -14.24
N TRP K 17 48.09 -60.10 -13.99
CA TRP K 17 47.44 -60.58 -12.73
C TRP K 17 48.20 -60.03 -11.53
N ALA K 18 49.52 -60.09 -11.61
CA ALA K 18 50.34 -59.59 -10.51
C ALA K 18 50.17 -58.12 -10.33
N ALA K 19 50.12 -57.38 -11.44
CA ALA K 19 50.01 -55.89 -11.35
C ALA K 19 48.65 -55.50 -10.78
N LEU K 20 47.63 -56.22 -11.20
CA LEU K 20 46.33 -56.05 -10.63
C LEU K 20 46.28 -56.34 -9.14
N THR K 21 46.81 -57.52 -8.77
CA THR K 21 46.92 -57.91 -7.35
C THR K 21 47.60 -56.75 -6.53
N GLU K 22 48.68 -56.25 -7.09
CA GLU K 22 49.42 -55.09 -6.50
C GLU K 22 48.54 -53.86 -6.32
N ALA K 23 47.85 -53.46 -7.41
CA ALA K 23 46.98 -52.29 -7.34
C ALA K 23 45.79 -52.47 -6.40
N ALA K 24 45.21 -53.66 -6.36
CA ALA K 24 44.12 -53.93 -5.37
C ALA K 24 44.63 -53.81 -3.93
N ALA K 25 45.89 -54.20 -3.69
CA ALA K 25 46.46 -54.15 -2.31
C ALA K 25 46.69 -52.71 -1.89
N SER K 26 47.21 -51.86 -2.80
CA SER K 26 47.33 -50.40 -2.48
C SER K 26 45.97 -49.77 -2.19
N VAL K 27 44.93 -50.25 -2.87
CA VAL K 27 43.56 -49.83 -2.54
C VAL K 27 43.22 -50.23 -1.10
N GLU K 28 43.38 -51.51 -0.77
CA GLU K 28 43.00 -52.00 0.57
C GLU K 28 43.79 -51.31 1.66
N LYS K 29 45.09 -51.02 1.39
CA LYS K 29 45.95 -50.36 2.38
C LYS K 29 45.40 -48.95 2.63
N LEU K 30 45.04 -48.26 1.56
CA LEU K 30 44.45 -46.90 1.71
C LEU K 30 43.08 -46.87 2.38
N LEU K 31 42.24 -47.82 2.04
CA LEU K 31 40.93 -47.89 2.71
C LEU K 31 41.07 -48.22 4.21
N ALA K 32 42.01 -49.10 4.54
CA ALA K 32 42.25 -49.47 5.96
C ALA K 32 42.81 -48.32 6.76
N THR K 33 43.63 -47.49 6.11
CA THR K 33 44.35 -46.42 6.85
C THR K 33 43.69 -45.08 6.77
N LEU K 34 42.99 -44.74 5.67
CA LEU K 34 42.41 -43.37 5.58
C LEU K 34 41.15 -43.29 6.45
N PRO K 35 40.74 -42.04 6.79
CA PRO K 35 39.44 -41.88 7.40
C PRO K 35 38.24 -42.33 6.52
N GLU K 36 37.08 -42.49 7.17
CA GLU K 36 35.84 -42.84 6.51
C GLU K 36 35.45 -41.78 5.45
N HIS K 37 34.60 -42.19 4.51
CA HIS K 37 34.22 -41.37 3.28
C HIS K 37 33.98 -39.91 3.38
N GLY K 38 33.15 -39.43 4.29
CA GLY K 38 32.88 -38.00 4.43
C GLY K 38 33.80 -37.21 5.32
N ALA K 39 34.86 -37.85 5.79
CA ALA K 39 35.85 -37.22 6.67
C ALA K 39 37.21 -37.08 5.99
N ARG K 40 37.33 -37.56 4.74
CA ARG K 40 38.56 -37.44 3.99
C ARG K 40 38.82 -36.02 3.51
N SER K 41 40.09 -35.62 3.55
CA SER K 41 40.57 -34.38 2.93
C SER K 41 40.67 -34.56 1.41
N SER K 42 40.94 -33.46 0.71
CA SER K 42 40.98 -33.45 -0.77
C SER K 42 42.15 -34.28 -1.27
N ALA K 43 43.33 -34.05 -0.66
CA ALA K 43 44.56 -34.85 -0.93
C ALA K 43 44.28 -36.36 -0.76
N GLU K 44 43.57 -36.73 0.32
CA GLU K 44 43.15 -38.09 0.58
C GLU K 44 42.14 -38.62 -0.44
N ARG K 45 41.12 -37.84 -0.69
CA ARG K 45 40.13 -38.16 -1.72
C ARG K 45 40.82 -38.42 -3.10
N ALA K 46 41.80 -37.58 -3.45
CA ALA K 46 42.47 -37.66 -4.72
C ALA K 46 43.38 -38.91 -4.82
N GLU K 47 43.95 -39.28 -3.67
CA GLU K 47 44.80 -40.46 -3.55
C GLU K 47 44.06 -41.80 -3.73
N ILE K 48 42.96 -41.97 -2.99
CA ILE K 48 42.12 -43.12 -3.14
C ILE K 48 41.45 -43.20 -4.54
N ALA K 49 41.02 -42.07 -5.10
CA ALA K 49 40.44 -42.04 -6.44
C ALA K 49 41.47 -42.51 -7.45
N ALA K 50 42.69 -42.06 -7.28
CA ALA K 50 43.78 -42.46 -8.18
C ALA K 50 44.06 -43.97 -8.02
N ALA K 51 43.95 -44.47 -6.80
CA ALA K 51 44.24 -45.91 -6.56
C ALA K 51 43.20 -46.81 -7.19
N HIS K 52 41.95 -46.45 -6.95
CA HIS K 52 40.76 -47.07 -7.63
C HIS K 52 40.92 -47.07 -9.10
N ASP K 53 41.35 -45.93 -9.64
CA ASP K 53 41.53 -45.82 -11.08
C ASP K 53 42.59 -46.78 -11.64
N ALA K 54 43.72 -46.86 -10.98
CA ALA K 54 44.78 -47.76 -11.45
C ALA K 54 44.31 -49.18 -11.43
N ALA K 55 43.62 -49.54 -10.35
CA ALA K 55 43.15 -50.95 -10.16
C ALA K 55 42.11 -51.33 -11.17
N ARG K 56 41.15 -50.42 -11.36
CA ARG K 56 40.09 -50.63 -12.39
C ARG K 56 40.68 -50.72 -13.78
N ALA K 57 41.63 -49.83 -14.08
CA ALA K 57 42.35 -49.89 -15.42
C ALA K 57 42.96 -51.26 -15.62
N LEU K 58 43.52 -51.84 -14.55
CA LEU K 58 44.18 -53.16 -14.69
C LEU K 58 43.14 -54.28 -14.78
N ARG K 59 42.00 -54.13 -14.11
CA ARG K 59 40.89 -55.13 -14.29
C ARG K 59 40.49 -55.21 -15.75
N VAL K 60 40.42 -54.04 -16.40
CA VAL K 60 40.11 -54.02 -17.82
C VAL K 60 41.16 -54.67 -18.65
N ARG K 61 42.42 -54.26 -18.48
CA ARG K 61 43.56 -54.84 -19.29
C ARG K 61 43.70 -56.35 -19.06
N PHE K 62 43.58 -56.75 -17.80
CA PHE K 62 43.67 -58.15 -17.47
C PHE K 62 42.64 -58.94 -18.29
N LEU K 63 41.38 -58.49 -18.18
CA LEU K 63 40.27 -59.19 -18.84
C LEU K 63 40.27 -59.03 -20.34
N ASP K 64 40.82 -57.97 -20.88
CA ASP K 64 40.93 -57.88 -22.36
C ASP K 64 41.57 -59.12 -22.93
N THR K 65 42.56 -59.68 -22.24
CA THR K 65 43.30 -60.82 -22.76
C THR K 65 42.82 -62.11 -22.13
N HIS K 66 42.35 -62.08 -20.89
CA HIS K 66 42.13 -63.28 -20.15
C HIS K 66 40.68 -63.68 -19.86
N ALA K 67 39.72 -62.92 -20.37
CA ALA K 67 38.33 -63.07 -19.99
C ALA K 67 37.81 -64.46 -20.27
N ASP K 68 38.12 -64.97 -21.46
CA ASP K 68 37.72 -66.37 -21.85
C ASP K 68 38.31 -67.48 -20.94
N ALA K 69 39.59 -67.36 -20.61
CA ALA K 69 40.21 -68.30 -19.66
C ALA K 69 39.60 -68.19 -18.26
N VAL K 70 39.35 -66.97 -17.83
CA VAL K 70 38.67 -66.74 -16.55
C VAL K 70 37.27 -67.39 -16.54
N TYR K 71 36.50 -67.17 -17.61
CA TYR K 71 35.11 -67.62 -17.65
C TYR K 71 35.10 -69.16 -17.73
N ASP K 72 35.98 -69.70 -18.57
CA ASP K 72 36.21 -71.15 -18.62
C ASP K 72 36.56 -71.76 -17.25
N ARG K 73 37.42 -71.12 -16.45
CA ARG K 73 37.61 -71.65 -15.11
C ARG K 73 36.29 -71.73 -14.35
N LEU K 74 35.51 -70.66 -14.35
CA LEU K 74 34.31 -70.62 -13.48
C LEU K 74 33.14 -71.55 -13.87
N THR K 75 33.05 -71.84 -15.17
CA THR K 75 31.93 -72.58 -15.80
C THR K 75 32.35 -73.91 -16.42
N ASP K 76 33.60 -74.30 -16.17
CA ASP K 76 34.08 -75.60 -16.56
C ASP K 76 34.07 -75.71 -18.07
N HIS K 77 34.80 -74.79 -18.69
CA HIS K 77 34.80 -74.62 -20.16
C HIS K 77 33.38 -74.58 -20.75
N ARG K 78 32.55 -73.71 -20.18
CA ARG K 78 31.17 -73.46 -20.73
C ARG K 78 30.24 -74.70 -20.74
N ARG K 79 30.34 -75.51 -19.69
CA ARG K 79 29.53 -76.71 -19.53
C ARG K 79 28.61 -76.62 -18.33
N VAL K 80 28.81 -75.61 -17.51
CA VAL K 80 27.87 -75.29 -16.43
C VAL K 80 27.34 -73.87 -16.65
N HIS K 81 26.01 -73.75 -16.73
CA HIS K 81 25.37 -72.46 -16.83
C HIS K 81 25.33 -71.82 -15.46
N LEU K 82 26.00 -70.68 -15.30
CA LEU K 82 25.82 -69.89 -14.06
C LEU K 82 25.14 -68.52 -14.34
N ARG K 83 24.11 -68.21 -13.56
CA ARG K 83 23.46 -66.92 -13.55
C ARG K 83 24.41 -65.87 -13.03
N LEU K 84 24.03 -64.60 -13.19
CA LEU K 84 24.90 -63.47 -12.87
C LEU K 84 25.41 -63.49 -11.45
N ALA K 85 24.51 -63.69 -10.52
CA ALA K 85 24.84 -63.57 -9.08
C ALA K 85 25.90 -64.65 -8.69
N GLU K 86 25.67 -65.88 -9.15
CA GLU K 86 26.56 -67.00 -8.94
C GLU K 86 27.88 -66.81 -9.66
N LEU K 87 27.81 -66.38 -10.90
CA LEU K 87 29.05 -66.07 -11.64
C LEU K 87 29.96 -65.05 -10.96
N VAL K 88 29.40 -63.93 -10.48
CA VAL K 88 30.28 -62.89 -9.90
C VAL K 88 30.84 -63.30 -8.52
N GLU K 89 30.05 -64.04 -7.75
CA GLU K 89 30.46 -64.63 -6.47
C GLU K 89 31.60 -65.60 -6.68
N ALA K 90 31.43 -66.50 -7.62
CA ALA K 90 32.45 -67.47 -7.93
C ALA K 90 33.71 -66.81 -8.48
N ALA K 91 33.57 -65.76 -9.28
CA ALA K 91 34.70 -65.03 -9.80
C ALA K 91 35.48 -64.34 -8.67
N ALA K 92 34.77 -63.88 -7.65
CA ALA K 92 35.41 -63.22 -6.53
C ALA K 92 36.34 -64.18 -5.70
N THR K 93 35.87 -65.40 -5.48
CA THR K 93 36.57 -66.39 -4.68
C THR K 93 37.70 -67.04 -5.49
N ALA K 94 37.49 -67.26 -6.78
CA ALA K 94 38.56 -67.80 -7.64
C ALA K 94 39.58 -66.78 -8.13
N PHE K 95 39.23 -65.48 -8.12
CA PHE K 95 40.13 -64.42 -8.61
C PHE K 95 40.09 -63.26 -7.63
N PRO K 96 40.67 -63.45 -6.43
CA PRO K 96 40.61 -62.35 -5.46
C PRO K 96 41.18 -61.03 -5.96
N GLY K 97 40.46 -59.95 -5.66
CA GLY K 97 40.71 -58.63 -6.24
C GLY K 97 40.07 -58.26 -7.62
N LEU K 98 39.61 -59.24 -8.38
CA LEU K 98 39.06 -58.99 -9.71
C LEU K 98 37.66 -58.34 -9.61
N VAL K 99 36.83 -58.92 -8.76
CA VAL K 99 35.52 -58.46 -8.40
C VAL K 99 35.32 -58.63 -6.90
N PRO K 100 34.43 -57.85 -6.28
CA PRO K 100 34.30 -57.95 -4.84
C PRO K 100 33.62 -59.22 -4.27
N THR K 101 34.07 -59.60 -3.09
CA THR K 101 33.56 -60.68 -2.26
C THR K 101 32.20 -60.30 -1.70
N GLN K 102 31.45 -61.33 -1.27
CA GLN K 102 30.11 -61.16 -0.64
C GLN K 102 30.21 -60.21 0.58
N GLN K 103 31.31 -60.37 1.36
CA GLN K 103 31.67 -59.56 2.55
C GLN K 103 31.86 -58.09 2.16
N GLN K 104 32.73 -57.82 1.18
CA GLN K 104 32.98 -56.45 0.71
C GLN K 104 31.70 -55.74 0.21
N LEU K 105 30.86 -56.50 -0.49
CA LEU K 105 29.54 -56.00 -0.95
C LEU K 105 28.57 -55.71 0.18
N ALA K 106 28.58 -56.54 1.22
CA ALA K 106 27.70 -56.29 2.41
C ALA K 106 28.06 -54.98 3.10
N VAL K 107 29.37 -54.67 3.16
CA VAL K 107 29.83 -53.37 3.72
C VAL K 107 29.29 -52.25 2.87
N GLU K 108 29.42 -52.42 1.55
CA GLU K 108 28.91 -51.42 0.57
C GLU K 108 27.44 -51.24 0.68
N ARG K 109 26.70 -52.35 0.73
CA ARG K 109 25.21 -52.30 0.84
C ARG K 109 24.70 -51.61 2.07
N SER K 110 25.47 -51.66 3.13
CA SER K 110 25.12 -51.00 4.40
C SER K 110 25.34 -49.51 4.41
N LEU K 111 26.05 -49.00 3.41
CA LEU K 111 26.26 -47.57 3.24
C LEU K 111 25.20 -46.97 2.31
N PRO K 112 24.92 -45.66 2.47
CA PRO K 112 24.23 -44.94 1.38
C PRO K 112 25.13 -44.73 0.13
N GLN K 113 24.53 -44.64 -1.09
CA GLN K 113 25.30 -44.51 -2.35
C GLN K 113 26.44 -43.52 -2.22
N ALA K 114 26.15 -42.37 -1.67
CA ALA K 114 27.11 -41.26 -1.59
C ALA K 114 28.45 -41.65 -0.91
N ALA K 115 28.37 -42.58 0.03
CA ALA K 115 29.54 -42.99 0.81
C ALA K 115 30.30 -44.20 0.23
N LYS K 116 29.74 -44.86 -0.77
CA LYS K 116 30.29 -46.10 -1.29
C LYS K 116 31.56 -45.87 -2.05
N GLU K 117 32.46 -46.88 -2.02
CA GLU K 117 33.69 -46.88 -2.78
C GLU K 117 33.51 -47.30 -4.26
N GLY K 118 32.39 -47.91 -4.59
CA GLY K 118 32.04 -48.17 -5.97
C GLY K 118 32.62 -49.50 -6.39
N HIS K 119 32.67 -50.46 -5.46
CA HIS K 119 33.12 -51.79 -5.82
C HIS K 119 32.32 -52.49 -6.93
N GLU K 120 31.04 -52.16 -7.07
CA GLU K 120 30.19 -52.73 -8.15
C GLU K 120 30.78 -52.42 -9.51
N ILE K 121 31.46 -51.28 -9.62
CA ILE K 121 32.07 -50.93 -10.90
C ILE K 121 32.91 -52.07 -11.41
N ASP K 122 33.61 -52.72 -10.49
CA ASP K 122 34.50 -53.86 -10.84
C ASP K 122 33.67 -54.98 -11.46
N GLN K 123 32.47 -55.19 -10.93
CA GLN K 123 31.56 -56.18 -11.51
C GLN K 123 31.07 -55.78 -12.91
N GLY K 124 30.92 -54.48 -13.14
CA GLY K 124 30.65 -53.93 -14.45
C GLY K 124 31.78 -54.17 -15.41
N ILE K 125 33.01 -53.99 -14.93
CA ILE K 125 34.18 -54.31 -15.76
C ILE K 125 34.14 -55.78 -16.20
N PHE K 126 33.86 -56.62 -15.23
CA PHE K 126 33.90 -58.07 -15.40
C PHE K 126 32.84 -58.46 -16.46
N LEU K 127 31.59 -58.05 -16.18
CA LEU K 127 30.47 -58.42 -17.03
C LEU K 127 30.60 -57.90 -18.45
N ARG K 128 31.08 -56.68 -18.58
CA ARG K 128 31.43 -56.17 -19.91
C ARG K 128 32.30 -57.19 -20.58
N ALA K 129 33.40 -57.59 -19.90
CA ALA K 129 34.41 -58.44 -20.62
C ALA K 129 33.83 -59.80 -21.03
N VAL K 130 33.07 -60.37 -20.15
CA VAL K 130 32.40 -61.62 -20.41
C VAL K 130 31.45 -61.49 -21.57
N LEU K 131 30.54 -60.48 -21.54
CA LEU K 131 29.55 -60.27 -22.61
C LEU K 131 30.15 -59.91 -23.94
N ARG K 132 31.30 -59.20 -23.93
CA ARG K 132 32.07 -58.94 -25.19
C ARG K 132 32.62 -60.17 -25.88
N SER K 133 32.80 -61.28 -25.14
CA SER K 133 33.35 -62.51 -25.76
C SER K 133 32.30 -63.27 -26.57
N PRO K 134 32.66 -63.68 -27.79
CA PRO K 134 31.74 -64.41 -28.63
C PRO K 134 31.46 -65.79 -28.14
N LEU K 135 32.28 -66.25 -27.20
CA LEU K 135 32.11 -67.57 -26.60
C LEU K 135 31.42 -67.53 -25.25
N ALA K 136 31.94 -66.68 -24.38
CA ALA K 136 31.42 -66.52 -23.03
C ALA K 136 30.08 -65.81 -23.04
N GLY K 137 30.02 -64.74 -23.85
CA GLY K 137 28.82 -63.88 -23.94
C GLY K 137 27.52 -64.66 -24.16
N PRO K 138 27.38 -65.34 -25.29
CA PRO K 138 26.14 -66.09 -25.56
C PRO K 138 25.83 -67.10 -24.48
N HIS K 139 26.87 -67.68 -23.88
CA HIS K 139 26.70 -68.73 -22.91
C HIS K 139 26.11 -68.19 -21.63
N LEU K 140 26.63 -67.08 -21.15
CA LEU K 140 25.97 -66.37 -20.01
C LEU K 140 24.53 -65.94 -20.31
N LEU K 141 24.30 -65.47 -21.53
CA LEU K 141 22.92 -65.00 -21.92
C LEU K 141 21.97 -66.16 -21.91
N ASP K 142 22.46 -67.31 -22.37
CA ASP K 142 21.67 -68.56 -22.22
C ASP K 142 21.38 -68.88 -20.77
N ALA K 143 22.39 -68.72 -19.90
CA ALA K 143 22.21 -69.09 -18.47
C ALA K 143 21.13 -68.29 -17.87
N MET K 144 21.09 -67.02 -18.24
CA MET K 144 20.03 -66.12 -17.71
C MET K 144 18.65 -66.37 -18.33
N LEU K 145 18.56 -67.06 -19.48
CA LEU K 145 17.25 -67.44 -20.06
C LEU K 145 16.67 -68.71 -19.47
N ARG K 146 17.46 -69.42 -18.66
CA ARG K 146 16.94 -70.64 -18.02
C ARG K 146 15.97 -70.30 -16.92
N PRO K 147 15.08 -71.24 -16.56
CA PRO K 147 14.12 -70.92 -15.54
C PRO K 147 14.82 -70.77 -14.21
N THR K 148 14.33 -69.84 -13.42
CA THR K 148 14.84 -69.66 -12.08
C THR K 148 14.40 -70.84 -11.19
N PRO K 149 15.24 -71.24 -10.22
CA PRO K 149 14.82 -72.27 -9.23
C PRO K 149 13.50 -71.95 -8.54
N ARG K 150 13.33 -70.67 -8.15
CA ARG K 150 12.11 -70.26 -7.48
C ARG K 150 10.87 -70.57 -8.31
N ALA K 151 10.98 -70.41 -9.61
CA ALA K 151 9.87 -70.70 -10.51
C ALA K 151 9.65 -72.20 -10.66
N LEU K 152 10.72 -72.97 -10.77
CA LEU K 152 10.61 -74.44 -10.87
C LEU K 152 9.92 -75.04 -9.61
N GLU K 153 10.23 -74.44 -8.49
CA GLU K 153 9.67 -74.86 -7.20
C GLU K 153 8.15 -74.51 -7.09
N LEU K 154 7.75 -73.33 -7.56
CA LEU K 154 6.33 -72.91 -7.53
C LEU K 154 5.47 -73.44 -8.66
N LEU K 155 6.09 -73.95 -9.68
CA LEU K 155 5.35 -74.39 -10.85
C LEU K 155 4.20 -75.38 -10.60
N PRO K 156 4.41 -76.49 -9.83
CA PRO K 156 3.27 -77.44 -9.60
C PRO K 156 2.08 -76.82 -8.86
N GLU K 157 2.33 -76.02 -7.83
CA GLU K 157 1.23 -75.35 -7.14
C GLU K 157 0.52 -74.40 -8.11
N PHE K 158 1.30 -73.76 -8.98
CA PHE K 158 0.73 -72.80 -9.92
C PHE K 158 -0.16 -73.50 -10.96
N VAL K 159 0.35 -74.60 -11.50
CA VAL K 159 -0.43 -75.45 -12.40
C VAL K 159 -1.73 -75.95 -11.73
N ARG K 160 -1.66 -76.31 -10.45
CA ARG K 160 -2.81 -76.82 -9.73
C ARG K 160 -3.81 -75.69 -9.43
N THR K 161 -3.33 -74.57 -8.90
CA THR K 161 -4.23 -73.48 -8.34
C THR K 161 -4.57 -72.38 -9.38
N GLY K 162 -3.70 -72.15 -10.37
CA GLY K 162 -3.83 -71.01 -11.26
C GLY K 162 -3.54 -69.67 -10.60
N GLU K 163 -2.80 -69.67 -9.51
CA GLU K 163 -2.66 -68.46 -8.70
C GLU K 163 -1.39 -68.46 -7.82
N VAL K 164 -0.69 -67.33 -7.79
CA VAL K 164 0.45 -67.10 -6.88
C VAL K 164 0.48 -65.64 -6.48
N GLU K 165 0.59 -65.40 -5.19
CA GLU K 165 0.68 -64.06 -4.68
C GLU K 165 2.11 -63.88 -4.31
N MET K 166 2.75 -62.84 -4.84
CA MET K 166 4.12 -62.48 -4.43
C MET K 166 4.13 -61.07 -3.87
N GLU K 167 5.26 -60.66 -3.31
CA GLU K 167 5.34 -59.34 -2.69
C GLU K 167 4.97 -58.19 -3.64
N ALA K 168 5.46 -58.23 -4.86
CA ALA K 168 5.29 -57.13 -5.83
C ALA K 168 4.43 -57.45 -7.06
N VAL K 169 4.06 -58.71 -7.22
CA VAL K 169 3.36 -59.18 -8.42
C VAL K 169 2.34 -60.23 -8.00
N HIS K 170 1.13 -60.11 -8.52
CA HIS K 170 0.07 -61.11 -8.38
C HIS K 170 -0.11 -61.76 -9.73
N LEU K 171 -0.05 -63.09 -9.78
CA LEU K 171 -0.12 -63.84 -10.99
C LEU K 171 -1.30 -64.78 -10.97
N GLU K 172 -2.08 -64.79 -12.06
CA GLU K 172 -3.33 -65.56 -12.16
C GLU K 172 -3.51 -66.09 -13.55
N ARG K 173 -3.67 -67.39 -13.68
CA ARG K 173 -4.03 -67.98 -14.96
C ARG K 173 -5.56 -67.91 -15.08
N ARG K 174 -6.04 -67.41 -16.21
CA ARG K 174 -7.44 -67.32 -16.47
C ARG K 174 -7.69 -67.27 -17.96
N ASP K 175 -8.55 -68.17 -18.44
CA ASP K 175 -8.88 -68.30 -19.86
C ASP K 175 -7.68 -68.41 -20.77
N GLY K 176 -6.67 -69.14 -20.31
CA GLY K 176 -5.41 -69.27 -21.10
C GLY K 176 -4.40 -68.11 -21.06
N VAL K 177 -4.62 -67.19 -20.15
CA VAL K 177 -3.87 -66.01 -20.06
C VAL K 177 -3.18 -66.00 -18.73
N ALA K 178 -1.88 -65.68 -18.74
CA ALA K 178 -1.20 -65.39 -17.54
C ALA K 178 -1.36 -63.86 -17.29
N ARG K 179 -2.12 -63.53 -16.26
CA ARG K 179 -2.33 -62.16 -15.85
C ARG K 179 -1.37 -61.76 -14.78
N LEU K 180 -0.35 -61.00 -15.17
CA LEU K 180 0.58 -60.43 -14.19
C LEU K 180 0.06 -59.06 -13.79
N THR K 181 -0.19 -58.88 -12.50
CA THR K 181 -0.60 -57.58 -12.01
C THR K 181 0.47 -57.06 -11.10
N MET K 182 1.03 -55.90 -11.41
CA MET K 182 2.06 -55.31 -10.58
C MET K 182 1.34 -54.57 -9.45
N CYS K 183 1.57 -54.96 -8.19
CA CYS K 183 0.67 -54.60 -7.08
C CYS K 183 1.40 -54.01 -5.89
N ARG K 184 2.36 -53.11 -6.13
CA ARG K 184 2.96 -52.28 -5.05
C ARG K 184 2.20 -50.97 -4.90
N ASP K 185 1.04 -51.13 -4.28
CA ASP K 185 0.00 -50.10 -4.21
C ASP K 185 0.37 -48.79 -3.46
N ASP K 186 1.40 -48.84 -2.61
CA ASP K 186 1.83 -47.71 -1.77
C ASP K 186 2.86 -46.78 -2.46
N ARG K 187 3.43 -47.22 -3.58
CA ARG K 187 4.55 -46.50 -4.19
C ARG K 187 4.55 -46.53 -5.76
N LEU K 188 3.37 -46.63 -6.38
CA LEU K 188 3.23 -46.56 -7.84
C LEU K 188 4.10 -47.57 -8.62
N ASN K 189 4.19 -48.77 -8.06
CA ASN K 189 4.93 -49.90 -8.65
C ASN K 189 6.39 -49.62 -8.87
N ALA K 190 6.90 -48.73 -8.05
CA ALA K 190 8.32 -48.39 -8.08
C ALA K 190 9.14 -49.67 -7.91
N GLU K 191 10.16 -49.81 -8.75
CA GLU K 191 10.89 -51.05 -8.89
C GLU K 191 12.09 -51.16 -7.93
N ASP K 192 12.33 -52.39 -7.44
CA ASP K 192 13.48 -52.77 -6.61
C ASP K 192 13.88 -54.23 -6.89
N GLY K 193 14.88 -54.76 -6.16
CA GLY K 193 15.42 -56.10 -6.42
C GLY K 193 14.42 -57.24 -6.21
N GLN K 194 13.49 -57.01 -5.27
CA GLN K 194 12.45 -57.97 -5.01
C GLN K 194 11.41 -58.02 -6.16
N GLN K 195 11.06 -56.84 -6.69
CA GLN K 195 10.14 -56.76 -7.84
C GLN K 195 10.71 -57.52 -9.00
N VAL K 196 12.01 -57.37 -9.22
CA VAL K 196 12.61 -58.09 -10.34
C VAL K 196 12.47 -59.61 -10.16
N ASP K 197 12.76 -60.06 -8.96
CA ASP K 197 12.74 -61.49 -8.66
C ASP K 197 11.35 -62.01 -8.86
N ASP K 198 10.38 -61.27 -8.32
CA ASP K 198 8.93 -61.62 -8.57
C ASP K 198 8.53 -61.63 -10.02
N MET K 199 8.96 -60.60 -10.76
CA MET K 199 8.66 -60.49 -12.17
C MET K 199 9.21 -61.68 -12.91
N GLU K 200 10.48 -61.96 -12.69
CA GLU K 200 11.16 -63.10 -13.45
C GLU K 200 10.51 -64.44 -13.11
N THR K 201 10.17 -64.57 -11.84
CA THR K 201 9.53 -65.74 -11.36
C THR K 201 8.19 -65.90 -12.09
N ALA K 202 7.40 -64.83 -12.09
CA ALA K 202 6.05 -64.83 -12.75
C ALA K 202 6.15 -65.07 -14.26
N VAL K 203 7.13 -64.40 -14.88
CA VAL K 203 7.32 -64.62 -16.29
C VAL K 203 7.68 -66.09 -16.56
N ASP K 204 8.63 -66.65 -15.79
CA ASP K 204 8.98 -68.07 -15.89
C ASP K 204 7.73 -68.98 -15.74
N LEU K 205 6.92 -68.74 -14.73
CA LEU K 205 5.74 -69.57 -14.56
C LEU K 205 4.79 -69.51 -15.76
N ALA K 206 4.47 -68.29 -16.24
CA ALA K 206 3.64 -68.10 -17.44
C ALA K 206 4.16 -68.85 -18.64
N LEU K 207 5.47 -68.83 -18.83
CA LEU K 207 6.08 -69.54 -19.97
C LEU K 207 6.10 -71.06 -19.85
N LEU K 208 6.35 -71.55 -18.65
CA LEU K 208 6.39 -73.00 -18.41
C LEU K 208 5.02 -73.67 -18.29
N ASP K 209 4.05 -72.92 -17.80
CA ASP K 209 2.71 -73.47 -17.63
C ASP K 209 2.00 -73.76 -18.98
N PRO K 210 1.67 -75.02 -19.27
CA PRO K 210 1.10 -75.34 -20.61
C PRO K 210 -0.34 -74.89 -20.79
N GLY K 211 -1.02 -74.53 -19.70
CA GLY K 211 -2.35 -73.92 -19.83
C GLY K 211 -2.37 -72.40 -20.09
N VAL K 212 -1.18 -71.80 -20.22
CA VAL K 212 -1.01 -70.39 -20.57
C VAL K 212 -0.61 -70.28 -22.04
N ARG K 213 -1.36 -69.47 -22.76
CA ARG K 213 -1.11 -69.24 -24.20
C ARG K 213 -0.57 -67.84 -24.47
N VAL K 214 -0.98 -66.89 -23.63
CA VAL K 214 -0.65 -65.51 -23.78
C VAL K 214 -0.41 -64.88 -22.44
N GLY K 215 0.45 -63.85 -22.41
CA GLY K 215 0.66 -63.09 -21.19
C GLY K 215 0.04 -61.70 -21.21
N LEU K 216 -0.23 -61.17 -20.03
CA LEU K 216 -0.74 -59.86 -19.84
C LEU K 216 -0.03 -59.21 -18.70
N LEU K 217 0.51 -58.00 -18.93
CA LEU K 217 1.10 -57.24 -17.84
C LEU K 217 0.34 -55.99 -17.63
N ARG K 218 -0.04 -55.74 -16.40
CA ARG K 218 -0.85 -54.61 -16.06
C ARG K 218 -0.56 -54.12 -14.64
N GLY K 219 -0.71 -52.82 -14.44
CA GLY K 219 -0.59 -52.28 -13.11
C GLY K 219 -1.88 -52.50 -12.32
N GLY K 220 -1.74 -52.78 -11.04
CA GLY K 220 -2.90 -52.95 -10.16
C GLY K 220 -3.44 -51.63 -9.56
N VAL K 221 -4.57 -51.76 -8.86
CA VAL K 221 -5.16 -50.63 -8.15
C VAL K 221 -4.25 -50.10 -7.05
N MET K 222 -4.05 -48.77 -7.04
CA MET K 222 -3.16 -48.13 -6.05
C MET K 222 -3.93 -47.76 -4.78
N SER K 223 -3.18 -47.59 -3.70
CA SER K 223 -3.73 -47.25 -2.38
C SER K 223 -3.19 -45.91 -1.79
N HIS K 224 -2.01 -45.46 -2.22
CA HIS K 224 -1.52 -44.12 -1.88
C HIS K 224 -2.62 -43.05 -2.15
N PRO K 225 -2.82 -42.10 -1.19
CA PRO K 225 -3.93 -41.09 -1.27
C PRO K 225 -4.08 -40.29 -2.58
N ARG K 226 -2.96 -39.91 -3.21
CA ARG K 226 -3.00 -39.19 -4.52
C ARG K 226 -3.50 -40.05 -5.70
N TYR K 227 -3.50 -41.39 -5.53
CA TYR K 227 -3.93 -42.32 -6.59
C TYR K 227 -4.97 -43.34 -6.12
N ARG K 228 -5.58 -43.13 -4.94
CA ARG K 228 -6.50 -44.13 -4.38
C ARG K 228 -7.61 -44.59 -5.36
N GLY K 229 -7.70 -45.90 -5.56
CA GLY K 229 -8.70 -46.52 -6.50
C GLY K 229 -8.35 -46.51 -7.98
N LYS K 230 -7.23 -45.88 -8.33
CA LYS K 230 -6.76 -45.74 -9.73
C LYS K 230 -5.59 -46.75 -10.03
N ARG K 231 -5.64 -47.42 -11.18
CA ARG K 231 -4.53 -48.28 -11.60
C ARG K 231 -3.33 -47.44 -12.07
N VAL K 232 -2.11 -47.87 -11.74
CA VAL K 232 -0.88 -47.25 -12.23
C VAL K 232 0.16 -48.29 -12.67
N PHE K 233 0.69 -48.13 -13.88
CA PHE K 233 1.55 -49.16 -14.51
C PHE K 233 2.92 -49.18 -13.84
N SER K 234 3.70 -48.09 -13.97
CA SER K 234 5.02 -47.99 -13.31
C SER K 234 5.54 -46.57 -13.19
N ALA K 235 6.09 -46.25 -12.02
CA ALA K 235 6.81 -45.03 -11.76
C ALA K 235 8.33 -45.26 -11.84
N GLY K 236 8.72 -46.39 -12.39
CA GLY K 236 10.13 -46.67 -12.59
C GLY K 236 10.90 -46.98 -11.32
N ILE K 237 12.21 -46.82 -11.38
CA ILE K 237 13.09 -47.35 -10.32
C ILE K 237 12.84 -46.66 -9.01
N ASN K 238 12.93 -47.42 -7.93
CA ASN K 238 12.80 -46.85 -6.58
C ASN K 238 13.97 -45.91 -6.29
N LEU K 239 13.73 -44.60 -6.42
CA LEU K 239 14.77 -43.61 -6.22
C LEU K 239 15.25 -43.53 -4.76
N LYS K 240 14.34 -43.77 -3.82
CA LYS K 240 14.67 -43.72 -2.37
C LYS K 240 15.71 -44.80 -2.08
N TYR K 241 15.40 -46.01 -2.52
CA TYR K 241 16.29 -47.12 -2.36
C TYR K 241 17.62 -46.88 -3.05
N LEU K 242 17.57 -46.38 -4.26
CA LEU K 242 18.79 -46.07 -5.02
C LEU K 242 19.71 -45.14 -4.19
N SER K 243 19.14 -44.10 -3.56
CA SER K 243 19.88 -43.15 -2.69
C SER K 243 20.51 -43.80 -1.47
N GLN K 244 19.70 -44.65 -0.84
CA GLN K 244 20.04 -45.41 0.35
C GLN K 244 21.03 -46.55 0.12
N GLY K 245 21.36 -46.82 -1.13
CA GLY K 245 22.32 -47.83 -1.47
C GLY K 245 21.78 -49.21 -1.78
N GLY K 246 20.45 -49.33 -1.87
CA GLY K 246 19.79 -50.64 -2.08
C GLY K 246 19.47 -51.10 -3.52
N ILE K 247 19.96 -50.40 -4.55
CA ILE K 247 19.77 -50.84 -5.95
C ILE K 247 21.05 -51.49 -6.44
N SER K 248 20.96 -52.77 -6.69
CA SER K 248 22.08 -53.59 -7.07
C SER K 248 22.31 -53.53 -8.57
N LEU K 249 23.54 -53.19 -8.94
CA LEU K 249 23.96 -53.27 -10.33
C LEU K 249 23.64 -54.62 -10.94
N VAL K 250 24.07 -55.65 -10.26
CA VAL K 250 23.90 -57.03 -10.77
C VAL K 250 22.53 -57.63 -10.55
N ASP K 251 22.03 -57.52 -9.34
CA ASP K 251 20.76 -58.20 -8.96
C ASP K 251 19.49 -57.44 -9.34
N PHE K 252 19.64 -56.17 -9.76
CA PHE K 252 18.54 -55.39 -10.27
C PHE K 252 18.78 -54.96 -11.75
N LEU K 253 19.80 -54.16 -12.00
CA LEU K 253 19.92 -53.53 -13.29
C LEU K 253 20.27 -54.52 -14.37
N MET K 254 21.18 -55.44 -14.12
CA MET K 254 21.52 -56.42 -15.16
C MET K 254 20.56 -57.55 -15.16
N ARG K 255 20.11 -57.94 -13.97
CA ARG K 255 19.24 -59.11 -13.85
C ARG K 255 17.95 -58.94 -14.64
N ARG K 256 17.32 -57.78 -14.50
CA ARG K 256 16.10 -57.52 -15.24
C ARG K 256 16.32 -57.54 -16.77
N GLU K 257 17.43 -56.99 -17.25
CA GLU K 257 17.65 -56.92 -18.67
C GLU K 257 17.90 -58.26 -19.28
N LEU K 258 18.74 -59.06 -18.60
CA LEU K 258 19.16 -60.35 -19.14
C LEU K 258 18.25 -61.48 -18.77
N GLY K 259 17.37 -61.22 -17.80
CA GLY K 259 16.38 -62.20 -17.33
C GLY K 259 14.98 -62.01 -17.85
N TYR K 260 14.08 -61.44 -17.03
CA TYR K 260 12.66 -61.47 -17.42
C TYR K 260 12.35 -60.69 -18.73
N ILE K 261 13.03 -59.56 -18.92
CA ILE K 261 12.86 -58.73 -20.07
C ILE K 261 13.32 -59.40 -21.34
N HIS K 262 14.45 -60.07 -21.26
CA HIS K 262 14.93 -60.87 -22.36
C HIS K 262 14.05 -62.07 -22.57
N LYS K 263 13.46 -62.59 -21.50
CA LYS K 263 12.59 -63.78 -21.63
C LYS K 263 11.27 -63.43 -22.30
N LEU K 264 10.78 -62.22 -22.06
CA LEU K 264 9.60 -61.75 -22.84
C LEU K 264 9.88 -61.81 -24.33
N VAL K 265 11.11 -61.47 -24.71
CA VAL K 265 11.47 -61.48 -26.08
C VAL K 265 11.74 -62.89 -26.57
N ARG K 266 12.70 -63.59 -25.96
CA ARG K 266 13.18 -64.86 -26.47
C ARG K 266 12.64 -66.13 -25.88
N GLY K 267 11.88 -66.01 -24.81
CA GLY K 267 11.38 -67.17 -24.08
C GLY K 267 12.38 -67.78 -23.09
N VAL K 268 11.98 -68.87 -22.42
CA VAL K 268 12.83 -69.60 -21.47
C VAL K 268 13.52 -70.76 -22.11
N LEU K 269 14.84 -70.79 -21.91
CA LEU K 269 15.65 -71.91 -22.37
C LEU K 269 15.40 -73.14 -21.45
N THR K 270 14.91 -74.24 -22.01
CA THR K 270 14.63 -75.44 -21.24
C THR K 270 15.69 -76.46 -21.52
N ASN K 271 15.70 -77.51 -20.72
CA ASN K 271 16.51 -78.69 -21.06
C ASN K 271 15.81 -79.49 -22.17
N ASP K 272 16.60 -80.27 -22.88
CA ASP K 272 16.11 -81.21 -23.88
C ASP K 272 15.14 -82.28 -23.31
N ASP K 273 13.92 -81.89 -22.95
CA ASP K 273 13.03 -82.77 -22.19
C ASP K 273 11.61 -82.88 -22.78
N ARG K 274 11.49 -82.61 -24.09
CA ARG K 274 10.19 -82.58 -24.74
C ARG K 274 10.34 -82.73 -26.26
N PRO K 275 9.28 -83.18 -26.97
CA PRO K 275 9.34 -83.20 -28.45
C PRO K 275 9.53 -81.79 -29.00
N GLY K 276 10.17 -81.68 -30.15
CA GLY K 276 10.32 -80.36 -30.78
C GLY K 276 11.42 -79.46 -30.23
N TRP K 277 12.13 -79.92 -29.19
CA TRP K 277 13.19 -79.13 -28.58
C TRP K 277 14.24 -78.78 -29.59
N TRP K 278 14.47 -79.68 -30.51
CA TRP K 278 15.49 -79.48 -31.56
C TRP K 278 15.21 -78.27 -32.47
N HIS K 279 13.95 -77.89 -32.61
CA HIS K 279 13.57 -76.69 -33.37
C HIS K 279 13.27 -75.50 -32.46
N SER K 280 12.93 -75.78 -31.19
CA SER K 280 12.45 -74.76 -30.27
C SER K 280 12.96 -75.06 -28.88
N PRO K 281 14.24 -74.81 -28.67
CA PRO K 281 14.83 -74.96 -27.35
C PRO K 281 14.28 -74.03 -26.33
N ARG K 282 13.62 -72.95 -26.78
CA ARG K 282 13.05 -71.96 -25.88
C ARG K 282 11.56 -71.98 -26.02
N ILE K 283 10.90 -71.82 -24.92
CA ILE K 283 9.49 -71.67 -24.94
C ILE K 283 9.20 -70.17 -24.86
N GLU K 284 8.64 -69.65 -25.93
CA GLU K 284 8.23 -68.24 -26.00
C GLU K 284 6.73 -68.12 -26.20
N LYS K 285 6.17 -67.05 -25.64
CA LYS K 285 4.77 -66.72 -25.84
C LYS K 285 4.59 -65.19 -26.09
N PRO K 286 3.47 -64.79 -26.68
CA PRO K 286 3.17 -63.41 -26.86
C PRO K 286 2.67 -62.75 -25.61
N TRP K 287 2.92 -61.46 -25.55
CA TRP K 287 2.62 -60.64 -24.39
C TRP K 287 1.89 -59.37 -24.78
N VAL K 288 0.90 -59.04 -23.97
CA VAL K 288 0.19 -57.81 -24.05
C VAL K 288 0.43 -56.97 -22.83
N ALA K 289 0.69 -55.66 -23.02
CA ALA K 289 0.81 -54.73 -21.87
C ALA K 289 -0.31 -53.70 -21.94
N ALA K 290 -0.85 -53.33 -20.78
CA ALA K 290 -1.91 -52.36 -20.69
C ALA K 290 -1.49 -51.32 -19.71
N VAL K 291 -1.44 -50.08 -20.17
CA VAL K 291 -0.91 -48.99 -19.43
C VAL K 291 -2.03 -48.11 -18.90
N ASP K 292 -2.18 -48.09 -17.59
CA ASP K 292 -3.00 -47.11 -16.86
C ASP K 292 -2.12 -46.08 -16.23
N GLY K 293 -2.60 -44.85 -16.25
CA GLY K 293 -1.94 -43.73 -15.53
C GLY K 293 -0.69 -43.29 -16.29
N PHE K 294 0.37 -44.06 -16.12
CA PHE K 294 1.61 -43.75 -16.79
C PHE K 294 2.62 -44.87 -16.73
N ALA K 295 3.57 -44.82 -17.66
CA ALA K 295 4.71 -45.71 -17.65
C ALA K 295 5.95 -44.85 -17.65
N ILE K 296 6.69 -44.87 -16.54
CA ILE K 296 7.88 -44.06 -16.37
C ILE K 296 9.12 -44.91 -16.22
N GLY K 297 10.18 -44.50 -16.87
CA GLY K 297 11.45 -45.11 -16.67
C GLY K 297 11.41 -46.58 -16.99
N GLY K 298 11.77 -47.40 -16.01
CA GLY K 298 11.89 -48.86 -16.23
C GLY K 298 10.56 -49.44 -16.73
N GLY K 299 9.45 -48.86 -16.29
CA GLY K 299 8.17 -49.28 -16.84
C GLY K 299 7.96 -48.93 -18.31
N ALA K 300 8.41 -47.74 -18.71
CA ALA K 300 8.35 -47.37 -20.15
C ALA K 300 9.24 -48.26 -20.98
N GLN K 301 10.39 -48.58 -20.44
CA GLN K 301 11.32 -49.50 -21.11
C GLN K 301 10.65 -50.79 -21.48
N LEU K 302 9.79 -51.27 -20.58
CA LEU K 302 9.18 -52.61 -20.77
C LEU K 302 8.31 -52.67 -22.00
N LEU K 303 7.72 -51.55 -22.37
CA LEU K 303 6.82 -51.49 -23.51
C LEU K 303 7.48 -51.80 -24.83
N LEU K 304 8.79 -51.60 -24.92
CA LEU K 304 9.52 -51.85 -26.18
C LEU K 304 9.73 -53.32 -26.60
N VAL K 305 9.14 -54.21 -25.82
CA VAL K 305 9.28 -55.69 -25.98
C VAL K 305 7.97 -56.47 -25.98
N PHE K 306 6.84 -55.80 -25.84
CA PHE K 306 5.53 -56.45 -25.92
C PHE K 306 5.02 -56.61 -27.36
N ASP K 307 4.17 -57.60 -27.54
CA ASP K 307 3.58 -57.84 -28.89
C ASP K 307 2.46 -56.87 -29.20
N ARG K 308 1.82 -56.40 -28.14
CA ARG K 308 0.72 -55.53 -28.26
C ARG K 308 0.73 -54.66 -27.02
N VAL K 309 0.42 -53.38 -27.18
CA VAL K 309 0.42 -52.39 -26.09
C VAL K 309 -0.83 -51.55 -26.16
N LEU K 310 -1.54 -51.52 -25.05
CA LEU K 310 -2.78 -50.75 -24.93
C LEU K 310 -2.60 -49.72 -23.86
N ALA K 311 -3.18 -48.54 -24.06
CA ALA K 311 -3.03 -47.47 -23.06
C ALA K 311 -4.32 -46.71 -22.91
N SER K 312 -4.51 -46.24 -21.72
CA SER K 312 -5.59 -45.41 -21.39
C SER K 312 -5.39 -44.06 -22.01
N SER K 313 -6.47 -43.47 -22.49
CA SER K 313 -6.41 -42.10 -23.07
C SER K 313 -5.60 -41.09 -22.29
N ASP K 314 -5.56 -41.23 -20.96
CA ASP K 314 -4.96 -40.21 -20.06
C ASP K 314 -3.51 -40.50 -19.67
N ALA K 315 -2.96 -41.56 -20.24
CA ALA K 315 -1.68 -41.99 -19.86
C ALA K 315 -0.61 -41.20 -20.57
N TYR K 316 0.58 -41.26 -20.00
CA TYR K 316 1.77 -40.81 -20.67
C TYR K 316 2.96 -41.77 -20.48
N PHE K 317 3.97 -41.60 -21.34
N PHE K 317 3.96 -41.63 -21.36
CA PHE K 317 5.15 -42.46 -21.38
CA PHE K 317 5.18 -42.49 -21.41
C PHE K 317 6.37 -41.53 -21.30
C PHE K 317 6.38 -41.54 -21.31
N SER K 318 7.25 -41.80 -20.35
CA SER K 318 8.47 -40.99 -20.21
C SER K 318 9.65 -41.74 -19.70
N LEU K 319 10.82 -41.22 -20.07
CA LEU K 319 12.15 -41.66 -19.56
C LEU K 319 12.80 -40.35 -19.12
N PRO K 320 12.50 -39.94 -17.90
CA PRO K 320 12.61 -38.53 -17.56
C PRO K 320 13.96 -38.03 -17.14
N ALA K 321 14.85 -38.91 -16.67
CA ALA K 321 16.09 -38.44 -15.99
C ALA K 321 17.20 -38.08 -16.98
N ALA K 322 16.91 -37.04 -17.74
CA ALA K 322 17.73 -36.74 -18.92
C ALA K 322 19.00 -36.05 -18.51
N LYS K 323 18.87 -35.24 -17.49
CA LYS K 323 19.97 -34.45 -17.05
C LYS K 323 20.90 -35.16 -16.07
N GLU K 324 20.33 -35.90 -15.10
CA GLU K 324 21.11 -36.43 -13.98
C GLU K 324 20.77 -37.87 -13.61
N GLY K 325 20.29 -38.62 -14.59
CA GLY K 325 19.87 -39.99 -14.35
C GLY K 325 20.80 -41.03 -14.88
N ILE K 326 20.43 -42.27 -14.58
CA ILE K 326 21.11 -43.41 -15.09
C ILE K 326 20.63 -43.74 -16.49
N ILE K 327 21.30 -44.65 -17.19
CA ILE K 327 20.88 -45.03 -18.50
C ILE K 327 19.55 -45.79 -18.32
N PRO K 328 18.53 -45.51 -19.19
CA PRO K 328 17.22 -46.17 -19.07
C PRO K 328 17.30 -47.53 -19.75
N GLY K 329 18.02 -48.44 -19.09
CA GLY K 329 18.08 -49.81 -19.52
C GLY K 329 18.44 -49.97 -20.96
N ALA K 330 17.62 -50.79 -21.62
CA ALA K 330 17.79 -51.06 -23.07
C ALA K 330 16.86 -50.19 -23.93
N ALA K 331 16.27 -49.15 -23.36
CA ALA K 331 15.62 -48.13 -24.22
C ALA K 331 16.59 -47.54 -25.22
N ASN K 332 17.86 -47.30 -24.84
CA ASN K 332 18.77 -46.67 -25.82
C ASN K 332 19.01 -47.66 -26.99
N LEU K 333 18.85 -48.95 -26.70
CA LEU K 333 19.03 -49.98 -27.72
C LEU K 333 17.80 -50.10 -28.62
N ARG K 334 16.64 -50.06 -28.02
CA ARG K 334 15.40 -50.39 -28.68
C ARG K 334 14.55 -49.18 -29.21
N LEU K 335 14.61 -48.08 -28.51
CA LEU K 335 13.69 -46.98 -28.83
C LEU K 335 13.81 -46.46 -30.28
N GLY K 336 15.03 -46.39 -30.81
CA GLY K 336 15.32 -45.88 -32.13
C GLY K 336 14.60 -46.60 -33.23
N ARG K 337 14.44 -47.88 -33.03
CA ARG K 337 13.74 -48.77 -33.98
C ARG K 337 12.22 -48.44 -33.97
N PHE K 338 11.72 -47.99 -32.83
CA PHE K 338 10.32 -47.64 -32.66
C PHE K 338 10.03 -46.23 -33.13
N ALA K 339 10.94 -45.30 -32.86
CA ALA K 339 10.66 -43.88 -33.04
C ALA K 339 11.62 -43.09 -33.92
N GLY K 340 12.69 -43.72 -34.37
CA GLY K 340 13.72 -43.08 -35.14
C GLY K 340 14.66 -42.30 -34.21
N PRO K 341 15.82 -41.86 -34.72
CA PRO K 341 16.86 -41.20 -33.94
C PRO K 341 16.57 -39.80 -33.43
N ARG K 342 15.64 -39.09 -34.07
CA ARG K 342 15.26 -37.75 -33.57
C ARG K 342 14.39 -37.87 -32.35
N VAL K 343 13.30 -38.61 -32.46
CA VAL K 343 12.36 -38.74 -31.30
C VAL K 343 12.98 -39.51 -30.13
N SER K 344 13.74 -40.53 -30.47
CA SER K 344 14.45 -41.28 -29.44
C SER K 344 15.37 -40.36 -28.64
N ARG K 345 16.05 -39.42 -29.29
CA ARG K 345 16.90 -38.45 -28.54
C ARG K 345 16.08 -37.44 -27.85
N GLN K 346 14.95 -37.05 -28.42
CA GLN K 346 14.11 -36.11 -27.70
C GLN K 346 13.70 -36.72 -26.38
N VAL K 347 13.39 -38.03 -26.41
CA VAL K 347 12.81 -38.70 -25.25
C VAL K 347 13.89 -38.96 -24.23
N ILE K 348 15.03 -39.43 -24.70
CA ILE K 348 16.09 -39.84 -23.79
C ILE K 348 17.06 -38.71 -23.44
N LEU K 349 17.64 -38.05 -24.44
CA LEU K 349 18.56 -36.94 -24.17
C LEU K 349 17.93 -35.70 -23.57
N GLU K 350 16.66 -35.46 -23.86
CA GLU K 350 15.96 -34.22 -23.35
C GLU K 350 14.73 -34.43 -22.54
N GLY K 351 14.30 -35.65 -22.32
CA GLY K 351 13.24 -35.95 -21.37
C GLY K 351 11.87 -35.62 -21.87
N ARG K 352 11.68 -35.66 -23.17
CA ARG K 352 10.37 -35.44 -23.67
C ARG K 352 9.43 -36.54 -23.24
N ARG K 353 8.32 -36.10 -22.78
CA ARG K 353 7.26 -37.00 -22.34
C ARG K 353 6.23 -37.10 -23.46
N ILE K 354 5.71 -38.30 -23.69
CA ILE K 354 4.79 -38.58 -24.77
C ILE K 354 3.46 -39.07 -24.30
N TRP K 355 2.41 -38.44 -24.77
CA TRP K 355 1.08 -38.62 -24.23
C TRP K 355 0.33 -39.58 -25.10
N ALA K 356 -0.51 -40.39 -24.48
CA ALA K 356 -1.26 -41.43 -25.17
C ALA K 356 -2.06 -40.93 -26.35
N LYS K 357 -2.56 -39.71 -26.24
CA LYS K 357 -3.39 -39.15 -27.32
C LYS K 357 -2.68 -38.39 -28.44
N GLU K 358 -1.35 -38.14 -28.33
CA GLU K 358 -0.67 -37.46 -29.40
C GLU K 358 -0.33 -38.45 -30.50
N PRO K 359 -0.26 -38.00 -31.76
CA PRO K 359 0.02 -38.93 -32.87
C PRO K 359 1.24 -39.82 -32.66
N GLU K 360 2.31 -39.26 -32.11
CA GLU K 360 3.57 -40.03 -31.88
C GLU K 360 3.46 -41.14 -30.85
N ALA K 361 2.40 -41.15 -30.04
CA ALA K 361 2.10 -42.31 -29.16
C ALA K 361 1.91 -43.60 -29.95
N ARG K 362 1.44 -43.48 -31.17
CA ARG K 362 1.30 -44.64 -32.03
C ARG K 362 2.59 -45.33 -32.43
N LEU K 363 3.70 -44.68 -32.19
CA LEU K 363 5.02 -45.30 -32.32
C LEU K 363 5.35 -46.33 -31.26
N LEU K 364 4.74 -46.18 -30.10
CA LEU K 364 4.91 -47.02 -28.94
C LEU K 364 3.69 -47.86 -28.50
N VAL K 365 2.51 -47.45 -28.93
CA VAL K 365 1.26 -47.95 -28.41
C VAL K 365 0.37 -48.33 -29.60
N ASP K 366 -0.27 -49.48 -29.53
CA ASP K 366 -1.12 -49.98 -30.61
C ASP K 366 -2.54 -49.46 -30.53
N GLU K 367 -3.05 -49.29 -29.32
CA GLU K 367 -4.47 -48.92 -29.09
C GLU K 367 -4.59 -48.03 -27.90
N VAL K 368 -5.31 -46.93 -28.08
CA VAL K 368 -5.50 -45.93 -27.02
C VAL K 368 -7.00 -45.83 -26.86
N VAL K 369 -7.45 -45.97 -25.64
CA VAL K 369 -8.83 -46.24 -25.41
C VAL K 369 -9.23 -45.44 -24.20
N GLU K 370 -10.47 -45.02 -24.19
CA GLU K 370 -11.07 -44.32 -22.99
C GLU K 370 -11.15 -45.28 -21.81
N PRO K 371 -10.82 -44.80 -20.62
CA PRO K 371 -10.85 -45.60 -19.39
C PRO K 371 -12.02 -46.61 -19.23
N ASP K 372 -13.23 -46.20 -19.60
CA ASP K 372 -14.40 -47.08 -19.52
C ASP K 372 -14.49 -48.16 -20.63
N GLU K 373 -13.66 -48.05 -21.66
CA GLU K 373 -13.63 -49.00 -22.79
C GLU K 373 -12.38 -49.92 -22.74
N LEU K 374 -11.52 -49.68 -21.76
CA LEU K 374 -10.21 -50.30 -21.70
C LEU K 374 -10.18 -51.78 -21.32
N ASP K 375 -10.91 -52.15 -20.26
CA ASP K 375 -11.00 -53.59 -19.79
C ASP K 375 -11.43 -54.50 -20.92
N ALA K 376 -12.43 -54.07 -21.66
CA ALA K 376 -12.97 -54.88 -22.74
C ALA K 376 -12.00 -54.95 -23.92
N ALA K 377 -11.29 -53.83 -24.20
CA ALA K 377 -10.25 -53.80 -25.30
C ALA K 377 -9.04 -54.69 -25.01
N ILE K 378 -8.60 -54.66 -23.75
CA ILE K 378 -7.61 -55.62 -23.28
C ILE K 378 -8.10 -57.06 -23.55
N GLU K 379 -9.34 -57.40 -23.13
CA GLU K 379 -9.87 -58.81 -23.29
C GLU K 379 -9.88 -59.22 -24.74
N ARG K 380 -10.32 -58.34 -25.61
CA ARG K 380 -10.29 -58.63 -27.05
C ARG K 380 -8.91 -58.87 -27.57
N SER K 381 -7.96 -58.01 -27.17
CA SER K 381 -6.56 -58.14 -27.67
C SER K 381 -5.93 -59.48 -27.31
N LEU K 382 -6.35 -60.05 -26.19
CA LEU K 382 -5.85 -61.35 -25.69
C LEU K 382 -6.28 -62.55 -26.50
N THR K 383 -7.51 -62.47 -27.00
CA THR K 383 -8.02 -63.50 -27.92
C THR K 383 -7.37 -63.42 -29.32
N ARG K 384 -6.82 -62.29 -29.72
CA ARG K 384 -6.25 -62.21 -31.08
C ARG K 384 -4.82 -62.79 -31.25
N LEU K 385 -4.17 -63.21 -30.18
CA LEU K 385 -2.75 -63.62 -30.22
C LEU K 385 -2.48 -65.09 -29.91
N ASP K 386 -3.50 -65.93 -30.04
CA ASP K 386 -3.53 -67.35 -29.58
C ASP K 386 -2.73 -68.36 -30.38
N GLY K 387 -2.71 -68.25 -31.68
CA GLY K 387 -2.25 -69.48 -32.38
C GLY K 387 -0.76 -69.81 -32.44
N ASP K 388 -0.45 -70.83 -33.26
CA ASP K 388 0.94 -71.17 -33.63
C ASP K 388 1.52 -70.26 -34.73
N ALA K 389 0.66 -69.64 -35.54
CA ALA K 389 1.15 -68.71 -36.53
C ALA K 389 1.80 -67.51 -35.81
N VAL K 390 1.13 -67.04 -34.77
CA VAL K 390 1.63 -65.90 -34.01
C VAL K 390 2.99 -66.22 -33.40
N LEU K 391 3.11 -67.39 -32.79
CA LEU K 391 4.40 -67.79 -32.22
C LEU K 391 5.50 -67.78 -33.23
N ALA K 392 5.24 -68.35 -34.37
CA ALA K 392 6.30 -68.41 -35.41
C ALA K 392 6.64 -67.02 -35.92
N ASN K 393 5.60 -66.23 -36.21
CA ASN K 393 5.81 -64.89 -36.72
C ASN K 393 6.48 -64.02 -35.72
N ARG K 394 6.14 -64.11 -34.44
CA ARG K 394 6.80 -63.20 -33.49
C ARG K 394 8.27 -63.56 -33.30
N ARG K 395 8.57 -64.84 -33.38
CA ARG K 395 9.92 -65.27 -33.29
C ARG K 395 10.76 -64.69 -34.41
N MET K 396 10.24 -64.77 -35.61
CA MET K 396 10.94 -64.29 -36.81
C MET K 396 11.07 -62.76 -36.73
N LEU K 397 10.00 -62.09 -36.32
CA LEU K 397 10.07 -60.68 -36.14
C LEU K 397 11.13 -60.23 -35.14
N ASN K 398 11.16 -60.87 -33.98
CA ASN K 398 12.12 -60.52 -32.91
C ASN K 398 13.58 -60.78 -33.31
N LEU K 399 13.78 -61.86 -34.03
CA LEU K 399 15.06 -62.15 -34.64
C LEU K 399 15.55 -61.05 -35.62
N ALA K 400 14.66 -60.56 -36.47
CA ALA K 400 15.01 -59.49 -37.42
C ALA K 400 15.21 -58.15 -36.68
N ASP K 401 14.36 -57.87 -35.70
CA ASP K 401 14.39 -56.60 -35.01
C ASP K 401 15.68 -56.45 -34.22
N GLU K 402 16.14 -57.54 -33.60
CA GLU K 402 17.20 -57.44 -32.57
C GLU K 402 18.02 -58.64 -32.66
N SER K 403 19.19 -58.52 -33.26
CA SER K 403 20.05 -59.68 -33.43
C SER K 403 20.67 -60.07 -32.05
N PRO K 404 21.01 -61.34 -31.86
CA PRO K 404 21.72 -61.73 -30.62
C PRO K 404 23.03 -60.99 -30.41
N ASP K 405 23.81 -60.79 -31.46
CA ASP K 405 25.02 -59.92 -31.38
C ASP K 405 24.74 -58.51 -30.99
N GLY K 406 23.68 -57.94 -31.57
CA GLY K 406 23.32 -56.55 -31.27
C GLY K 406 23.05 -56.40 -29.76
N PHE K 407 22.22 -57.30 -29.26
CA PHE K 407 21.76 -57.23 -27.87
C PHE K 407 22.97 -57.41 -26.96
N ARG K 408 23.81 -58.38 -27.30
CA ARG K 408 24.94 -58.73 -26.50
C ARG K 408 25.98 -57.59 -26.48
N ALA K 409 26.29 -57.03 -27.63
CA ALA K 409 27.24 -55.92 -27.72
C ALA K 409 26.78 -54.78 -26.88
N TYR K 410 25.47 -54.52 -26.89
CA TYR K 410 24.97 -53.38 -26.16
C TYR K 410 25.08 -53.69 -24.70
N MET K 411 24.57 -54.86 -24.28
CA MET K 411 24.54 -55.16 -22.83
C MET K 411 25.97 -55.17 -22.28
N ALA K 412 26.93 -55.56 -23.09
CA ALA K 412 28.36 -55.53 -22.70
C ALA K 412 28.78 -54.11 -22.33
N GLU K 413 28.55 -53.14 -23.19
CA GLU K 413 28.91 -51.75 -22.85
C GLU K 413 28.06 -51.23 -21.71
N PHE K 414 26.79 -51.59 -21.73
CA PHE K 414 25.83 -51.08 -20.69
C PHE K 414 26.30 -51.49 -19.29
N ALA K 415 26.78 -52.71 -19.20
CA ALA K 415 27.25 -53.25 -17.89
C ALA K 415 28.24 -52.34 -17.18
N LEU K 416 29.17 -51.79 -17.95
CA LEU K 416 30.10 -50.82 -17.38
C LEU K 416 29.60 -49.37 -17.37
N MET K 417 29.03 -48.91 -18.49
CA MET K 417 28.49 -47.56 -18.52
C MET K 417 27.48 -47.30 -17.41
N GLN K 418 26.58 -48.26 -17.18
CA GLN K 418 25.59 -48.10 -16.13
C GLN K 418 26.22 -48.12 -14.74
N ALA K 419 27.21 -49.01 -14.55
CA ALA K 419 27.93 -49.12 -13.28
C ALA K 419 28.53 -47.80 -12.93
N LEU K 420 29.18 -47.17 -13.90
CA LEU K 420 29.71 -45.80 -13.68
C LEU K 420 28.62 -44.78 -13.27
N ARG K 421 27.46 -44.89 -13.90
CA ARG K 421 26.38 -43.86 -13.72
C ARG K 421 25.76 -44.06 -12.40
N LEU K 422 25.72 -45.31 -12.00
CA LEU K 422 25.21 -45.70 -10.67
C LEU K 422 26.01 -45.02 -9.53
N TYR K 423 27.23 -44.57 -9.82
CA TYR K 423 28.10 -43.91 -8.82
C TYR K 423 28.47 -42.50 -9.19
N GLY K 424 27.78 -41.93 -10.18
CA GLY K 424 28.14 -40.57 -10.64
C GLY K 424 27.64 -39.58 -9.63
N HIS K 425 28.39 -38.51 -9.41
CA HIS K 425 28.04 -37.56 -8.36
C HIS K 425 26.71 -36.91 -8.64
N ASP K 426 26.45 -36.64 -9.93
CA ASP K 426 25.20 -35.99 -10.39
C ASP K 426 23.94 -36.83 -10.04
N VAL K 427 24.06 -38.12 -10.22
CA VAL K 427 23.00 -39.06 -9.95
C VAL K 427 22.70 -39.17 -8.48
N ILE K 428 23.76 -39.35 -7.71
CA ILE K 428 23.67 -39.46 -6.24
C ILE K 428 23.00 -38.20 -5.62
N ASP K 429 23.38 -37.02 -6.13
CA ASP K 429 22.74 -35.75 -5.72
C ASP K 429 21.21 -35.73 -6.06
N LYS K 430 20.83 -35.98 -7.34
CA LYS K 430 19.41 -35.91 -7.81
C LYS K 430 18.58 -36.84 -6.92
N VAL K 431 19.05 -38.08 -6.82
CA VAL K 431 18.35 -39.16 -6.12
C VAL K 431 18.11 -38.87 -4.63
N GLY K 432 19.12 -38.24 -3.99
CA GLY K 432 19.03 -37.83 -2.59
C GLY K 432 17.99 -36.79 -2.29
N ARG K 433 17.62 -35.99 -3.31
CA ARG K 433 16.58 -34.94 -3.19
C ARG K 433 15.15 -35.45 -3.38
N PHE K 434 14.99 -36.72 -3.77
CA PHE K 434 13.67 -37.23 -4.09
C PHE K 434 12.79 -37.38 -2.82
N ASP L 14 50.57 -68.07 -55.25
CA ASP L 14 50.85 -66.65 -55.55
C ASP L 14 50.92 -66.35 -57.11
N GLY L 15 51.89 -65.57 -57.61
CA GLY L 15 51.91 -65.12 -59.03
C GLY L 15 51.27 -63.74 -59.22
N LEU L 16 50.49 -63.30 -58.22
CA LEU L 16 49.63 -62.10 -58.37
C LEU L 16 50.42 -60.80 -58.34
N TRP L 17 51.41 -60.70 -57.45
CA TRP L 17 52.24 -59.49 -57.40
C TRP L 17 52.94 -59.28 -58.76
N ALA L 18 53.48 -60.38 -59.29
CA ALA L 18 54.21 -60.31 -60.57
C ALA L 18 53.27 -59.92 -61.68
N ALA L 19 52.10 -60.54 -61.71
CA ALA L 19 51.11 -60.24 -62.77
C ALA L 19 50.64 -58.77 -62.69
N LEU L 20 50.43 -58.29 -61.47
CA LEU L 20 50.09 -56.89 -61.25
C LEU L 20 51.20 -55.94 -61.73
N THR L 21 52.44 -56.22 -61.32
CA THR L 21 53.64 -55.44 -61.74
C THR L 21 53.73 -55.37 -63.27
N GLU L 22 53.55 -56.53 -63.89
CA GLU L 22 53.41 -56.65 -65.36
C GLU L 22 52.30 -55.71 -65.94
N ALA L 23 51.08 -55.82 -65.42
CA ALA L 23 49.94 -55.03 -65.95
C ALA L 23 50.14 -53.52 -65.73
N ALA L 24 50.72 -53.15 -64.61
CA ALA L 24 51.04 -51.73 -64.35
C ALA L 24 52.08 -51.18 -65.32
N ALA L 25 53.03 -52.03 -65.70
CA ALA L 25 54.08 -51.63 -66.68
C ALA L 25 53.49 -51.42 -68.07
N SER L 26 52.61 -52.33 -68.54
CA SER L 26 51.87 -52.06 -69.79
C SER L 26 51.10 -50.74 -69.76
N VAL L 27 50.55 -50.41 -68.59
CA VAL L 27 49.83 -49.14 -68.45
C VAL L 27 50.82 -47.98 -68.65
N GLU L 28 51.93 -48.01 -67.91
CA GLU L 28 52.93 -46.92 -68.02
C GLU L 28 53.51 -46.79 -69.42
N LYS L 29 53.73 -47.93 -70.09
CA LYS L 29 54.28 -47.92 -71.46
C LYS L 29 53.26 -47.22 -72.39
N LEU L 30 51.99 -47.58 -72.27
CA LEU L 30 50.97 -46.91 -73.07
C LEU L 30 50.80 -45.42 -72.76
N LEU L 31 50.82 -45.04 -71.49
CA LEU L 31 50.71 -43.60 -71.12
C LEU L 31 51.89 -42.83 -71.66
N ALA L 32 53.08 -43.40 -71.56
CA ALA L 32 54.29 -42.74 -72.07
C ALA L 32 54.27 -42.57 -73.60
N THR L 33 53.74 -43.56 -74.32
CA THR L 33 53.80 -43.56 -75.79
C THR L 33 52.57 -42.94 -76.47
N LEU L 34 51.38 -43.06 -75.88
CA LEU L 34 50.18 -42.59 -76.59
C LEU L 34 50.08 -41.07 -76.45
N PRO L 35 49.28 -40.43 -77.33
CA PRO L 35 49.02 -39.01 -77.15
C PRO L 35 48.26 -38.68 -75.86
N GLU L 36 48.24 -37.39 -75.53
CA GLU L 36 47.51 -36.87 -74.40
C GLU L 36 45.98 -37.16 -74.51
N HIS L 37 45.30 -37.13 -73.36
CA HIS L 37 43.87 -37.51 -73.23
C HIS L 37 43.12 -36.48 -74.05
N GLY L 38 42.25 -36.92 -74.95
CA GLY L 38 41.50 -35.95 -75.78
C GLY L 38 42.11 -35.75 -77.17
N ALA L 39 43.36 -36.20 -77.37
CA ALA L 39 43.95 -36.32 -78.72
C ALA L 39 44.02 -37.78 -79.13
N ARG L 40 43.57 -38.69 -78.25
CA ARG L 40 43.61 -40.13 -78.55
C ARG L 40 42.50 -40.54 -79.48
N SER L 41 42.83 -41.45 -80.40
CA SER L 41 41.86 -42.09 -81.28
C SER L 41 41.04 -43.13 -80.48
N SER L 42 40.00 -43.67 -81.11
CA SER L 42 39.06 -44.62 -80.49
C SER L 42 39.80 -45.95 -80.16
N ALA L 43 40.60 -46.45 -81.12
CA ALA L 43 41.48 -47.63 -80.93
C ALA L 43 42.44 -47.45 -79.75
N GLU L 44 43.06 -46.27 -79.68
CA GLU L 44 43.97 -45.89 -78.59
C GLU L 44 43.22 -45.77 -77.23
N ARG L 45 42.09 -45.07 -77.21
CA ARG L 45 41.21 -44.99 -76.03
C ARG L 45 40.80 -46.38 -75.49
N ALA L 46 40.47 -47.28 -76.41
CA ALA L 46 40.04 -48.64 -76.04
C ALA L 46 41.20 -49.49 -75.49
N GLU L 47 42.40 -49.23 -76.01
CA GLU L 47 43.63 -49.96 -75.62
C GLU L 47 44.05 -49.60 -74.19
N ILE L 48 44.08 -48.31 -73.91
CA ILE L 48 44.41 -47.84 -72.56
C ILE L 48 43.33 -48.20 -71.53
N ALA L 49 42.06 -48.11 -71.93
CA ALA L 49 40.95 -48.52 -71.06
C ALA L 49 41.10 -50.01 -70.68
N ALA L 50 41.41 -50.84 -71.67
CA ALA L 50 41.61 -52.28 -71.45
C ALA L 50 42.81 -52.54 -70.55
N ALA L 51 43.86 -51.72 -70.68
CA ALA L 51 45.07 -51.89 -69.84
C ALA L 51 44.83 -51.53 -68.39
N HIS L 52 44.22 -50.38 -68.18
CA HIS L 52 43.70 -49.96 -66.85
C HIS L 52 42.83 -51.04 -66.21
N ASP L 53 41.91 -51.58 -67.01
CA ASP L 53 40.99 -52.59 -66.48
C ASP L 53 41.73 -53.85 -65.99
N ALA L 54 42.70 -54.32 -66.77
CA ALA L 54 43.44 -55.54 -66.38
C ALA L 54 44.23 -55.28 -65.10
N ALA L 55 44.82 -54.09 -65.03
CA ALA L 55 45.64 -53.74 -63.87
C ALA L 55 44.79 -53.60 -62.61
N ARG L 56 43.70 -52.86 -62.73
CA ARG L 56 42.78 -52.69 -61.61
C ARG L 56 42.20 -54.01 -61.13
N ALA L 57 41.83 -54.88 -62.08
CA ALA L 57 41.40 -56.24 -61.74
C ALA L 57 42.43 -57.00 -60.90
N LEU L 58 43.69 -56.85 -61.25
CA LEU L 58 44.75 -57.51 -60.50
C LEU L 58 44.99 -56.86 -59.13
N ARG L 59 44.84 -55.53 -59.05
CA ARG L 59 44.94 -54.88 -57.74
C ARG L 59 43.91 -55.51 -56.81
N VAL L 60 42.70 -55.72 -57.32
CA VAL L 60 41.64 -56.32 -56.50
C VAL L 60 42.00 -57.74 -56.09
N ARG L 61 42.35 -58.56 -57.06
CA ARG L 61 42.74 -59.98 -56.76
C ARG L 61 43.95 -60.10 -55.83
N PHE L 62 44.95 -59.26 -56.07
CA PHE L 62 46.09 -59.24 -55.20
C PHE L 62 45.67 -59.01 -53.77
N LEU L 63 44.89 -57.95 -53.58
CA LEU L 63 44.50 -57.54 -52.23
C LEU L 63 43.46 -58.45 -51.60
N ASP L 64 42.65 -59.12 -52.41
CA ASP L 64 41.70 -60.14 -51.83
C ASP L 64 42.40 -61.15 -50.96
N THR L 65 43.61 -61.55 -51.35
CA THR L 65 44.39 -62.52 -50.56
C THR L 65 45.48 -61.84 -49.68
N HIS L 66 46.03 -60.69 -50.08
CA HIS L 66 47.20 -60.14 -49.40
C HIS L 66 47.05 -58.87 -48.60
N ALA L 67 45.81 -58.39 -48.46
CA ALA L 67 45.57 -57.06 -47.86
C ALA L 67 46.12 -56.92 -46.45
N ASP L 68 45.84 -57.93 -45.63
CA ASP L 68 46.37 -57.95 -44.24
C ASP L 68 47.89 -57.92 -44.17
N ALA L 69 48.54 -58.72 -45.00
CA ALA L 69 50.01 -58.75 -45.02
C ALA L 69 50.56 -57.40 -45.48
N VAL L 70 49.93 -56.83 -46.50
CA VAL L 70 50.30 -55.48 -46.98
C VAL L 70 50.13 -54.43 -45.87
N TYR L 71 49.01 -54.47 -45.18
CA TYR L 71 48.71 -53.47 -44.14
C TYR L 71 49.66 -53.65 -42.95
N ASP L 72 49.88 -54.90 -42.58
CA ASP L 72 50.93 -55.24 -41.57
C ASP L 72 52.35 -54.73 -41.91
N ARG L 73 52.76 -54.84 -43.18
CA ARG L 73 54.02 -54.21 -43.54
C ARG L 73 54.01 -52.72 -43.26
N LEU L 74 52.96 -52.02 -43.68
CA LEU L 74 52.95 -50.54 -43.57
C LEU L 74 52.83 -49.96 -42.17
N THR L 75 52.20 -50.73 -41.28
CA THR L 75 51.85 -50.29 -39.88
C THR L 75 52.54 -51.12 -38.80
N ASP L 76 53.50 -51.97 -39.20
CA ASP L 76 54.33 -52.75 -38.26
C ASP L 76 53.43 -53.67 -37.44
N HIS L 77 52.72 -54.54 -38.15
CA HIS L 77 51.68 -55.38 -37.58
C HIS L 77 50.74 -54.60 -36.64
N ARG L 78 50.17 -53.51 -37.15
CA ARG L 78 49.08 -52.75 -36.45
C ARG L 78 49.49 -52.15 -35.12
N ARG L 79 50.74 -51.69 -35.06
CA ARG L 79 51.29 -51.06 -33.88
C ARG L 79 51.62 -49.59 -34.12
N VAL L 80 51.53 -49.16 -35.36
CA VAL L 80 51.61 -47.74 -35.69
C VAL L 80 50.28 -47.37 -36.36
N HIS L 81 49.60 -46.35 -35.81
CA HIS L 81 48.40 -45.76 -36.43
C HIS L 81 48.81 -44.80 -37.55
N LEU L 82 48.47 -45.14 -38.79
CA LEU L 82 48.67 -44.19 -39.90
C LEU L 82 47.27 -43.71 -40.43
N ARG L 83 47.12 -42.39 -40.56
CA ARG L 83 46.00 -41.77 -41.24
C ARG L 83 46.03 -42.10 -42.72
N LEU L 84 44.92 -41.79 -43.40
CA LEU L 84 44.69 -42.18 -44.80
C LEU L 84 45.77 -41.70 -45.73
N ALA L 85 46.10 -40.41 -45.62
CA ALA L 85 47.06 -39.80 -46.55
C ALA L 85 48.45 -40.48 -46.43
N GLU L 86 48.91 -40.67 -45.18
CA GLU L 86 50.18 -41.34 -44.86
C GLU L 86 50.14 -42.79 -45.31
N LEU L 87 49.02 -43.47 -45.01
CA LEU L 87 48.89 -44.87 -45.40
C LEU L 87 49.03 -45.07 -46.93
N VAL L 88 48.35 -44.27 -47.73
CA VAL L 88 48.37 -44.49 -49.16
C VAL L 88 49.72 -44.09 -49.83
N GLU L 89 50.36 -43.05 -49.30
CA GLU L 89 51.70 -42.68 -49.65
C GLU L 89 52.70 -43.80 -49.33
N ALA L 90 52.67 -44.30 -48.12
CA ALA L 90 53.56 -45.39 -47.71
C ALA L 90 53.30 -46.64 -48.52
N ALA L 91 52.06 -46.89 -48.86
CA ALA L 91 51.72 -48.08 -49.69
C ALA L 91 52.31 -47.94 -51.08
N ALA L 92 52.34 -46.71 -51.59
CA ALA L 92 52.85 -46.45 -52.95
C ALA L 92 54.36 -46.71 -53.08
N THR L 93 55.12 -46.29 -52.06
CA THR L 93 56.55 -46.46 -52.04
C THR L 93 56.93 -47.93 -51.70
N ALA L 94 56.20 -48.59 -50.80
CA ALA L 94 56.46 -50.01 -50.48
C ALA L 94 55.90 -51.01 -51.47
N PHE L 95 54.92 -50.61 -52.25
CA PHE L 95 54.30 -51.53 -53.21
C PHE L 95 54.11 -50.83 -54.56
N PRO L 96 55.21 -50.54 -55.28
CA PRO L 96 55.06 -49.77 -56.51
C PRO L 96 54.05 -50.43 -57.46
N GLY L 97 53.19 -49.58 -58.03
CA GLY L 97 52.11 -50.01 -58.87
C GLY L 97 50.79 -50.38 -58.23
N LEU L 98 50.76 -50.56 -56.93
CA LEU L 98 49.53 -50.91 -56.22
C LEU L 98 48.61 -49.70 -56.15
N VAL L 99 49.19 -48.56 -55.77
CA VAL L 99 48.53 -47.30 -55.65
C VAL L 99 49.47 -46.25 -56.14
N PRO L 100 48.96 -45.11 -56.62
CA PRO L 100 49.87 -44.10 -57.15
C PRO L 100 50.79 -43.36 -56.16
N THR L 101 51.96 -43.01 -56.66
CA THR L 101 52.96 -42.17 -56.01
C THR L 101 52.47 -40.73 -55.92
N GLN L 102 53.11 -39.99 -55.04
CA GLN L 102 52.82 -38.57 -54.86
C GLN L 102 52.96 -37.79 -56.20
N GLN L 103 54.04 -38.14 -56.93
CA GLN L 103 54.37 -37.59 -58.24
C GLN L 103 53.23 -37.85 -59.27
N GLN L 104 52.81 -39.10 -59.38
CA GLN L 104 51.73 -39.50 -60.31
C GLN L 104 50.43 -38.77 -59.99
N LEU L 105 50.17 -38.60 -58.71
CA LEU L 105 49.01 -37.80 -58.27
C LEU L 105 49.11 -36.32 -58.63
N ALA L 106 50.29 -35.74 -58.53
CA ALA L 106 50.48 -34.30 -58.84
C ALA L 106 50.20 -34.02 -60.30
N VAL L 107 50.56 -34.98 -61.16
CA VAL L 107 50.24 -34.90 -62.60
C VAL L 107 48.70 -34.91 -62.75
N GLU L 108 48.06 -35.86 -62.08
CA GLU L 108 46.59 -35.98 -62.11
C GLU L 108 45.93 -34.71 -61.59
N ARG L 109 46.39 -34.20 -60.45
CA ARG L 109 45.79 -33.00 -59.85
C ARG L 109 45.87 -31.78 -60.75
N SER L 110 46.92 -31.72 -61.57
CA SER L 110 47.14 -30.58 -62.52
C SER L 110 46.21 -30.62 -63.72
N LEU L 111 45.54 -31.76 -63.94
CA LEU L 111 44.55 -31.93 -65.00
C LEU L 111 43.12 -31.65 -64.51
N PRO L 112 42.21 -31.23 -65.42
CA PRO L 112 40.78 -31.26 -65.10
C PRO L 112 40.27 -32.71 -65.07
N GLN L 113 39.22 -33.01 -64.26
CA GLN L 113 38.67 -34.37 -64.09
C GLN L 113 38.56 -35.11 -65.42
N ALA L 114 38.01 -34.41 -66.43
CA ALA L 114 37.74 -35.02 -67.74
C ALA L 114 38.95 -35.68 -68.41
N ALA L 115 40.12 -35.12 -68.15
CA ALA L 115 41.37 -35.59 -68.73
C ALA L 115 42.15 -36.62 -67.90
N LYS L 116 41.76 -36.83 -66.64
CA LYS L 116 42.49 -37.73 -65.74
C LYS L 116 42.40 -39.19 -66.14
N GLU L 117 43.44 -39.95 -65.82
CA GLU L 117 43.49 -41.41 -66.03
C GLU L 117 42.71 -42.21 -64.98
N GLY L 118 42.43 -41.56 -63.85
CA GLY L 118 41.68 -42.19 -62.78
C GLY L 118 42.54 -43.00 -61.83
N HIS L 119 43.76 -42.55 -61.58
CA HIS L 119 44.65 -43.28 -60.66
C HIS L 119 44.11 -43.37 -59.23
N GLU L 120 43.31 -42.39 -58.79
CA GLU L 120 42.62 -42.44 -57.47
C GLU L 120 41.77 -43.72 -57.31
N ILE L 121 41.28 -44.27 -58.40
CA ILE L 121 40.53 -45.52 -58.36
C ILE L 121 41.32 -46.62 -57.71
N ASP L 122 42.62 -46.62 -57.97
CA ASP L 122 43.53 -47.62 -57.36
C ASP L 122 43.58 -47.44 -55.86
N GLN L 123 43.56 -46.19 -55.43
CA GLN L 123 43.46 -45.91 -53.99
C GLN L 123 42.11 -46.44 -53.38
N GLY L 124 41.04 -46.34 -54.16
CA GLY L 124 39.73 -46.87 -53.76
C GLY L 124 39.77 -48.37 -53.62
N ILE L 125 40.42 -49.02 -54.57
CA ILE L 125 40.62 -50.48 -54.48
C ILE L 125 41.35 -50.86 -53.18
N PHE L 126 42.39 -50.08 -52.88
CA PHE L 126 43.27 -50.31 -51.73
C PHE L 126 42.47 -50.15 -50.44
N LEU L 127 41.87 -48.99 -50.28
CA LEU L 127 41.09 -48.68 -49.07
C LEU L 127 39.92 -49.62 -48.84
N ARG L 128 39.25 -49.98 -49.90
CA ARG L 128 38.24 -50.99 -49.81
C ARG L 128 38.80 -52.23 -49.14
N ALA L 129 39.88 -52.76 -49.73
CA ALA L 129 40.47 -54.02 -49.21
C ALA L 129 40.93 -53.92 -47.74
N VAL L 130 41.54 -52.80 -47.39
CA VAL L 130 41.92 -52.53 -46.02
C VAL L 130 40.69 -52.50 -45.09
N LEU L 131 39.67 -51.67 -45.43
CA LEU L 131 38.48 -51.53 -44.59
C LEU L 131 37.66 -52.79 -44.49
N ARG L 132 37.69 -53.60 -45.54
CA ARG L 132 37.05 -54.96 -45.45
C ARG L 132 37.63 -55.91 -44.41
N SER L 133 38.90 -55.71 -44.08
CA SER L 133 39.57 -56.63 -43.15
C SER L 133 39.17 -56.39 -41.71
N PRO L 134 38.77 -57.47 -41.01
CA PRO L 134 38.37 -57.31 -39.59
C PRO L 134 39.48 -56.87 -38.67
N LEU L 135 40.70 -56.96 -39.18
CA LEU L 135 41.86 -56.59 -38.41
C LEU L 135 42.36 -55.22 -38.79
N ALA L 136 42.62 -55.06 -40.08
CA ALA L 136 43.15 -53.80 -40.60
C ALA L 136 42.11 -52.65 -40.54
N GLY L 137 40.87 -52.99 -40.89
CA GLY L 137 39.75 -52.05 -40.92
C GLY L 137 39.61 -51.23 -39.63
N PRO L 138 39.39 -51.91 -38.49
CA PRO L 138 39.13 -51.18 -37.27
C PRO L 138 40.32 -50.36 -36.88
N HIS L 139 41.51 -50.86 -37.22
CA HIS L 139 42.73 -50.20 -36.84
C HIS L 139 42.90 -48.88 -37.59
N LEU L 140 42.65 -48.91 -38.90
CA LEU L 140 42.62 -47.68 -39.68
C LEU L 140 41.56 -46.67 -39.19
N LEU L 141 40.41 -47.19 -38.82
CA LEU L 141 39.36 -46.30 -38.34
C LEU L 141 39.79 -45.63 -37.07
N ASP L 142 40.46 -46.40 -36.22
CA ASP L 142 41.01 -45.82 -34.96
C ASP L 142 42.04 -44.75 -35.25
N ALA L 143 42.92 -45.01 -36.23
CA ALA L 143 43.91 -44.02 -36.62
C ALA L 143 43.25 -42.70 -36.99
N MET L 144 42.16 -42.77 -37.75
CA MET L 144 41.44 -41.57 -38.21
C MET L 144 40.60 -40.90 -37.11
N LEU L 145 40.32 -41.59 -36.00
CA LEU L 145 39.75 -40.92 -34.79
C LEU L 145 40.73 -40.24 -33.90
N ARG L 146 42.03 -40.44 -34.13
CA ARG L 146 43.04 -39.72 -33.29
C ARG L 146 43.07 -38.26 -33.63
N PRO L 147 43.47 -37.42 -32.68
CA PRO L 147 43.61 -36.02 -32.98
C PRO L 147 44.66 -35.72 -34.06
N THR L 148 44.35 -34.74 -34.90
CA THR L 148 45.23 -34.34 -35.94
C THR L 148 46.37 -33.54 -35.31
N PRO L 149 47.57 -33.57 -35.92
CA PRO L 149 48.70 -32.78 -35.41
C PRO L 149 48.37 -31.31 -35.35
N ARG L 150 47.69 -30.83 -36.39
CA ARG L 150 47.37 -29.41 -36.45
C ARG L 150 46.56 -28.97 -35.25
N ALA L 151 45.69 -29.86 -34.79
CA ALA L 151 44.86 -29.57 -33.60
C ALA L 151 45.66 -29.62 -32.33
N LEU L 152 46.53 -30.61 -32.21
CA LEU L 152 47.43 -30.67 -31.02
C LEU L 152 48.30 -29.39 -30.89
N GLU L 153 48.74 -28.88 -32.02
CA GLU L 153 49.61 -27.72 -32.08
C GLU L 153 48.84 -26.46 -31.69
N LEU L 154 47.59 -26.33 -32.14
CA LEU L 154 46.73 -25.15 -31.78
C LEU L 154 46.05 -25.21 -30.46
N LEU L 155 46.05 -26.36 -29.85
CA LEU L 155 45.29 -26.52 -28.60
C LEU L 155 45.62 -25.56 -27.47
N PRO L 156 46.92 -25.38 -27.11
CA PRO L 156 47.22 -24.43 -26.00
C PRO L 156 46.78 -23.01 -26.26
N GLU L 157 47.01 -22.50 -27.47
CA GLU L 157 46.51 -21.15 -27.78
C GLU L 157 44.97 -21.09 -27.69
N PHE L 158 44.31 -22.16 -28.13
CA PHE L 158 42.92 -22.20 -28.09
C PHE L 158 42.39 -22.20 -26.67
N VAL L 159 42.98 -23.04 -25.83
CA VAL L 159 42.64 -23.07 -24.39
C VAL L 159 42.85 -21.70 -23.74
N ARG L 160 43.90 -21.01 -24.13
CA ARG L 160 44.19 -19.69 -23.55
C ARG L 160 43.24 -18.62 -24.06
N THR L 161 43.02 -18.59 -25.38
CA THR L 161 42.32 -17.51 -26.08
C THR L 161 40.78 -17.72 -26.22
N GLY L 162 40.37 -18.97 -26.32
CA GLY L 162 38.98 -19.28 -26.65
C GLY L 162 38.60 -18.98 -28.10
N GLU L 163 39.59 -18.90 -28.99
CA GLU L 163 39.34 -18.40 -30.34
C GLU L 163 40.39 -18.85 -31.36
N VAL L 164 39.95 -19.28 -32.54
CA VAL L 164 40.82 -19.62 -33.66
C VAL L 164 40.11 -19.27 -34.93
N GLU L 165 40.79 -18.54 -35.80
CA GLU L 165 40.24 -18.17 -37.09
C GLU L 165 40.93 -19.05 -38.10
N MET L 166 40.17 -19.80 -38.87
CA MET L 166 40.76 -20.60 -39.96
C MET L 166 40.13 -20.17 -41.29
N GLU L 167 40.67 -20.67 -42.39
CA GLU L 167 40.22 -20.22 -43.70
C GLU L 167 38.70 -20.42 -43.90
N ALA L 168 38.16 -21.56 -43.49
CA ALA L 168 36.74 -21.94 -43.77
C ALA L 168 35.86 -22.02 -42.54
N VAL L 169 36.47 -21.89 -41.37
CA VAL L 169 35.77 -22.13 -40.10
C VAL L 169 36.33 -21.18 -39.07
N HIS L 170 35.44 -20.55 -38.31
CA HIS L 170 35.77 -19.76 -37.15
C HIS L 170 35.28 -20.51 -35.95
N LEU L 171 36.16 -20.69 -34.97
CA LEU L 171 35.87 -21.46 -33.77
C LEU L 171 36.02 -20.60 -32.56
N GLU L 172 35.03 -20.62 -31.67
CA GLU L 172 35.02 -19.78 -30.50
C GLU L 172 34.45 -20.57 -29.31
N ARG L 173 35.18 -20.63 -28.21
CA ARG L 173 34.64 -21.17 -26.96
C ARG L 173 33.89 -20.09 -26.22
N ARG L 174 32.67 -20.37 -25.82
CA ARG L 174 31.84 -19.39 -25.11
C ARG L 174 30.76 -20.08 -24.33
N ASP L 175 30.70 -19.78 -23.04
CA ASP L 175 29.77 -20.41 -22.09
C ASP L 175 29.78 -21.92 -22.12
N GLY L 176 30.94 -22.51 -22.31
CA GLY L 176 31.09 -23.93 -22.38
C GLY L 176 30.77 -24.61 -23.70
N VAL L 177 30.63 -23.79 -24.74
CA VAL L 177 30.17 -24.27 -26.03
C VAL L 177 31.27 -23.97 -27.01
N ALA L 178 31.59 -24.94 -27.81
CA ALA L 178 32.42 -24.73 -28.95
C ALA L 178 31.51 -24.33 -30.11
N ARG L 179 31.60 -23.08 -30.49
CA ARG L 179 30.85 -22.55 -31.64
C ARG L 179 31.66 -22.61 -32.89
N LEU L 180 31.36 -23.59 -33.73
CA LEU L 180 31.94 -23.66 -35.06
C LEU L 180 31.05 -22.88 -36.01
N THR L 181 31.57 -21.83 -36.62
CA THR L 181 30.84 -21.11 -37.66
C THR L 181 31.49 -21.34 -39.01
N MET L 182 30.75 -21.88 -39.96
CA MET L 182 31.31 -22.15 -41.30
C MET L 182 31.21 -20.85 -42.07
N CYS L 183 32.34 -20.28 -42.48
CA CYS L 183 32.42 -18.84 -42.86
C CYS L 183 33.03 -18.61 -44.24
N ARG L 184 32.66 -19.44 -45.23
CA ARG L 184 33.04 -19.17 -46.63
C ARG L 184 31.92 -18.36 -47.30
N ASP L 185 31.94 -17.09 -46.96
CA ASP L 185 30.90 -16.12 -47.27
C ASP L 185 30.66 -15.80 -48.77
N ASP L 186 31.63 -16.09 -49.62
CA ASP L 186 31.54 -15.85 -51.09
C ASP L 186 30.90 -16.98 -51.89
N ARG L 187 30.72 -18.17 -51.28
CA ARG L 187 30.34 -19.39 -52.04
C ARG L 187 29.38 -20.36 -51.26
N LEU L 188 28.61 -19.82 -50.33
CA LEU L 188 27.61 -20.59 -49.61
C LEU L 188 28.16 -21.84 -48.88
N ASN L 189 29.33 -21.66 -48.30
CA ASN L 189 30.04 -22.74 -47.55
C ASN L 189 30.31 -23.99 -48.33
N ALA L 190 30.40 -23.82 -49.64
CA ALA L 190 30.76 -24.89 -50.52
C ALA L 190 32.04 -25.53 -50.02
N GLU L 191 32.05 -26.86 -50.01
CA GLU L 191 33.10 -27.65 -49.38
C GLU L 191 34.26 -28.00 -50.33
N ASP L 192 35.47 -28.02 -49.76
CA ASP L 192 36.71 -28.46 -50.43
C ASP L 192 37.67 -29.04 -49.40
N GLY L 193 38.87 -29.40 -49.83
CA GLY L 193 39.83 -30.12 -48.96
C GLY L 193 40.26 -29.29 -47.77
N GLN L 194 40.35 -27.98 -47.97
CA GLN L 194 40.76 -27.08 -46.91
C GLN L 194 39.68 -26.97 -45.83
N GLN L 195 38.43 -26.89 -46.26
CA GLN L 195 37.28 -26.88 -45.30
C GLN L 195 37.33 -28.15 -44.44
N VAL L 196 37.62 -29.29 -45.06
CA VAL L 196 37.65 -30.53 -44.30
C VAL L 196 38.75 -30.46 -43.23
N ASP L 197 39.93 -29.98 -43.60
CA ASP L 197 41.03 -29.89 -42.70
C ASP L 197 40.64 -28.96 -41.56
N ASP L 198 40.03 -27.85 -41.89
CA ASP L 198 39.58 -26.90 -40.86
C ASP L 198 38.53 -27.46 -39.95
N MET L 199 37.58 -28.16 -40.54
CA MET L 199 36.49 -28.79 -39.77
C MET L 199 37.04 -29.80 -38.78
N GLU L 200 37.92 -30.69 -39.26
CA GLU L 200 38.47 -31.74 -38.40
C GLU L 200 39.31 -31.13 -37.30
N THR L 201 40.03 -30.09 -37.66
CA THR L 201 40.85 -29.40 -36.69
C THR L 201 39.95 -28.82 -35.60
N ALA L 202 38.91 -28.10 -36.02
CA ALA L 202 38.01 -27.45 -35.09
C ALA L 202 37.32 -28.52 -34.21
N VAL L 203 36.90 -29.60 -34.83
CA VAL L 203 36.19 -30.64 -34.08
C VAL L 203 37.11 -31.23 -33.05
N ASP L 204 38.35 -31.58 -33.47
CA ASP L 204 39.40 -31.97 -32.52
C ASP L 204 39.56 -30.97 -31.35
N LEU L 205 39.70 -29.69 -31.65
CA LEU L 205 39.89 -28.73 -30.56
C LEU L 205 38.74 -28.76 -29.56
N ALA L 206 37.52 -28.72 -30.11
CA ALA L 206 36.29 -28.76 -29.26
C ALA L 206 36.22 -29.97 -28.33
N LEU L 207 36.61 -31.10 -28.87
CA LEU L 207 36.65 -32.33 -28.08
C LEU L 207 37.76 -32.42 -27.03
N LEU L 208 38.94 -31.93 -27.37
CA LEU L 208 40.06 -31.90 -26.45
C LEU L 208 40.01 -30.83 -25.37
N ASP L 209 39.40 -29.71 -25.70
CA ASP L 209 39.35 -28.61 -24.77
C ASP L 209 38.44 -28.98 -23.59
N PRO L 210 38.99 -29.08 -22.37
CA PRO L 210 38.13 -29.35 -21.20
C PRO L 210 37.15 -28.29 -20.80
N GLY L 211 37.33 -27.05 -21.24
CA GLY L 211 36.25 -26.01 -20.98
C GLY L 211 35.07 -26.00 -21.96
N VAL L 212 35.04 -26.96 -22.89
CA VAL L 212 33.94 -27.19 -23.82
C VAL L 212 33.14 -28.40 -23.35
N ARG L 213 31.85 -28.19 -23.22
CA ARG L 213 30.90 -29.24 -22.83
C ARG L 213 29.96 -29.68 -23.97
N VAL L 214 29.64 -28.77 -24.89
CA VAL L 214 28.80 -29.00 -26.03
C VAL L 214 29.33 -28.30 -27.28
N GLY L 215 29.07 -28.88 -28.44
CA GLY L 215 29.41 -28.25 -29.73
C GLY L 215 28.20 -27.67 -30.49
N LEU L 216 28.46 -26.66 -31.32
CA LEU L 216 27.48 -26.03 -32.11
C LEU L 216 28.03 -25.81 -33.48
N LEU L 217 27.30 -26.27 -34.50
CA LEU L 217 27.71 -26.04 -35.87
C LEU L 217 26.69 -25.21 -36.54
N ARG L 218 27.14 -24.14 -37.15
CA ARG L 218 26.26 -23.18 -37.76
C ARG L 218 26.93 -22.46 -38.92
N GLY L 219 26.13 -22.09 -39.91
CA GLY L 219 26.65 -21.33 -41.04
C GLY L 219 26.74 -19.88 -40.67
N GLY L 220 27.79 -19.22 -41.17
CA GLY L 220 27.99 -17.80 -40.92
C GLY L 220 27.29 -16.90 -41.96
N VAL L 221 27.31 -15.60 -41.66
CA VAL L 221 26.73 -14.61 -42.53
C VAL L 221 27.41 -14.60 -43.90
N MET L 222 26.61 -14.61 -44.97
CA MET L 222 27.15 -14.63 -46.33
C MET L 222 27.38 -13.22 -46.86
N SER L 223 28.24 -13.13 -47.86
CA SER L 223 28.59 -11.84 -48.49
C SER L 223 28.31 -11.78 -50.01
N HIS L 224 28.24 -12.92 -50.70
CA HIS L 224 27.72 -12.98 -52.07
C HIS L 224 26.37 -12.18 -52.21
N PRO L 225 26.23 -11.35 -53.29
CA PRO L 225 25.07 -10.46 -53.45
C PRO L 225 23.68 -11.09 -53.31
N ARG L 226 23.51 -12.31 -53.82
CA ARG L 226 22.20 -13.01 -53.77
C ARG L 226 21.83 -13.42 -52.31
N TYR L 227 22.83 -13.42 -51.40
CA TYR L 227 22.63 -13.82 -49.98
C TYR L 227 23.15 -12.82 -48.96
N ARG L 228 23.49 -11.60 -49.40
CA ARG L 228 24.14 -10.62 -48.50
C ARG L 228 23.39 -10.40 -47.16
N GLY L 229 24.10 -10.58 -46.05
CA GLY L 229 23.53 -10.43 -44.70
C GLY L 229 22.76 -11.62 -44.13
N LYS L 230 22.58 -12.68 -44.94
CA LYS L 230 21.84 -13.89 -44.55
C LYS L 230 22.79 -15.05 -44.23
N ARG L 231 22.49 -15.78 -43.17
CA ARG L 231 23.24 -16.99 -42.90
C ARG L 231 22.89 -18.09 -43.88
N VAL L 232 23.88 -18.89 -44.24
CA VAL L 232 23.66 -20.14 -45.01
C VAL L 232 24.52 -21.31 -44.46
N PHE L 233 23.88 -22.47 -44.26
CA PHE L 233 24.55 -23.62 -43.66
C PHE L 233 25.52 -24.24 -44.65
N SER L 234 25.04 -24.86 -45.72
CA SER L 234 25.94 -25.48 -46.72
C SER L 234 25.25 -25.70 -48.06
N ALA L 235 25.99 -25.41 -49.12
CA ALA L 235 25.62 -25.71 -50.49
C ALA L 235 26.39 -26.93 -50.98
N GLY L 236 26.98 -27.66 -50.07
CA GLY L 236 27.57 -28.94 -50.43
C GLY L 236 28.88 -28.80 -51.19
N ILE L 237 29.27 -29.86 -51.86
CA ILE L 237 30.61 -29.93 -52.40
C ILE L 237 30.84 -28.85 -53.44
N ASN L 238 32.05 -28.30 -53.44
CA ASN L 238 32.48 -27.35 -54.48
C ASN L 238 32.53 -27.99 -55.85
N LEU L 239 31.48 -27.77 -56.64
CA LEU L 239 31.32 -28.38 -57.97
C LEU L 239 32.32 -27.84 -59.00
N LYS L 240 32.71 -26.57 -58.86
CA LYS L 240 33.71 -25.96 -59.74
C LYS L 240 35.04 -26.70 -59.57
N TYR L 241 35.46 -26.82 -58.32
CA TYR L 241 36.69 -27.51 -58.00
C TYR L 241 36.64 -28.94 -58.48
N LEU L 242 35.52 -29.60 -58.26
CA LEU L 242 35.34 -31.03 -58.65
C LEU L 242 35.58 -31.19 -60.16
N SER L 243 35.05 -30.26 -60.95
CA SER L 243 35.29 -30.20 -62.43
C SER L 243 36.72 -29.97 -62.84
N GLN L 244 37.33 -29.01 -62.16
CA GLN L 244 38.75 -28.62 -62.34
C GLN L 244 39.78 -29.64 -61.82
N GLY L 245 39.31 -30.69 -61.15
CA GLY L 245 40.19 -31.76 -60.68
C GLY L 245 40.68 -31.67 -59.25
N GLY L 246 40.16 -30.70 -58.49
CA GLY L 246 40.66 -30.38 -57.16
C GLY L 246 39.96 -31.04 -55.98
N ILE L 247 39.06 -32.01 -56.23
CA ILE L 247 38.43 -32.79 -55.14
C ILE L 247 39.12 -34.12 -55.05
N SER L 248 39.78 -34.32 -53.91
CA SER L 248 40.52 -35.52 -53.63
C SER L 248 39.63 -36.62 -53.04
N LEU L 249 39.69 -37.78 -53.66
CA LEU L 249 39.06 -38.97 -53.10
C LEU L 249 39.45 -39.19 -51.66
N VAL L 250 40.74 -39.22 -51.43
CA VAL L 250 41.26 -39.54 -50.10
C VAL L 250 41.21 -38.39 -49.15
N ASP L 251 41.71 -37.23 -49.58
CA ASP L 251 41.90 -36.07 -48.67
C ASP L 251 40.65 -35.25 -48.48
N PHE L 252 39.63 -35.50 -49.30
CA PHE L 252 38.30 -34.91 -49.12
C PHE L 252 37.25 -36.00 -48.79
N LEU L 253 36.97 -36.89 -49.73
CA LEU L 253 35.76 -37.71 -49.65
C LEU L 253 35.84 -38.80 -48.58
N MET L 254 36.98 -39.46 -48.45
CA MET L 254 37.17 -40.40 -47.35
C MET L 254 37.58 -39.71 -46.04
N ARG L 255 38.36 -38.65 -46.13
CA ARG L 255 38.83 -37.99 -44.93
C ARG L 255 37.73 -37.45 -44.07
N ARG L 256 36.81 -36.74 -44.69
CA ARG L 256 35.69 -36.22 -43.93
C ARG L 256 34.83 -37.35 -43.26
N GLU L 257 34.61 -38.47 -43.95
CA GLU L 257 33.74 -39.50 -43.42
C GLU L 257 34.36 -40.19 -42.26
N LEU L 258 35.65 -40.50 -42.40
CA LEU L 258 36.37 -41.25 -41.38
C LEU L 258 36.99 -40.40 -40.32
N GLY L 259 37.05 -39.09 -40.55
CA GLY L 259 37.60 -38.11 -39.59
C GLY L 259 36.57 -37.31 -38.78
N TYR L 260 36.34 -36.06 -39.16
CA TYR L 260 35.53 -35.21 -38.34
C TYR L 260 34.11 -35.70 -38.17
N ILE L 261 33.52 -36.23 -39.23
CA ILE L 261 32.16 -36.72 -39.15
C ILE L 261 32.03 -37.92 -38.20
N HIS L 262 32.99 -38.81 -38.28
CA HIS L 262 33.03 -39.97 -37.39
C HIS L 262 33.39 -39.56 -35.99
N LYS L 263 34.17 -38.51 -35.84
CA LYS L 263 34.46 -37.97 -34.53
C LYS L 263 33.23 -37.33 -33.86
N LEU L 264 32.37 -36.72 -34.64
CA LEU L 264 31.12 -36.18 -34.07
C LEU L 264 30.31 -37.33 -33.43
N VAL L 265 30.32 -38.48 -34.07
CA VAL L 265 29.62 -39.64 -33.56
C VAL L 265 30.40 -40.28 -32.38
N ARG L 266 31.66 -40.69 -32.60
CA ARG L 266 32.41 -41.48 -31.64
C ARG L 266 33.43 -40.77 -30.72
N GLY L 267 33.69 -39.51 -30.98
CA GLY L 267 34.69 -38.78 -30.27
C GLY L 267 36.13 -39.01 -30.78
N VAL L 268 37.09 -38.37 -30.11
CA VAL L 268 38.53 -38.52 -30.43
C VAL L 268 39.14 -39.60 -29.59
N LEU L 269 39.83 -40.54 -30.27
CA LEU L 269 40.66 -41.48 -29.60
C LEU L 269 41.93 -40.79 -29.04
N THR L 270 42.13 -40.82 -27.71
CA THR L 270 43.31 -40.24 -27.08
C THR L 270 44.27 -41.36 -26.66
N ASN L 271 45.48 -40.96 -26.28
CA ASN L 271 46.42 -41.91 -25.62
C ASN L 271 46.00 -42.08 -24.17
N ASP L 272 46.37 -43.22 -23.61
CA ASP L 272 46.18 -43.51 -22.23
C ASP L 272 46.88 -42.53 -21.27
N ASP L 273 46.33 -41.33 -21.12
CA ASP L 273 47.05 -40.24 -20.44
C ASP L 273 46.16 -39.49 -19.45
N ARG L 274 45.11 -40.13 -18.99
CA ARG L 274 44.17 -39.49 -18.05
C ARG L 274 43.40 -40.55 -17.23
N PRO L 275 42.92 -40.19 -16.05
CA PRO L 275 41.95 -41.12 -15.37
C PRO L 275 40.71 -41.50 -16.25
N GLY L 276 40.15 -42.68 -16.06
CA GLY L 276 38.93 -43.03 -16.77
C GLY L 276 39.12 -43.48 -18.23
N TRP L 277 40.34 -43.41 -18.74
CA TRP L 277 40.64 -43.85 -20.10
C TRP L 277 40.19 -45.28 -20.33
N TRP L 278 40.32 -46.11 -19.32
CA TRP L 278 39.92 -47.54 -19.41
C TRP L 278 38.46 -47.74 -19.74
N HIS L 279 37.61 -46.81 -19.36
CA HIS L 279 36.18 -46.88 -19.68
C HIS L 279 35.84 -45.92 -20.85
N SER L 280 36.68 -44.92 -21.14
CA SER L 280 36.38 -43.91 -22.15
C SER L 280 37.64 -43.49 -22.86
N PRO L 281 38.11 -44.37 -23.74
CA PRO L 281 39.28 -44.09 -24.49
C PRO L 281 39.09 -42.93 -25.41
N ARG L 282 37.83 -42.62 -25.70
CA ARG L 282 37.45 -41.56 -26.67
C ARG L 282 36.79 -40.48 -25.88
N ILE L 283 37.11 -39.26 -26.23
CA ILE L 283 36.43 -38.19 -25.66
C ILE L 283 35.34 -37.85 -26.68
N GLU L 284 34.09 -38.02 -26.27
CA GLU L 284 32.94 -37.59 -27.06
C GLU L 284 32.15 -36.52 -26.37
N LYS L 285 31.55 -35.65 -27.17
CA LYS L 285 30.60 -34.64 -26.68
C LYS L 285 29.38 -34.51 -27.57
N PRO L 286 28.29 -33.95 -27.02
CA PRO L 286 27.12 -33.72 -27.85
C PRO L 286 27.25 -32.54 -28.72
N TRP L 287 26.53 -32.61 -29.85
CA TRP L 287 26.55 -31.57 -30.89
C TRP L 287 25.17 -31.13 -31.28
N VAL L 288 25.02 -29.83 -31.45
CA VAL L 288 23.88 -29.20 -31.97
C VAL L 288 24.22 -28.59 -33.33
N ALA L 289 23.31 -28.77 -34.31
CA ALA L 289 23.44 -28.07 -35.60
C ALA L 289 22.25 -27.13 -35.81
N ALA L 290 22.50 -25.93 -36.34
CA ALA L 290 21.46 -24.96 -36.63
C ALA L 290 21.51 -24.64 -38.12
N VAL L 291 20.40 -24.89 -38.84
CA VAL L 291 20.37 -24.76 -40.27
C VAL L 291 19.65 -23.51 -40.75
N ASP L 292 20.41 -22.56 -41.29
CA ASP L 292 19.92 -21.31 -41.92
C ASP L 292 20.01 -21.45 -43.41
N GLY L 293 18.93 -21.06 -44.09
CA GLY L 293 18.87 -21.10 -45.55
C GLY L 293 18.63 -22.45 -46.12
N PHE L 294 19.67 -23.23 -46.16
CA PHE L 294 19.54 -24.59 -46.59
C PHE L 294 20.74 -25.45 -46.24
N ALA L 295 20.52 -26.76 -46.25
CA ALA L 295 21.60 -27.74 -46.15
C ALA L 295 21.51 -28.64 -47.36
N ILE L 296 22.50 -28.57 -48.22
CA ILE L 296 22.54 -29.33 -49.45
C ILE L 296 23.73 -30.27 -49.49
N GLY L 297 23.49 -31.48 -49.98
CA GLY L 297 24.57 -32.42 -50.23
C GLY L 297 25.34 -32.77 -48.97
N GLY L 298 26.63 -32.46 -48.97
CA GLY L 298 27.51 -32.78 -47.84
C GLY L 298 27.01 -32.13 -46.56
N GLY L 299 26.44 -30.95 -46.68
CA GLY L 299 25.87 -30.27 -45.52
C GLY L 299 24.65 -30.99 -44.98
N ALA L 300 23.79 -31.50 -45.86
CA ALA L 300 22.64 -32.29 -45.41
C ALA L 300 23.09 -33.59 -44.75
N GLN L 301 24.11 -34.19 -45.32
CA GLN L 301 24.70 -35.41 -44.76
C GLN L 301 25.12 -35.22 -43.31
N LEU L 302 25.63 -34.04 -42.98
CA LEU L 302 26.12 -33.79 -41.64
C LEU L 302 25.03 -33.87 -40.62
N LEU L 303 23.81 -33.54 -40.99
CA LEU L 303 22.73 -33.50 -40.01
C LEU L 303 22.41 -34.86 -39.42
N LEU L 304 22.80 -35.92 -40.10
CA LEU L 304 22.43 -37.30 -39.68
C LEU L 304 23.27 -37.84 -38.50
N VAL L 305 24.05 -36.94 -37.92
CA VAL L 305 25.08 -37.26 -36.92
C VAL L 305 24.97 -36.37 -35.70
N PHE L 306 24.08 -35.38 -35.70
CA PHE L 306 23.98 -34.47 -34.57
C PHE L 306 23.01 -34.94 -33.50
N ASP L 307 23.19 -34.46 -32.28
CA ASP L 307 22.30 -34.83 -31.18
C ASP L 307 21.02 -34.05 -31.20
N ARG L 308 21.11 -32.85 -31.73
CA ARG L 308 19.98 -31.97 -31.84
C ARG L 308 20.17 -31.18 -33.13
N VAL L 309 19.08 -30.97 -33.87
CA VAL L 309 19.08 -30.19 -35.09
C VAL L 309 17.96 -29.18 -35.06
N LEU L 310 18.35 -27.90 -35.27
CA LEU L 310 17.41 -26.82 -35.36
C LEU L 310 17.44 -26.25 -36.77
N ALA L 311 16.29 -25.79 -37.25
CA ALA L 311 16.26 -25.14 -38.59
C ALA L 311 15.35 -23.93 -38.58
N SER L 312 15.72 -22.96 -39.41
CA SER L 312 14.86 -21.82 -39.71
C SER L 312 13.67 -22.28 -40.57
N SER L 313 12.53 -21.67 -40.27
CA SER L 313 11.27 -21.98 -40.99
C SER L 313 11.38 -22.04 -42.52
N ASP L 314 12.32 -21.31 -43.07
CA ASP L 314 12.45 -21.17 -44.54
C ASP L 314 13.45 -22.11 -45.19
N ALA L 315 14.04 -22.96 -44.38
CA ALA L 315 15.12 -23.78 -44.83
C ALA L 315 14.60 -25.03 -45.49
N TYR L 316 15.49 -25.65 -46.22
CA TYR L 316 15.22 -26.95 -46.82
C TYR L 316 16.44 -27.83 -46.73
N PHE L 317 16.21 -29.11 -46.93
N PHE L 317 16.20 -29.16 -46.71
CA PHE L 317 17.25 -30.13 -46.91
CA PHE L 317 17.22 -30.28 -46.76
C PHE L 317 17.20 -30.93 -48.19
C PHE L 317 17.22 -30.99 -48.11
N SER L 318 18.32 -31.03 -48.86
CA SER L 318 18.38 -31.86 -50.10
C SER L 318 19.68 -32.53 -50.36
N LEU L 319 19.57 -33.65 -51.09
CA LEU L 319 20.69 -34.43 -51.66
C LEU L 319 20.29 -34.52 -53.11
N PRO L 320 20.70 -33.53 -53.90
CA PRO L 320 20.04 -33.26 -55.16
C PRO L 320 20.52 -34.03 -56.39
N ALA L 321 21.74 -34.53 -56.38
CA ALA L 321 22.37 -35.07 -57.58
C ALA L 321 21.96 -36.51 -57.86
N ALA L 322 20.68 -36.66 -58.12
CA ALA L 322 20.06 -37.98 -58.17
C ALA L 322 20.35 -38.66 -59.51
N LYS L 323 20.38 -37.84 -60.55
CA LYS L 323 20.58 -38.33 -61.91
C LYS L 323 22.05 -38.52 -62.29
N GLU L 324 22.91 -37.57 -61.92
CA GLU L 324 24.30 -37.56 -62.41
C GLU L 324 25.37 -37.18 -61.35
N GLY L 325 25.06 -37.45 -60.10
CA GLY L 325 25.96 -37.11 -59.02
C GLY L 325 26.73 -38.25 -58.44
N ILE L 326 27.61 -37.88 -57.53
CA ILE L 326 28.34 -38.83 -56.74
C ILE L 326 27.48 -39.33 -55.59
N ILE L 327 27.94 -40.35 -54.88
CA ILE L 327 27.21 -40.88 -53.75
C ILE L 327 27.28 -39.78 -52.69
N PRO L 328 26.15 -39.46 -52.06
CA PRO L 328 26.17 -38.48 -50.98
C PRO L 328 26.68 -39.08 -49.68
N GLY L 329 27.97 -39.35 -49.66
CA GLY L 329 28.61 -39.75 -48.47
C GLY L 329 27.98 -40.93 -47.81
N ALA L 330 27.78 -40.78 -46.52
CA ALA L 330 27.16 -41.82 -45.71
C ALA L 330 25.67 -41.59 -45.53
N ALA L 331 25.08 -40.66 -46.28
CA ALA L 331 23.63 -40.55 -46.25
C ALA L 331 22.99 -41.87 -46.64
N ASN L 332 23.58 -42.60 -47.59
CA ASN L 332 22.97 -43.89 -47.97
C ASN L 332 22.95 -44.87 -46.78
N LEU L 333 23.88 -44.65 -45.86
CA LEU L 333 24.04 -45.55 -44.68
C LEU L 333 23.07 -45.17 -43.65
N ARG L 334 22.94 -43.87 -43.43
CA ARG L 334 22.26 -43.31 -42.27
C ARG L 334 20.79 -42.87 -42.48
N LEU L 335 20.49 -42.36 -43.65
CA LEU L 335 19.21 -41.76 -43.90
C LEU L 335 18.03 -42.70 -43.64
N GLY L 336 18.16 -43.96 -44.01
CA GLY L 336 17.11 -44.96 -43.83
C GLY L 336 16.62 -45.16 -42.43
N ARG L 337 17.55 -45.05 -41.52
CA ARG L 337 17.25 -45.14 -40.06
C ARG L 337 16.42 -43.91 -39.61
N PHE L 338 16.64 -42.78 -40.25
CA PHE L 338 15.89 -41.57 -39.92
C PHE L 338 14.51 -41.48 -40.61
N ALA L 339 14.45 -41.93 -41.86
CA ALA L 339 13.27 -41.69 -42.68
C ALA L 339 12.58 -42.93 -43.23
N GLY L 340 13.15 -44.12 -42.99
CA GLY L 340 12.69 -45.33 -43.61
C GLY L 340 13.15 -45.42 -45.07
N PRO L 341 12.99 -46.58 -45.67
CA PRO L 341 13.46 -46.83 -47.02
C PRO L 341 12.73 -46.12 -48.15
N ARG L 342 11.48 -45.76 -47.95
CA ARG L 342 10.73 -45.12 -49.01
C ARG L 342 11.18 -43.68 -49.14
N VAL L 343 11.13 -42.94 -48.06
CA VAL L 343 11.55 -41.52 -48.13
C VAL L 343 13.07 -41.39 -48.43
N SER L 344 13.85 -42.26 -47.87
CA SER L 344 15.26 -42.29 -48.14
C SER L 344 15.53 -42.44 -49.65
N ARG L 345 14.77 -43.29 -50.32
CA ARG L 345 14.90 -43.39 -51.78
C ARG L 345 14.32 -42.25 -52.51
N GLN L 346 13.23 -41.67 -51.98
CA GLN L 346 12.69 -40.47 -52.63
C GLN L 346 13.73 -39.33 -52.63
N VAL L 347 14.48 -39.23 -51.51
CA VAL L 347 15.44 -38.17 -51.35
C VAL L 347 16.68 -38.43 -52.20
N ILE L 348 17.19 -39.64 -52.14
CA ILE L 348 18.48 -39.95 -52.77
C ILE L 348 18.40 -40.44 -54.22
N LEU L 349 17.58 -41.46 -54.48
CA LEU L 349 17.32 -41.89 -55.84
C LEU L 349 16.59 -40.86 -56.75
N GLU L 350 15.69 -40.04 -56.21
CA GLU L 350 14.90 -39.10 -57.03
C GLU L 350 15.04 -37.66 -56.69
N GLY L 351 15.86 -37.30 -55.71
CA GLY L 351 16.21 -35.91 -55.53
C GLY L 351 15.07 -35.11 -54.92
N ARG L 352 14.25 -35.76 -54.14
CA ARG L 352 13.25 -35.03 -53.39
C ARG L 352 13.87 -34.13 -52.32
N ARG L 353 13.44 -32.91 -52.37
CA ARG L 353 13.87 -31.92 -51.46
C ARG L 353 12.85 -31.79 -50.36
N ILE L 354 13.30 -31.64 -49.12
CA ILE L 354 12.44 -31.62 -47.90
C ILE L 354 12.51 -30.32 -47.13
N TRP L 355 11.36 -29.73 -46.91
CA TRP L 355 11.28 -28.35 -46.44
C TRP L 355 11.08 -28.38 -44.96
N ALA L 356 11.63 -27.39 -44.31
CA ALA L 356 11.58 -27.34 -42.85
C ALA L 356 10.24 -27.44 -42.31
N LYS L 357 9.28 -26.87 -43.03
CA LYS L 357 7.90 -26.76 -42.48
C LYS L 357 7.00 -27.92 -42.80
N GLU L 358 7.48 -28.86 -43.63
CA GLU L 358 6.61 -30.01 -43.92
C GLU L 358 6.73 -31.03 -42.81
N PRO L 359 5.66 -31.81 -42.55
CA PRO L 359 5.72 -32.81 -41.44
C PRO L 359 6.95 -33.71 -41.49
N GLU L 360 7.36 -34.16 -42.67
CA GLU L 360 8.49 -35.05 -42.77
C GLU L 360 9.83 -34.44 -42.37
N ALA L 361 9.92 -33.11 -42.28
CA ALA L 361 11.12 -32.48 -41.79
C ALA L 361 11.41 -32.95 -40.36
N ARG L 362 10.39 -33.27 -39.63
CA ARG L 362 10.57 -33.77 -38.27
C ARG L 362 11.33 -35.10 -38.18
N LEU L 363 11.49 -35.79 -39.31
CA LEU L 363 12.36 -36.96 -39.39
C LEU L 363 13.83 -36.64 -39.27
N LEU L 364 14.21 -35.44 -39.66
CA LEU L 364 15.58 -34.95 -39.71
C LEU L 364 15.90 -33.80 -38.76
N VAL L 365 14.88 -33.09 -38.30
CA VAL L 365 15.02 -31.84 -37.60
C VAL L 365 14.17 -31.88 -36.34
N ASP L 366 14.72 -31.42 -35.24
CA ASP L 366 14.02 -31.50 -33.93
C ASP L 366 13.14 -30.30 -33.69
N GLU L 367 13.59 -29.15 -34.16
CA GLU L 367 12.90 -27.89 -33.92
C GLU L 367 12.98 -27.00 -35.15
N VAL L 368 11.85 -26.44 -35.53
CA VAL L 368 11.75 -25.49 -36.64
C VAL L 368 11.20 -24.22 -36.08
N VAL L 369 11.90 -23.13 -36.34
CA VAL L 369 11.66 -21.91 -35.63
C VAL L 369 11.73 -20.77 -36.59
N GLU L 370 10.94 -19.74 -36.35
CA GLU L 370 10.94 -18.53 -37.19
C GLU L 370 12.28 -17.83 -37.05
N PRO L 371 12.83 -17.27 -38.17
CA PRO L 371 14.14 -16.58 -38.16
C PRO L 371 14.40 -15.68 -36.94
N ASP L 372 13.39 -14.93 -36.50
CA ASP L 372 13.57 -14.01 -35.32
C ASP L 372 13.56 -14.72 -33.95
N GLU L 373 13.19 -15.99 -33.91
CA GLU L 373 13.16 -16.80 -32.64
C GLU L 373 14.34 -17.78 -32.54
N LEU L 374 15.13 -17.86 -33.60
CA LEU L 374 16.11 -18.93 -33.82
C LEU L 374 17.34 -18.87 -32.95
N ASP L 375 17.94 -17.69 -32.82
CA ASP L 375 19.12 -17.48 -31.98
C ASP L 375 18.84 -17.92 -30.57
N ALA L 376 17.68 -17.54 -30.06
CA ALA L 376 17.35 -17.83 -28.65
C ALA L 376 17.04 -19.30 -28.47
N ALA L 377 16.39 -19.92 -29.46
CA ALA L 377 16.12 -21.40 -29.44
C ALA L 377 17.40 -22.25 -29.50
N ILE L 378 18.35 -21.82 -30.33
CA ILE L 378 19.70 -22.40 -30.35
C ILE L 378 20.32 -22.29 -28.93
N GLU L 379 20.28 -21.11 -28.31
CA GLU L 379 20.89 -20.94 -26.98
C GLU L 379 20.26 -21.91 -25.99
N ARG L 380 18.93 -22.01 -25.98
CA ARG L 380 18.24 -22.91 -25.03
C ARG L 380 18.62 -24.37 -25.25
N SER L 381 18.73 -24.78 -26.51
CA SER L 381 19.13 -26.19 -26.83
C SER L 381 20.49 -26.58 -26.35
N LEU L 382 21.39 -25.62 -26.34
CA LEU L 382 22.75 -25.83 -25.81
C LEU L 382 22.77 -26.15 -24.30
N THR L 383 21.90 -25.48 -23.53
CA THR L 383 21.88 -25.63 -22.08
C THR L 383 21.23 -26.95 -21.74
N ARG L 384 20.47 -27.55 -22.64
CA ARG L 384 19.81 -28.83 -22.28
C ARG L 384 20.71 -30.09 -22.41
N LEU L 385 21.92 -29.97 -22.93
CA LEU L 385 22.74 -31.10 -23.31
C LEU L 385 24.05 -31.27 -22.52
N ASP L 386 24.11 -30.63 -21.36
CA ASP L 386 25.33 -30.43 -20.55
C ASP L 386 25.83 -31.62 -19.77
N GLY L 387 24.95 -32.38 -19.19
CA GLY L 387 25.53 -33.28 -18.15
C GLY L 387 26.34 -34.51 -18.56
N ASP L 388 26.62 -35.34 -17.56
CA ASP L 388 27.17 -36.69 -17.75
C ASP L 388 26.11 -37.74 -18.18
N ALA L 389 24.86 -37.51 -17.83
CA ALA L 389 23.76 -38.39 -18.26
C ALA L 389 23.59 -38.38 -19.77
N VAL L 390 23.65 -37.20 -20.32
CA VAL L 390 23.65 -37.02 -21.77
C VAL L 390 24.81 -37.75 -22.44
N LEU L 391 26.03 -37.58 -21.93
CA LEU L 391 27.21 -38.32 -22.54
C LEU L 391 26.97 -39.79 -22.56
N ALA L 392 26.51 -40.34 -21.43
CA ALA L 392 26.39 -41.76 -21.36
C ALA L 392 25.31 -42.20 -22.31
N ASN L 393 24.21 -41.47 -22.28
CA ASN L 393 23.08 -41.86 -23.12
C ASN L 393 23.38 -41.75 -24.59
N ARG L 394 24.13 -40.72 -24.99
CA ARG L 394 24.35 -40.55 -26.42
C ARG L 394 25.33 -41.62 -26.92
N ARG L 395 26.25 -42.02 -26.06
CA ARG L 395 27.15 -43.09 -26.41
C ARG L 395 26.45 -44.42 -26.64
N MET L 396 25.52 -44.73 -25.74
CA MET L 396 24.71 -45.91 -25.88
C MET L 396 23.82 -45.80 -27.10
N LEU L 397 23.22 -44.62 -27.31
CA LEU L 397 22.34 -44.44 -28.50
C LEU L 397 23.04 -44.62 -29.79
N ASN L 398 24.24 -44.08 -29.88
CA ASN L 398 25.07 -44.23 -31.09
C ASN L 398 25.50 -45.62 -31.40
N LEU L 399 25.86 -46.30 -30.35
CA LEU L 399 26.29 -47.70 -30.44
C LEU L 399 25.13 -48.58 -31.00
N ALA L 400 23.91 -48.33 -30.55
CA ALA L 400 22.74 -49.06 -31.04
C ALA L 400 22.38 -48.66 -32.46
N ASP L 401 22.45 -47.36 -32.76
CA ASP L 401 22.05 -46.84 -34.07
C ASP L 401 23.00 -47.29 -35.18
N GLU L 402 24.29 -47.37 -34.89
CA GLU L 402 25.28 -47.65 -35.95
C GLU L 402 26.41 -48.50 -35.40
N SER L 403 26.47 -49.78 -35.77
CA SER L 403 27.49 -50.64 -35.26
C SER L 403 28.82 -50.31 -35.92
N PRO L 404 29.94 -50.57 -35.24
CA PRO L 404 31.24 -50.39 -35.89
C PRO L 404 31.40 -51.23 -37.15
N ASP L 405 30.91 -52.47 -37.14
CA ASP L 405 30.93 -53.29 -38.37
C ASP L 405 30.11 -52.69 -39.49
N GLY L 406 28.93 -52.16 -39.14
CA GLY L 406 28.03 -51.61 -40.14
C GLY L 406 28.75 -50.48 -40.85
N PHE L 407 29.35 -49.60 -40.05
CA PHE L 407 29.99 -48.41 -40.58
C PHE L 407 31.14 -48.81 -41.45
N ARG L 408 31.93 -49.74 -40.95
CA ARG L 408 33.13 -50.20 -41.64
C ARG L 408 32.86 -50.92 -42.96
N ALA L 409 31.93 -51.84 -42.92
CA ALA L 409 31.47 -52.51 -44.15
C ALA L 409 31.01 -51.50 -45.26
N TYR L 410 30.30 -50.47 -44.85
CA TYR L 410 29.75 -49.52 -45.76
C TYR L 410 30.90 -48.71 -46.30
N MET L 411 31.72 -48.18 -45.38
CA MET L 411 32.84 -47.34 -45.86
C MET L 411 33.77 -48.12 -46.82
N ALA L 412 33.90 -49.41 -46.58
CA ALA L 412 34.72 -50.26 -47.43
C ALA L 412 34.19 -50.23 -48.87
N GLU L 413 32.90 -50.51 -49.06
CA GLU L 413 32.32 -50.46 -50.42
C GLU L 413 32.31 -49.04 -50.99
N PHE L 414 32.06 -48.07 -50.12
CA PHE L 414 32.02 -46.67 -50.54
C PHE L 414 33.31 -46.22 -51.15
N ALA L 415 34.39 -46.64 -50.53
CA ALA L 415 35.75 -46.25 -50.98
C ALA L 415 35.97 -46.50 -52.49
N LEU L 416 35.54 -47.65 -52.96
CA LEU L 416 35.65 -47.95 -54.37
C LEU L 416 34.47 -47.41 -55.20
N MET L 417 33.23 -47.57 -54.72
CA MET L 417 32.04 -47.08 -55.45
C MET L 417 32.12 -45.61 -55.70
N GLN L 418 32.55 -44.88 -54.69
CA GLN L 418 32.70 -43.43 -54.87
C GLN L 418 33.83 -43.03 -55.81
N ALA L 419 34.95 -43.76 -55.69
CA ALA L 419 36.10 -43.56 -56.60
C ALA L 419 35.62 -43.66 -58.05
N LEU L 420 34.84 -44.71 -58.35
CA LEU L 420 34.32 -44.90 -59.70
C LEU L 420 33.38 -43.79 -60.16
N ARG L 421 32.59 -43.27 -59.23
CA ARG L 421 31.65 -42.21 -59.55
C ARG L 421 32.38 -40.90 -59.75
N LEU L 422 33.47 -40.75 -59.01
CA LEU L 422 34.31 -39.55 -59.14
C LEU L 422 34.91 -39.41 -60.54
N TYR L 423 34.95 -40.50 -61.31
CA TYR L 423 35.45 -40.51 -62.70
C TYR L 423 34.40 -40.94 -63.71
N GLY L 424 33.13 -40.94 -63.33
CA GLY L 424 32.09 -41.33 -64.26
C GLY L 424 31.83 -40.23 -65.26
N HIS L 425 31.57 -40.60 -66.51
CA HIS L 425 31.42 -39.59 -67.57
C HIS L 425 30.23 -38.66 -67.30
N ASP L 426 29.16 -39.23 -66.72
CA ASP L 426 27.92 -38.50 -66.41
C ASP L 426 28.17 -37.38 -65.38
N VAL L 427 29.00 -37.71 -64.40
CA VAL L 427 29.36 -36.78 -63.33
C VAL L 427 30.22 -35.65 -63.85
N ILE L 428 31.24 -36.01 -64.62
CA ILE L 428 32.18 -35.05 -65.20
C ILE L 428 31.45 -34.03 -66.11
N ASP L 429 30.49 -34.53 -66.91
CA ASP L 429 29.60 -33.67 -67.75
C ASP L 429 28.72 -32.70 -66.92
N LYS L 430 27.94 -33.22 -65.92
CA LYS L 430 27.06 -32.40 -65.02
C LYS L 430 27.89 -31.27 -64.35
N VAL L 431 28.98 -31.68 -63.71
CA VAL L 431 29.87 -30.80 -62.95
C VAL L 431 30.50 -29.66 -63.79
N GLY L 432 30.87 -29.99 -65.04
CA GLY L 432 31.44 -29.02 -65.98
C GLY L 432 30.47 -27.92 -66.38
N ARG L 433 29.17 -28.20 -66.28
CA ARG L 433 28.12 -27.21 -66.62
C ARG L 433 27.79 -26.24 -65.50
N PHE L 434 28.36 -26.41 -64.29
CA PHE L 434 27.88 -25.63 -63.15
C PHE L 434 28.43 -24.20 -63.19
#